data_9GOU
#
_entry.id   9GOU
#
loop_
_entity.id
_entity.type
_entity.pdbx_description
1 polymer 'Acylamino-acid-releasing enzyme'
2 non-polymer 'dimethyl hydrogen phosphite'
#
_entity_poly.entity_id   1
_entity_poly.type   'polypeptide(L)'
_entity_poly.pdbx_seq_one_letter_code
;MERQVLLSEPEEAAALYRGLSRQPALSAACLGPEVTTQYGGRYRTVHTEWTQRDLERMENIRFCRQYLVFHDGDSVVFAG
PAGNSVETRGELLSRESPSGTMKAVLRKAGGTGTAEEKQFLEVWEKNRKLKSFNLSALEKHGPVYEDDCFGCLSWSHSET
HLLYVADKKRPKAESFFQTKALDVTGSDDEMARTKKPDQAIKGDQFLFYEDWGENMVSKSTPVLCVLDIESGNISVLEGV
PESVSPGQAFWAPGDTGVVFVGWWHEPFRLGIRFCTNRRSALYYVDLTGGKCELLSDESVAVTSPRLSPDQCRIVYLRFP
SLVPHQQCGQLCLYDWYTRVTSVVVDIVPRQLGEDFSGIYCSLLPLGCWSADSQRVVFDSPQRSRQDLFAVDTQMGSVTS
LTAGGSGGSWKLLTIDRDLMVVQFSTPSVPPSLKVGFLPPAGKEQAVSWVSLEEAEPFPDISWSIRVLQPPPQQEHVQYA
GLDFEAILLQPSNSPEKTQVPMVVMPHGGPHSSFVTAWMLFPAMLCKMGFAVLLVNYRGSTGFGQDSILSLPGNVGHQDV
KDVQFAVEQVLQEEHFDAGRVALMGGSHGGFLSCHLIGQYPETYSACVVRNPVINIASMMGSTDIPDWCMVEAGFSYSSD
CLPDLSVWAAMLDKSPIKYAPQVKTPLLLMLGQEDRRVPFKQGMEYYRVLKARNVPVRLLLYPKSTHALSEVEVESDSFM
NAVLWLCTHLGS
;
_entity_poly.pdbx_strand_id   A,B,C,D
#
loop_
_chem_comp.id
_chem_comp.type
_chem_comp.name
_chem_comp.formula
A1ING non-polymer 'dimethyl hydrogen phosphite' 'C2 H7 O3 P'
#
# COMPACT_ATOMS: atom_id res chain seq x y z
N GLU A 9 -13.20 -19.23 -34.54
CA GLU A 9 -12.60 -19.82 -33.35
C GLU A 9 -11.72 -18.81 -32.64
N PRO A 10 -11.89 -18.68 -31.32
CA PRO A 10 -11.15 -17.64 -30.59
C PRO A 10 -9.64 -17.75 -30.70
N GLU A 11 -9.09 -18.96 -30.78
CA GLU A 11 -7.64 -19.10 -30.80
C GLU A 11 -7.04 -18.47 -32.06
N GLU A 12 -7.63 -18.75 -33.22
CA GLU A 12 -7.13 -18.18 -34.46
C GLU A 12 -7.24 -16.66 -34.45
N ALA A 13 -8.37 -16.14 -33.94
CA ALA A 13 -8.54 -14.69 -33.85
C ALA A 13 -7.48 -14.07 -32.94
N ALA A 14 -7.20 -14.71 -31.81
CA ALA A 14 -6.19 -14.17 -30.90
C ALA A 14 -4.81 -14.18 -31.55
N ALA A 15 -4.46 -15.28 -32.23
CA ALA A 15 -3.17 -15.32 -32.91
C ALA A 15 -3.07 -14.24 -33.98
N LEU A 16 -4.14 -14.06 -34.76
CA LEU A 16 -4.13 -13.03 -35.79
C LEU A 16 -4.01 -11.63 -35.17
N TYR A 17 -4.69 -11.39 -34.05
CA TYR A 17 -4.58 -10.10 -33.39
C TYR A 17 -3.16 -9.85 -32.90
N ARG A 18 -2.53 -10.87 -32.30
CA ARG A 18 -1.13 -10.73 -31.91
C ARG A 18 -0.26 -10.36 -33.11
N GLY A 19 -0.38 -11.14 -34.19
CA GLY A 19 0.45 -10.88 -35.35
C GLY A 19 0.24 -9.48 -35.91
N LEU A 20 -1.00 -9.02 -35.98
CA LEU A 20 -1.29 -7.71 -36.53
C LEU A 20 -0.82 -6.59 -35.62
N SER A 21 -1.01 -6.74 -34.30
CA SER A 21 -0.63 -5.70 -33.35
C SER A 21 0.86 -5.68 -33.07
N ARG A 22 1.62 -6.66 -33.58
CA ARG A 22 3.06 -6.65 -33.44
C ARG A 22 3.74 -5.56 -34.27
N GLN A 23 2.97 -4.67 -34.90
CA GLN A 23 3.53 -3.63 -35.76
C GLN A 23 3.72 -2.33 -34.99
N PRO A 24 4.91 -1.75 -34.98
CA PRO A 24 5.12 -0.49 -34.26
C PRO A 24 4.61 0.72 -35.04
N ALA A 25 4.63 1.87 -34.38
CA ALA A 25 4.20 3.13 -34.97
C ALA A 25 5.20 4.24 -34.63
N LEU A 26 5.43 5.13 -35.58
CA LEU A 26 6.36 6.24 -35.39
C LEU A 26 5.62 7.45 -34.83
N SER A 27 6.29 8.19 -33.94
CA SER A 27 5.64 9.31 -33.26
C SER A 27 6.41 10.62 -33.27
N ALA A 28 7.71 10.61 -33.55
CA ALA A 28 8.47 11.86 -33.51
C ALA A 28 9.83 11.63 -34.17
N ALA A 29 10.53 12.73 -34.44
CA ALA A 29 11.85 12.68 -35.05
C ALA A 29 12.50 14.05 -34.95
N CYS A 30 13.82 14.06 -34.77
CA CYS A 30 14.59 15.28 -34.72
C CYS A 30 15.95 15.05 -35.38
N LEU A 31 16.57 16.13 -35.82
CA LEU A 31 17.83 16.07 -36.56
C LEU A 31 18.97 16.64 -35.72
N GLY A 32 20.15 16.04 -35.86
CA GLY A 32 21.33 16.48 -35.15
C GLY A 32 22.16 17.47 -35.94
N PRO A 33 23.20 18.00 -35.30
CA PRO A 33 24.06 18.98 -35.98
C PRO A 33 24.91 18.35 -37.06
N GLU A 34 25.31 19.18 -38.02
CA GLU A 34 26.15 18.72 -39.12
C GLU A 34 27.56 18.44 -38.64
N VAL A 35 28.18 17.42 -39.23
CA VAL A 35 29.54 17.02 -38.88
C VAL A 35 30.35 16.87 -40.17
N THR A 36 31.61 17.31 -40.12
CA THR A 36 32.52 17.21 -41.25
C THR A 36 33.73 16.38 -40.87
N THR A 37 34.10 15.44 -41.73
CA THR A 37 35.24 14.57 -41.47
C THR A 37 36.50 15.14 -42.12
N GLN A 38 37.65 14.58 -41.73
CA GLN A 38 38.91 15.01 -42.30
C GLN A 38 38.96 14.72 -43.79
N TYR A 39 38.45 13.56 -44.22
CA TYR A 39 38.46 13.23 -45.63
C TYR A 39 37.64 14.23 -46.43
N GLY A 40 36.47 14.62 -45.91
CA GLY A 40 35.65 15.60 -46.59
C GLY A 40 34.16 15.28 -46.56
N GLY A 41 33.83 14.02 -46.31
CA GLY A 41 32.42 13.64 -46.29
C GLY A 41 31.68 14.32 -45.15
N ARG A 42 30.39 14.56 -45.36
CA ARG A 42 29.53 15.19 -44.38
C ARG A 42 28.32 14.30 -44.07
N TYR A 43 28.00 14.19 -42.79
CA TYR A 43 26.93 13.32 -42.32
C TYR A 43 26.23 13.96 -41.13
N ARG A 44 25.07 13.42 -40.79
CA ARG A 44 24.34 13.84 -39.61
C ARG A 44 23.40 12.72 -39.17
N THR A 45 22.96 12.82 -37.91
CA THR A 45 22.18 11.79 -37.28
C THR A 45 20.71 12.16 -37.23
N VAL A 46 19.86 11.14 -37.17
CA VAL A 46 18.41 11.30 -37.10
C VAL A 46 17.91 10.49 -35.92
N HIS A 47 17.07 11.11 -35.09
CA HIS A 47 16.52 10.47 -33.90
C HIS A 47 15.02 10.24 -34.11
N THR A 48 14.55 9.04 -33.76
CA THR A 48 13.16 8.68 -33.96
C THR A 48 12.61 8.02 -32.72
N GLU A 49 11.33 8.24 -32.46
CA GLU A 49 10.61 7.65 -31.35
C GLU A 49 9.52 6.73 -31.87
N TRP A 50 9.47 5.51 -31.35
CA TRP A 50 8.50 4.52 -31.77
C TRP A 50 7.71 4.03 -30.56
N THR A 51 6.48 3.61 -30.83
CA THR A 51 5.58 3.10 -29.81
C THR A 51 4.99 1.78 -30.29
N GLN A 52 4.73 0.88 -29.33
CA GLN A 52 4.23 -0.44 -29.65
C GLN A 52 3.35 -0.93 -28.50
N ARG A 53 2.52 -1.92 -28.80
CA ARG A 53 1.62 -2.52 -27.83
C ARG A 53 2.20 -3.85 -27.36
N ASP A 54 2.35 -4.03 -26.07
CA ASP A 54 2.85 -5.26 -25.49
C ASP A 54 1.72 -5.90 -24.70
N LEU A 55 1.29 -7.09 -25.15
CA LEU A 55 0.15 -7.76 -24.55
C LEU A 55 0.53 -8.54 -23.30
N GLU A 56 1.79 -9.00 -23.20
CA GLU A 56 2.20 -9.75 -22.03
C GLU A 56 2.11 -8.89 -20.77
N ARG A 57 2.63 -7.67 -20.84
CA ARG A 57 2.51 -6.72 -19.75
C ARG A 57 1.38 -5.72 -19.94
N MET A 58 0.68 -5.79 -21.07
CA MET A 58 -0.51 -4.97 -21.33
C MET A 58 -0.20 -3.48 -21.16
N GLU A 59 0.68 -2.98 -22.04
CA GLU A 59 1.05 -1.58 -21.95
C GLU A 59 1.59 -1.09 -23.28
N ASN A 60 1.59 0.22 -23.46
CA ASN A 60 2.19 0.87 -24.62
C ASN A 60 3.63 1.23 -24.26
N ILE A 61 4.57 0.62 -24.94
CA ILE A 61 5.99 0.84 -24.69
C ILE A 61 6.53 1.77 -25.76
N ARG A 62 7.47 2.62 -25.36
CA ARG A 62 8.10 3.57 -26.26
C ARG A 62 9.61 3.36 -26.25
N PHE A 63 10.22 3.44 -27.42
CA PHE A 63 11.67 3.31 -27.54
C PHE A 63 12.19 4.35 -28.52
N CYS A 64 13.50 4.56 -28.48
CA CYS A 64 14.18 5.53 -29.32
C CYS A 64 15.23 4.85 -30.17
N ARG A 65 15.31 5.22 -31.44
CA ARG A 65 16.26 4.64 -32.36
C ARG A 65 16.94 5.75 -33.15
N GLN A 66 18.14 5.48 -33.65
CA GLN A 66 18.96 6.50 -34.30
C GLN A 66 19.51 5.98 -35.61
N TYR A 67 19.59 6.87 -36.60
CA TYR A 67 20.07 6.56 -37.93
C TYR A 67 21.12 7.57 -38.36
N LEU A 68 21.89 7.20 -39.37
CA LEU A 68 22.99 8.00 -39.88
C LEU A 68 22.78 8.29 -41.36
N VAL A 69 23.03 9.53 -41.77
CA VAL A 69 22.81 9.95 -43.15
C VAL A 69 24.04 10.70 -43.63
N PHE A 70 24.63 10.21 -44.72
CA PHE A 70 25.76 10.87 -45.39
C PHE A 70 25.26 11.55 -46.63
N HIS A 71 25.52 12.86 -46.75
CA HIS A 71 25.02 13.65 -47.87
C HIS A 71 26.15 14.45 -48.47
N ASP A 72 25.83 15.16 -49.57
CA ASP A 72 26.80 15.99 -50.27
C ASP A 72 26.30 17.42 -50.45
N GLY A 73 25.34 17.85 -49.63
CA GLY A 73 24.84 19.21 -49.70
C GLY A 73 23.47 19.31 -50.35
N ASP A 74 23.25 18.56 -51.43
CA ASP A 74 21.97 18.57 -52.11
C ASP A 74 21.53 17.18 -52.54
N SER A 75 22.19 16.13 -52.05
CA SER A 75 21.84 14.77 -52.41
C SER A 75 22.25 13.84 -51.28
N VAL A 76 21.43 12.82 -51.02
CA VAL A 76 21.70 11.85 -49.98
C VAL A 76 22.57 10.75 -50.59
N VAL A 77 23.78 10.58 -50.05
CA VAL A 77 24.70 9.59 -50.59
C VAL A 77 24.47 8.23 -49.94
N PHE A 78 24.26 8.21 -48.62
CA PHE A 78 24.10 6.95 -47.91
C PHE A 78 23.20 7.16 -46.70
N ALA A 79 22.56 6.06 -46.28
CA ALA A 79 21.69 6.09 -45.11
C ALA A 79 21.73 4.72 -44.45
N GLY A 80 21.98 4.68 -43.14
CA GLY A 80 22.09 3.44 -42.44
C GLY A 80 21.64 3.51 -40.99
N PRO A 81 21.57 2.36 -40.33
CA PRO A 81 21.26 2.34 -38.90
C PRO A 81 22.50 2.68 -38.07
N ALA A 82 22.27 2.96 -36.79
CA ALA A 82 23.37 3.36 -35.91
C ALA A 82 23.30 2.67 -34.55
N GLY A 83 22.68 1.51 -34.44
CA GLY A 83 22.65 0.78 -33.20
C GLY A 83 21.34 0.02 -33.04
N ASN A 84 21.03 -0.29 -31.79
CA ASN A 84 19.83 -1.03 -31.43
C ASN A 84 18.79 -0.08 -30.85
N SER A 85 17.64 -0.64 -30.48
CA SER A 85 16.56 0.13 -29.89
C SER A 85 16.68 0.11 -28.38
N VAL A 86 16.40 1.26 -27.77
CA VAL A 86 16.46 1.42 -26.31
C VAL A 86 15.08 1.85 -25.82
N GLU A 87 14.57 1.14 -24.82
CA GLU A 87 13.25 1.43 -24.26
C GLU A 87 13.37 2.45 -23.14
N THR A 88 12.60 3.52 -23.23
CA THR A 88 12.56 4.55 -22.22
C THR A 88 11.33 4.37 -21.33
N ARG A 89 11.25 5.21 -20.29
CA ARG A 89 10.13 5.14 -19.35
C ARG A 89 10.08 6.43 -18.56
N GLY A 90 8.88 7.02 -18.46
CA GLY A 90 8.69 8.21 -17.66
C GLY A 90 9.04 9.52 -18.34
N GLU A 91 9.24 9.51 -19.65
CA GLU A 91 9.57 10.74 -20.37
C GLU A 91 8.28 11.43 -20.79
N LEU A 92 8.05 12.64 -20.26
CA LEU A 92 6.86 13.40 -20.63
C LEU A 92 7.12 14.31 -21.82
N LEU A 93 8.18 15.13 -21.73
CA LEU A 93 8.53 16.04 -22.81
C LEU A 93 10.05 16.07 -22.94
N SER A 94 10.51 16.42 -24.14
CA SER A 94 11.93 16.56 -24.43
C SER A 94 12.09 17.57 -25.55
N ARG A 95 13.27 18.18 -25.61
CA ARG A 95 13.54 19.20 -26.63
C ARG A 95 15.04 19.41 -26.72
N GLU A 96 15.60 19.30 -27.92
CA GLU A 96 17.00 19.55 -28.13
C GLU A 96 17.27 21.05 -28.26
N SER A 97 18.46 21.47 -27.84
CA SER A 97 18.81 22.88 -27.88
C SER A 97 19.00 23.34 -29.33
N PRO A 98 18.91 24.64 -29.57
CA PRO A 98 19.07 25.13 -30.95
C PRO A 98 20.40 24.73 -31.58
N SER A 99 21.47 24.70 -30.80
CA SER A 99 22.78 24.32 -31.30
C SER A 99 23.03 22.83 -31.23
N GLY A 100 22.09 22.04 -30.71
CA GLY A 100 22.24 20.61 -30.67
C GLY A 100 23.36 20.11 -29.79
N THR A 101 23.63 20.77 -28.67
CA THR A 101 24.66 20.34 -27.74
C THR A 101 24.12 19.90 -26.39
N MET A 102 22.91 20.31 -26.04
CA MET A 102 22.28 19.94 -24.77
C MET A 102 20.88 19.41 -25.05
N LYS A 103 20.35 18.65 -24.11
CA LYS A 103 18.99 18.13 -24.24
C LYS A 103 18.24 18.31 -22.93
N ALA A 104 17.02 18.86 -23.02
CA ALA A 104 16.18 19.07 -21.86
C ALA A 104 15.06 18.04 -21.85
N VAL A 105 14.84 17.43 -20.69
CA VAL A 105 13.87 16.35 -20.55
C VAL A 105 13.03 16.59 -19.31
N LEU A 106 11.75 16.25 -19.40
CA LEU A 106 10.85 16.23 -18.24
C LEU A 106 10.53 14.78 -17.90
N ARG A 107 10.72 14.41 -16.64
CA ARG A 107 10.58 13.01 -16.25
C ARG A 107 9.69 12.91 -15.01
N LYS A 108 8.80 11.92 -15.01
CA LYS A 108 7.94 11.66 -13.86
C LYS A 108 8.35 10.34 -13.20
N ALA A 109 9.32 10.45 -12.28
CA ALA A 109 9.84 9.29 -11.58
C ALA A 109 9.86 9.51 -10.07
N GLU A 117 4.93 10.00 -6.65
CA GLU A 117 5.73 10.34 -7.82
C GLU A 117 5.88 11.85 -7.95
N LYS A 118 7.07 12.29 -8.35
CA LYS A 118 7.36 13.70 -8.53
C LYS A 118 7.84 13.93 -9.96
N GLN A 119 7.97 15.20 -10.31
CA GLN A 119 8.40 15.61 -11.65
C GLN A 119 9.74 16.31 -11.57
N PHE A 120 10.68 15.89 -12.41
CA PHE A 120 12.02 16.45 -12.45
C PHE A 120 12.30 17.01 -13.84
N LEU A 121 13.11 18.06 -13.88
CA LEU A 121 13.59 18.66 -15.12
C LEU A 121 15.09 18.41 -15.23
N GLU A 122 15.51 17.78 -16.33
CA GLU A 122 16.87 17.30 -16.48
C GLU A 122 17.52 17.95 -17.69
N VAL A 123 18.79 18.32 -17.54
CA VAL A 123 19.59 18.87 -18.62
C VAL A 123 20.80 17.96 -18.82
N TRP A 124 20.92 17.43 -20.04
CA TRP A 124 21.96 16.48 -20.43
C TRP A 124 22.91 17.14 -21.42
N GLU A 125 24.18 16.73 -21.37
CA GLU A 125 25.16 17.14 -22.35
C GLU A 125 26.24 16.07 -22.45
N LYS A 126 26.48 15.60 -23.67
CA LYS A 126 27.48 14.55 -23.94
C LYS A 126 27.09 13.32 -23.13
N ASN A 127 27.94 12.79 -22.26
CA ASN A 127 27.68 11.57 -21.51
C ASN A 127 27.48 11.86 -20.02
N ARG A 128 26.83 12.98 -19.72
CA ARG A 128 26.62 13.37 -18.33
C ARG A 128 25.28 14.05 -18.20
N LYS A 129 24.58 13.80 -17.10
CA LYS A 129 23.38 14.58 -16.75
C LYS A 129 23.86 15.86 -16.08
N LEU A 130 23.94 16.94 -16.87
CA LEU A 130 24.54 18.17 -16.37
C LEU A 130 23.80 18.68 -15.14
N LYS A 131 22.47 18.70 -15.20
CA LYS A 131 21.73 19.29 -14.09
C LYS A 131 20.37 18.62 -13.95
N SER A 132 19.79 18.76 -12.75
CA SER A 132 18.48 18.21 -12.45
C SER A 132 17.81 19.07 -11.39
N PHE A 133 16.55 19.41 -11.61
CA PHE A 133 15.77 20.22 -10.69
C PHE A 133 14.49 19.47 -10.30
N ASN A 134 14.20 19.48 -9.01
CA ASN A 134 12.98 18.87 -8.46
C ASN A 134 11.91 19.96 -8.37
N LEU A 135 11.02 19.99 -9.36
CA LEU A 135 10.03 21.07 -9.42
C LEU A 135 9.04 20.99 -8.27
N SER A 136 8.70 19.77 -7.82
CA SER A 136 7.72 19.62 -6.75
C SER A 136 8.20 20.28 -5.46
N ALA A 137 9.48 20.10 -5.12
CA ALA A 137 9.99 20.65 -3.87
C ALA A 137 9.96 22.18 -3.88
N LEU A 138 10.29 22.80 -5.01
CA LEU A 138 10.32 24.26 -5.07
C LEU A 138 8.99 24.87 -4.68
N GLU A 139 7.88 24.20 -5.01
CA GLU A 139 6.55 24.63 -4.62
C GLU A 139 6.24 26.04 -5.13
N LYS A 140 6.27 26.17 -6.46
CA LYS A 140 5.88 27.42 -7.11
C LYS A 140 4.70 27.27 -8.05
N HIS A 141 4.28 26.05 -8.36
CA HIS A 141 3.15 25.80 -9.26
C HIS A 141 2.69 24.37 -9.06
N GLY A 142 1.77 23.93 -9.91
CA GLY A 142 1.25 22.58 -9.84
C GLY A 142 1.89 21.66 -10.87
N PRO A 143 1.20 20.57 -11.21
CA PRO A 143 1.73 19.65 -12.21
C PRO A 143 1.92 20.33 -13.56
N VAL A 144 2.93 19.87 -14.29
CA VAL A 144 3.27 20.45 -15.59
C VAL A 144 2.32 19.92 -16.65
N TYR A 145 1.99 20.77 -17.62
CA TYR A 145 1.10 20.40 -18.71
C TYR A 145 1.91 19.65 -19.77
N GLU A 146 1.58 18.38 -19.98
CA GLU A 146 2.29 17.54 -20.94
C GLU A 146 1.45 17.19 -22.16
N ASP A 147 0.31 17.85 -22.35
CA ASP A 147 -0.56 17.55 -23.47
C ASP A 147 -0.13 18.32 -24.72
N ASP A 148 -0.91 18.19 -25.78
CA ASP A 148 -0.61 18.83 -27.05
C ASP A 148 -1.43 20.10 -27.29
N CYS A 149 -2.29 20.47 -26.34
CA CYS A 149 -3.09 21.69 -26.48
C CYS A 149 -2.46 22.89 -25.80
N PHE A 150 -1.90 22.72 -24.60
CA PHE A 150 -1.22 23.79 -23.89
C PHE A 150 0.26 23.54 -23.66
N GLY A 151 0.69 22.27 -23.61
CA GLY A 151 2.06 21.98 -23.24
C GLY A 151 3.06 22.51 -24.24
N CYS A 152 4.22 22.90 -23.72
CA CYS A 152 5.33 23.38 -24.54
C CYS A 152 6.60 23.33 -23.70
N LEU A 153 7.74 23.37 -24.38
CA LEU A 153 9.04 23.38 -23.73
C LEU A 153 10.02 24.04 -24.67
N SER A 154 10.45 25.26 -24.35
CA SER A 154 11.22 26.07 -25.29
C SER A 154 12.52 26.54 -24.65
N TRP A 155 13.55 26.64 -25.49
CA TRP A 155 14.86 27.16 -25.11
C TRP A 155 14.97 28.63 -25.49
N SER A 156 15.86 29.34 -24.79
CA SER A 156 16.20 30.69 -25.18
C SER A 156 17.18 30.66 -26.35
N HIS A 157 17.26 31.78 -27.06
CA HIS A 157 18.25 31.88 -28.14
C HIS A 157 19.67 31.90 -27.58
N SER A 158 19.85 32.39 -26.36
CA SER A 158 21.13 32.34 -25.69
C SER A 158 21.38 31.00 -25.00
N GLU A 159 20.39 30.11 -24.97
CA GLU A 159 20.53 28.79 -24.36
C GLU A 159 20.87 28.90 -22.87
N THR A 160 20.22 29.85 -22.19
CA THR A 160 20.42 30.05 -20.77
C THR A 160 19.14 29.92 -19.94
N HIS A 161 17.97 29.90 -20.57
CA HIS A 161 16.71 29.83 -19.86
C HIS A 161 15.79 28.82 -20.54
N LEU A 162 14.82 28.33 -19.78
CA LEU A 162 13.82 27.40 -20.29
C LEU A 162 12.42 27.94 -19.99
N LEU A 163 11.49 27.69 -20.90
CA LEU A 163 10.12 28.16 -20.77
C LEU A 163 9.15 27.00 -20.91
N TYR A 164 8.18 26.94 -20.00
CA TYR A 164 7.15 25.90 -20.08
C TYR A 164 5.87 26.43 -19.44
N VAL A 165 4.88 25.56 -19.26
CA VAL A 165 3.58 25.92 -18.74
C VAL A 165 3.20 24.94 -17.63
N ALA A 166 2.62 25.44 -16.55
CA ALA A 166 2.27 24.60 -15.42
C ALA A 166 1.01 25.12 -14.75
N ASP A 167 0.34 24.24 -14.01
CA ASP A 167 -0.91 24.61 -13.36
C ASP A 167 -0.68 25.68 -12.31
N LYS A 168 -1.65 26.56 -12.14
CA LYS A 168 -1.55 27.64 -11.18
C LYS A 168 -1.61 27.09 -9.75
N LYS A 169 -0.96 27.80 -8.84
CA LYS A 169 -0.90 27.37 -7.44
C LYS A 169 -2.18 27.76 -6.71
N ARG A 170 -2.67 26.83 -5.89
CA ARG A 170 -3.89 27.05 -5.12
C ARG A 170 -3.57 27.36 -3.66
N PRO A 171 -4.30 28.29 -3.05
CA PRO A 171 -4.08 28.57 -1.62
C PRO A 171 -4.41 27.36 -0.77
N LYS A 172 -3.69 27.22 0.33
CA LYS A 172 -3.89 26.10 1.24
C LYS A 172 -5.17 26.29 2.04
N ALA A 173 -5.83 25.17 2.35
CA ALA A 173 -7.07 25.17 3.11
C ALA A 173 -7.05 24.04 4.12
N GLU A 174 -7.85 24.20 5.17
CA GLU A 174 -7.93 23.20 6.22
C GLU A 174 -9.33 23.21 6.82
N SER A 175 -9.67 22.12 7.51
CA SER A 175 -10.98 21.97 8.12
C SER A 175 -11.07 22.79 9.40
N PHE A 176 -12.31 23.09 9.80
CA PHE A 176 -12.53 23.82 11.04
C PHE A 176 -12.02 23.02 12.25
N PHE A 177 -12.34 21.74 12.29
CA PHE A 177 -12.01 20.89 13.44
C PHE A 177 -10.69 20.16 13.22
N GLN A 178 -9.63 20.95 13.01
CA GLN A 178 -8.29 20.43 12.82
C GLN A 178 -7.43 20.84 14.01
N THR A 179 -6.85 19.84 14.68
CA THR A 179 -6.02 20.10 15.85
C THR A 179 -4.67 20.67 15.43
N LYS A 180 -4.14 21.58 16.26
CA LYS A 180 -2.86 22.21 16.00
C LYS A 180 -1.87 21.85 17.11
N ALA A 181 -0.59 21.87 16.76
CA ALA A 181 0.45 21.52 17.72
C ALA A 181 0.44 22.50 18.90
N LEU A 182 0.67 21.96 20.09
CA LEU A 182 0.68 22.77 21.30
C LEU A 182 2.10 23.24 21.63
N GLN A 199 -2.49 31.92 6.77
CA GLN A 199 -2.01 30.59 7.11
C GLN A 199 -2.67 29.52 6.24
N ALA A 200 -3.97 29.31 6.45
CA ALA A 200 -4.72 28.33 5.67
C ALA A 200 -6.20 28.64 5.83
N ILE A 201 -6.89 28.87 4.71
CA ILE A 201 -8.31 29.18 4.74
C ILE A 201 -9.07 27.99 5.31
N LYS A 202 -9.98 28.25 6.25
CA LYS A 202 -10.73 27.19 6.90
C LYS A 202 -12.08 27.02 6.20
N GLY A 203 -12.39 25.78 5.83
CA GLY A 203 -13.64 25.50 5.16
C GLY A 203 -13.66 25.76 3.67
N ASP A 204 -12.50 25.77 3.02
CA ASP A 204 -12.42 26.02 1.59
C ASP A 204 -11.72 24.88 0.85
N GLN A 205 -11.66 23.70 1.43
CA GLN A 205 -10.97 22.57 0.82
C GLN A 205 -11.85 21.78 -0.13
N PHE A 206 -13.12 22.16 -0.30
CA PHE A 206 -14.03 21.50 -1.23
C PHE A 206 -14.61 22.46 -2.26
N LEU A 207 -13.93 23.58 -2.51
CA LEU A 207 -14.37 24.49 -3.55
C LEU A 207 -14.27 23.82 -4.92
N PHE A 208 -15.08 24.30 -5.86
CA PHE A 208 -15.19 23.70 -7.18
C PHE A 208 -14.31 24.49 -8.16
N TYR A 209 -13.38 23.80 -8.81
CA TYR A 209 -12.53 24.38 -9.83
C TYR A 209 -12.87 23.72 -11.16
N GLU A 210 -13.34 24.52 -12.11
CA GLU A 210 -13.81 23.98 -13.39
C GLU A 210 -12.63 23.66 -14.29
N ASP A 211 -12.68 22.49 -14.92
CA ASP A 211 -11.61 22.02 -15.79
C ASP A 211 -12.00 22.25 -17.26
N TRP A 212 -11.18 21.74 -18.17
CA TRP A 212 -11.33 22.02 -19.59
C TRP A 212 -12.01 20.90 -20.38
N GLY A 213 -12.55 19.90 -19.70
CA GLY A 213 -13.36 18.91 -20.38
C GLY A 213 -12.75 17.52 -20.51
N GLU A 214 -13.03 16.87 -21.64
CA GLU A 214 -12.60 15.50 -21.84
C GLU A 214 -11.08 15.40 -21.85
N ASN A 215 -10.55 14.40 -21.14
CA ASN A 215 -9.12 14.12 -21.09
C ASN A 215 -8.33 15.28 -20.53
N MET A 216 -8.99 16.20 -19.82
CA MET A 216 -8.35 17.37 -19.25
C MET A 216 -8.71 17.51 -17.78
N VAL A 217 -8.90 16.38 -17.10
CA VAL A 217 -9.35 16.41 -15.71
C VAL A 217 -8.30 17.09 -14.84
N SER A 218 -8.74 18.01 -13.99
CA SER A 218 -7.88 18.69 -13.03
C SER A 218 -6.96 19.70 -13.70
N LYS A 219 -7.33 20.20 -14.87
CA LYS A 219 -6.57 21.21 -15.61
C LYS A 219 -7.46 22.44 -15.74
N SER A 220 -7.27 23.42 -14.87
CA SER A 220 -8.14 24.59 -14.79
C SER A 220 -7.49 25.85 -15.37
N THR A 221 -6.33 26.23 -14.86
CA THR A 221 -5.71 27.48 -15.29
C THR A 221 -4.20 27.34 -15.39
N PRO A 222 -3.64 27.30 -16.59
CA PRO A 222 -2.19 27.22 -16.74
C PRO A 222 -1.54 28.59 -16.57
N VAL A 223 -0.21 28.56 -16.41
CA VAL A 223 0.59 29.76 -16.25
C VAL A 223 1.97 29.50 -16.84
N LEU A 224 2.59 30.55 -17.35
CA LEU A 224 3.90 30.47 -17.97
C LEU A 224 4.99 30.51 -16.90
N CYS A 225 5.94 29.57 -16.98
CA CYS A 225 7.03 29.47 -16.03
C CYS A 225 8.35 29.55 -16.77
N VAL A 226 9.27 30.36 -16.23
CA VAL A 226 10.60 30.55 -16.80
C VAL A 226 11.62 30.10 -15.76
N LEU A 227 12.53 29.23 -16.17
CA LEU A 227 13.55 28.66 -15.30
C LEU A 227 14.93 29.07 -15.78
N ASP A 228 15.78 29.46 -14.83
CA ASP A 228 17.15 29.85 -15.11
C ASP A 228 18.07 28.68 -14.79
N ILE A 229 18.82 28.22 -15.79
CA ILE A 229 19.64 27.03 -15.63
C ILE A 229 20.82 27.31 -14.70
N GLU A 230 21.46 28.46 -14.88
CA GLU A 230 22.67 28.77 -14.10
C GLU A 230 22.39 28.74 -12.61
N SER A 231 21.49 29.60 -12.14
CA SER A 231 21.18 29.68 -10.72
C SER A 231 20.23 28.58 -10.29
N GLY A 232 19.04 28.53 -10.91
CA GLY A 232 18.05 27.53 -10.56
C GLY A 232 16.81 28.12 -9.95
N ASN A 233 16.50 29.36 -10.31
CA ASN A 233 15.33 30.07 -9.78
C ASN A 233 14.23 30.09 -10.81
N ILE A 234 13.02 29.71 -10.39
CA ILE A 234 11.85 29.69 -11.26
C ILE A 234 11.04 30.95 -11.03
N SER A 235 10.47 31.49 -12.10
CA SER A 235 9.65 32.69 -12.02
C SER A 235 8.38 32.51 -12.84
N VAL A 236 7.27 33.00 -12.31
CA VAL A 236 5.99 32.97 -13.00
C VAL A 236 5.74 34.35 -13.59
N LEU A 237 5.59 34.41 -14.90
CA LEU A 237 5.44 35.69 -15.58
C LEU A 237 4.16 36.39 -15.15
N GLU A 238 4.23 37.72 -15.07
CA GLU A 238 3.09 38.54 -14.69
C GLU A 238 2.78 39.50 -15.83
N GLY A 239 1.49 39.67 -16.11
CA GLY A 239 1.05 40.54 -17.18
C GLY A 239 0.03 39.90 -18.09
N VAL A 240 -0.19 38.60 -17.90
CA VAL A 240 -1.19 37.88 -18.71
C VAL A 240 -2.58 38.35 -18.30
N PRO A 241 -3.53 38.45 -19.23
CA PRO A 241 -4.89 38.86 -18.85
C PRO A 241 -5.50 37.88 -17.86
N GLU A 242 -6.34 38.41 -16.98
CA GLU A 242 -6.92 37.61 -15.91
C GLU A 242 -7.97 36.63 -16.40
N SER A 243 -8.39 36.71 -17.66
CA SER A 243 -9.45 35.87 -18.18
C SER A 243 -9.03 35.07 -19.40
N VAL A 244 -7.76 34.69 -19.49
CA VAL A 244 -7.27 33.89 -20.61
C VAL A 244 -6.30 32.84 -20.10
N SER A 245 -6.42 31.64 -20.66
CA SER A 245 -5.47 30.56 -20.40
C SER A 245 -4.38 30.59 -21.45
N PRO A 246 -3.11 30.74 -21.08
CA PRO A 246 -2.04 30.82 -22.08
C PRO A 246 -1.47 29.45 -22.44
N GLY A 247 -0.91 29.39 -23.64
CA GLY A 247 -0.29 28.16 -24.10
C GLY A 247 0.52 28.39 -25.35
N GLN A 248 1.18 27.33 -25.79
CA GLN A 248 1.97 27.32 -27.03
C GLN A 248 2.81 28.58 -27.17
N ALA A 249 3.73 28.75 -26.24
CA ALA A 249 4.56 29.93 -26.16
C ALA A 249 5.99 29.65 -26.65
N PHE A 250 6.64 30.69 -27.13
CA PHE A 250 8.04 30.62 -27.55
C PHE A 250 8.68 31.98 -27.34
N TRP A 251 10.00 31.97 -27.24
CA TRP A 251 10.73 33.21 -26.97
C TRP A 251 10.68 34.13 -28.19
N ALA A 252 10.52 35.42 -27.94
CA ALA A 252 10.50 36.41 -28.99
C ALA A 252 11.92 36.69 -29.48
N PRO A 253 12.05 37.27 -30.67
CA PRO A 253 13.39 37.60 -31.18
C PRO A 253 14.15 38.50 -30.20
N GLY A 254 15.42 38.16 -29.98
CA GLY A 254 16.24 38.90 -29.05
C GLY A 254 16.04 38.54 -27.60
N ASP A 255 15.19 37.56 -27.29
CA ASP A 255 14.92 37.13 -25.92
C ASP A 255 14.42 38.29 -25.06
N THR A 256 13.64 39.18 -25.68
CA THR A 256 13.06 40.32 -24.97
C THR A 256 11.68 40.04 -24.42
N GLY A 257 11.10 38.89 -24.72
CA GLY A 257 9.76 38.59 -24.24
C GLY A 257 9.31 37.22 -24.65
N VAL A 258 8.01 36.98 -24.51
CA VAL A 258 7.41 35.69 -24.80
C VAL A 258 6.13 35.90 -25.61
N VAL A 259 5.94 35.07 -26.63
CA VAL A 259 4.74 35.08 -27.46
C VAL A 259 3.95 33.82 -27.19
N PHE A 260 2.65 33.97 -26.98
CA PHE A 260 1.80 32.85 -26.61
C PHE A 260 0.42 33.02 -27.21
N VAL A 261 -0.41 31.99 -27.05
CA VAL A 261 -1.79 31.99 -27.50
C VAL A 261 -2.69 31.90 -26.27
N GLY A 262 -3.66 32.81 -26.18
CA GLY A 262 -4.57 32.87 -25.04
C GLY A 262 -5.97 32.44 -25.45
N TRP A 263 -6.50 31.48 -24.72
CA TRP A 263 -7.87 30.98 -24.91
C TRP A 263 -8.79 31.61 -23.88
N TRP A 264 -9.91 32.15 -24.34
CA TRP A 264 -10.87 32.75 -23.42
C TRP A 264 -11.61 31.67 -22.64
N HIS A 265 -11.72 31.88 -21.33
CA HIS A 265 -12.43 30.95 -20.45
C HIS A 265 -13.47 31.69 -19.62
N GLU A 266 -14.18 32.63 -20.25
CA GLU A 266 -15.28 33.34 -19.63
C GLU A 266 -16.48 33.32 -20.59
N PRO A 267 -17.70 33.16 -20.06
CA PRO A 267 -18.05 33.01 -18.64
C PRO A 267 -17.77 31.61 -18.11
N PHE A 268 -17.64 30.61 -18.98
CA PHE A 268 -17.31 29.26 -18.54
C PHE A 268 -16.61 28.52 -19.67
N ARG A 269 -15.92 27.45 -19.29
CA ARG A 269 -15.07 26.71 -20.22
C ARG A 269 -15.87 25.74 -21.05
N LEU A 270 -15.45 25.56 -22.30
CA LEU A 270 -16.01 24.57 -23.20
C LEU A 270 -14.95 23.53 -23.57
N GLY A 271 -15.40 22.41 -24.13
CA GLY A 271 -14.49 21.36 -24.51
C GLY A 271 -13.42 21.83 -25.47
N ILE A 272 -12.20 21.33 -25.29
CA ILE A 272 -11.07 21.77 -26.10
C ILE A 272 -10.50 20.66 -26.98
N ARG A 273 -10.81 19.39 -26.71
CA ARG A 273 -10.29 18.30 -27.52
C ARG A 273 -11.03 18.21 -28.85
N PHE A 274 -10.28 18.13 -29.94
CA PHE A 274 -10.84 17.97 -31.27
C PHE A 274 -11.85 19.08 -31.59
N CYS A 275 -11.53 20.30 -31.17
CA CYS A 275 -12.42 21.44 -31.39
C CYS A 275 -11.56 22.66 -31.68
N THR A 276 -11.63 23.16 -32.91
CA THR A 276 -10.84 24.32 -33.33
C THR A 276 -11.66 25.60 -33.37
N ASN A 277 -12.89 25.58 -32.88
CA ASN A 277 -13.78 26.74 -32.91
C ASN A 277 -13.88 27.40 -31.53
N ARG A 278 -12.78 27.42 -30.80
CA ARG A 278 -12.73 28.05 -29.48
C ARG A 278 -12.03 29.40 -29.58
N ARG A 279 -12.67 30.43 -29.03
CA ARG A 279 -12.14 31.78 -29.14
C ARG A 279 -10.75 31.85 -28.53
N SER A 280 -9.85 32.54 -29.22
CA SER A 280 -8.47 32.67 -28.77
C SER A 280 -7.80 33.82 -29.53
N ALA A 281 -6.62 34.20 -29.05
CA ALA A 281 -5.88 35.30 -29.64
C ALA A 281 -4.39 35.07 -29.42
N LEU A 282 -3.58 35.93 -30.04
CA LEU A 282 -2.12 35.84 -29.99
C LEU A 282 -1.57 37.05 -29.24
N TYR A 283 -0.83 36.80 -28.17
CA TYR A 283 -0.30 37.86 -27.31
C TYR A 283 1.22 37.77 -27.22
N TYR A 284 1.81 38.92 -26.86
CA TYR A 284 3.24 39.02 -26.58
C TYR A 284 3.43 39.84 -25.32
N VAL A 285 4.27 39.37 -24.41
CA VAL A 285 4.48 40.01 -23.11
C VAL A 285 5.95 40.03 -22.79
N ASP A 286 6.43 41.16 -22.27
CA ASP A 286 7.84 41.31 -21.92
C ASP A 286 8.17 40.53 -20.66
N LEU A 287 9.46 40.20 -20.51
CA LEU A 287 9.90 39.45 -19.35
C LEU A 287 9.63 40.21 -18.06
N THR A 288 9.99 41.49 -18.01
CA THR A 288 9.71 42.32 -16.86
C THR A 288 8.23 42.64 -16.78
N GLY A 289 7.78 43.04 -15.59
CA GLY A 289 6.38 43.37 -15.41
C GLY A 289 5.89 44.39 -16.41
N GLY A 290 4.81 44.08 -17.11
CA GLY A 290 4.32 44.96 -18.14
C GLY A 290 2.93 44.55 -18.59
N LYS A 291 2.48 45.18 -19.67
CA LYS A 291 1.14 44.97 -20.21
C LYS A 291 1.22 44.14 -21.49
N CYS A 292 0.31 43.18 -21.61
CA CYS A 292 0.26 42.34 -22.79
C CYS A 292 -0.10 43.16 -24.02
N GLU A 293 0.47 42.76 -25.16
CA GLU A 293 0.23 43.42 -26.44
C GLU A 293 -0.46 42.44 -27.38
N LEU A 294 -1.50 42.92 -28.06
CA LEU A 294 -2.27 42.08 -28.96
C LEU A 294 -1.69 42.12 -30.37
N LEU A 295 -1.59 40.97 -31.01
CA LEU A 295 -0.97 40.85 -32.33
C LEU A 295 -1.93 40.32 -33.38
N SER A 296 -3.21 40.13 -33.06
CA SER A 296 -4.17 39.60 -34.01
C SER A 296 -5.54 40.16 -33.68
N ASP A 297 -6.58 39.57 -34.26
CA ASP A 297 -7.95 39.98 -34.04
C ASP A 297 -8.59 39.08 -32.98
N GLU A 298 -9.18 39.69 -31.96
CA GLU A 298 -9.78 38.95 -30.85
C GLU A 298 -11.26 38.66 -31.10
N SER A 299 -11.56 38.06 -32.24
CA SER A 299 -12.92 37.64 -32.55
C SER A 299 -13.03 36.26 -33.18
N VAL A 300 -11.93 35.67 -33.64
CA VAL A 300 -11.95 34.38 -34.32
C VAL A 300 -10.93 33.46 -33.65
N ALA A 301 -10.76 32.26 -34.18
CA ALA A 301 -9.83 31.29 -33.60
C ALA A 301 -8.47 31.41 -34.25
N VAL A 302 -7.42 31.28 -33.45
CA VAL A 302 -6.05 31.27 -33.95
C VAL A 302 -5.28 30.16 -33.26
N THR A 303 -4.20 29.70 -33.90
CA THR A 303 -3.44 28.62 -33.31
C THR A 303 -2.15 28.39 -34.09
N SER A 304 -1.26 27.59 -33.50
CA SER A 304 -0.06 27.05 -34.11
C SER A 304 0.81 28.13 -34.73
N PRO A 305 1.37 29.04 -33.94
CA PRO A 305 2.33 30.00 -34.48
C PRO A 305 3.73 29.41 -34.56
N ARG A 306 4.47 29.86 -35.59
CA ARG A 306 5.83 29.41 -35.82
C ARG A 306 6.69 30.58 -36.25
N LEU A 307 7.91 30.64 -35.74
CA LEU A 307 8.83 31.74 -36.03
C LEU A 307 9.84 31.31 -37.08
N SER A 308 10.14 32.21 -38.02
CA SER A 308 11.01 31.89 -39.13
C SER A 308 12.45 31.72 -38.64
N PRO A 309 13.26 30.99 -39.40
CA PRO A 309 14.66 30.76 -38.97
C PRO A 309 15.45 32.04 -38.79
N ASP A 310 15.21 33.06 -39.61
CA ASP A 310 15.95 34.31 -39.53
C ASP A 310 15.37 35.27 -38.51
N GLN A 311 14.27 34.90 -37.84
CA GLN A 311 13.70 35.70 -36.75
C GLN A 311 13.20 37.04 -37.26
N CYS A 312 12.36 37.00 -38.31
CA CYS A 312 11.80 38.22 -38.86
C CYS A 312 10.30 38.14 -39.15
N ARG A 313 9.67 36.96 -39.08
CA ARG A 313 8.26 36.84 -39.42
C ARG A 313 7.68 35.64 -38.70
N ILE A 314 6.35 35.61 -38.60
CA ILE A 314 5.62 34.54 -37.95
C ILE A 314 4.47 34.11 -38.85
N VAL A 315 4.07 32.85 -38.75
CA VAL A 315 2.97 32.30 -39.53
C VAL A 315 2.10 31.45 -38.60
N TYR A 316 0.79 31.56 -38.77
CA TYR A 316 -0.12 30.83 -37.90
C TYR A 316 -1.41 30.48 -38.65
N LEU A 317 -2.24 29.66 -38.01
CA LEU A 317 -3.50 29.22 -38.58
C LEU A 317 -4.66 29.99 -37.95
N ARG A 318 -5.56 30.47 -38.80
CA ARG A 318 -6.72 31.23 -38.34
C ARG A 318 -8.01 30.60 -38.86
N PHE A 319 -8.96 30.42 -37.96
CA PHE A 319 -10.28 29.90 -38.28
C PHE A 319 -11.31 30.98 -38.07
N PRO A 320 -12.00 31.42 -39.12
CA PRO A 320 -12.89 32.58 -39.01
C PRO A 320 -14.13 32.35 -38.15
N SER A 321 -14.87 31.28 -38.42
CA SER A 321 -16.16 31.05 -37.77
C SER A 321 -16.02 30.06 -36.62
N LEU A 322 -16.95 30.17 -35.68
CA LEU A 322 -16.97 29.32 -34.50
C LEU A 322 -18.12 28.32 -34.51
N VAL A 323 -18.88 28.24 -35.59
CA VAL A 323 -20.04 27.36 -35.66
C VAL A 323 -19.60 25.91 -35.66
N PRO A 324 -18.88 25.44 -36.67
CA PRO A 324 -18.49 24.02 -36.70
C PRO A 324 -17.22 23.77 -35.89
N HIS A 325 -17.11 22.53 -35.39
CA HIS A 325 -15.96 22.14 -34.58
C HIS A 325 -14.74 21.81 -35.42
N GLN A 326 -14.87 21.76 -36.74
CA GLN A 326 -13.76 21.50 -37.63
C GLN A 326 -14.11 22.03 -39.02
N GLN A 327 -13.19 22.78 -39.62
CA GLN A 327 -13.47 23.46 -40.87
C GLN A 327 -12.15 23.75 -41.57
N CYS A 328 -12.25 24.39 -42.74
CA CYS A 328 -11.07 24.81 -43.49
C CYS A 328 -10.54 26.11 -42.92
N GLY A 329 -9.22 26.19 -42.75
CA GLY A 329 -8.57 27.32 -42.14
C GLY A 329 -7.78 28.17 -43.14
N GLN A 330 -7.25 29.27 -42.61
CA GLN A 330 -6.43 30.21 -43.36
C GLN A 330 -5.03 30.25 -42.78
N LEU A 331 -4.05 30.55 -43.63
CA LEU A 331 -2.66 30.70 -43.22
C LEU A 331 -2.33 32.19 -43.21
N CYS A 332 -1.97 32.72 -42.05
CA CYS A 332 -1.73 34.14 -41.88
C CYS A 332 -0.27 34.39 -41.54
N LEU A 333 0.25 35.50 -42.08
CA LEU A 333 1.64 35.92 -41.90
C LEU A 333 1.69 37.26 -41.19
N TYR A 334 2.60 37.40 -40.24
CA TYR A 334 2.78 38.62 -39.48
C TYR A 334 4.26 39.00 -39.50
N ASP A 335 4.53 40.25 -39.87
CA ASP A 335 5.89 40.77 -39.95
C ASP A 335 6.26 41.45 -38.64
N TRP A 336 7.37 41.03 -38.05
CA TRP A 336 7.73 41.51 -36.71
C TRP A 336 8.17 42.97 -36.70
N TYR A 337 8.71 43.48 -37.80
CA TYR A 337 9.25 44.84 -37.83
C TYR A 337 8.32 45.85 -38.49
N THR A 338 7.62 45.46 -39.54
CA THR A 338 6.64 46.35 -40.15
C THR A 338 5.28 46.28 -39.46
N ARG A 339 5.03 45.23 -38.68
CA ARG A 339 3.75 45.07 -37.98
C ARG A 339 2.58 45.09 -38.96
N VAL A 340 2.68 44.24 -39.98
CA VAL A 340 1.67 44.13 -41.03
C VAL A 340 1.25 42.68 -41.16
N THR A 341 -0.06 42.46 -41.24
CA THR A 341 -0.62 41.12 -41.37
C THR A 341 -1.22 40.92 -42.75
N SER A 342 -1.03 39.73 -43.31
CA SER A 342 -1.55 39.39 -44.62
C SER A 342 -1.99 37.94 -44.63
N VAL A 343 -2.73 37.56 -45.66
CA VAL A 343 -3.27 36.22 -45.82
C VAL A 343 -2.50 35.53 -46.94
N VAL A 344 -1.94 34.36 -46.65
CA VAL A 344 -1.16 33.62 -47.63
C VAL A 344 -2.06 32.63 -48.36
N VAL A 345 -2.68 31.73 -47.60
CA VAL A 345 -3.59 30.73 -48.14
C VAL A 345 -4.97 30.97 -47.55
N ASP A 346 -5.97 31.12 -48.42
CA ASP A 346 -7.33 31.47 -48.04
C ASP A 346 -8.23 30.24 -48.06
N ILE A 347 -9.53 30.46 -47.90
CA ILE A 347 -10.50 29.37 -47.87
C ILE A 347 -10.73 28.85 -49.29
N VAL A 348 -10.88 27.54 -49.41
CA VAL A 348 -11.14 26.88 -50.70
C VAL A 348 -12.59 26.39 -50.67
N PRO A 349 -13.50 27.00 -51.43
CA PRO A 349 -14.90 26.55 -51.39
C PRO A 349 -15.08 25.09 -51.78
N ARG A 350 -14.67 24.73 -52.99
CA ARG A 350 -14.76 23.34 -53.46
C ARG A 350 -13.41 22.75 -53.80
N GLN A 351 -12.63 23.41 -54.65
CA GLN A 351 -11.35 22.86 -55.07
C GLN A 351 -10.51 23.93 -55.77
N LEU A 352 -9.24 24.04 -55.37
CA LEU A 352 -8.29 24.95 -56.00
C LEU A 352 -7.37 24.12 -56.90
N GLY A 353 -7.58 24.23 -58.20
CA GLY A 353 -6.83 23.36 -59.11
C GLY A 353 -7.39 21.95 -59.08
N GLU A 354 -6.50 20.96 -59.19
CA GLU A 354 -6.88 19.57 -59.13
C GLU A 354 -6.07 18.79 -58.11
N ASP A 355 -5.36 19.50 -57.21
CA ASP A 355 -4.51 18.84 -56.22
C ASP A 355 -4.63 19.41 -54.82
N PHE A 356 -5.42 20.46 -54.62
CA PHE A 356 -5.54 21.11 -53.33
C PHE A 356 -7.01 21.34 -53.00
N SER A 357 -7.34 21.22 -51.72
CA SER A 357 -8.71 21.42 -51.26
C SER A 357 -8.83 22.23 -49.99
N GLY A 358 -7.73 22.72 -49.42
CA GLY A 358 -7.76 23.51 -48.21
C GLY A 358 -6.89 22.92 -47.12
N ILE A 359 -6.75 23.70 -46.06
CA ILE A 359 -5.95 23.32 -44.89
C ILE A 359 -6.90 22.82 -43.83
N TYR A 360 -6.91 21.50 -43.59
CA TYR A 360 -7.80 20.88 -42.63
C TYR A 360 -7.06 20.35 -41.41
N CYS A 361 -5.78 20.69 -41.26
CA CYS A 361 -5.01 20.26 -40.10
C CYS A 361 -5.21 21.24 -38.95
N SER A 362 -4.70 20.87 -37.77
CA SER A 362 -4.81 21.73 -36.60
C SER A 362 -3.47 22.03 -35.95
N LEU A 363 -2.38 21.45 -36.41
CA LEU A 363 -1.06 21.73 -35.84
C LEU A 363 -0.03 21.66 -36.95
N LEU A 364 0.77 22.71 -37.09
CA LEU A 364 1.91 22.68 -37.99
C LEU A 364 3.09 21.98 -37.32
N PRO A 365 3.99 21.39 -38.11
CA PRO A 365 5.17 20.75 -37.51
C PRO A 365 6.02 21.76 -36.78
N LEU A 366 6.75 21.29 -35.77
CA LEU A 366 7.62 22.18 -35.01
C LEU A 366 8.63 22.85 -35.92
N GLY A 367 9.20 22.11 -36.86
CA GLY A 367 10.01 22.70 -37.91
C GLY A 367 9.30 22.69 -39.24
N CYS A 368 8.83 23.84 -39.69
CA CYS A 368 8.08 23.94 -40.92
C CYS A 368 8.63 24.96 -41.91
N TRP A 369 9.71 25.65 -41.57
CA TRP A 369 10.27 26.69 -42.44
C TRP A 369 11.43 26.14 -43.24
N SER A 370 11.54 26.57 -44.49
CA SER A 370 12.70 26.25 -45.29
C SER A 370 13.89 27.12 -44.87
N ALA A 371 15.07 26.76 -45.38
CA ALA A 371 16.29 27.43 -44.94
C ALA A 371 16.26 28.92 -45.24
N ASP A 372 15.80 29.29 -46.44
CA ASP A 372 15.80 30.69 -46.85
C ASP A 372 14.74 31.52 -46.16
N SER A 373 13.81 30.89 -45.43
CA SER A 373 12.73 31.60 -44.75
C SER A 373 11.75 32.22 -45.75
N GLN A 374 11.45 31.48 -46.82
CA GLN A 374 10.51 31.94 -47.82
C GLN A 374 9.39 30.95 -48.12
N ARG A 375 9.56 29.70 -47.68
CA ARG A 375 8.56 28.65 -47.99
C ARG A 375 8.17 27.88 -46.74
N VAL A 376 6.94 27.37 -46.69
CA VAL A 376 6.43 26.60 -45.58
C VAL A 376 5.93 25.26 -46.09
N VAL A 377 6.31 24.17 -45.43
CA VAL A 377 5.95 22.83 -45.84
C VAL A 377 5.03 22.23 -44.78
N PHE A 378 3.91 21.67 -45.23
CA PHE A 378 2.96 21.04 -44.30
C PHE A 378 2.31 19.86 -45.01
N ASP A 379 1.34 19.24 -44.34
CA ASP A 379 0.57 18.15 -44.91
C ASP A 379 -0.91 18.35 -44.61
N SER A 380 -1.75 17.80 -45.47
CA SER A 380 -3.19 18.01 -45.34
C SER A 380 -3.91 16.89 -46.09
N PRO A 381 -5.17 16.63 -45.75
CA PRO A 381 -5.97 15.62 -46.46
C PRO A 381 -6.49 16.18 -47.78
N GLN A 382 -6.28 15.44 -48.85
CA GLN A 382 -6.83 15.73 -50.17
C GLN A 382 -7.71 14.56 -50.58
N ARG A 383 -9.02 14.81 -50.70
CA ARG A 383 -10.00 13.77 -51.04
C ARG A 383 -9.88 12.67 -50.00
N SER A 384 -9.58 11.43 -50.37
CA SER A 384 -9.47 10.33 -49.42
C SER A 384 -8.03 10.01 -49.05
N ARG A 385 -7.07 10.81 -49.52
CA ARG A 385 -5.66 10.59 -49.28
C ARG A 385 -5.10 11.74 -48.47
N GLN A 386 -3.82 11.64 -48.09
CA GLN A 386 -3.14 12.70 -47.37
C GLN A 386 -1.85 13.04 -48.10
N ASP A 387 -1.62 14.32 -48.33
CA ASP A 387 -0.50 14.75 -49.16
C ASP A 387 0.30 15.83 -48.45
N LEU A 388 1.50 16.09 -48.99
CA LEU A 388 2.40 17.13 -48.51
C LEU A 388 2.39 18.29 -49.50
N PHE A 389 2.30 19.50 -48.97
CA PHE A 389 2.25 20.70 -49.79
C PHE A 389 3.31 21.70 -49.34
N ALA A 390 3.76 22.52 -50.29
CA ALA A 390 4.70 23.59 -50.05
C ALA A 390 4.09 24.90 -50.53
N VAL A 391 4.18 25.93 -49.69
CA VAL A 391 3.57 27.22 -49.97
C VAL A 391 4.66 28.28 -49.95
N ASP A 392 4.65 29.14 -50.96
CA ASP A 392 5.59 30.26 -51.07
C ASP A 392 4.91 31.50 -50.51
N THR A 393 5.41 31.97 -49.36
CA THR A 393 4.77 33.08 -48.68
C THR A 393 4.87 34.39 -49.47
N GLN A 394 5.73 34.44 -50.48
CA GLN A 394 5.85 35.66 -51.27
C GLN A 394 4.72 35.77 -52.30
N MET A 395 4.60 34.78 -53.18
CA MET A 395 3.57 34.80 -54.20
C MET A 395 2.24 34.30 -53.64
N GLY A 396 2.22 33.07 -53.13
CA GLY A 396 1.00 32.50 -52.59
C GLY A 396 0.62 31.18 -53.24
N SER A 397 1.45 30.70 -54.16
CA SER A 397 1.18 29.45 -54.84
C SER A 397 1.39 28.27 -53.89
N VAL A 398 0.61 27.21 -54.13
CA VAL A 398 0.70 25.98 -53.35
C VAL A 398 1.04 24.85 -54.32
N THR A 399 2.09 24.10 -54.00
CA THR A 399 2.58 23.02 -54.85
C THR A 399 2.49 21.70 -54.09
N SER A 400 2.01 20.66 -54.76
CA SER A 400 1.87 19.35 -54.16
C SER A 400 3.10 18.50 -54.47
N LEU A 401 3.75 17.99 -53.43
CA LEU A 401 4.97 17.20 -53.61
C LEU A 401 4.68 15.74 -53.93
N THR A 402 3.58 15.18 -53.44
CA THR A 402 3.27 13.77 -53.61
C THR A 402 2.06 13.54 -54.51
N ALA A 403 1.86 14.43 -55.48
CA ALA A 403 0.74 14.28 -56.40
C ALA A 403 0.94 13.04 -57.27
N GLY A 404 -0.17 12.53 -57.79
CA GLY A 404 -0.14 11.35 -58.62
C GLY A 404 -0.06 10.07 -57.83
N GLY A 405 0.16 8.98 -58.56
CA GLY A 405 0.25 7.67 -57.95
C GLY A 405 -1.12 7.08 -57.63
N SER A 406 -1.08 5.96 -56.92
CA SER A 406 -2.30 5.26 -56.54
C SER A 406 -2.89 5.75 -55.23
N GLY A 407 -2.12 6.48 -54.44
CA GLY A 407 -2.58 7.01 -53.16
C GLY A 407 -1.66 6.61 -52.04
N GLY A 408 -2.02 7.04 -50.84
CA GLY A 408 -1.26 6.73 -49.66
C GLY A 408 -1.44 7.80 -48.60
N SER A 409 -0.71 7.62 -47.50
CA SER A 409 -0.76 8.55 -46.37
C SER A 409 0.66 8.97 -46.02
N TRP A 410 0.93 10.27 -46.15
CA TRP A 410 2.20 10.87 -45.78
C TRP A 410 2.04 11.73 -44.55
N LYS A 411 3.08 11.78 -43.73
CA LYS A 411 3.08 12.60 -42.52
C LYS A 411 4.48 13.20 -42.34
N LEU A 412 4.56 14.52 -42.38
CA LEU A 412 5.84 15.21 -42.20
C LEU A 412 6.15 15.33 -40.71
N LEU A 413 7.39 15.00 -40.33
CA LEU A 413 7.78 15.06 -38.93
C LEU A 413 8.70 16.21 -38.59
N THR A 414 9.54 16.65 -39.53
CA THR A 414 10.45 17.76 -39.28
C THR A 414 11.22 18.15 -40.53
N ILE A 415 11.64 19.40 -40.61
CA ILE A 415 12.49 19.89 -41.69
C ILE A 415 13.56 20.79 -41.08
N ASP A 416 14.82 20.57 -41.45
CA ASP A 416 15.93 21.36 -40.94
C ASP A 416 16.97 21.49 -42.03
N ARG A 417 17.27 22.73 -42.43
CA ARG A 417 18.23 22.99 -43.49
C ARG A 417 17.87 22.23 -44.76
N ASP A 418 16.57 22.19 -45.08
CA ASP A 418 16.07 21.60 -46.32
C ASP A 418 16.16 20.08 -46.32
N LEU A 419 16.13 19.46 -45.14
CA LEU A 419 16.10 18.00 -45.02
C LEU A 419 14.79 17.61 -44.33
N MET A 420 13.93 16.91 -45.06
CA MET A 420 12.61 16.52 -44.58
C MET A 420 12.61 15.05 -44.17
N VAL A 421 11.98 14.78 -43.03
CA VAL A 421 11.75 13.42 -42.56
C VAL A 421 10.24 13.16 -42.59
N VAL A 422 9.85 12.02 -43.15
CA VAL A 422 8.44 11.74 -43.37
C VAL A 422 8.14 10.28 -43.04
N GLN A 423 6.86 10.03 -42.79
CA GLN A 423 6.30 8.70 -42.58
C GLN A 423 5.31 8.41 -43.69
N PHE A 424 5.38 7.19 -44.22
CA PHE A 424 4.51 6.77 -45.31
C PHE A 424 3.80 5.48 -44.94
N SER A 425 2.51 5.39 -45.26
CA SER A 425 1.76 4.18 -44.97
C SER A 425 0.59 4.07 -45.92
N THR A 426 0.08 2.84 -46.06
CA THR A 426 -1.09 2.57 -46.88
C THR A 426 -1.94 1.49 -46.20
N PRO A 427 -3.15 1.22 -46.69
CA PRO A 427 -4.00 0.22 -46.03
C PRO A 427 -3.40 -1.17 -45.98
N SER A 428 -2.48 -1.50 -46.89
CA SER A 428 -1.88 -2.82 -46.93
C SER A 428 -0.37 -2.78 -46.66
N VAL A 429 0.11 -1.72 -46.03
CA VAL A 429 1.54 -1.58 -45.74
C VAL A 429 1.70 -0.77 -44.45
N PRO A 430 2.26 -1.35 -43.39
CA PRO A 430 2.44 -0.60 -42.15
C PRO A 430 3.34 0.60 -42.36
N PRO A 431 3.48 1.46 -41.34
CA PRO A 431 4.25 2.69 -41.51
C PRO A 431 5.71 2.39 -41.82
N SER A 432 6.32 3.28 -42.61
CA SER A 432 7.73 3.23 -42.93
C SER A 432 8.28 4.65 -42.91
N LEU A 433 9.60 4.77 -42.75
CA LEU A 433 10.25 6.05 -42.56
C LEU A 433 11.07 6.41 -43.79
N LYS A 434 11.14 7.70 -44.11
CA LYS A 434 11.88 8.17 -45.27
C LYS A 434 12.44 9.55 -44.99
N VAL A 435 13.48 9.91 -45.76
CA VAL A 435 14.09 11.23 -45.69
C VAL A 435 14.30 11.73 -47.12
N GLY A 436 14.39 13.04 -47.26
CA GLY A 436 14.56 13.64 -48.56
C GLY A 436 15.07 15.06 -48.46
N PHE A 437 15.48 15.59 -49.62
CA PHE A 437 15.93 16.97 -49.72
C PHE A 437 14.92 17.79 -50.51
N LEU A 438 14.55 18.94 -49.97
CA LEU A 438 13.59 19.81 -50.65
C LEU A 438 14.26 20.48 -51.85
N PRO A 439 13.75 20.31 -53.06
CA PRO A 439 14.39 20.90 -54.23
C PRO A 439 14.29 22.41 -54.21
N PRO A 440 15.02 23.10 -55.09
CA PRO A 440 14.94 24.57 -55.12
C PRO A 440 13.56 25.07 -55.49
N ALA A 441 13.37 26.38 -55.45
CA ALA A 441 12.06 26.95 -55.75
C ALA A 441 11.67 26.65 -57.20
N GLY A 442 10.41 26.28 -57.39
CA GLY A 442 9.91 25.98 -58.71
C GLY A 442 10.21 24.58 -59.21
N LYS A 443 10.74 23.70 -58.35
CA LYS A 443 11.05 22.34 -58.77
C LYS A 443 10.67 21.32 -57.70
N GLU A 444 9.65 21.60 -56.90
CA GLU A 444 9.31 20.69 -55.76
C GLU A 444 8.72 19.37 -56.29
N GLN A 445 8.34 19.31 -57.57
CA GLN A 445 7.67 18.07 -58.08
C GLN A 445 8.72 17.02 -58.48
N ALA A 446 9.97 17.17 -58.03
CA ALA A 446 11.02 16.21 -58.35
C ALA A 446 11.83 15.85 -57.12
N VAL A 447 11.15 15.59 -56.01
CA VAL A 447 11.82 15.20 -54.78
C VAL A 447 12.15 13.72 -54.83
N SER A 448 13.32 13.34 -54.33
CA SER A 448 13.78 11.96 -54.31
C SER A 448 13.83 11.48 -52.86
N TRP A 449 13.16 10.36 -52.60
CA TRP A 449 13.07 9.80 -51.25
C TRP A 449 14.04 8.64 -51.10
N VAL A 450 14.59 8.50 -49.90
CA VAL A 450 15.49 7.41 -49.56
C VAL A 450 14.94 6.70 -48.33
N SER A 451 14.83 5.38 -48.39
CA SER A 451 14.25 4.61 -47.31
C SER A 451 15.22 4.44 -46.16
N LEU A 452 14.72 4.60 -44.94
CA LEU A 452 15.48 4.32 -43.73
C LEU A 452 14.98 3.09 -42.98
N GLU A 453 13.67 2.93 -42.86
CA GLU A 453 13.09 1.72 -42.28
C GLU A 453 11.85 1.38 -43.09
N GLU A 454 11.83 0.16 -43.64
CA GLU A 454 10.74 -0.30 -44.49
C GLU A 454 10.01 -1.45 -43.81
N ALA A 455 8.74 -1.62 -44.17
CA ALA A 455 7.88 -2.63 -43.59
C ALA A 455 7.46 -3.64 -44.65
N GLU A 456 7.21 -4.86 -44.21
CA GLU A 456 6.81 -5.93 -45.13
C GLU A 456 5.33 -5.80 -45.46
N PRO A 457 4.97 -5.71 -46.73
CA PRO A 457 3.55 -5.56 -47.09
C PRO A 457 2.78 -6.85 -46.91
N PHE A 458 1.45 -6.71 -46.88
CA PHE A 458 0.55 -7.85 -46.85
C PHE A 458 -0.11 -7.98 -48.21
N PRO A 459 0.26 -8.96 -49.03
CA PRO A 459 -0.35 -9.08 -50.36
C PRO A 459 -1.78 -9.59 -50.35
N ASP A 460 -2.32 -9.95 -49.17
CA ASP A 460 -3.69 -10.46 -49.12
C ASP A 460 -4.72 -9.36 -49.30
N ILE A 461 -4.43 -8.15 -48.86
CA ILE A 461 -5.39 -7.05 -48.83
C ILE A 461 -5.31 -6.28 -50.13
N SER A 462 -6.47 -5.95 -50.71
CA SER A 462 -6.55 -5.08 -51.87
C SER A 462 -7.52 -3.94 -51.54
N TRP A 463 -7.16 -2.73 -51.95
CA TRP A 463 -7.96 -1.56 -51.60
C TRP A 463 -8.18 -0.70 -52.84
N SER A 464 -9.33 -0.04 -52.88
CA SER A 464 -9.69 0.84 -53.99
C SER A 464 -10.61 1.93 -53.47
N ILE A 465 -10.89 2.89 -54.35
CA ILE A 465 -11.68 4.08 -54.01
C ILE A 465 -12.87 4.16 -54.95
N ARG A 466 -14.05 4.40 -54.40
CA ARG A 466 -15.28 4.55 -55.16
C ARG A 466 -15.81 5.97 -55.00
N VAL A 467 -16.25 6.56 -56.11
CA VAL A 467 -16.81 7.91 -56.11
C VAL A 467 -18.32 7.79 -56.29
N LEU A 468 -19.08 8.55 -55.48
CA LEU A 468 -20.53 8.45 -55.46
C LEU A 468 -21.14 9.82 -55.68
N GLN A 469 -22.13 9.86 -56.59
CA GLN A 469 -22.87 11.07 -56.94
C GLN A 469 -24.29 10.96 -56.41
N PRO A 470 -24.72 11.80 -55.49
CA PRO A 470 -26.04 11.63 -54.90
C PRO A 470 -27.12 11.78 -55.95
N PRO A 471 -28.24 11.10 -55.79
CA PRO A 471 -29.36 11.26 -56.72
C PRO A 471 -29.97 12.65 -56.61
N PRO A 472 -30.72 13.08 -57.62
CA PRO A 472 -31.23 14.46 -57.62
C PRO A 472 -32.07 14.81 -56.41
N GLN A 473 -32.87 13.86 -55.90
CA GLN A 473 -33.77 14.17 -54.79
C GLN A 473 -33.01 14.57 -53.54
N GLN A 474 -31.90 13.88 -53.25
CA GLN A 474 -31.15 14.11 -52.02
C GLN A 474 -30.10 15.21 -52.21
N GLU A 475 -30.58 16.37 -52.66
CA GLU A 475 -29.70 17.50 -52.88
C GLU A 475 -30.44 18.79 -52.52
N HIS A 476 -29.74 19.69 -51.84
CA HIS A 476 -30.28 21.00 -51.49
C HIS A 476 -29.85 22.03 -52.51
N VAL A 477 -30.71 23.03 -52.73
CA VAL A 477 -30.45 24.04 -53.75
C VAL A 477 -29.17 24.81 -53.44
N GLN A 478 -28.91 25.08 -52.16
CA GLN A 478 -27.77 25.92 -51.80
C GLN A 478 -26.45 25.31 -52.28
N TYR A 479 -26.28 24.00 -52.07
CA TYR A 479 -25.06 23.29 -52.47
C TYR A 479 -25.48 22.13 -53.38
N ALA A 480 -25.43 22.37 -54.69
CA ALA A 480 -25.80 21.38 -55.68
C ALA A 480 -24.58 20.93 -56.46
N GLY A 481 -24.47 19.62 -56.67
CA GLY A 481 -23.37 19.04 -57.43
C GLY A 481 -22.31 18.37 -56.59
N LEU A 482 -22.47 18.30 -55.28
CA LEU A 482 -21.47 17.67 -54.43
C LEU A 482 -21.52 16.14 -54.57
N ASP A 483 -20.38 15.51 -54.33
CA ASP A 483 -20.27 14.06 -54.34
C ASP A 483 -19.38 13.63 -53.18
N PHE A 484 -19.35 12.33 -52.92
CA PHE A 484 -18.57 11.80 -51.81
C PHE A 484 -17.84 10.54 -52.27
N GLU A 485 -17.19 9.85 -51.34
CA GLU A 485 -16.33 8.73 -51.69
C GLU A 485 -16.39 7.65 -50.62
N ALA A 486 -15.85 6.49 -50.99
CA ALA A 486 -15.74 5.35 -50.08
C ALA A 486 -14.46 4.60 -50.39
N ILE A 487 -13.93 3.94 -49.36
CA ILE A 487 -12.74 3.10 -49.49
C ILE A 487 -13.18 1.65 -49.32
N LEU A 488 -12.85 0.82 -50.30
CA LEU A 488 -13.26 -0.58 -50.32
C LEU A 488 -12.03 -1.46 -50.16
N LEU A 489 -12.05 -2.32 -49.15
CA LEU A 489 -10.99 -3.29 -48.88
C LEU A 489 -11.56 -4.69 -49.07
N GLN A 490 -10.87 -5.51 -49.86
CA GLN A 490 -11.31 -6.87 -50.07
C GLN A 490 -10.13 -7.84 -50.12
N PRO A 491 -10.36 -9.11 -49.83
CA PRO A 491 -9.29 -10.11 -49.96
C PRO A 491 -8.96 -10.39 -51.42
N SER A 492 -7.69 -10.23 -51.76
CA SER A 492 -7.25 -10.53 -53.11
C SER A 492 -7.18 -12.04 -53.33
N ASN A 493 -7.37 -12.44 -54.58
CA ASN A 493 -7.32 -13.85 -54.98
C ASN A 493 -8.38 -14.66 -54.23
N SER A 494 -9.64 -14.30 -54.48
CA SER A 494 -10.72 -15.08 -53.88
C SER A 494 -11.31 -16.05 -54.90
N PRO A 495 -11.79 -17.22 -54.46
CA PRO A 495 -12.36 -18.24 -55.35
C PRO A 495 -13.51 -17.70 -56.19
N THR A 498 -18.46 -17.21 -55.38
CA THR A 498 -17.67 -16.65 -54.29
C THR A 498 -18.35 -15.44 -53.68
N GLN A 499 -19.40 -15.68 -52.88
CA GLN A 499 -20.12 -14.62 -52.22
C GLN A 499 -19.41 -14.27 -50.90
N VAL A 500 -19.26 -12.97 -50.63
CA VAL A 500 -18.49 -12.52 -49.48
C VAL A 500 -19.34 -11.61 -48.60
N PRO A 501 -19.26 -11.74 -47.29
CA PRO A 501 -19.95 -10.79 -46.40
C PRO A 501 -19.23 -9.44 -46.38
N MET A 502 -19.96 -8.42 -45.94
CA MET A 502 -19.44 -7.07 -45.94
C MET A 502 -19.72 -6.38 -44.61
N VAL A 503 -18.82 -5.49 -44.22
CA VAL A 503 -18.94 -4.68 -43.01
C VAL A 503 -18.79 -3.22 -43.42
N VAL A 504 -19.72 -2.38 -42.95
CA VAL A 504 -19.80 -0.98 -43.34
C VAL A 504 -19.46 -0.11 -42.13
N MET A 505 -18.59 0.86 -42.35
CA MET A 505 -18.13 1.76 -41.29
C MET A 505 -18.27 3.22 -41.71
N PRO A 506 -19.16 3.97 -41.08
CA PRO A 506 -19.08 5.44 -41.18
C PRO A 506 -18.25 6.01 -40.04
N HIS A 507 -17.63 7.15 -40.32
CA HIS A 507 -16.73 7.76 -39.35
C HIS A 507 -17.49 8.68 -38.40
N GLY A 508 -16.87 8.96 -37.26
CA GLY A 508 -17.38 9.92 -36.31
C GLY A 508 -17.29 11.32 -36.86
N GLY A 509 -17.26 12.29 -35.95
CA GLY A 509 -17.17 13.68 -36.35
C GLY A 509 -18.32 14.52 -35.87
N PRO A 510 -19.18 14.92 -36.80
CA PRO A 510 -19.26 14.46 -38.20
C PRO A 510 -18.25 15.12 -39.13
N HIS A 511 -17.36 15.98 -38.62
CA HIS A 511 -16.37 16.64 -39.47
C HIS A 511 -15.03 15.94 -39.29
N SER A 512 -14.88 14.83 -40.00
CA SER A 512 -13.65 14.05 -40.04
C SER A 512 -13.66 13.26 -41.34
N SER A 513 -12.76 12.29 -41.47
CA SER A 513 -12.75 11.46 -42.67
C SER A 513 -11.77 10.31 -42.48
N PHE A 514 -11.90 9.32 -43.36
CA PHE A 514 -10.94 8.22 -43.45
C PHE A 514 -9.93 8.52 -44.55
N VAL A 515 -8.66 8.28 -44.27
CA VAL A 515 -7.61 8.42 -45.25
C VAL A 515 -6.98 7.07 -45.49
N THR A 516 -6.40 6.90 -46.68
CA THR A 516 -5.80 5.63 -47.08
C THR A 516 -4.47 5.44 -46.33
N ALA A 517 -4.60 5.13 -45.05
CA ALA A 517 -3.47 4.88 -44.17
C ALA A 517 -3.59 3.48 -43.58
N TRP A 518 -2.65 3.13 -42.70
CA TRP A 518 -2.65 1.81 -42.07
C TRP A 518 -3.65 1.81 -40.91
N MET A 519 -4.65 0.93 -41.00
CA MET A 519 -5.64 0.77 -39.95
C MET A 519 -5.69 -0.70 -39.54
N LEU A 520 -5.66 -0.95 -38.24
CA LEU A 520 -5.50 -2.31 -37.74
C LEU A 520 -6.77 -3.13 -37.91
N PHE A 521 -7.87 -2.66 -37.32
CA PHE A 521 -9.10 -3.46 -37.32
C PHE A 521 -9.61 -3.74 -38.73
N PRO A 522 -9.65 -2.76 -39.65
CA PRO A 522 -10.02 -3.10 -41.02
C PRO A 522 -9.13 -4.16 -41.63
N ALA A 523 -7.83 -4.12 -41.35
CA ALA A 523 -6.93 -5.15 -41.85
C ALA A 523 -7.28 -6.52 -41.29
N MET A 524 -7.57 -6.58 -39.98
CA MET A 524 -7.97 -7.85 -39.39
C MET A 524 -9.24 -8.38 -40.01
N LEU A 525 -10.24 -7.52 -40.21
CA LEU A 525 -11.48 -7.96 -40.81
C LEU A 525 -11.27 -8.45 -42.23
N CYS A 526 -10.42 -7.75 -42.99
CA CYS A 526 -10.13 -8.18 -44.36
C CYS A 526 -9.42 -9.53 -44.37
N LYS A 527 -8.46 -9.72 -43.46
CA LYS A 527 -7.73 -10.98 -43.40
C LYS A 527 -8.58 -12.12 -42.86
N MET A 528 -9.67 -11.82 -42.18
CA MET A 528 -10.54 -12.89 -41.67
C MET A 528 -11.63 -13.28 -42.65
N GLY A 529 -11.69 -12.65 -43.82
CA GLY A 529 -12.61 -13.08 -44.86
C GLY A 529 -13.68 -12.07 -45.24
N PHE A 530 -13.70 -10.93 -44.57
CA PHE A 530 -14.71 -9.92 -44.79
C PHE A 530 -14.26 -8.90 -45.83
N ALA A 531 -15.23 -8.12 -46.31
CA ALA A 531 -14.98 -6.99 -47.19
C ALA A 531 -15.43 -5.72 -46.48
N VAL A 532 -14.54 -4.76 -46.34
CA VAL A 532 -14.77 -3.58 -45.52
C VAL A 532 -15.06 -2.38 -46.42
N LEU A 533 -16.07 -1.60 -46.06
CA LEU A 533 -16.44 -0.39 -46.79
C LEU A 533 -16.47 0.77 -45.82
N LEU A 534 -15.51 1.70 -45.96
CA LEU A 534 -15.45 2.89 -45.13
C LEU A 534 -16.02 4.07 -45.93
N VAL A 535 -17.01 4.75 -45.36
CA VAL A 535 -17.77 5.77 -46.08
C VAL A 535 -17.33 7.15 -45.63
N ASN A 536 -17.15 8.06 -46.59
CA ASN A 536 -16.88 9.47 -46.30
C ASN A 536 -18.06 10.28 -46.86
N TYR A 537 -19.10 10.44 -46.04
CA TYR A 537 -20.31 11.10 -46.51
C TYR A 537 -20.09 12.61 -46.60
N ARG A 538 -21.05 13.28 -47.23
CA ARG A 538 -20.99 14.73 -47.36
C ARG A 538 -20.94 15.37 -45.98
N GLY A 539 -20.04 16.34 -45.81
CA GLY A 539 -19.78 16.95 -44.53
C GLY A 539 -18.44 16.55 -43.92
N SER A 540 -17.63 15.79 -44.63
CA SER A 540 -16.33 15.37 -44.14
C SER A 540 -15.25 16.39 -44.53
N THR A 541 -14.13 16.34 -43.82
CA THR A 541 -13.02 17.22 -44.11
C THR A 541 -12.24 16.73 -45.33
N GLY A 542 -11.70 17.68 -46.09
CA GLY A 542 -10.92 17.38 -47.26
C GLY A 542 -11.64 17.50 -48.58
N PHE A 543 -12.91 17.94 -48.58
CA PHE A 543 -13.68 18.08 -49.80
C PHE A 543 -14.11 19.52 -50.06
N GLY A 544 -13.69 20.46 -49.24
CA GLY A 544 -14.04 21.85 -49.42
C GLY A 544 -14.91 22.37 -48.28
N GLN A 545 -15.09 23.69 -48.28
CA GLN A 545 -15.91 24.33 -47.25
C GLN A 545 -17.40 24.08 -47.49
N ASP A 546 -17.81 23.97 -48.75
CA ASP A 546 -19.22 23.72 -49.04
C ASP A 546 -19.68 22.40 -48.44
N SER A 547 -18.86 21.35 -48.57
CA SER A 547 -19.21 20.08 -47.95
C SER A 547 -19.28 20.21 -46.44
N ILE A 548 -18.39 21.01 -45.84
CA ILE A 548 -18.41 21.20 -44.40
C ILE A 548 -19.72 21.86 -43.96
N LEU A 549 -20.15 22.89 -44.68
CA LEU A 549 -21.33 23.66 -44.29
C LEU A 549 -22.65 23.05 -44.74
N SER A 550 -22.61 22.05 -45.62
CA SER A 550 -23.85 21.44 -46.09
C SER A 550 -24.53 20.58 -45.04
N LEU A 551 -23.79 20.02 -44.09
CA LEU A 551 -24.34 19.06 -43.14
C LEU A 551 -25.15 19.74 -42.03
N PRO A 552 -24.57 20.71 -41.32
CA PRO A 552 -25.25 21.26 -40.13
C PRO A 552 -26.71 21.63 -40.36
N GLY A 553 -27.58 21.10 -39.51
CA GLY A 553 -29.01 21.32 -39.61
C GLY A 553 -29.77 20.19 -40.28
N ASN A 554 -29.08 19.31 -41.00
CA ASN A 554 -29.71 18.21 -41.71
C ASN A 554 -29.32 16.85 -41.14
N VAL A 555 -28.67 16.81 -39.99
CA VAL A 555 -28.26 15.53 -39.41
C VAL A 555 -29.50 14.68 -39.15
N GLY A 556 -29.42 13.42 -39.55
CA GLY A 556 -30.49 12.47 -39.35
C GLY A 556 -31.09 11.89 -40.62
N HIS A 557 -31.07 12.63 -41.73
CA HIS A 557 -31.67 12.11 -42.95
C HIS A 557 -30.72 12.19 -44.14
N GLN A 558 -29.83 13.18 -44.16
CA GLN A 558 -28.93 13.34 -45.30
C GLN A 558 -27.81 12.30 -45.27
N ASP A 559 -27.06 12.26 -44.17
CA ASP A 559 -25.93 11.34 -44.08
C ASP A 559 -26.40 9.89 -44.08
N VAL A 560 -27.53 9.61 -43.42
CA VAL A 560 -28.07 8.25 -43.40
C VAL A 560 -28.39 7.81 -44.83
N LYS A 561 -29.05 8.68 -45.59
CA LYS A 561 -29.37 8.34 -46.97
C LYS A 561 -28.12 8.21 -47.82
N ASP A 562 -27.09 9.02 -47.53
CA ASP A 562 -25.83 8.88 -48.25
C ASP A 562 -25.22 7.49 -48.03
N VAL A 563 -25.19 7.06 -46.77
CA VAL A 563 -24.64 5.74 -46.45
C VAL A 563 -25.47 4.64 -47.11
N GLN A 564 -26.80 4.78 -47.06
CA GLN A 564 -27.66 3.78 -47.69
C GLN A 564 -27.40 3.70 -49.18
N PHE A 565 -27.27 4.85 -49.84
CA PHE A 565 -26.99 4.88 -51.28
C PHE A 565 -25.66 4.23 -51.59
N ALA A 566 -24.63 4.53 -50.80
CA ALA A 566 -23.33 3.92 -51.03
C ALA A 566 -23.40 2.41 -50.90
N VAL A 567 -24.09 1.92 -49.87
CA VAL A 567 -24.20 0.48 -49.67
C VAL A 567 -24.95 -0.15 -50.84
N GLU A 568 -26.05 0.47 -51.27
CA GLU A 568 -26.83 -0.07 -52.38
C GLU A 568 -25.98 -0.15 -53.65
N GLN A 569 -25.25 0.92 -53.96
CA GLN A 569 -24.45 0.94 -55.17
C GLN A 569 -23.36 -0.13 -55.11
N VAL A 570 -22.68 -0.24 -53.98
CA VAL A 570 -21.61 -1.23 -53.84
C VAL A 570 -22.17 -2.64 -54.00
N LEU A 571 -23.31 -2.91 -53.36
CA LEU A 571 -23.91 -4.24 -53.47
C LEU A 571 -24.31 -4.54 -54.91
N GLN A 572 -24.89 -3.56 -55.60
CA GLN A 572 -25.33 -3.79 -56.98
C GLN A 572 -24.15 -3.99 -57.92
N GLU A 573 -23.03 -3.30 -57.68
CA GLU A 573 -21.89 -3.38 -58.60
C GLU A 573 -20.98 -4.57 -58.31
N GLU A 574 -20.43 -4.63 -57.09
CA GLU A 574 -19.41 -5.63 -56.79
C GLU A 574 -19.95 -7.05 -56.77
N HIS A 575 -21.27 -7.24 -56.68
CA HIS A 575 -21.88 -8.56 -56.61
C HIS A 575 -21.39 -9.32 -55.37
N PHE A 576 -21.65 -8.72 -54.21
CA PHE A 576 -21.31 -9.34 -52.93
C PHE A 576 -22.50 -10.17 -52.44
N ASP A 577 -22.44 -10.62 -51.19
CA ASP A 577 -23.50 -11.42 -50.58
C ASP A 577 -24.46 -10.49 -49.87
N ALA A 578 -25.57 -10.17 -50.54
CA ALA A 578 -26.53 -9.23 -49.99
C ALA A 578 -27.21 -9.74 -48.73
N GLY A 579 -27.10 -11.04 -48.44
CA GLY A 579 -27.74 -11.59 -47.25
C GLY A 579 -26.93 -11.45 -45.98
N ARG A 580 -25.67 -11.02 -46.08
CA ARG A 580 -24.79 -10.90 -44.93
C ARG A 580 -24.09 -9.55 -44.99
N VAL A 581 -24.68 -8.55 -44.34
CA VAL A 581 -24.11 -7.20 -44.26
C VAL A 581 -24.19 -6.74 -42.81
N ALA A 582 -23.09 -6.16 -42.32
CA ALA A 582 -23.02 -5.73 -40.93
C ALA A 582 -22.59 -4.26 -40.87
N LEU A 583 -22.87 -3.64 -39.74
CA LEU A 583 -22.53 -2.24 -39.49
C LEU A 583 -21.59 -2.14 -38.30
N MET A 584 -20.76 -1.10 -38.30
CA MET A 584 -19.92 -0.83 -37.13
C MET A 584 -19.57 0.64 -37.09
N GLY A 585 -19.72 1.26 -35.92
CA GLY A 585 -19.41 2.67 -35.75
C GLY A 585 -19.32 3.08 -34.29
N GLY A 586 -18.75 4.25 -34.04
CA GLY A 586 -18.62 4.78 -32.68
C GLY A 586 -18.90 6.26 -32.65
N SER A 587 -19.48 6.72 -31.54
CA SER A 587 -19.83 8.13 -31.38
C SER A 587 -20.92 8.51 -32.37
N HIS A 588 -20.64 9.50 -33.22
CA HIS A 588 -21.58 9.83 -34.29
C HIS A 588 -21.78 8.64 -35.22
N GLY A 589 -20.76 7.78 -35.33
CA GLY A 589 -20.93 6.55 -36.09
C GLY A 589 -22.02 5.66 -35.53
N GLY A 590 -22.07 5.54 -34.20
CA GLY A 590 -23.16 4.79 -33.58
C GLY A 590 -24.50 5.46 -33.80
N PHE A 591 -24.52 6.80 -33.80
CA PHE A 591 -25.73 7.54 -34.14
C PHE A 591 -26.25 7.14 -35.52
N LEU A 592 -25.38 7.18 -36.53
CA LEU A 592 -25.78 6.81 -37.87
C LEU A 592 -26.17 5.33 -37.94
N SER A 593 -25.44 4.46 -37.23
CA SER A 593 -25.75 3.04 -37.26
C SER A 593 -27.13 2.76 -36.68
N CYS A 594 -27.47 3.42 -35.57
CA CYS A 594 -28.79 3.25 -34.99
C CYS A 594 -29.87 3.77 -35.93
N HIS A 595 -29.66 4.93 -36.54
CA HIS A 595 -30.61 5.41 -37.54
C HIS A 595 -30.78 4.39 -38.66
N LEU A 596 -29.68 3.80 -39.14
CA LEU A 596 -29.75 2.87 -40.25
C LEU A 596 -30.52 1.61 -39.86
N ILE A 597 -30.17 1.00 -38.72
CA ILE A 597 -30.85 -0.22 -38.29
C ILE A 597 -32.29 0.03 -37.87
N GLY A 598 -32.67 1.29 -37.62
CA GLY A 598 -34.05 1.57 -37.32
C GLY A 598 -34.90 1.84 -38.54
N GLN A 599 -34.39 2.66 -39.46
CA GLN A 599 -35.17 3.05 -40.64
C GLN A 599 -35.22 1.95 -41.69
N TYR A 600 -34.19 1.12 -41.78
CA TYR A 600 -34.11 0.04 -42.76
C TYR A 600 -33.84 -1.26 -42.02
N PRO A 601 -34.87 -1.86 -41.42
CA PRO A 601 -34.67 -3.03 -40.57
C PRO A 601 -34.55 -4.36 -41.30
N GLU A 602 -34.47 -4.36 -42.63
CA GLU A 602 -34.39 -5.62 -43.38
C GLU A 602 -33.16 -5.63 -44.28
N THR A 603 -32.09 -4.95 -43.88
CA THR A 603 -30.87 -4.89 -44.65
C THR A 603 -29.63 -5.37 -43.92
N TYR A 604 -29.56 -5.18 -42.61
CA TYR A 604 -28.38 -5.53 -41.83
C TYR A 604 -28.71 -6.66 -40.86
N SER A 605 -27.72 -7.53 -40.64
CA SER A 605 -27.89 -8.69 -39.79
C SER A 605 -27.09 -8.62 -38.49
N ALA A 606 -26.41 -7.51 -38.22
CA ALA A 606 -25.68 -7.34 -36.97
C ALA A 606 -25.30 -5.88 -36.81
N CYS A 607 -24.90 -5.52 -35.60
CA CYS A 607 -24.51 -4.13 -35.33
C CYS A 607 -23.68 -4.09 -34.05
N VAL A 608 -22.57 -3.38 -34.08
CA VAL A 608 -21.71 -3.16 -32.92
C VAL A 608 -21.49 -1.66 -32.79
N VAL A 609 -21.65 -1.14 -31.57
CA VAL A 609 -21.54 0.30 -31.34
C VAL A 609 -20.73 0.58 -30.08
N ARG A 610 -20.02 1.70 -30.11
CA ARG A 610 -19.20 2.16 -28.98
C ARG A 610 -19.60 3.58 -28.66
N ASN A 611 -20.00 3.82 -27.41
CA ASN A 611 -20.38 5.14 -26.89
C ASN A 611 -21.19 5.93 -27.93
N PRO A 612 -22.38 5.46 -28.29
CA PRO A 612 -23.17 6.15 -29.30
C PRO A 612 -23.98 7.31 -28.71
N VAL A 613 -24.53 8.11 -29.61
CA VAL A 613 -25.43 9.21 -29.25
C VAL A 613 -26.86 8.77 -29.57
N ILE A 614 -27.74 8.86 -28.59
CA ILE A 614 -29.09 8.33 -28.70
C ILE A 614 -30.14 9.43 -28.62
N ASN A 615 -30.03 10.33 -27.64
CA ASN A 615 -31.03 11.37 -27.43
C ASN A 615 -30.30 12.69 -27.27
N ILE A 616 -30.45 13.58 -28.25
CA ILE A 616 -29.75 14.87 -28.21
C ILE A 616 -30.32 15.76 -27.11
N ALA A 617 -31.64 15.74 -26.93
CA ALA A 617 -32.27 16.63 -25.96
C ALA A 617 -31.74 16.37 -24.55
N SER A 618 -31.66 15.11 -24.16
CA SER A 618 -31.12 14.78 -22.84
C SER A 618 -29.61 14.92 -22.78
N MET A 619 -28.93 14.77 -23.93
CA MET A 619 -27.48 14.92 -23.97
C MET A 619 -27.03 16.36 -23.82
N MET A 620 -27.88 17.31 -24.21
CA MET A 620 -27.47 18.72 -24.21
C MET A 620 -27.02 19.17 -22.82
N GLY A 621 -27.75 18.76 -21.79
CA GLY A 621 -27.50 19.27 -20.45
C GLY A 621 -26.52 18.47 -19.62
N SER A 622 -25.82 17.53 -20.24
CA SER A 622 -24.89 16.67 -19.51
C SER A 622 -23.53 16.51 -20.16
N THR A 623 -23.29 17.10 -21.33
CA THR A 623 -22.01 16.98 -22.01
C THR A 623 -21.14 18.21 -21.75
N ASP A 624 -19.88 18.10 -22.15
CA ASP A 624 -18.92 19.19 -21.99
C ASP A 624 -18.85 20.10 -23.21
N ILE A 625 -19.60 19.81 -24.26
CA ILE A 625 -19.65 20.66 -25.44
C ILE A 625 -21.11 20.89 -25.81
N PRO A 626 -21.87 21.65 -25.02
CA PRO A 626 -23.29 21.82 -25.31
C PRO A 626 -23.55 22.49 -26.65
N ASP A 627 -22.61 23.28 -27.17
CA ASP A 627 -22.82 23.95 -28.44
C ASP A 627 -22.92 22.97 -29.61
N TRP A 628 -22.37 21.76 -29.45
CA TRP A 628 -22.45 20.77 -30.51
C TRP A 628 -23.91 20.45 -30.85
N CYS A 629 -24.72 20.19 -29.83
CA CYS A 629 -26.13 19.84 -30.06
C CYS A 629 -26.87 21.01 -30.70
N MET A 630 -26.63 22.22 -30.20
CA MET A 630 -27.32 23.39 -30.76
C MET A 630 -26.95 23.60 -32.23
N VAL A 631 -25.67 23.46 -32.56
CA VAL A 631 -25.24 23.67 -33.94
C VAL A 631 -25.80 22.57 -34.85
N GLU A 632 -25.68 21.31 -34.42
CA GLU A 632 -26.14 20.21 -35.26
C GLU A 632 -27.65 20.25 -35.47
N ALA A 633 -28.41 20.58 -34.43
CA ALA A 633 -29.86 20.62 -34.55
C ALA A 633 -30.30 21.68 -35.56
N GLY A 634 -29.58 22.80 -35.62
CA GLY A 634 -29.90 23.83 -36.59
C GLY A 634 -30.07 25.22 -36.00
N PHE A 635 -29.76 25.36 -34.72
CA PHE A 635 -29.89 26.63 -34.02
C PHE A 635 -28.52 27.17 -33.63
N SER A 636 -28.50 28.45 -33.24
CA SER A 636 -27.28 29.10 -32.82
C SER A 636 -27.10 28.98 -31.32
N TYR A 637 -25.87 28.72 -30.89
CA TYR A 637 -25.55 28.57 -29.48
C TYR A 637 -25.29 29.92 -28.85
N SER A 638 -25.92 30.17 -27.70
CA SER A 638 -25.70 31.40 -26.95
C SER A 638 -25.70 31.08 -25.46
N SER A 639 -24.75 31.67 -24.74
CA SER A 639 -24.72 31.48 -23.29
C SER A 639 -25.95 32.10 -22.65
N ASP A 640 -26.37 31.53 -21.53
CA ASP A 640 -27.59 31.95 -20.84
C ASP A 640 -28.83 31.58 -21.64
N CYS A 641 -28.77 30.43 -22.32
CA CYS A 641 -29.89 29.94 -23.09
C CYS A 641 -30.89 29.24 -22.17
N LEU A 642 -32.11 29.08 -22.64
CA LEU A 642 -33.18 28.47 -21.86
C LEU A 642 -33.89 27.43 -22.73
N PRO A 643 -34.49 26.41 -22.09
CA PRO A 643 -35.17 25.36 -22.86
C PRO A 643 -36.48 25.83 -23.47
N ASP A 644 -36.53 25.87 -24.79
CA ASP A 644 -37.75 26.24 -25.52
C ASP A 644 -38.39 25.00 -26.14
N LEU A 645 -39.71 25.05 -26.26
CA LEU A 645 -40.44 23.88 -26.78
C LEU A 645 -40.01 23.55 -28.20
N SER A 646 -39.84 24.57 -29.05
CA SER A 646 -39.47 24.32 -30.44
C SER A 646 -38.12 23.61 -30.53
N VAL A 647 -37.14 24.09 -29.76
CA VAL A 647 -35.80 23.51 -29.82
C VAL A 647 -35.84 22.06 -29.37
N TRP A 648 -36.54 21.78 -28.27
CA TRP A 648 -36.60 20.41 -27.78
C TRP A 648 -37.33 19.50 -28.75
N ALA A 649 -38.40 19.99 -29.37
CA ALA A 649 -39.11 19.19 -30.36
C ALA A 649 -38.21 18.86 -31.54
N ALA A 650 -37.47 19.87 -32.03
CA ALA A 650 -36.56 19.64 -33.15
C ALA A 650 -35.47 18.64 -32.78
N MET A 651 -34.93 18.76 -31.58
CA MET A 651 -33.88 17.85 -31.14
C MET A 651 -34.40 16.41 -31.04
N LEU A 652 -35.61 16.25 -30.48
CA LEU A 652 -36.17 14.91 -30.34
C LEU A 652 -36.53 14.31 -31.70
N ASP A 653 -36.94 15.14 -32.65
CA ASP A 653 -37.33 14.62 -33.96
C ASP A 653 -36.14 14.05 -34.71
N LYS A 654 -34.92 14.43 -34.34
CA LYS A 654 -33.72 14.03 -35.06
C LYS A 654 -32.94 12.91 -34.36
N SER A 655 -33.54 12.28 -33.36
CA SER A 655 -32.79 11.29 -32.60
C SER A 655 -33.18 9.87 -33.01
N PRO A 656 -32.23 8.93 -32.97
CA PRO A 656 -32.55 7.55 -33.37
C PRO A 656 -33.55 6.86 -32.46
N ILE A 657 -33.70 7.32 -31.21
CA ILE A 657 -34.60 6.66 -30.27
C ILE A 657 -36.01 6.59 -30.84
N LYS A 658 -36.38 7.56 -31.68
CA LYS A 658 -37.72 7.57 -32.25
C LYS A 658 -38.04 6.28 -32.99
N TYR A 659 -37.02 5.62 -33.54
CA TYR A 659 -37.21 4.41 -34.32
C TYR A 659 -36.93 3.15 -33.53
N ALA A 660 -36.78 3.25 -32.21
CA ALA A 660 -36.50 2.07 -31.40
C ALA A 660 -37.53 0.95 -31.56
N PRO A 661 -38.84 1.22 -31.60
CA PRO A 661 -39.81 0.12 -31.64
C PRO A 661 -39.82 -0.65 -32.96
N GLN A 662 -38.91 -0.32 -33.87
CA GLN A 662 -38.79 -1.03 -35.13
C GLN A 662 -37.50 -1.83 -35.25
N VAL A 663 -36.56 -1.67 -34.32
CA VAL A 663 -35.28 -2.35 -34.43
C VAL A 663 -35.48 -3.87 -34.35
N LYS A 664 -34.75 -4.59 -35.19
CA LYS A 664 -34.85 -6.04 -35.25
C LYS A 664 -33.51 -6.76 -35.28
N THR A 665 -32.40 -6.06 -35.54
CA THR A 665 -31.09 -6.69 -35.68
C THR A 665 -30.44 -6.90 -34.31
N PRO A 666 -29.71 -7.99 -34.13
CA PRO A 666 -28.95 -8.16 -32.88
C PRO A 666 -27.94 -7.04 -32.71
N LEU A 667 -27.73 -6.62 -31.46
CA LEU A 667 -26.92 -5.46 -31.16
C LEU A 667 -25.89 -5.76 -30.08
N LEU A 668 -24.70 -5.19 -30.24
CA LEU A 668 -23.65 -5.23 -29.23
C LEU A 668 -23.28 -3.80 -28.88
N LEU A 669 -23.27 -3.50 -27.57
CA LEU A 669 -22.99 -2.17 -27.06
C LEU A 669 -21.73 -2.22 -26.20
N MET A 670 -20.83 -1.28 -26.39
CA MET A 670 -19.68 -1.10 -25.52
C MET A 670 -19.69 0.32 -24.97
N LEU A 671 -19.62 0.45 -23.65
CA LEU A 671 -19.74 1.75 -23.00
C LEU A 671 -18.59 1.97 -22.03
N GLY A 672 -18.16 3.22 -21.92
CA GLY A 672 -17.18 3.62 -20.94
C GLY A 672 -17.80 4.46 -19.85
N GLN A 673 -17.72 4.00 -18.60
CA GLN A 673 -18.44 4.65 -17.52
C GLN A 673 -17.95 6.07 -17.28
N GLU A 674 -16.64 6.29 -17.36
CA GLU A 674 -16.06 7.59 -17.05
C GLU A 674 -16.05 8.55 -18.24
N ASP A 675 -16.90 8.32 -19.22
CA ASP A 675 -16.95 9.20 -20.39
C ASP A 675 -17.50 10.57 -20.01
N ARG A 676 -16.86 11.61 -20.53
CA ARG A 676 -17.30 12.98 -20.31
C ARG A 676 -17.79 13.68 -21.58
N ARG A 677 -17.43 13.17 -22.76
CA ARG A 677 -17.92 13.77 -24.00
C ARG A 677 -19.33 13.30 -24.31
N VAL A 678 -19.58 12.00 -24.16
CA VAL A 678 -20.90 11.40 -24.36
C VAL A 678 -21.24 10.62 -23.09
N PRO A 679 -22.17 11.11 -22.26
CA PRO A 679 -22.53 10.36 -21.06
C PRO A 679 -23.06 8.97 -21.41
N PHE A 680 -22.76 8.01 -20.55
CA PHE A 680 -23.01 6.59 -20.85
C PHE A 680 -24.46 6.19 -20.67
N LYS A 681 -25.31 7.06 -20.13
CA LYS A 681 -26.74 6.75 -20.04
C LYS A 681 -27.41 6.73 -21.40
N GLN A 682 -26.81 7.37 -22.41
CA GLN A 682 -27.38 7.35 -23.75
C GLN A 682 -27.55 5.92 -24.25
N GLY A 683 -26.50 5.10 -24.10
CA GLY A 683 -26.61 3.70 -24.45
C GLY A 683 -27.56 2.93 -23.54
N MET A 684 -27.63 3.31 -22.27
CA MET A 684 -28.49 2.60 -21.34
C MET A 684 -29.97 2.75 -21.72
N GLU A 685 -30.37 3.93 -22.16
CA GLU A 685 -31.76 4.12 -22.58
C GLU A 685 -32.11 3.19 -23.75
N TYR A 686 -31.24 3.15 -24.76
CA TYR A 686 -31.46 2.28 -25.90
C TYR A 686 -31.48 0.82 -25.48
N TYR A 687 -30.56 0.44 -24.57
CA TYR A 687 -30.51 -0.94 -24.11
C TYR A 687 -31.81 -1.33 -23.41
N ARG A 688 -32.31 -0.46 -22.53
CA ARG A 688 -33.57 -0.75 -21.84
C ARG A 688 -34.72 -0.86 -22.84
N VAL A 689 -34.78 0.06 -23.79
CA VAL A 689 -35.88 0.06 -24.76
C VAL A 689 -35.87 -1.24 -25.57
N LEU A 690 -34.68 -1.67 -26.01
CA LEU A 690 -34.59 -2.89 -26.80
C LEU A 690 -34.90 -4.12 -25.96
N LYS A 691 -34.36 -4.18 -24.74
CA LYS A 691 -34.55 -5.36 -23.90
C LYS A 691 -36.01 -5.52 -23.50
N ALA A 692 -36.73 -4.42 -23.31
CA ALA A 692 -38.12 -4.52 -22.91
C ALA A 692 -38.95 -5.29 -23.94
N ARG A 693 -38.48 -5.34 -25.19
CA ARG A 693 -39.20 -6.01 -26.26
C ARG A 693 -38.60 -7.37 -26.63
N ASN A 694 -37.68 -7.89 -25.83
CA ASN A 694 -37.11 -9.21 -26.05
C ASN A 694 -36.37 -9.28 -27.38
N VAL A 695 -35.35 -8.44 -27.51
CA VAL A 695 -34.49 -8.44 -28.69
C VAL A 695 -33.08 -8.84 -28.25
N PRO A 696 -32.37 -9.64 -29.03
CA PRO A 696 -31.01 -10.05 -28.61
C PRO A 696 -30.06 -8.87 -28.53
N VAL A 697 -29.66 -8.52 -27.32
CA VAL A 697 -28.75 -7.40 -27.08
C VAL A 697 -27.68 -7.84 -26.08
N ARG A 698 -26.43 -7.48 -26.36
CA ARG A 698 -25.34 -7.77 -25.44
C ARG A 698 -24.61 -6.48 -25.11
N LEU A 699 -24.37 -6.25 -23.82
CA LEU A 699 -23.82 -4.99 -23.34
C LEU A 699 -22.55 -5.24 -22.53
N LEU A 700 -21.55 -4.38 -22.75
CA LEU A 700 -20.30 -4.41 -22.00
C LEU A 700 -20.03 -3.01 -21.47
N LEU A 701 -19.68 -2.92 -20.19
CA LEU A 701 -19.45 -1.65 -19.51
C LEU A 701 -18.06 -1.69 -18.88
N TYR A 702 -17.24 -0.69 -19.21
CA TYR A 702 -15.89 -0.60 -18.68
C TYR A 702 -15.83 0.49 -17.62
N PRO A 703 -15.63 0.14 -16.35
CA PRO A 703 -15.75 1.16 -15.28
C PRO A 703 -14.75 2.30 -15.38
N LYS A 704 -13.61 2.10 -16.05
CA LYS A 704 -12.55 3.09 -16.04
C LYS A 704 -12.32 3.78 -17.38
N SER A 705 -12.48 3.07 -18.50
CA SER A 705 -12.25 3.69 -19.81
C SER A 705 -13.15 4.91 -19.97
N THR A 706 -12.59 5.99 -20.51
CA THR A 706 -13.34 7.23 -20.54
C THR A 706 -14.10 7.43 -21.86
N HIS A 707 -13.39 7.59 -22.97
CA HIS A 707 -14.14 7.74 -24.21
C HIS A 707 -13.59 6.89 -25.35
N ALA A 708 -12.27 6.76 -25.47
CA ALA A 708 -11.67 6.08 -26.60
C ALA A 708 -11.34 4.62 -26.33
N LEU A 709 -11.50 4.16 -25.09
CA LEU A 709 -11.13 2.80 -24.72
C LEU A 709 -9.70 2.50 -25.17
N SER A 710 -8.81 3.45 -24.87
CA SER A 710 -7.44 3.39 -25.35
C SER A 710 -6.55 2.46 -24.53
N GLU A 711 -6.99 2.07 -23.33
CA GLU A 711 -6.23 1.11 -22.55
C GLU A 711 -6.05 -0.19 -23.35
N VAL A 712 -4.85 -0.76 -23.26
CA VAL A 712 -4.55 -1.93 -24.08
C VAL A 712 -5.51 -3.07 -23.80
N GLU A 713 -5.75 -3.35 -22.51
CA GLU A 713 -6.66 -4.43 -22.16
C GLU A 713 -8.07 -4.15 -22.67
N VAL A 714 -8.56 -2.93 -22.45
CA VAL A 714 -9.92 -2.59 -22.85
C VAL A 714 -10.06 -2.68 -24.37
N GLU A 715 -9.09 -2.12 -25.09
CA GLU A 715 -9.15 -2.14 -26.55
C GLU A 715 -9.11 -3.56 -27.08
N SER A 716 -8.20 -4.39 -26.56
CA SER A 716 -8.10 -5.76 -27.03
C SER A 716 -9.38 -6.53 -26.76
N ASP A 717 -9.94 -6.39 -25.55
CA ASP A 717 -11.17 -7.09 -25.22
C ASP A 717 -12.32 -6.65 -26.13
N SER A 718 -12.45 -5.34 -26.35
CA SER A 718 -13.53 -4.85 -27.19
C SER A 718 -13.39 -5.34 -28.62
N PHE A 719 -12.18 -5.30 -29.17
CA PHE A 719 -11.98 -5.76 -30.55
C PHE A 719 -12.26 -7.25 -30.68
N MET A 720 -11.79 -8.04 -29.71
CA MET A 720 -12.04 -9.48 -29.76
C MET A 720 -13.54 -9.77 -29.67
N ASN A 721 -14.25 -9.08 -28.77
CA ASN A 721 -15.68 -9.30 -28.67
C ASN A 721 -16.40 -8.92 -29.95
N ALA A 722 -16.02 -7.80 -30.56
CA ALA A 722 -16.67 -7.38 -31.80
C ALA A 722 -16.44 -8.40 -32.91
N VAL A 723 -15.19 -8.87 -33.05
CA VAL A 723 -14.89 -9.82 -34.12
C VAL A 723 -15.65 -11.12 -33.89
N LEU A 724 -15.68 -11.61 -32.64
CA LEU A 724 -16.41 -12.84 -32.35
C LEU A 724 -17.89 -12.69 -32.63
N TRP A 725 -18.48 -11.55 -32.24
CA TRP A 725 -19.90 -11.33 -32.49
C TRP A 725 -20.19 -11.33 -33.99
N LEU A 726 -19.40 -10.60 -34.76
CA LEU A 726 -19.63 -10.54 -36.20
C LEU A 726 -19.48 -11.91 -36.84
N CYS A 727 -18.44 -12.66 -36.46
CA CYS A 727 -18.26 -13.98 -37.04
C CYS A 727 -19.40 -14.92 -36.67
N THR A 728 -19.85 -14.86 -35.42
CA THR A 728 -20.92 -15.76 -34.98
C THR A 728 -22.22 -15.47 -35.73
N HIS A 729 -22.56 -14.19 -35.88
CA HIS A 729 -23.84 -13.87 -36.51
C HIS A 729 -23.77 -13.91 -38.03
N LEU A 730 -22.60 -13.67 -38.60
CA LEU A 730 -22.44 -13.75 -40.06
C LEU A 730 -21.62 -14.97 -40.46
N GLU B 9 -1.26 -39.37 13.61
CA GLU B 9 -1.87 -38.81 12.41
C GLU B 9 -2.14 -37.33 12.59
N PRO B 10 -1.73 -36.52 11.61
CA PRO B 10 -1.85 -35.06 11.76
C PRO B 10 -3.27 -34.56 12.02
N GLU B 11 -4.28 -35.22 11.43
CA GLU B 11 -5.65 -34.73 11.58
C GLU B 11 -6.11 -34.80 13.03
N GLU B 12 -5.87 -35.94 13.69
CA GLU B 12 -6.26 -36.09 15.08
C GLU B 12 -5.53 -35.09 15.96
N ALA B 13 -4.24 -34.89 15.71
CA ALA B 13 -3.46 -33.92 16.48
C ALA B 13 -4.02 -32.51 16.31
N ALA B 14 -4.37 -32.15 15.08
CA ALA B 14 -4.92 -30.81 14.83
C ALA B 14 -6.26 -30.64 15.54
N ALA B 15 -7.13 -31.64 15.48
CA ALA B 15 -8.40 -31.55 16.17
C ALA B 15 -8.20 -31.42 17.67
N LEU B 16 -7.29 -32.21 18.24
CA LEU B 16 -7.00 -32.12 19.67
C LEU B 16 -6.46 -30.74 20.04
N TYR B 17 -5.57 -30.19 19.20
CA TYR B 17 -5.04 -28.86 19.47
C TYR B 17 -6.13 -27.81 19.45
N ARG B 18 -7.04 -27.89 18.46
CA ARG B 18 -8.18 -26.97 18.45
C ARG B 18 -8.97 -27.08 19.74
N GLY B 19 -9.36 -28.30 20.10
CA GLY B 19 -10.16 -28.48 21.30
C GLY B 19 -9.48 -27.95 22.54
N LEU B 20 -8.17 -28.20 22.68
CA LEU B 20 -7.46 -27.75 23.87
C LEU B 20 -7.27 -26.24 23.89
N SER B 21 -6.99 -25.64 22.74
CA SER B 21 -6.76 -24.20 22.66
C SER B 21 -8.05 -23.40 22.67
N ARG B 22 -9.20 -24.06 22.62
CA ARG B 22 -10.48 -23.37 22.73
C ARG B 22 -10.76 -22.86 24.14
N GLN B 23 -9.78 -22.90 25.04
CA GLN B 23 -9.98 -22.50 26.43
C GLN B 23 -9.49 -21.07 26.63
N PRO B 24 -10.32 -20.17 27.16
CA PRO B 24 -9.89 -18.78 27.38
C PRO B 24 -9.04 -18.66 28.64
N ALA B 25 -8.49 -17.45 28.81
CA ALA B 25 -7.66 -17.13 29.98
C ALA B 25 -8.02 -15.75 30.51
N LEU B 26 -8.04 -15.62 31.83
CA LEU B 26 -8.37 -14.37 32.48
C LEU B 26 -7.12 -13.51 32.66
N SER B 27 -7.28 -12.19 32.51
CA SER B 27 -6.13 -11.29 32.55
C SER B 27 -6.29 -10.08 33.47
N ALA B 28 -7.49 -9.70 33.88
CA ALA B 28 -7.65 -8.52 34.72
C ALA B 28 -9.06 -8.51 35.29
N ALA B 29 -9.27 -7.63 36.26
CA ALA B 29 -10.57 -7.49 36.90
C ALA B 29 -10.57 -6.22 37.75
N CYS B 30 -11.72 -5.56 37.81
CA CYS B 30 -11.91 -4.37 38.62
C CYS B 30 -13.31 -4.36 39.20
N LEU B 31 -13.50 -3.62 40.28
CA LEU B 31 -14.75 -3.59 41.01
C LEU B 31 -15.42 -2.22 40.87
N GLY B 32 -16.75 -2.23 40.79
CA GLY B 32 -17.51 -1.01 40.67
C GLY B 32 -17.96 -0.46 42.01
N PRO B 33 -18.59 0.71 41.98
CA PRO B 33 -19.05 1.33 43.23
C PRO B 33 -20.23 0.60 43.83
N GLU B 34 -20.39 0.76 45.14
CA GLU B 34 -21.49 0.13 45.86
C GLU B 34 -22.81 0.82 45.51
N VAL B 35 -23.88 0.03 45.46
CA VAL B 35 -25.22 0.52 45.15
C VAL B 35 -26.20 -0.01 46.19
N THR B 36 -27.14 0.84 46.60
CA THR B 36 -28.16 0.47 47.57
C THR B 36 -29.53 0.64 46.94
N THR B 37 -30.38 -0.37 47.11
CA THR B 37 -31.73 -0.34 46.56
C THR B 37 -32.72 0.19 47.59
N GLN B 38 -33.92 0.52 47.12
CA GLN B 38 -34.97 0.99 48.01
C GLN B 38 -35.35 -0.07 49.02
N TYR B 39 -35.45 -1.33 48.58
CA TYR B 39 -35.79 -2.41 49.50
C TYR B 39 -34.76 -2.56 50.60
N GLY B 40 -33.47 -2.46 50.26
CA GLY B 40 -32.43 -2.54 51.26
C GLY B 40 -31.23 -3.35 50.82
N GLY B 41 -31.41 -4.21 49.82
CA GLY B 41 -30.30 -5.04 49.37
C GLY B 41 -29.18 -4.20 48.77
N ARG B 42 -27.95 -4.70 48.88
CA ARG B 42 -26.78 -4.03 48.36
C ARG B 42 -26.02 -4.96 47.41
N TYR B 43 -25.58 -4.40 46.29
CA TYR B 43 -24.92 -5.16 45.24
C TYR B 43 -23.85 -4.28 44.59
N ARG B 44 -22.99 -4.94 43.82
CA ARG B 44 -21.98 -4.24 43.04
C ARG B 44 -21.53 -5.12 41.88
N THR B 45 -20.90 -4.48 40.89
CA THR B 45 -20.54 -5.14 39.65
C THR B 45 -19.06 -5.47 39.62
N VAL B 46 -18.71 -6.48 38.84
CA VAL B 46 -17.33 -6.93 38.66
C VAL B 46 -17.05 -6.99 37.17
N HIS B 47 -15.92 -6.41 36.76
CA HIS B 47 -15.50 -6.36 35.37
C HIS B 47 -14.29 -7.26 35.17
N THR B 48 -14.31 -8.07 34.11
CA THR B 48 -13.25 -9.02 33.85
C THR B 48 -12.84 -8.95 32.38
N GLU B 49 -11.56 -9.18 32.14
CA GLU B 49 -11.00 -9.21 30.79
C GLU B 49 -10.47 -10.60 30.49
N TRP B 50 -10.87 -11.14 29.34
CA TRP B 50 -10.47 -12.48 28.93
C TRP B 50 -9.78 -12.41 27.57
N THR B 51 -8.89 -13.37 27.34
CA THR B 51 -8.14 -13.48 26.10
C THR B 51 -8.23 -14.91 25.59
N GLN B 52 -8.23 -15.05 24.27
CA GLN B 52 -8.38 -16.36 23.65
C GLN B 52 -7.62 -16.37 22.32
N ARG B 53 -7.34 -17.58 21.84
CA ARG B 53 -6.63 -17.77 20.58
C ARG B 53 -7.64 -18.16 19.51
N ASP B 54 -7.65 -17.43 18.40
CA ASP B 54 -8.53 -17.73 17.28
C ASP B 54 -7.66 -18.16 16.11
N LEU B 55 -7.83 -19.42 15.68
CA LEU B 55 -7.00 -19.98 14.64
C LEU B 55 -7.49 -19.62 13.24
N GLU B 56 -8.78 -19.35 13.08
CA GLU B 56 -9.30 -18.98 11.77
C GLU B 56 -8.67 -17.68 11.29
N ARG B 57 -8.63 -16.66 12.15
CA ARG B 57 -7.97 -15.41 11.84
C ARG B 57 -6.58 -15.32 12.43
N MET B 58 -6.14 -16.34 13.17
CA MET B 58 -4.78 -16.42 13.69
C MET B 58 -4.41 -15.18 14.50
N GLU B 59 -5.13 -14.99 15.61
CA GLU B 59 -4.85 -13.83 16.44
C GLU B 59 -5.34 -14.08 17.87
N ASN B 60 -4.82 -13.28 18.79
CA ASN B 60 -5.26 -13.29 20.18
C ASN B 60 -6.35 -12.24 20.33
N ILE B 61 -7.55 -12.67 20.63
CA ILE B 61 -8.69 -11.78 20.78
C ILE B 61 -8.95 -11.56 22.26
N ARG B 62 -9.38 -10.34 22.60
CA ARG B 62 -9.69 -9.98 23.98
C ARG B 62 -11.13 -9.49 24.06
N PHE B 63 -11.81 -9.88 25.12
CA PHE B 63 -13.19 -9.44 25.35
C PHE B 63 -13.37 -9.10 26.82
N CYS B 64 -14.45 -8.40 27.12
CA CYS B 64 -14.77 -7.95 28.46
C CYS B 64 -16.13 -8.50 28.86
N ARG B 65 -16.24 -8.97 30.10
CA ARG B 65 -17.48 -9.52 30.61
C ARG B 65 -17.73 -8.96 32.00
N GLN B 66 -18.99 -8.94 32.41
CA GLN B 66 -19.40 -8.30 33.65
C GLN B 66 -20.31 -9.21 34.46
N TYR B 67 -20.16 -9.16 35.79
CA TYR B 67 -20.92 -9.99 36.71
C TYR B 67 -21.50 -9.11 37.81
N LEU B 68 -22.49 -9.66 38.49
CA LEU B 68 -23.23 -8.95 39.53
C LEU B 68 -23.14 -9.73 40.84
N VAL B 69 -22.91 -9.03 41.94
CA VAL B 69 -22.74 -9.66 43.25
C VAL B 69 -23.62 -8.93 44.26
N PHE B 70 -24.51 -9.68 44.92
CA PHE B 70 -25.34 -9.16 46.00
C PHE B 70 -24.79 -9.65 47.33
N HIS B 71 -24.50 -8.72 48.23
CA HIS B 71 -23.89 -9.06 49.50
C HIS B 71 -24.67 -8.40 50.64
N ASP B 72 -24.25 -8.72 51.87
CA ASP B 72 -24.88 -8.17 53.07
C ASP B 72 -23.86 -7.49 53.99
N GLY B 73 -22.70 -7.11 53.46
CA GLY B 73 -21.69 -6.43 54.25
C GLY B 73 -20.52 -7.32 54.62
N ASP B 74 -20.80 -8.57 54.99
CA ASP B 74 -19.73 -9.51 55.34
C ASP B 74 -19.99 -10.90 54.78
N SER B 75 -20.92 -11.05 53.85
CA SER B 75 -21.23 -12.34 53.27
C SER B 75 -21.82 -12.13 51.88
N VAL B 76 -21.47 -13.01 50.96
CA VAL B 76 -21.97 -12.94 49.59
C VAL B 76 -23.30 -13.69 49.55
N VAL B 77 -24.37 -12.98 49.20
CA VAL B 77 -25.69 -13.60 49.16
C VAL B 77 -25.95 -14.23 47.80
N PHE B 78 -25.57 -13.53 46.72
CA PHE B 78 -25.85 -14.03 45.38
C PHE B 78 -24.78 -13.54 44.42
N ALA B 79 -24.59 -14.30 43.33
CA ALA B 79 -23.63 -13.94 42.30
C ALA B 79 -24.14 -14.46 40.97
N GLY B 80 -24.18 -13.60 39.96
CA GLY B 80 -24.69 -13.98 38.66
C GLY B 80 -24.05 -13.25 37.52
N PRO B 81 -24.36 -13.66 36.29
CA PRO B 81 -23.89 -12.94 35.11
C PRO B 81 -24.74 -11.71 34.84
N ALA B 82 -24.21 -10.83 33.99
CA ALA B 82 -24.90 -9.58 33.69
C ALA B 82 -24.92 -9.25 32.20
N GLY B 83 -24.84 -10.24 31.32
CA GLY B 83 -24.92 -10.00 29.90
C GLY B 83 -24.04 -10.97 29.14
N ASN B 84 -23.71 -10.58 27.91
CA ASN B 84 -22.89 -11.36 27.00
C ASN B 84 -21.48 -10.79 26.97
N SER B 85 -20.62 -11.42 26.16
CA SER B 85 -19.25 -10.99 26.01
C SER B 85 -19.12 -10.04 24.82
N VAL B 86 -18.30 -9.01 24.99
CA VAL B 86 -18.08 -8.00 23.96
C VAL B 86 -16.60 -7.98 23.63
N GLU B 87 -16.28 -8.10 22.34
CA GLU B 87 -14.90 -8.11 21.87
C GLU B 87 -14.42 -6.68 21.63
N THR B 88 -13.29 -6.34 22.23
CA THR B 88 -12.67 -5.03 22.05
C THR B 88 -11.52 -5.12 21.06
N ARG B 89 -10.95 -3.97 20.74
CA ARG B 89 -9.84 -3.91 19.80
C ARG B 89 -9.13 -2.58 19.94
N GLY B 90 -7.80 -2.61 20.04
CA GLY B 90 -7.01 -1.40 20.09
C GLY B 90 -6.88 -0.77 21.46
N GLU B 91 -7.26 -1.48 22.52
CA GLU B 91 -7.15 -0.94 23.87
C GLU B 91 -5.76 -1.24 24.43
N LEU B 92 -4.98 -0.20 24.71
CA LEU B 92 -3.65 -0.40 25.27
C LEU B 92 -3.69 -0.37 26.79
N LEU B 93 -4.28 0.67 27.38
CA LEU B 93 -4.38 0.79 28.82
C LEU B 93 -5.76 1.36 29.17
N SER B 94 -6.19 1.07 30.39
CA SER B 94 -7.44 1.59 30.92
C SER B 94 -7.34 1.66 32.42
N ARG B 95 -8.16 2.53 33.01
CA ARG B 95 -8.13 2.73 34.46
C ARG B 95 -9.40 3.45 34.88
N GLU B 96 -10.12 2.88 35.85
CA GLU B 96 -11.31 3.52 36.37
C GLU B 96 -10.95 4.56 37.41
N SER B 97 -11.78 5.60 37.50
CA SER B 97 -11.52 6.68 38.43
C SER B 97 -11.71 6.20 39.88
N PRO B 98 -11.12 6.91 40.84
CA PRO B 98 -11.27 6.48 42.24
C PRO B 98 -12.72 6.38 42.70
N SER B 99 -13.58 7.27 42.22
CA SER B 99 -14.98 7.26 42.58
C SER B 99 -15.82 6.38 41.67
N GLY B 100 -15.22 5.78 40.65
CA GLY B 100 -15.95 4.88 39.77
C GLY B 100 -17.05 5.54 38.95
N THR B 101 -16.84 6.77 38.50
CA THR B 101 -17.81 7.46 37.67
C THR B 101 -17.30 7.75 36.27
N MET B 102 -15.99 7.74 36.05
CA MET B 102 -15.39 7.98 34.74
C MET B 102 -14.40 6.88 34.44
N LYS B 103 -14.09 6.70 33.16
CA LYS B 103 -13.11 5.70 32.75
C LYS B 103 -12.17 6.30 31.73
N ALA B 104 -10.87 6.11 31.95
CA ALA B 104 -9.85 6.60 31.03
C ALA B 104 -9.27 5.44 30.24
N VAL B 105 -9.15 5.63 28.93
CA VAL B 105 -8.71 4.58 28.03
C VAL B 105 -7.67 5.13 27.07
N LEU B 106 -6.67 4.32 26.74
CA LEU B 106 -5.71 4.63 25.69
C LEU B 106 -5.96 3.72 24.51
N ARG B 107 -6.11 4.29 23.32
CA ARG B 107 -6.50 3.52 22.15
C ARG B 107 -5.56 3.82 20.99
N LYS B 108 -5.18 2.77 20.26
CA LYS B 108 -4.34 2.93 19.07
C LYS B 108 -5.16 2.60 17.82
N ALA B 109 -5.85 3.62 17.31
CA ALA B 109 -6.70 3.47 16.14
C ALA B 109 -6.39 4.53 15.09
N GLU B 117 -1.26 4.88 11.96
CA GLU B 117 -2.00 4.74 13.21
C GLU B 117 -1.53 5.76 14.24
N LYS B 118 -2.48 6.32 14.99
CA LYS B 118 -2.19 7.29 16.02
C LYS B 118 -2.73 6.79 17.36
N GLN B 119 -2.38 7.49 18.42
CA GLN B 119 -2.79 7.14 19.77
C GLN B 119 -3.68 8.23 20.33
N PHE B 120 -4.82 7.83 20.88
CA PHE B 120 -5.80 8.74 21.45
C PHE B 120 -6.03 8.40 22.92
N LEU B 121 -6.33 9.44 23.70
CA LEU B 121 -6.69 9.30 25.11
C LEU B 121 -8.16 9.68 25.26
N GLU B 122 -8.96 8.77 25.81
CA GLU B 122 -10.41 8.92 25.85
C GLU B 122 -10.90 8.90 27.29
N VAL B 123 -11.86 9.77 27.57
CA VAL B 123 -12.51 9.84 28.87
C VAL B 123 -14.00 9.60 28.67
N TRP B 124 -14.51 8.55 29.32
CA TRP B 124 -15.89 8.10 29.21
C TRP B 124 -16.62 8.34 30.52
N GLU B 125 -17.92 8.63 30.43
CA GLU B 125 -18.78 8.73 31.59
C GLU B 125 -20.21 8.38 31.19
N LYS B 126 -20.80 7.43 31.89
CA LYS B 126 -22.17 6.97 31.62
C LYS B 126 -22.21 6.44 30.19
N ASN B 127 -23.07 6.96 29.31
CA ASN B 127 -23.23 6.47 27.95
C ASN B 127 -22.71 7.48 26.93
N ARG B 128 -21.62 8.16 27.26
CA ARG B 128 -21.06 9.18 26.38
C ARG B 128 -19.55 9.15 26.49
N LYS B 129 -18.86 9.35 25.37
CA LYS B 129 -17.42 9.60 25.38
C LYS B 129 -17.22 11.07 25.70
N LEU B 130 -16.96 11.37 26.98
CA LEU B 130 -16.91 12.76 27.41
C LEU B 130 -15.85 13.55 26.65
N LYS B 131 -14.65 12.98 26.51
CA LYS B 131 -13.58 13.73 25.89
C LYS B 131 -12.62 12.80 25.17
N SER B 132 -11.87 13.37 24.23
CA SER B 132 -10.88 12.63 23.46
C SER B 132 -9.75 13.57 23.04
N PHE B 133 -8.51 13.15 23.24
CA PHE B 133 -7.34 13.94 22.89
C PHE B 133 -6.45 13.14 21.95
N ASN B 134 -5.99 13.78 20.89
CA ASN B 134 -5.07 13.20 19.91
C ASN B 134 -3.65 13.54 20.34
N LEU B 135 -2.98 12.61 21.00
CA LEU B 135 -1.66 12.89 21.54
C LEU B 135 -0.63 13.12 20.45
N SER B 136 -0.76 12.42 19.32
CA SER B 136 0.22 12.55 18.24
C SER B 136 0.25 13.98 17.70
N ALA B 137 -0.91 14.59 17.51
CA ALA B 137 -0.97 15.93 16.93
C ALA B 137 -0.30 16.95 17.85
N LEU B 138 -0.51 16.83 19.16
CA LEU B 138 0.06 17.81 20.10
C LEU B 138 1.57 17.90 19.96
N GLU B 139 2.22 16.78 19.66
CA GLU B 139 3.67 16.76 19.41
C GLU B 139 4.45 17.29 20.61
N LYS B 140 4.30 16.60 21.74
CA LYS B 140 5.05 16.89 22.94
C LYS B 140 5.91 15.73 23.41
N HIS B 141 5.74 14.54 22.85
CA HIS B 141 6.52 13.37 23.24
C HIS B 141 6.35 12.31 22.15
N GLY B 142 6.87 11.12 22.42
CA GLY B 142 6.78 10.03 21.48
C GLY B 142 5.68 9.05 21.83
N PRO B 143 5.81 7.81 21.36
CA PRO B 143 4.80 6.80 21.66
C PRO B 143 4.71 6.54 23.16
N VAL B 144 3.50 6.19 23.59
CA VAL B 144 3.23 5.95 25.01
C VAL B 144 3.71 4.55 25.39
N TYR B 145 4.23 4.42 26.60
CA TYR B 145 4.71 3.14 27.12
C TYR B 145 3.51 2.33 27.62
N GLU B 146 3.25 1.19 26.98
CA GLU B 146 2.12 0.35 27.33
C GLU B 146 2.55 -0.98 27.95
N ASP B 147 3.82 -1.12 28.33
CA ASP B 147 4.31 -2.36 28.90
C ASP B 147 4.06 -2.40 30.40
N ASP B 148 4.54 -3.45 31.05
CA ASP B 148 4.36 -3.66 32.47
C ASP B 148 5.58 -3.27 33.30
N CYS B 149 6.65 -2.80 32.65
CA CYS B 149 7.85 -2.39 33.37
C CYS B 149 7.89 -0.89 33.65
N PHE B 150 7.49 -0.06 32.69
CA PHE B 150 7.43 1.38 32.88
C PHE B 150 6.03 1.96 32.76
N GLY B 151 5.12 1.30 32.03
CA GLY B 151 3.83 1.89 31.77
C GLY B 151 3.01 2.07 33.02
N CYS B 152 2.20 3.13 33.02
CA CYS B 152 1.28 3.43 34.12
C CYS B 152 0.25 4.43 33.62
N LEU B 153 -0.86 4.52 34.35
CA LEU B 153 -1.92 5.47 34.03
C LEU B 153 -2.67 5.75 35.32
N SER B 154 -2.50 6.95 35.86
CA SER B 154 -3.00 7.28 37.19
C SER B 154 -3.87 8.51 37.17
N TRP B 155 -4.88 8.51 38.04
CA TRP B 155 -5.78 9.62 38.25
C TRP B 155 -5.33 10.45 39.44
N SER B 156 -5.73 11.72 39.45
CA SER B 156 -5.53 12.55 40.62
C SER B 156 -6.60 12.24 41.67
N HIS B 157 -6.31 12.60 42.92
CA HIS B 157 -7.30 12.44 43.97
C HIS B 157 -8.49 13.37 43.76
N SER B 158 -8.26 14.52 43.12
CA SER B 158 -9.35 15.42 42.75
C SER B 158 -10.02 15.03 41.44
N GLU B 159 -9.50 14.03 40.73
CA GLU B 159 -10.09 13.55 39.48
C GLU B 159 -10.12 14.66 38.43
N THR B 160 -9.04 15.44 38.36
CA THR B 160 -8.93 16.52 37.39
C THR B 160 -7.71 16.39 36.48
N HIS B 161 -6.75 15.52 36.80
CA HIS B 161 -5.54 15.37 36.00
C HIS B 161 -5.24 13.89 35.80
N LEU B 162 -4.47 13.61 34.75
CA LEU B 162 -4.03 12.26 34.45
C LEU B 162 -2.51 12.22 34.33
N LEU B 163 -1.92 11.12 34.76
CA LEU B 163 -0.47 10.95 34.74
C LEU B 163 -0.10 9.67 34.00
N TYR B 164 0.88 9.77 33.11
CA TYR B 164 1.36 8.59 32.40
C TYR B 164 2.83 8.81 32.02
N VAL B 165 3.38 7.91 31.21
CA VAL B 165 4.78 7.93 30.83
C VAL B 165 4.86 7.76 29.32
N ALA B 166 5.76 8.53 28.68
CA ALA B 166 5.89 8.48 27.23
C ALA B 166 7.34 8.71 26.84
N ASP B 167 7.68 8.27 25.62
CA ASP B 167 9.05 8.40 25.15
C ASP B 167 9.45 9.86 25.00
N LYS B 168 10.71 10.15 25.25
CA LYS B 168 11.21 11.51 25.16
C LYS B 168 11.25 11.97 23.70
N LYS B 169 11.09 13.28 23.51
CA LYS B 169 11.07 13.84 22.16
C LYS B 169 12.48 14.02 21.63
N ARG B 170 12.67 13.67 20.36
CA ARG B 170 13.96 13.77 19.70
C ARG B 170 14.02 15.00 18.79
N PRO B 171 15.15 15.70 18.76
CA PRO B 171 15.29 16.83 17.84
C PRO B 171 15.20 16.38 16.40
N LYS B 172 14.66 17.26 15.56
CA LYS B 172 14.52 16.97 14.14
C LYS B 172 15.86 17.04 13.44
N ALA B 173 16.03 16.18 12.42
CA ALA B 173 17.26 16.12 11.65
C ALA B 173 16.92 15.96 10.17
N GLU B 174 17.86 16.35 9.32
CA GLU B 174 17.67 16.28 7.88
C GLU B 174 19.02 16.07 7.21
N SER B 175 18.97 15.60 5.97
CA SER B 175 20.18 15.32 5.20
C SER B 175 20.80 16.62 4.67
N PHE B 176 22.09 16.54 4.35
CA PHE B 176 22.77 17.70 3.78
C PHE B 176 22.17 18.09 2.44
N PHE B 177 21.93 17.10 1.57
CA PHE B 177 21.45 17.36 0.22
C PHE B 177 19.93 17.28 0.15
N GLN B 178 19.28 18.13 0.95
CA GLN B 178 17.83 18.21 0.98
C GLN B 178 17.40 19.56 0.43
N THR B 179 16.57 19.54 -0.61
CA THR B 179 16.10 20.76 -1.25
C THR B 179 15.07 21.46 -0.38
N LYS B 180 15.09 22.78 -0.41
CA LYS B 180 14.16 23.60 0.36
C LYS B 180 13.29 24.43 -0.58
N ALA B 181 12.10 24.77 -0.10
CA ALA B 181 11.17 25.54 -0.91
C ALA B 181 11.75 26.91 -1.25
N LEU B 182 11.49 27.35 -2.48
CA LEU B 182 12.00 28.65 -2.94
C LEU B 182 10.97 29.74 -2.71
N GLN B 199 16.50 24.82 13.51
CA GLN B 199 15.56 24.32 12.50
C GLN B 199 15.58 22.80 12.45
N ALA B 200 16.70 22.25 11.96
CA ALA B 200 16.84 20.80 11.87
C ALA B 200 18.32 20.49 11.72
N ILE B 201 18.87 19.70 12.63
CA ILE B 201 20.28 19.32 12.58
C ILE B 201 20.55 18.54 11.30
N LYS B 202 21.62 18.90 10.59
CA LYS B 202 21.95 18.25 9.34
C LYS B 202 22.98 17.16 9.58
N GLY B 203 22.70 15.96 9.08
CA GLY B 203 23.61 14.84 9.25
C GLY B 203 23.50 14.13 10.57
N ASP B 204 22.37 14.22 11.26
CA ASP B 204 22.19 13.57 12.55
C ASP B 204 20.98 12.64 12.56
N GLN B 205 20.52 12.20 11.39
CA GLN B 205 19.35 11.35 11.30
C GLN B 205 19.67 9.87 11.44
N PHE B 206 20.94 9.50 11.60
CA PHE B 206 21.34 8.11 11.80
C PHE B 206 22.10 7.92 13.11
N LEU B 207 21.92 8.80 14.08
CA LEU B 207 22.54 8.62 15.38
C LEU B 207 21.97 7.38 16.07
N PHE B 208 22.76 6.81 16.97
CA PHE B 208 22.41 5.57 17.64
C PHE B 208 21.81 5.87 19.01
N TYR B 209 20.59 5.40 19.24
CA TYR B 209 19.91 5.54 20.53
C TYR B 209 19.74 4.15 21.12
N GLU B 210 20.36 3.92 22.27
CA GLU B 210 20.37 2.60 22.89
C GLU B 210 19.04 2.32 23.57
N ASP B 211 18.50 1.12 23.35
CA ASP B 211 17.22 0.73 23.92
C ASP B 211 17.45 -0.16 25.14
N TRP B 212 16.37 -0.72 25.69
CA TRP B 212 16.41 -1.44 26.95
C TRP B 212 16.44 -2.95 26.79
N GLY B 213 16.60 -3.46 25.57
CA GLY B 213 16.82 -4.88 25.39
C GLY B 213 15.68 -5.65 24.75
N GLU B 214 15.49 -6.89 25.20
CA GLU B 214 14.50 -7.77 24.59
C GLU B 214 13.10 -7.22 24.78
N ASN B 215 12.32 -7.26 23.70
CA ASN B 215 10.92 -6.82 23.69
C ASN B 215 10.77 -5.36 24.07
N MET B 216 11.86 -4.59 23.97
CA MET B 216 11.86 -3.16 24.32
C MET B 216 12.46 -2.35 23.20
N VAL B 217 12.26 -2.79 21.95
CA VAL B 217 12.88 -2.12 20.82
C VAL B 217 12.34 -0.70 20.70
N SER B 218 13.25 0.26 20.51
CA SER B 218 12.90 1.66 20.30
C SER B 218 12.39 2.33 21.57
N LYS B 219 12.77 1.81 22.74
CA LYS B 219 12.39 2.38 24.03
C LYS B 219 13.68 2.76 24.75
N SER B 220 14.04 4.04 24.67
CA SER B 220 15.32 4.52 25.19
C SER B 220 15.18 5.30 26.49
N THR B 221 14.37 6.35 26.50
CA THR B 221 14.27 7.21 27.68
C THR B 221 12.84 7.68 27.90
N PRO B 222 12.14 7.16 28.90
CA PRO B 222 10.79 7.62 29.19
C PRO B 222 10.79 8.93 29.97
N VAL B 223 9.62 9.55 30.02
CA VAL B 223 9.42 10.80 30.74
C VAL B 223 7.98 10.84 31.25
N LEU B 224 7.79 11.51 32.37
CA LEU B 224 6.48 11.63 33.01
C LEU B 224 5.69 12.75 32.35
N CYS B 225 4.44 12.45 32.00
CA CYS B 225 3.55 13.41 31.34
C CYS B 225 2.29 13.57 32.16
N VAL B 226 1.88 14.83 32.37
CA VAL B 226 0.68 15.17 33.13
C VAL B 226 -0.27 15.91 32.19
N LEU B 227 -1.51 15.45 32.12
CA LEU B 227 -2.52 16.01 31.25
C LEU B 227 -3.66 16.57 32.08
N ASP B 228 -4.13 17.76 31.69
CA ASP B 228 -5.24 18.43 32.35
C ASP B 228 -6.50 18.20 31.53
N ILE B 229 -7.51 17.59 32.16
CA ILE B 229 -8.72 17.22 31.43
C ILE B 229 -9.52 18.46 31.05
N GLU B 230 -9.65 19.41 31.97
CA GLU B 230 -10.48 20.58 31.72
C GLU B 230 -10.02 21.35 30.49
N SER B 231 -8.79 21.86 30.52
CA SER B 231 -8.28 22.63 29.41
C SER B 231 -7.81 21.74 28.26
N GLY B 232 -6.86 20.86 28.54
CA GLY B 232 -6.34 19.96 27.52
C GLY B 232 -4.88 20.21 27.21
N ASN B 233 -4.14 20.72 28.19
CA ASN B 233 -2.73 21.03 28.02
C ASN B 233 -1.87 19.96 28.69
N ILE B 234 -0.88 19.45 27.95
CA ILE B 234 0.03 18.43 28.44
C ILE B 234 1.31 19.09 28.90
N SER B 235 1.89 18.57 29.99
CA SER B 235 3.14 19.11 30.52
C SER B 235 4.07 17.96 30.86
N VAL B 236 5.35 18.15 30.57
CA VAL B 236 6.39 17.19 30.91
C VAL B 236 7.10 17.68 32.17
N LEU B 237 7.07 16.86 33.22
CA LEU B 237 7.63 17.27 34.49
C LEU B 237 9.13 17.47 34.40
N GLU B 238 9.63 18.47 35.12
CA GLU B 238 11.05 18.78 35.17
C GLU B 238 11.56 18.62 36.59
N GLY B 239 12.74 18.02 36.72
CA GLY B 239 13.33 17.78 38.03
C GLY B 239 13.87 16.38 38.18
N VAL B 240 13.53 15.51 37.24
CA VAL B 240 14.01 14.12 37.28
C VAL B 240 15.52 14.12 37.05
N PRO B 241 16.27 13.22 37.69
CA PRO B 241 17.72 13.17 37.44
C PRO B 241 18.01 12.85 35.98
N GLU B 242 19.12 13.39 35.49
CA GLU B 242 19.47 13.25 34.07
C GLU B 242 19.93 11.85 33.72
N SER B 243 20.14 10.97 34.70
CA SER B 243 20.69 9.64 34.44
C SER B 243 19.79 8.54 34.99
N VAL B 244 18.47 8.75 35.01
CA VAL B 244 17.53 7.74 35.49
C VAL B 244 16.31 7.72 34.59
N SER B 245 15.83 6.52 34.29
CA SER B 245 14.58 6.33 33.58
C SER B 245 13.45 6.18 34.58
N PRO B 246 12.43 7.03 34.58
CA PRO B 246 11.35 6.93 35.56
C PRO B 246 10.22 6.01 35.11
N GLY B 247 9.51 5.49 36.09
CA GLY B 247 8.38 4.62 35.81
C GLY B 247 7.57 4.37 37.06
N GLN B 248 6.46 3.65 36.86
CA GLN B 248 5.57 3.23 37.94
C GLN B 248 5.32 4.35 38.93
N ALA B 249 4.70 5.41 38.44
CA ALA B 249 4.45 6.61 39.21
C ALA B 249 2.99 6.72 39.63
N PHE B 250 2.76 7.41 40.74
CA PHE B 250 1.41 7.69 41.23
C PHE B 250 1.43 9.01 41.98
N TRP B 251 0.26 9.62 42.09
CA TRP B 251 0.16 10.93 42.74
C TRP B 251 0.40 10.80 44.23
N ALA B 252 1.12 11.77 44.79
CA ALA B 252 1.39 11.80 46.21
C ALA B 252 0.17 12.29 46.97
N PRO B 253 0.11 12.02 48.28
CA PRO B 253 -1.03 12.50 49.08
C PRO B 253 -1.20 14.01 48.95
N GLY B 254 -2.44 14.44 48.77
CA GLY B 254 -2.73 15.85 48.60
C GLY B 254 -2.49 16.39 47.21
N ASP B 255 -2.08 15.55 46.26
CA ASP B 255 -1.82 15.98 44.88
C ASP B 255 -0.76 17.08 44.83
N THR B 256 0.22 16.99 45.74
CA THR B 256 1.31 17.95 45.78
C THR B 256 2.53 17.51 44.97
N GLY B 257 2.53 16.31 44.44
CA GLY B 257 3.67 15.84 43.68
C GLY B 257 3.44 14.47 43.11
N VAL B 258 4.54 13.85 42.67
CA VAL B 258 4.49 12.54 42.03
C VAL B 258 5.61 11.67 42.60
N VAL B 259 5.28 10.41 42.87
CA VAL B 259 6.24 9.42 43.36
C VAL B 259 6.46 8.40 42.26
N PHE B 260 7.73 8.08 42.00
CA PHE B 260 8.08 7.19 40.91
C PHE B 260 9.30 6.37 41.28
N VAL B 261 9.64 5.42 40.41
CA VAL B 261 10.82 4.57 40.55
C VAL B 261 11.77 4.88 39.40
N GLY B 262 13.03 5.15 39.73
CA GLY B 262 14.03 5.49 38.75
C GLY B 262 15.05 4.38 38.60
N TRP B 263 15.25 3.94 37.37
CA TRP B 263 16.22 2.92 37.03
C TRP B 263 17.47 3.58 36.45
N TRP B 264 18.64 3.21 36.96
CA TRP B 264 19.88 3.77 36.47
C TRP B 264 20.21 3.20 35.10
N HIS B 265 20.59 4.08 34.17
CA HIS B 265 20.97 3.69 32.82
C HIS B 265 22.35 4.25 32.46
N GLU B 266 23.28 4.22 33.41
CA GLU B 266 24.66 4.61 33.19
C GLU B 266 25.58 3.54 33.75
N PRO B 267 26.68 3.24 33.06
CA PRO B 267 27.14 3.84 31.81
C PRO B 267 26.39 3.32 30.59
N PHE B 268 25.73 2.17 30.69
CA PHE B 268 24.95 1.65 29.58
C PHE B 268 23.83 0.76 30.13
N ARG B 269 22.82 0.54 29.29
CA ARG B 269 21.62 -0.17 29.70
C ARG B 269 21.82 -1.67 29.65
N LEU B 270 21.17 -2.37 30.58
CA LEU B 270 21.13 -3.82 30.61
C LEU B 270 19.70 -4.31 30.44
N GLY B 271 19.55 -5.59 30.14
CA GLY B 271 18.24 -6.17 29.94
C GLY B 271 17.33 -5.98 31.13
N ILE B 272 16.05 -5.70 30.88
CA ILE B 272 15.10 -5.42 31.94
C ILE B 272 14.00 -6.46 32.05
N ARG B 273 13.79 -7.30 31.03
CA ARG B 273 12.75 -8.32 31.08
C ARG B 273 13.19 -9.47 31.97
N PHE B 274 12.31 -9.88 32.89
CA PHE B 274 12.56 -11.02 33.75
C PHE B 274 13.88 -10.88 34.51
N CYS B 275 14.15 -9.66 34.97
CA CYS B 275 15.39 -9.39 35.70
C CYS B 275 15.08 -8.37 36.78
N THR B 276 15.17 -8.80 38.04
CA THR B 276 14.88 -7.93 39.18
C THR B 276 16.14 -7.42 39.86
N ASN B 277 17.32 -7.65 39.28
CA ASN B 277 18.59 -7.24 39.87
C ASN B 277 19.16 -6.01 39.17
N ARG B 278 18.28 -5.09 38.77
CA ARG B 278 18.70 -3.85 38.12
C ARG B 278 18.62 -2.70 39.11
N ARG B 279 19.70 -1.93 39.21
CA ARG B 279 19.77 -0.85 40.19
C ARG B 279 18.64 0.14 39.95
N SER B 280 18.02 0.57 41.05
CA SER B 280 16.90 1.51 40.97
C SER B 280 16.67 2.11 42.36
N ALA B 281 15.84 3.15 42.39
CA ALA B 281 15.54 3.85 43.63
C ALA B 281 14.13 4.45 43.53
N LEU B 282 13.68 5.00 44.66
CA LEU B 282 12.34 5.57 44.78
C LEU B 282 12.46 7.07 45.00
N TYR B 283 11.84 7.86 44.11
CA TYR B 283 11.94 9.31 44.16
C TYR B 283 10.56 9.94 44.26
N TYR B 284 10.55 11.19 44.75
CA TYR B 284 9.35 12.02 44.81
C TYR B 284 9.72 13.42 44.34
N VAL B 285 8.90 13.98 43.46
CA VAL B 285 9.17 15.29 42.86
C VAL B 285 7.90 16.11 42.84
N ASP B 286 8.02 17.40 43.18
CA ASP B 286 6.87 18.29 43.21
C ASP B 286 6.44 18.65 41.79
N LEU B 287 5.16 19.06 41.67
CA LEU B 287 4.63 19.42 40.37
C LEU B 287 5.38 20.61 39.78
N THR B 288 5.59 21.66 40.57
CA THR B 288 6.36 22.81 40.12
C THR B 288 7.83 22.45 40.03
N GLY B 289 8.58 23.25 39.26
CA GLY B 289 10.00 23.01 39.11
C GLY B 289 10.71 22.90 40.45
N GLY B 290 11.45 21.82 40.64
CA GLY B 290 12.10 21.59 41.92
C GLY B 290 13.12 20.48 41.81
N LYS B 291 13.62 20.06 42.97
CA LYS B 291 14.65 19.04 43.07
C LYS B 291 14.06 17.73 43.59
N CYS B 292 14.45 16.63 42.97
CA CYS B 292 13.97 15.32 43.38
C CYS B 292 14.44 14.99 44.80
N GLU B 293 13.60 14.28 45.53
CA GLU B 293 13.90 13.86 46.89
C GLU B 293 13.98 12.34 46.95
N LEU B 294 15.01 11.82 47.61
CA LEU B 294 15.22 10.39 47.70
C LEU B 294 14.50 9.81 48.92
N LEU B 295 13.84 8.68 48.74
CA LEU B 295 13.04 8.06 49.79
C LEU B 295 13.52 6.67 50.16
N SER B 296 14.64 6.20 49.60
CA SER B 296 15.14 4.87 49.89
C SER B 296 16.66 4.89 49.76
N ASP B 297 17.25 3.70 49.72
CA ASP B 297 18.70 3.55 49.57
C ASP B 297 19.04 3.31 48.11
N GLU B 298 19.99 4.08 47.60
CA GLU B 298 20.39 4.00 46.18
C GLU B 298 21.55 3.04 45.99
N SER B 299 21.40 1.81 46.47
CA SER B 299 22.40 0.77 46.27
C SER B 299 21.82 -0.59 45.92
N VAL B 300 20.53 -0.81 46.09
CA VAL B 300 19.91 -2.11 45.84
C VAL B 300 18.71 -1.91 44.92
N ALA B 301 17.98 -2.98 44.63
CA ALA B 301 16.84 -2.91 43.73
C ALA B 301 15.57 -2.65 44.52
N VAL B 302 14.68 -1.82 43.97
CA VAL B 302 13.37 -1.57 44.57
C VAL B 302 12.33 -1.58 43.47
N THR B 303 11.08 -1.84 43.85
CA THR B 303 10.03 -1.90 42.85
C THR B 303 8.67 -1.99 43.52
N SER B 304 7.62 -1.81 42.70
CA SER B 304 6.23 -2.05 43.04
C SER B 304 5.80 -1.33 44.30
N PRO B 305 5.80 0.00 44.31
CA PRO B 305 5.25 0.73 45.46
C PRO B 305 3.74 0.86 45.37
N ARG B 306 3.11 0.86 46.55
CA ARG B 306 1.67 0.98 46.67
C ARG B 306 1.32 1.87 47.84
N LEU B 307 0.32 2.73 47.66
CA LEU B 307 -0.09 3.69 48.68
C LEU B 307 -1.33 3.18 49.40
N SER B 308 -1.36 3.36 50.72
CA SER B 308 -2.44 2.84 51.53
C SER B 308 -3.73 3.61 51.26
N PRO B 309 -4.88 2.99 51.53
CA PRO B 309 -6.16 3.68 51.27
C PRO B 309 -6.31 4.98 52.01
N ASP B 310 -5.80 5.08 53.23
CA ASP B 310 -5.94 6.30 54.03
C ASP B 310 -4.86 7.33 53.72
N GLN B 311 -3.93 7.01 52.81
CA GLN B 311 -2.93 7.97 52.35
C GLN B 311 -1.99 8.38 53.49
N CYS B 312 -1.41 7.38 54.16
CA CYS B 312 -0.48 7.64 55.24
C CYS B 312 0.79 6.79 55.20
N ARG B 313 0.87 5.77 54.35
CA ARG B 313 2.04 4.91 54.33
C ARG B 313 2.17 4.27 52.95
N ILE B 314 3.36 3.75 52.67
CA ILE B 314 3.67 3.11 51.40
C ILE B 314 4.39 1.81 51.68
N VAL B 315 4.24 0.83 50.78
CA VAL B 315 4.88 -0.47 50.89
C VAL B 315 5.45 -0.85 49.53
N TYR B 316 6.65 -1.42 49.53
CA TYR B 316 7.29 -1.77 48.27
C TYR B 316 8.19 -3.00 48.46
N LEU B 317 8.69 -3.52 47.35
CA LEU B 317 9.56 -4.69 47.34
C LEU B 317 11.00 -4.27 47.15
N ARG B 318 11.89 -4.82 47.96
CA ARG B 318 13.32 -4.50 47.89
C ARG B 318 14.13 -5.78 47.72
N PHE B 319 15.04 -5.76 46.76
CA PHE B 319 15.96 -6.86 46.50
C PHE B 319 17.37 -6.42 46.84
N PRO B 320 18.02 -7.04 47.83
CA PRO B 320 19.32 -6.55 48.31
C PRO B 320 20.46 -6.71 47.32
N SER B 321 20.65 -7.91 46.78
CA SER B 321 21.80 -8.21 45.93
C SER B 321 21.43 -8.13 44.46
N LEU B 322 22.45 -7.88 43.64
CA LEU B 322 22.29 -7.76 42.20
C LEU B 322 22.90 -8.92 41.43
N VAL B 323 23.39 -9.95 42.13
CA VAL B 323 24.06 -11.07 41.48
C VAL B 323 23.06 -11.87 40.67
N PRO B 324 22.07 -12.51 41.29
CA PRO B 324 21.13 -13.32 40.52
C PRO B 324 20.01 -12.49 39.92
N HIS B 325 19.47 -12.99 38.80
CA HIS B 325 18.39 -12.28 38.11
C HIS B 325 17.03 -12.51 38.74
N GLN B 326 16.94 -13.40 39.73
CA GLN B 326 15.69 -13.65 40.44
C GLN B 326 16.02 -14.27 41.79
N GLN B 327 15.42 -13.73 42.85
CA GLN B 327 15.76 -14.14 44.20
C GLN B 327 14.60 -13.81 45.13
N CYS B 328 14.78 -14.12 46.41
CA CYS B 328 13.79 -13.80 47.42
C CYS B 328 13.94 -12.34 47.84
N GLY B 329 12.80 -11.64 47.95
CA GLY B 329 12.78 -10.23 48.26
C GLY B 329 12.28 -9.92 49.66
N GLN B 330 12.34 -8.63 49.98
CA GLN B 330 11.88 -8.10 51.25
C GLN B 330 10.73 -7.14 51.03
N LEU B 331 9.85 -7.05 52.02
CA LEU B 331 8.73 -6.12 52.00
C LEU B 331 9.05 -4.96 52.94
N CYS B 332 9.11 -3.75 52.39
CA CYS B 332 9.52 -2.58 53.15
C CYS B 332 8.36 -1.59 53.26
N LEU B 333 8.28 -0.94 54.41
CA LEU B 333 7.24 0.02 54.74
C LEU B 333 7.86 1.39 54.99
N TYR B 334 7.22 2.43 54.47
CA TYR B 334 7.68 3.80 54.63
C TYR B 334 6.52 4.67 55.10
N ASP B 335 6.73 5.41 56.18
CA ASP B 335 5.71 6.28 56.75
C ASP B 335 5.86 7.68 56.19
N TRP B 336 4.78 8.22 55.63
CA TRP B 336 4.86 9.49 54.93
C TRP B 336 5.07 10.68 55.85
N TYR B 337 4.63 10.59 57.10
CA TYR B 337 4.71 11.72 58.03
C TYR B 337 5.86 11.63 59.01
N THR B 338 6.18 10.44 59.51
CA THR B 338 7.33 10.28 60.38
C THR B 338 8.63 10.08 59.59
N ARG B 339 8.54 9.73 58.31
CA ARG B 339 9.72 9.51 57.47
C ARG B 339 10.62 8.45 58.08
N VAL B 340 10.04 7.29 58.39
CA VAL B 340 10.74 6.18 59.00
C VAL B 340 10.50 4.93 58.16
N THR B 341 11.57 4.18 57.90
CA THR B 341 11.50 2.96 57.11
C THR B 341 11.75 1.75 57.99
N SER B 342 11.00 0.67 57.73
CA SER B 342 11.12 -0.57 58.49
C SER B 342 10.92 -1.74 57.55
N VAL B 343 11.28 -2.93 58.03
CA VAL B 343 11.18 -4.17 57.27
C VAL B 343 10.03 -4.99 57.85
N VAL B 344 9.09 -5.38 57.00
CA VAL B 344 7.93 -6.15 57.44
C VAL B 344 8.22 -7.64 57.28
N VAL B 345 8.53 -8.05 56.06
CA VAL B 345 8.84 -9.44 55.74
C VAL B 345 10.27 -9.49 55.22
N ASP B 346 11.10 -10.33 55.84
CA ASP B 346 12.52 -10.42 55.55
C ASP B 346 12.81 -11.65 54.70
N ILE B 347 14.09 -11.95 54.51
CA ILE B 347 14.52 -13.08 53.69
C ILE B 347 14.30 -14.38 54.46
N VAL B 348 13.87 -15.41 53.75
CA VAL B 348 13.64 -16.74 54.32
C VAL B 348 14.74 -17.66 53.79
N PRO B 349 15.70 -18.08 54.62
CA PRO B 349 16.78 -18.94 54.10
C PRO B 349 16.27 -20.25 53.51
N ARG B 350 15.57 -21.06 54.30
CA ARG B 350 15.01 -22.32 53.82
C ARG B 350 13.50 -22.37 53.93
N GLN B 351 12.95 -22.11 55.12
CA GLN B 351 11.51 -22.20 55.31
C GLN B 351 11.09 -21.54 56.62
N LEU B 352 10.06 -20.70 56.56
CA LEU B 352 9.49 -20.07 57.75
C LEU B 352 8.19 -20.78 58.09
N GLY B 353 8.23 -21.58 59.14
CA GLY B 353 7.07 -22.41 59.45
C GLY B 353 6.99 -23.59 58.50
N GLU B 354 5.76 -23.96 58.12
CA GLU B 354 5.53 -25.03 57.18
C GLU B 354 4.63 -24.61 56.03
N ASP B 355 4.42 -23.29 55.85
CA ASP B 355 3.53 -22.80 54.81
C ASP B 355 4.09 -21.61 54.04
N PHE B 356 5.26 -21.10 54.39
CA PHE B 356 5.83 -19.94 53.75
C PHE B 356 7.29 -20.19 53.41
N SER B 357 7.73 -19.64 52.28
CA SER B 357 9.11 -19.80 51.84
C SER B 357 9.74 -18.53 51.31
N GLY B 358 9.04 -17.40 51.32
CA GLY B 358 9.58 -16.14 50.85
C GLY B 358 8.70 -15.53 49.76
N ILE B 359 9.06 -14.30 49.42
CA ILE B 359 8.36 -13.52 48.39
C ILE B 359 9.17 -13.63 47.11
N TYR B 360 8.66 -14.38 46.14
CA TYR B 360 9.34 -14.60 44.87
C TYR B 360 8.63 -13.93 43.71
N CYS B 361 7.66 -13.07 43.98
CA CYS B 361 6.96 -12.35 42.92
C CYS B 361 7.72 -11.07 42.58
N SER B 362 7.29 -10.40 41.51
CA SER B 362 7.90 -9.16 41.09
C SER B 362 6.94 -8.00 40.96
N LEU B 363 5.64 -8.22 41.13
CA LEU B 363 4.66 -7.14 41.05
C LEU B 363 3.53 -7.42 42.03
N LEU B 364 3.24 -6.46 42.89
CA LEU B 364 2.07 -6.55 43.75
C LEU B 364 0.82 -6.14 42.98
N PRO B 365 -0.35 -6.64 43.38
CA PRO B 365 -1.58 -6.22 42.70
C PRO B 365 -1.82 -4.74 42.86
N LEU B 366 -2.52 -4.15 41.89
CA LEU B 366 -2.82 -2.73 41.95
C LEU B 366 -3.59 -2.39 43.23
N GLY B 367 -4.54 -3.23 43.61
CA GLY B 367 -5.18 -3.11 44.90
C GLY B 367 -4.74 -4.23 45.83
N CYS B 368 -3.91 -3.90 46.81
CA CYS B 368 -3.38 -4.90 47.74
C CYS B 368 -3.59 -4.56 49.20
N TRP B 369 -4.23 -3.44 49.51
CA TRP B 369 -4.43 -3.02 50.89
C TRP B 369 -5.83 -3.39 51.36
N SER B 370 -5.92 -3.79 52.63
CA SER B 370 -7.22 -4.02 53.24
C SER B 370 -7.86 -2.69 53.59
N ALA B 371 -9.15 -2.75 53.95
CA ALA B 371 -9.90 -1.52 54.19
C ALA B 371 -9.30 -0.71 55.33
N ASP B 372 -8.92 -1.37 56.43
CA ASP B 372 -8.43 -0.67 57.60
C ASP B 372 -7.01 -0.12 57.41
N SER B 373 -6.33 -0.47 56.31
CA SER B 373 -4.97 0.00 56.06
C SER B 373 -3.98 -0.59 57.06
N GLN B 374 -4.14 -1.87 57.38
CA GLN B 374 -3.26 -2.57 58.30
C GLN B 374 -2.71 -3.87 57.77
N ARG B 375 -3.32 -4.40 56.72
CA ARG B 375 -2.91 -5.72 56.18
C ARG B 375 -2.68 -5.65 54.68
N VAL B 376 -1.79 -6.49 54.16
CA VAL B 376 -1.49 -6.56 52.73
C VAL B 376 -1.67 -7.99 52.27
N VAL B 377 -2.36 -8.18 51.14
CA VAL B 377 -2.66 -9.49 50.60
C VAL B 377 -1.92 -9.65 49.28
N PHE B 378 -1.22 -10.76 49.13
CA PHE B 378 -0.50 -11.03 47.89
C PHE B 378 -0.50 -12.52 47.63
N ASP B 379 0.22 -12.94 46.59
CA ASP B 379 0.36 -14.36 46.27
C ASP B 379 1.82 -14.65 45.93
N SER B 380 2.22 -15.90 46.15
CA SER B 380 3.61 -16.28 45.96
C SER B 380 3.69 -17.78 45.77
N PRO B 381 4.76 -18.28 45.16
CA PRO B 381 4.95 -19.73 45.00
C PRO B 381 5.46 -20.36 46.28
N GLN B 382 4.80 -21.43 46.71
CA GLN B 382 5.22 -22.24 47.84
C GLN B 382 5.47 -23.66 47.33
N ARG B 383 6.71 -24.11 47.38
CA ARG B 383 7.11 -25.42 46.88
C ARG B 383 6.71 -25.49 45.41
N SER B 384 5.87 -26.45 45.00
CA SER B 384 5.46 -26.58 43.61
C SER B 384 4.09 -25.98 43.35
N ARG B 385 3.49 -25.32 44.34
CA ARG B 385 2.17 -24.73 44.22
C ARG B 385 2.26 -23.22 44.36
N GLN B 386 1.13 -22.54 44.20
CA GLN B 386 1.07 -21.10 44.37
C GLN B 386 -0.06 -20.78 45.34
N ASP B 387 0.22 -19.93 46.32
CA ASP B 387 -0.72 -19.67 47.40
C ASP B 387 -0.89 -18.18 47.62
N LEU B 388 -1.93 -17.83 48.37
CA LEU B 388 -2.24 -16.46 48.75
C LEU B 388 -1.89 -16.27 50.22
N PHE B 389 -1.23 -15.16 50.52
CA PHE B 389 -0.81 -14.85 51.88
C PHE B 389 -1.28 -13.46 52.28
N ALA B 390 -1.48 -13.29 53.59
CA ALA B 390 -1.85 -12.02 54.19
C ALA B 390 -0.83 -11.67 55.25
N VAL B 391 -0.35 -10.42 55.23
CA VAL B 391 0.69 -9.96 56.14
C VAL B 391 0.16 -8.77 56.92
N ASP B 392 0.37 -8.80 58.23
CA ASP B 392 -0.03 -7.71 59.13
C ASP B 392 1.18 -6.81 59.33
N THR B 393 1.10 -5.59 58.78
CA THR B 393 2.24 -4.68 58.82
C THR B 393 2.58 -4.23 60.24
N GLN B 394 1.67 -4.44 61.19
CA GLN B 394 1.96 -4.04 62.57
C GLN B 394 2.86 -5.04 63.27
N MET B 395 2.42 -6.30 63.35
CA MET B 395 3.21 -7.33 64.01
C MET B 395 4.28 -7.89 63.08
N GLY B 396 3.86 -8.43 61.94
CA GLY B 396 4.80 -9.00 60.98
C GLY B 396 4.49 -10.45 60.64
N SER B 397 3.41 -10.98 61.21
CA SER B 397 3.04 -12.35 60.94
C SER B 397 2.50 -12.51 59.52
N VAL B 398 2.72 -13.69 58.96
CA VAL B 398 2.25 -14.04 57.62
C VAL B 398 1.33 -15.24 57.75
N THR B 399 0.12 -15.13 57.20
CA THR B 399 -0.89 -16.17 57.29
C THR B 399 -1.26 -16.64 55.89
N SER B 400 -1.34 -17.97 55.72
CA SER B 400 -1.68 -18.56 54.44
C SER B 400 -3.17 -18.82 54.37
N LEU B 401 -3.82 -18.27 53.34
CA LEU B 401 -5.26 -18.41 53.18
C LEU B 401 -5.67 -19.72 52.51
N THR B 402 -4.83 -20.26 51.63
CA THR B 402 -5.17 -21.46 50.86
C THR B 402 -4.32 -22.66 51.26
N ALA B 403 -3.91 -22.71 52.53
CA ALA B 403 -3.10 -23.84 52.99
C ALA B 403 -3.92 -25.12 52.96
N GLY B 404 -3.22 -26.25 52.89
CA GLY B 404 -3.86 -27.54 52.84
C GLY B 404 -4.35 -27.90 51.46
N GLY B 405 -5.10 -28.99 51.41
CA GLY B 405 -5.64 -29.48 50.16
C GLY B 405 -4.60 -30.26 49.35
N SER B 406 -5.00 -30.59 48.12
CA SER B 406 -4.14 -31.35 47.23
C SER B 406 -3.20 -30.46 46.40
N GLY B 407 -3.49 -29.16 46.33
CA GLY B 407 -2.66 -28.23 45.58
C GLY B 407 -3.49 -27.45 44.59
N GLY B 408 -2.81 -26.59 43.86
CA GLY B 408 -3.44 -25.77 42.85
C GLY B 408 -2.68 -24.48 42.65
N SER B 409 -3.23 -23.64 41.78
CA SER B 409 -2.64 -22.35 41.45
C SER B 409 -3.69 -21.26 41.64
N TRP B 410 -3.41 -20.34 42.55
CA TRP B 410 -4.26 -19.19 42.82
C TRP B 410 -3.56 -17.92 42.34
N LYS B 411 -4.36 -16.95 41.88
CA LYS B 411 -3.84 -15.67 41.42
C LYS B 411 -4.81 -14.58 41.85
N LEU B 412 -4.35 -13.66 42.69
CA LEU B 412 -5.18 -12.55 43.15
C LEU B 412 -5.19 -11.44 42.10
N LEU B 413 -6.38 -10.92 41.79
CA LEU B 413 -6.51 -9.88 40.78
C LEU B 413 -6.81 -8.51 41.34
N THR B 414 -7.52 -8.43 42.47
CA THR B 414 -7.82 -7.13 43.07
C THR B 414 -8.55 -7.30 44.40
N ILE B 415 -8.41 -6.32 45.29
CA ILE B 415 -9.14 -6.28 46.55
C ILE B 415 -9.63 -4.86 46.76
N ASP B 416 -10.91 -4.72 47.12
CA ASP B 416 -11.49 -3.40 47.35
C ASP B 416 -12.54 -3.53 48.44
N ARG B 417 -12.35 -2.81 49.54
CA ARG B 417 -13.27 -2.87 50.68
C ARG B 417 -13.45 -4.30 51.16
N ASP B 418 -12.35 -5.05 51.20
CA ASP B 418 -12.31 -6.41 51.74
C ASP B 418 -13.03 -7.42 50.84
N LEU B 419 -13.09 -7.15 49.54
CA LEU B 419 -13.65 -8.08 48.56
C LEU B 419 -12.54 -8.48 47.60
N MET B 420 -12.17 -9.75 47.62
CA MET B 420 -11.07 -10.27 46.81
C MET B 420 -11.61 -11.02 45.61
N VAL B 421 -11.00 -10.80 44.45
CA VAL B 421 -11.28 -11.53 43.23
C VAL B 421 -10.05 -12.35 42.88
N VAL B 422 -10.25 -13.64 42.59
CA VAL B 422 -9.13 -14.55 42.37
C VAL B 422 -9.42 -15.47 41.19
N GLN B 423 -8.34 -16.01 40.65
CA GLN B 423 -8.36 -17.02 39.61
C GLN B 423 -7.76 -18.31 40.16
N PHE B 424 -8.40 -19.43 39.85
CA PHE B 424 -7.95 -20.73 40.32
C PHE B 424 -7.80 -21.68 39.15
N SER B 425 -6.73 -22.48 39.17
CA SER B 425 -6.52 -23.44 38.09
C SER B 425 -5.65 -24.58 38.60
N THR B 426 -5.72 -25.70 37.88
CA THR B 426 -4.91 -26.88 38.18
C THR B 426 -4.50 -27.55 36.89
N PRO B 427 -3.59 -28.54 36.94
CA PRO B 427 -3.15 -29.17 35.69
C PRO B 427 -4.26 -29.85 34.90
N SER B 428 -5.35 -30.24 35.55
CA SER B 428 -6.45 -30.91 34.88
C SER B 428 -7.74 -30.09 34.92
N VAL B 429 -7.64 -28.79 35.13
CA VAL B 429 -8.82 -27.92 35.20
C VAL B 429 -8.45 -26.53 34.71
N PRO B 430 -9.03 -26.06 33.61
CA PRO B 430 -8.69 -24.73 33.10
C PRO B 430 -9.03 -23.66 34.12
N PRO B 431 -8.65 -22.41 33.86
CA PRO B 431 -8.87 -21.34 34.84
C PRO B 431 -10.35 -21.12 35.12
N SER B 432 -10.63 -20.74 36.37
CA SER B 432 -11.97 -20.37 36.81
C SER B 432 -11.87 -19.17 37.73
N LEU B 433 -12.98 -18.45 37.87
CA LEU B 433 -13.01 -17.18 38.58
C LEU B 433 -13.78 -17.34 39.89
N LYS B 434 -13.34 -16.62 40.92
CA LYS B 434 -13.99 -16.70 42.23
C LYS B 434 -13.87 -15.35 42.92
N VAL B 435 -14.78 -15.13 43.89
CA VAL B 435 -14.76 -13.94 44.73
C VAL B 435 -14.95 -14.37 46.18
N GLY B 436 -14.51 -13.52 47.09
CA GLY B 436 -14.61 -13.82 48.50
C GLY B 436 -14.46 -12.58 49.35
N PHE B 437 -14.79 -12.74 50.63
CA PHE B 437 -14.64 -11.67 51.61
C PHE B 437 -13.50 -12.01 52.57
N LEU B 438 -12.61 -11.05 52.78
CA LEU B 438 -11.50 -11.27 53.70
C LEU B 438 -11.99 -11.25 55.14
N PRO B 439 -11.77 -12.31 55.91
CA PRO B 439 -12.28 -12.35 57.29
C PRO B 439 -11.56 -11.34 58.16
N PRO B 440 -12.06 -11.10 59.37
CA PRO B 440 -11.38 -10.14 60.27
C PRO B 440 -9.99 -10.59 60.65
N ALA B 441 -9.27 -9.76 61.39
CA ALA B 441 -7.90 -10.09 61.78
C ALA B 441 -7.90 -11.33 62.67
N GLY B 442 -6.94 -12.22 62.41
CA GLY B 442 -6.81 -13.43 63.20
C GLY B 442 -7.74 -14.55 62.79
N LYS B 443 -8.46 -14.42 61.67
CA LYS B 443 -9.36 -15.48 61.22
C LYS B 443 -9.29 -15.68 59.70
N GLU B 444 -8.13 -15.43 59.10
CA GLU B 444 -8.04 -15.52 57.61
C GLU B 444 -8.16 -16.98 57.14
N GLN B 445 -8.01 -17.95 58.05
CA GLN B 445 -8.00 -19.38 57.61
C GLN B 445 -9.44 -19.90 57.44
N ALA B 446 -10.43 -19.01 57.38
CA ALA B 446 -11.82 -19.42 57.21
C ALA B 446 -12.51 -18.59 56.14
N VAL B 447 -11.84 -18.38 55.01
CA VAL B 447 -12.42 -17.64 53.91
C VAL B 447 -13.34 -18.54 53.11
N SER B 448 -14.47 -18.00 52.66
CA SER B 448 -15.45 -18.75 51.88
C SER B 448 -15.48 -18.19 50.46
N TRP B 449 -15.31 -19.07 49.49
CA TRP B 449 -15.27 -18.68 48.08
C TRP B 449 -16.60 -18.98 47.41
N VAL B 450 -16.97 -18.13 46.46
CA VAL B 450 -18.18 -18.29 45.67
C VAL B 450 -17.79 -18.26 44.20
N SER B 451 -18.26 -19.24 43.44
CA SER B 451 -17.89 -19.36 42.04
C SER B 451 -18.67 -18.39 41.18
N LEU B 452 -17.97 -17.75 40.24
CA LEU B 452 -18.59 -16.90 39.23
C LEU B 452 -18.54 -17.49 37.83
N GLU B 453 -17.41 -18.08 37.44
CA GLU B 453 -17.31 -18.80 36.18
C GLU B 453 -16.45 -20.04 36.43
N GLU B 454 -17.02 -21.21 36.13
CA GLU B 454 -16.36 -22.48 36.35
C GLU B 454 -16.09 -23.17 35.02
N ALA B 455 -15.07 -24.02 35.02
CA ALA B 455 -14.63 -24.72 33.82
C ALA B 455 -14.83 -26.22 33.98
N GLU B 456 -15.05 -26.89 32.86
CA GLU B 456 -15.27 -28.34 32.87
C GLU B 456 -13.94 -29.06 33.01
N PRO B 457 -13.77 -29.92 34.01
CA PRO B 457 -12.48 -30.62 34.17
C PRO B 457 -12.30 -31.71 33.13
N PHE B 458 -11.05 -32.15 33.00
CA PHE B 458 -10.70 -33.29 32.16
C PHE B 458 -10.37 -34.47 33.05
N PRO B 459 -11.23 -35.47 33.16
CA PRO B 459 -10.93 -36.61 34.04
C PRO B 459 -9.86 -37.54 33.52
N ASP B 460 -9.35 -37.31 32.30
CA ASP B 460 -8.33 -38.19 31.75
C ASP B 460 -6.97 -37.99 32.40
N ILE B 461 -6.67 -36.76 32.81
CA ILE B 461 -5.34 -36.40 33.30
C ILE B 461 -5.28 -36.63 34.81
N SER B 462 -4.19 -37.23 35.28
CA SER B 462 -3.92 -37.36 36.70
C SER B 462 -2.54 -36.78 36.99
N TRP B 463 -2.41 -36.05 38.10
CA TRP B 463 -1.16 -35.39 38.41
C TRP B 463 -0.80 -35.63 39.86
N SER B 464 0.51 -35.69 40.12
CA SER B 464 1.02 -35.89 41.46
C SER B 464 2.39 -35.22 41.58
N ILE B 465 2.91 -35.22 42.81
CA ILE B 465 4.16 -34.53 43.13
C ILE B 465 5.13 -35.53 43.75
N ARG B 466 6.37 -35.53 43.27
CA ARG B 466 7.42 -36.39 43.79
C ARG B 466 8.50 -35.54 44.44
N VAL B 467 8.99 -35.99 45.60
CA VAL B 467 10.05 -35.31 46.32
C VAL B 467 11.33 -36.12 46.18
N LEU B 468 12.44 -35.42 45.88
CA LEU B 468 13.70 -36.08 45.59
C LEU B 468 14.79 -35.54 46.50
N GLN B 469 15.55 -36.46 47.09
CA GLN B 469 16.68 -36.15 47.98
C GLN B 469 17.98 -36.51 47.29
N PRO B 470 18.85 -35.56 47.00
CA PRO B 470 20.06 -35.87 46.24
C PRO B 470 20.94 -36.84 47.00
N PRO B 471 21.68 -37.68 46.29
CA PRO B 471 22.61 -38.59 46.96
C PRO B 471 23.75 -37.84 47.62
N PRO B 472 24.45 -38.45 48.56
CA PRO B 472 25.49 -37.73 49.31
C PRO B 472 26.56 -37.11 48.44
N GLN B 473 26.96 -37.78 47.36
CA GLN B 473 28.07 -37.28 46.54
C GLN B 473 27.73 -35.94 45.92
N GLN B 474 26.50 -35.77 45.43
CA GLN B 474 26.10 -34.56 44.71
C GLN B 474 25.58 -33.50 45.68
N GLU B 475 26.43 -33.17 46.66
CA GLU B 475 26.08 -32.16 47.64
C GLU B 475 27.33 -31.38 48.03
N HIS B 476 27.18 -30.06 48.14
CA HIS B 476 28.26 -29.18 48.57
C HIS B 476 28.14 -28.91 50.07
N VAL B 477 29.30 -28.72 50.70
CA VAL B 477 29.34 -28.53 52.15
C VAL B 477 28.56 -27.29 52.56
N GLN B 478 28.62 -26.23 51.75
CA GLN B 478 28.00 -24.97 52.15
C GLN B 478 26.50 -25.13 52.35
N TYR B 479 25.83 -25.82 51.42
CA TYR B 479 24.38 -26.04 51.48
C TYR B 479 24.14 -27.55 51.45
N ALA B 480 23.99 -28.15 52.62
CA ALA B 480 23.78 -29.58 52.75
C ALA B 480 22.37 -29.85 53.28
N GLY B 481 21.70 -30.83 52.68
CA GLY B 481 20.37 -31.22 53.08
C GLY B 481 19.25 -30.73 52.18
N LEU B 482 19.56 -30.05 51.08
CA LEU B 482 18.53 -29.56 50.19
C LEU B 482 17.93 -30.70 49.37
N ASP B 483 16.68 -30.52 48.96
CA ASP B 483 15.97 -31.47 48.12
C ASP B 483 15.17 -30.71 47.08
N PHE B 484 14.63 -31.43 46.11
CA PHE B 484 13.88 -30.79 45.03
C PHE B 484 12.63 -31.62 44.75
N GLU B 485 11.91 -31.26 43.69
CA GLU B 485 10.61 -31.88 43.42
C GLU B 485 10.38 -32.01 41.92
N ALA B 486 9.36 -32.80 41.59
CA ALA B 486 8.92 -32.98 40.21
C ALA B 486 7.42 -33.15 40.19
N ILE B 487 6.82 -32.76 39.07
CA ILE B 487 5.38 -32.93 38.84
C ILE B 487 5.20 -33.99 37.77
N LEU B 488 4.41 -35.01 38.09
CA LEU B 488 4.18 -36.14 37.20
C LEU B 488 2.75 -36.14 36.73
N LEU B 489 2.56 -36.13 35.41
CA LEU B 489 1.25 -36.19 34.78
C LEU B 489 1.14 -37.49 34.00
N GLN B 490 0.08 -38.24 34.23
CA GLN B 490 -0.14 -39.48 33.52
C GLN B 490 -1.60 -39.67 33.15
N PRO B 491 -1.88 -40.48 32.12
CA PRO B 491 -3.27 -40.78 31.78
C PRO B 491 -3.90 -41.72 32.81
N SER B 492 -5.02 -41.29 33.36
CA SER B 492 -5.75 -42.12 34.31
C SER B 492 -6.47 -43.26 33.59
N ASN B 493 -6.65 -44.36 34.30
CA ASN B 493 -7.34 -45.54 33.77
C ASN B 493 -6.62 -46.08 32.54
N SER B 494 -5.38 -46.51 32.75
CA SER B 494 -4.63 -47.13 31.66
C SER B 494 -4.66 -48.64 31.79
N PRO B 495 -4.65 -49.38 30.67
CA PRO B 495 -4.69 -50.84 30.68
C PRO B 495 -3.56 -51.46 31.49
N THR B 498 1.20 -52.70 30.41
CA THR B 498 0.88 -51.34 30.01
C THR B 498 2.10 -50.43 30.16
N GLN B 499 3.05 -50.56 29.23
CA GLN B 499 4.23 -49.72 29.24
C GLN B 499 3.95 -48.40 28.52
N VAL B 500 4.39 -47.29 29.11
CA VAL B 500 4.05 -45.97 28.60
C VAL B 500 5.33 -45.18 28.32
N PRO B 501 5.40 -44.43 27.22
CA PRO B 501 6.54 -43.54 27.00
C PRO B 501 6.46 -42.32 27.89
N MET B 502 7.60 -41.64 28.05
CA MET B 502 7.69 -40.50 28.95
C MET B 502 8.43 -39.36 28.28
N VAL B 503 8.06 -38.14 28.65
CA VAL B 503 8.67 -36.91 28.16
C VAL B 503 9.09 -36.09 29.38
N VAL B 504 10.33 -35.63 29.37
CA VAL B 504 10.93 -34.93 30.51
C VAL B 504 11.17 -33.48 30.14
N MET B 505 10.75 -32.58 31.01
CA MET B 505 10.87 -31.13 30.79
C MET B 505 11.54 -30.46 31.98
N PRO B 506 12.74 -29.93 31.82
CA PRO B 506 13.27 -28.97 32.78
C PRO B 506 12.94 -27.54 32.35
N HIS B 507 12.81 -26.67 33.34
CA HIS B 507 12.40 -25.30 33.08
C HIS B 507 13.61 -24.42 32.78
N GLY B 508 13.34 -23.28 32.14
CA GLY B 508 14.33 -22.27 31.90
C GLY B 508 14.75 -21.60 33.19
N GLY B 509 15.27 -20.38 33.06
CA GLY B 509 15.70 -19.64 34.22
C GLY B 509 17.15 -19.25 34.18
N PRO B 510 17.96 -19.90 35.03
CA PRO B 510 17.62 -21.08 35.83
C PRO B 510 16.85 -20.77 37.12
N HIS B 511 16.49 -19.51 37.37
CA HIS B 511 15.75 -19.15 38.57
C HIS B 511 14.28 -18.97 38.21
N SER B 512 13.58 -20.09 38.12
CA SER B 512 12.15 -20.14 37.86
C SER B 512 11.63 -21.46 38.41
N SER B 513 10.40 -21.83 38.06
CA SER B 513 9.87 -23.11 38.51
C SER B 513 8.54 -23.37 37.81
N PHE B 514 8.11 -24.64 37.89
CA PHE B 514 6.79 -25.04 37.44
C PHE B 514 5.84 -25.08 38.64
N VAL B 515 4.64 -24.55 38.46
CA VAL B 515 3.61 -24.60 39.47
C VAL B 515 2.44 -25.41 38.95
N THR B 516 1.68 -26.00 39.86
CA THR B 516 0.56 -26.86 39.49
C THR B 516 -0.59 -25.99 39.00
N ALA B 517 -0.42 -25.48 37.78
CA ALA B 517 -1.42 -24.66 37.11
C ALA B 517 -1.80 -25.31 35.78
N TRP B 518 -2.66 -24.63 35.03
CA TRP B 518 -3.11 -25.15 33.74
C TRP B 518 -2.04 -24.87 32.67
N MET B 519 -1.53 -25.94 32.07
CA MET B 519 -0.54 -25.83 31.00
C MET B 519 -1.05 -26.60 29.80
N LEU B 520 -0.99 -25.98 28.62
CA LEU B 520 -1.62 -26.54 27.43
C LEU B 520 -0.84 -27.73 26.89
N PHE B 521 0.42 -27.52 26.54
CA PHE B 521 1.20 -28.58 25.89
C PHE B 521 1.34 -29.82 26.75
N PRO B 522 1.63 -29.73 28.05
CA PRO B 522 1.62 -30.93 28.87
C PRO B 522 0.29 -31.65 28.85
N ALA B 523 -0.82 -30.92 28.83
CA ALA B 523 -2.13 -31.55 28.75
C ALA B 523 -2.30 -32.29 27.43
N MET B 524 -1.87 -31.67 26.32
CA MET B 524 -1.95 -32.34 25.03
C MET B 524 -1.13 -33.61 25.02
N LEU B 525 0.10 -33.55 25.54
CA LEU B 525 0.94 -34.73 25.56
C LEU B 525 0.34 -35.83 26.42
N CYS B 526 -0.24 -35.46 27.56
CA CYS B 526 -0.88 -36.45 28.42
C CYS B 526 -2.09 -37.08 27.72
N LYS B 527 -2.89 -36.27 27.03
CA LYS B 527 -4.06 -36.79 26.34
C LYS B 527 -3.70 -37.60 25.10
N MET B 528 -2.49 -37.44 24.58
CA MET B 528 -2.08 -38.21 23.42
C MET B 528 -1.41 -39.53 23.79
N GLY B 529 -1.27 -39.83 25.08
CA GLY B 529 -0.77 -41.13 25.49
C GLY B 529 0.55 -41.12 26.23
N PHE B 530 1.14 -39.94 26.41
CA PHE B 530 2.45 -39.80 27.04
C PHE B 530 2.31 -39.55 28.54
N ALA B 531 3.43 -39.70 29.23
CA ALA B 531 3.54 -39.35 30.64
C ALA B 531 4.58 -38.25 30.77
N VAL B 532 4.20 -37.14 31.38
CA VAL B 532 5.01 -35.94 31.41
C VAL B 532 5.63 -35.77 32.78
N LEU B 533 6.92 -35.44 32.83
CA LEU B 533 7.65 -35.21 34.07
C LEU B 533 8.31 -33.84 34.01
N LEU B 534 7.81 -32.90 34.82
CA LEU B 534 8.37 -31.56 34.89
C LEU B 534 9.25 -31.48 36.14
N VAL B 535 10.50 -31.08 35.95
CA VAL B 535 11.50 -31.14 37.02
C VAL B 535 11.75 -29.73 37.56
N ASN B 536 11.83 -29.62 38.89
CA ASN B 536 12.22 -28.37 39.55
C ASN B 536 13.53 -28.65 40.29
N TYR B 537 14.65 -28.47 39.60
CA TYR B 537 15.94 -28.80 40.18
C TYR B 537 16.35 -27.74 41.20
N ARG B 538 17.40 -28.06 41.95
CA ARG B 538 17.93 -27.12 42.93
C ARG B 538 18.35 -25.83 42.25
N GLY B 539 17.97 -24.70 42.83
CA GLY B 539 18.18 -23.40 42.22
C GLY B 539 16.91 -22.75 41.71
N SER B 540 15.76 -23.36 41.93
CA SER B 540 14.49 -22.82 41.48
C SER B 540 13.89 -21.91 42.56
N THR B 541 12.97 -21.05 42.14
CA THR B 541 12.30 -20.16 43.06
C THR B 541 11.20 -20.89 43.83
N GLY B 542 11.01 -20.49 45.09
CA GLY B 542 10.01 -21.07 45.94
C GLY B 542 10.51 -22.08 46.95
N PHE B 543 11.83 -22.31 47.02
CA PHE B 543 12.40 -23.27 47.95
C PHE B 543 13.34 -22.62 48.95
N GLY B 544 13.48 -21.31 48.94
CA GLY B 544 14.35 -20.61 49.86
C GLY B 544 15.51 -19.93 49.15
N GLN B 545 16.22 -19.11 49.92
CA GLN B 545 17.38 -18.39 49.38
C GLN B 545 18.57 -19.33 49.19
N ASP B 546 18.71 -20.33 50.05
CA ASP B 546 19.83 -21.26 49.92
C ASP B 546 19.78 -21.99 48.58
N SER B 547 18.59 -22.45 48.18
CA SER B 547 18.46 -23.09 46.88
C SER B 547 18.81 -22.12 45.75
N ILE B 548 18.43 -20.84 45.90
CA ILE B 548 18.75 -19.85 44.89
C ILE B 548 20.26 -19.68 44.74
N LEU B 549 20.96 -19.59 45.87
CA LEU B 549 22.40 -19.32 45.84
C LEU B 549 23.26 -20.55 45.63
N SER B 550 22.68 -21.75 45.72
CA SER B 550 23.48 -22.96 45.54
C SER B 550 23.88 -23.20 44.10
N LEU B 551 23.12 -22.71 43.13
CA LEU B 551 23.36 -23.02 41.72
C LEU B 551 24.54 -22.23 41.14
N PRO B 552 24.53 -20.89 41.25
CA PRO B 552 25.53 -20.09 40.55
C PRO B 552 26.96 -20.58 40.73
N GLY B 553 27.66 -20.79 39.62
CA GLY B 553 29.01 -21.30 39.62
C GLY B 553 29.13 -22.78 39.36
N ASN B 554 28.03 -23.53 39.49
CA ASN B 554 28.03 -24.98 39.30
C ASN B 554 27.21 -25.40 38.09
N VAL B 555 26.78 -24.45 37.26
CA VAL B 555 25.97 -24.82 36.10
C VAL B 555 26.77 -25.75 35.19
N GLY B 556 26.11 -26.83 34.76
CA GLY B 556 26.71 -27.79 33.88
C GLY B 556 26.80 -29.20 34.43
N HIS B 557 26.92 -29.36 35.74
CA HIS B 557 27.06 -30.70 36.31
C HIS B 557 26.07 -30.96 37.43
N GLN B 558 25.71 -29.93 38.20
CA GLN B 558 24.79 -30.13 39.31
C GLN B 558 23.36 -30.35 38.83
N ASP B 559 22.83 -29.42 38.05
CA ASP B 559 21.45 -29.52 37.59
C ASP B 559 21.26 -30.71 36.64
N VAL B 560 22.26 -30.96 35.79
CA VAL B 560 22.19 -32.11 34.89
C VAL B 560 22.08 -33.40 35.69
N LYS B 561 22.91 -33.54 36.71
CA LYS B 561 22.86 -34.73 37.56
C LYS B 561 21.55 -34.81 38.32
N ASP B 562 21.01 -33.66 38.74
CA ASP B 562 19.71 -33.66 39.40
C ASP B 562 18.62 -34.22 38.48
N VAL B 563 18.60 -33.75 37.23
CA VAL B 563 17.61 -34.23 36.27
C VAL B 563 17.80 -35.72 36.01
N GLN B 564 19.06 -36.15 35.86
CA GLN B 564 19.32 -37.57 35.62
C GLN B 564 18.84 -38.42 36.79
N PHE B 565 19.10 -37.97 38.01
CA PHE B 565 18.65 -38.69 39.20
C PHE B 565 17.13 -38.78 39.26
N ALA B 566 16.45 -37.67 38.97
CA ALA B 566 15.00 -37.67 38.98
C ALA B 566 14.45 -38.66 37.96
N VAL B 567 15.02 -38.66 36.75
CA VAL B 567 14.55 -39.58 35.71
C VAL B 567 14.79 -41.02 36.13
N GLU B 568 15.97 -41.31 36.68
CA GLU B 568 16.28 -42.67 37.12
C GLU B 568 15.30 -43.13 38.19
N GLN B 569 15.04 -42.29 39.19
CA GLN B 569 14.15 -42.67 40.27
C GLN B 569 12.73 -42.91 39.74
N VAL B 570 12.25 -42.02 38.87
CA VAL B 570 10.90 -42.18 38.34
C VAL B 570 10.79 -43.46 37.53
N LEU B 571 11.79 -43.74 36.70
CA LEU B 571 11.77 -44.96 35.90
C LEU B 571 11.79 -46.20 36.79
N GLN B 572 12.61 -46.18 37.84
CA GLN B 572 12.70 -47.34 38.72
C GLN B 572 11.41 -47.56 39.50
N GLU B 573 10.74 -46.49 39.90
CA GLU B 573 9.55 -46.62 40.75
C GLU B 573 8.28 -46.88 39.94
N GLU B 574 7.95 -45.96 39.02
CA GLU B 574 6.65 -46.03 38.34
C GLU B 574 6.55 -47.21 37.38
N HIS B 575 7.67 -47.84 37.01
CA HIS B 575 7.68 -48.95 36.07
C HIS B 575 7.11 -48.52 34.71
N PHE B 576 7.76 -47.52 34.11
CA PHE B 576 7.40 -47.03 32.80
C PHE B 576 8.19 -47.80 31.73
N ASP B 577 8.13 -47.34 30.49
CA ASP B 577 8.84 -47.96 29.38
C ASP B 577 10.20 -47.29 29.25
N ALA B 578 11.23 -47.95 29.77
CA ALA B 578 12.57 -47.37 29.77
C ALA B 578 13.15 -47.24 28.37
N GLY B 579 12.56 -47.90 27.38
CA GLY B 579 13.07 -47.83 26.03
C GLY B 579 12.60 -46.63 25.23
N ARG B 580 11.63 -45.88 25.75
CA ARG B 580 11.06 -44.73 25.06
C ARG B 580 10.99 -43.56 26.03
N VAL B 581 12.02 -42.72 26.03
CA VAL B 581 12.08 -41.53 26.86
C VAL B 581 12.56 -40.38 25.99
N ALA B 582 11.89 -39.23 26.11
CA ALA B 582 12.21 -38.07 25.29
C ALA B 582 12.44 -36.85 26.19
N LEU B 583 13.12 -35.85 25.64
CA LEU B 583 13.43 -34.62 26.33
C LEU B 583 12.81 -33.44 25.60
N MET B 584 12.49 -32.39 26.34
CA MET B 584 12.01 -31.16 25.70
C MET B 584 12.33 -29.98 26.62
N GLY B 585 12.89 -28.92 26.04
CA GLY B 585 13.21 -27.72 26.80
C GLY B 585 13.53 -26.53 25.92
N GLY B 586 13.55 -25.34 26.51
CA GLY B 586 13.85 -24.11 25.77
C GLY B 586 14.72 -23.18 26.60
N SER B 587 15.61 -22.45 25.92
CA SER B 587 16.52 -21.54 26.59
C SER B 587 17.51 -22.33 27.43
N HIS B 588 17.56 -22.03 28.74
CA HIS B 588 18.36 -22.85 29.64
C HIS B 588 17.90 -24.31 29.62
N GLY B 589 16.62 -24.54 29.35
CA GLY B 589 16.15 -25.90 29.19
C GLY B 589 16.84 -26.61 28.05
N GLY B 590 17.03 -25.92 26.92
CA GLY B 590 17.79 -26.50 25.83
C GLY B 590 19.24 -26.74 26.20
N PHE B 591 19.82 -25.83 26.98
CA PHE B 591 21.16 -26.04 27.51
C PHE B 591 21.26 -27.36 28.26
N LEU B 592 20.34 -27.57 29.21
CA LEU B 592 20.34 -28.81 29.98
C LEU B 592 20.06 -30.02 29.10
N SER B 593 19.15 -29.88 28.13
CA SER B 593 18.83 -31.01 27.26
C SER B 593 20.03 -31.43 26.42
N CYS B 594 20.76 -30.46 25.88
CA CYS B 594 21.97 -30.78 25.12
C CYS B 594 23.02 -31.42 26.02
N HIS B 595 23.21 -30.89 27.22
CA HIS B 595 24.13 -31.52 28.15
C HIS B 595 23.73 -32.98 28.41
N LEU B 596 22.44 -33.22 28.61
CA LEU B 596 21.96 -34.56 28.91
C LEU B 596 22.19 -35.51 27.75
N ILE B 597 21.77 -35.11 26.54
CA ILE B 597 21.93 -35.97 25.37
C ILE B 597 23.38 -36.13 24.97
N GLY B 598 24.28 -35.28 25.48
CA GLY B 598 25.69 -35.47 25.22
C GLY B 598 26.37 -36.39 26.21
N GLN B 599 26.12 -36.16 27.50
CA GLN B 599 26.80 -36.93 28.54
C GLN B 599 26.23 -38.33 28.70
N TYR B 600 24.94 -38.52 28.42
CA TYR B 600 24.28 -39.82 28.55
C TYR B 600 23.61 -40.16 27.23
N PRO B 601 24.37 -40.64 26.25
CA PRO B 601 23.84 -40.84 24.90
C PRO B 601 23.06 -42.12 24.70
N GLU B 602 22.81 -42.92 25.74
CA GLU B 602 22.11 -44.19 25.60
C GLU B 602 20.86 -44.23 26.48
N THR B 603 20.25 -43.08 26.73
CA THR B 603 19.05 -43.00 27.57
C THR B 603 17.86 -42.37 26.88
N TYR B 604 18.06 -41.43 25.96
CA TYR B 604 16.97 -40.71 25.32
C TYR B 604 16.94 -41.04 23.83
N SER B 605 15.72 -41.07 23.27
CA SER B 605 15.53 -41.41 21.88
C SER B 605 15.01 -40.26 21.03
N ALA B 606 14.91 -39.05 21.58
CA ALA B 606 14.51 -37.90 20.81
C ALA B 606 14.79 -36.64 21.62
N CYS B 607 14.76 -35.49 20.95
CA CYS B 607 15.02 -34.23 21.63
C CYS B 607 14.50 -33.08 20.77
N VAL B 608 13.79 -32.15 21.40
CA VAL B 608 13.28 -30.95 20.74
C VAL B 608 13.73 -29.75 21.56
N VAL B 609 14.26 -28.73 20.90
CA VAL B 609 14.80 -27.58 21.60
C VAL B 609 14.37 -26.29 20.90
N ARG B 610 14.17 -25.25 21.71
CA ARG B 610 13.80 -23.92 21.23
C ARG B 610 14.80 -22.91 21.77
N ASN B 611 15.46 -22.19 20.86
CA ASN B 611 16.42 -21.14 21.19
C ASN B 611 17.32 -21.56 22.36
N PRO B 612 18.15 -22.57 22.18
CA PRO B 612 19.01 -23.04 23.27
C PRO B 612 20.29 -22.22 23.38
N VAL B 613 21.00 -22.45 24.49
CA VAL B 613 22.30 -21.86 24.73
C VAL B 613 23.36 -22.94 24.52
N ILE B 614 24.34 -22.65 23.66
CA ILE B 614 25.32 -23.64 23.24
C ILE B 614 26.73 -23.28 23.67
N ASN B 615 27.15 -22.03 23.47
CA ASN B 615 28.50 -21.61 23.78
C ASN B 615 28.44 -20.30 24.55
N ILE B 616 28.77 -20.35 25.85
CA ILE B 616 28.68 -19.17 26.68
C ILE B 616 29.73 -18.13 26.27
N ALA B 617 30.93 -18.59 25.92
CA ALA B 617 32.01 -17.66 25.60
C ALA B 617 31.64 -16.77 24.42
N SER B 618 31.10 -17.36 23.36
CA SER B 618 30.69 -16.56 22.21
C SER B 618 29.39 -15.80 22.48
N MET B 619 28.55 -16.31 23.38
CA MET B 619 27.31 -15.63 23.71
C MET B 619 27.52 -14.37 24.53
N MET B 620 28.62 -14.30 25.28
CA MET B 620 28.83 -13.18 26.19
C MET B 620 28.83 -11.85 25.43
N GLY B 621 29.47 -11.82 24.26
CA GLY B 621 29.66 -10.56 23.55
C GLY B 621 28.56 -10.19 22.58
N SER B 622 27.44 -10.93 22.60
CA SER B 622 26.37 -10.67 21.65
C SER B 622 24.98 -10.62 22.27
N THR B 623 24.84 -10.81 23.57
CA THR B 623 23.54 -10.78 24.22
C THR B 623 23.31 -9.42 24.89
N ASP B 624 22.07 -9.21 25.33
CA ASP B 624 21.69 -7.97 25.99
C ASP B 624 21.82 -8.05 27.51
N ILE B 625 22.22 -9.19 28.06
CA ILE B 625 22.45 -9.34 29.48
C ILE B 625 23.79 -10.01 29.70
N PRO B 626 24.90 -9.34 29.41
CA PRO B 626 26.21 -9.99 29.54
C PRO B 626 26.53 -10.44 30.96
N ASP B 627 25.93 -9.82 31.98
CA ASP B 627 26.21 -10.22 33.34
C ASP B 627 25.72 -11.63 33.66
N TRP B 628 24.74 -12.13 32.89
CA TRP B 628 24.25 -13.48 33.12
C TRP B 628 25.38 -14.51 32.97
N CYS B 629 26.15 -14.41 31.89
CA CYS B 629 27.23 -15.37 31.66
C CYS B 629 28.28 -15.26 32.75
N MET B 630 28.65 -14.04 33.12
CA MET B 630 29.67 -13.86 34.16
C MET B 630 29.21 -14.45 35.50
N VAL B 631 27.95 -14.21 35.86
CA VAL B 631 27.45 -14.72 37.14
C VAL B 631 27.36 -16.24 37.11
N GLU B 632 26.80 -16.80 36.04
CA GLU B 632 26.63 -18.25 35.97
C GLU B 632 27.97 -18.96 35.93
N ALA B 633 28.94 -18.44 35.19
CA ALA B 633 30.24 -19.09 35.11
C ALA B 633 30.92 -19.15 36.47
N GLY B 634 30.74 -18.13 37.29
CA GLY B 634 31.30 -18.14 38.63
C GLY B 634 32.12 -16.91 38.96
N PHE B 635 32.09 -15.91 38.09
CA PHE B 635 32.84 -14.67 38.29
C PHE B 635 31.88 -13.51 38.51
N SER B 636 32.46 -12.40 38.97
CA SER B 636 31.69 -11.18 39.23
C SER B 636 31.70 -10.30 37.98
N TYR B 637 30.57 -9.67 37.70
CA TYR B 637 30.42 -8.81 36.55
C TYR B 637 30.85 -7.39 36.89
N SER B 638 31.68 -6.79 36.05
CA SER B 638 32.13 -5.42 36.23
C SER B 638 32.21 -4.75 34.87
N SER B 639 31.69 -3.53 34.78
CA SER B 639 31.80 -2.77 33.54
C SER B 639 33.25 -2.47 33.23
N ASP B 640 33.56 -2.36 31.94
CA ASP B 640 34.93 -2.17 31.47
C ASP B 640 35.77 -3.42 31.69
N CYS B 641 35.13 -4.58 31.56
CA CYS B 641 35.83 -5.84 31.68
C CYS B 641 36.57 -6.19 30.39
N LEU B 642 37.54 -7.08 30.50
CA LEU B 642 38.37 -7.48 29.37
C LEU B 642 38.44 -9.00 29.31
N PRO B 643 38.63 -9.55 28.11
CA PRO B 643 38.70 -11.02 27.99
C PRO B 643 39.98 -11.60 28.55
N ASP B 644 39.85 -12.41 29.61
CA ASP B 644 40.98 -13.09 30.23
C ASP B 644 40.95 -14.57 29.87
N LEU B 645 42.14 -15.18 29.80
CA LEU B 645 42.24 -16.57 29.39
C LEU B 645 41.50 -17.48 30.38
N SER B 646 41.65 -17.23 31.67
CA SER B 646 41.01 -18.08 32.67
C SER B 646 39.49 -18.05 32.52
N VAL B 647 38.92 -16.85 32.35
CA VAL B 647 37.46 -16.74 32.25
C VAL B 647 36.96 -17.47 31.02
N TRP B 648 37.65 -17.29 29.88
CA TRP B 648 37.21 -17.96 28.66
C TRP B 648 37.33 -19.46 28.76
N ALA B 649 38.41 -19.95 29.38
CA ALA B 649 38.56 -21.39 29.58
C ALA B 649 37.44 -21.95 30.45
N ALA B 650 37.12 -21.25 31.54
CA ALA B 650 36.05 -21.70 32.42
C ALA B 650 34.71 -21.70 31.68
N MET B 651 34.45 -20.67 30.89
CA MET B 651 33.20 -20.60 30.15
C MET B 651 33.09 -21.72 29.14
N LEU B 652 34.18 -22.01 28.43
CA LEU B 652 34.16 -23.07 27.42
C LEU B 652 34.02 -24.45 28.07
N ASP B 653 34.60 -24.62 29.26
CA ASP B 653 34.53 -25.92 29.92
C ASP B 653 33.12 -26.28 30.34
N LYS B 654 32.24 -25.29 30.46
CA LYS B 654 30.88 -25.50 30.97
C LYS B 654 29.84 -25.52 29.86
N SER B 655 30.25 -25.59 28.60
CA SER B 655 29.28 -25.50 27.52
C SER B 655 28.98 -26.88 26.95
N PRO B 656 27.75 -27.11 26.49
CA PRO B 656 27.41 -28.43 25.92
C PRO B 656 28.14 -28.75 24.64
N ILE B 657 28.66 -27.75 23.93
CA ILE B 657 29.33 -28.02 22.66
C ILE B 657 30.48 -28.99 22.85
N LYS B 658 31.10 -28.99 24.03
CA LYS B 658 32.22 -29.88 24.29
C LYS B 658 31.85 -31.34 24.05
N TYR B 659 30.58 -31.69 24.23
CA TYR B 659 30.13 -33.07 24.09
C TYR B 659 29.48 -33.34 22.75
N ALA B 660 29.58 -32.42 21.80
CA ALA B 660 28.96 -32.62 20.49
C ALA B 660 29.39 -33.90 19.80
N PRO B 661 30.68 -34.29 19.79
CA PRO B 661 31.09 -35.47 19.01
C PRO B 661 30.58 -36.78 19.59
N GLN B 662 29.76 -36.74 20.64
CA GLN B 662 29.17 -37.93 21.22
C GLN B 662 27.66 -38.01 21.02
N VAL B 663 27.02 -36.95 20.53
CA VAL B 663 25.58 -36.95 20.40
C VAL B 663 25.14 -38.02 19.39
N LYS B 664 24.06 -38.71 19.72
CA LYS B 664 23.54 -39.78 18.88
C LYS B 664 22.02 -39.74 18.68
N THR B 665 21.29 -38.96 19.46
CA THR B 665 19.83 -38.92 19.39
C THR B 665 19.37 -37.98 18.29
N PRO B 666 18.28 -38.31 17.59
CA PRO B 666 17.71 -37.36 16.63
C PRO B 666 17.31 -36.07 17.32
N LEU B 667 17.46 -34.94 16.61
CA LEU B 667 17.26 -33.63 17.20
C LEU B 667 16.38 -32.76 16.32
N LEU B 668 15.53 -31.97 16.97
CA LEU B 668 14.72 -30.96 16.32
C LEU B 668 15.02 -29.61 16.94
N LEU B 669 15.33 -28.62 16.10
CA LEU B 669 15.71 -27.29 16.53
C LEU B 669 14.69 -26.29 16.02
N MET B 670 14.25 -25.37 16.87
CA MET B 670 13.42 -24.26 16.46
C MET B 670 14.09 -22.96 16.89
N LEU B 671 14.29 -22.05 15.94
CA LEU B 671 15.03 -20.83 16.18
C LEU B 671 14.24 -19.62 15.72
N GLY B 672 14.39 -18.52 16.46
CA GLY B 672 13.81 -17.25 16.07
C GLY B 672 14.88 -16.27 15.64
N GLN B 673 14.80 -15.81 14.38
CA GLN B 673 15.88 -15.01 13.81
C GLN B 673 16.07 -13.69 14.56
N GLU B 674 14.97 -13.04 14.95
CA GLU B 674 15.03 -11.73 15.57
C GLU B 674 15.24 -11.79 17.08
N ASP B 675 15.78 -12.89 17.59
CA ASP B 675 16.01 -13.01 19.02
C ASP B 675 17.13 -12.07 19.46
N ARG B 676 16.91 -11.41 20.61
CA ARG B 676 17.91 -10.54 21.19
C ARG B 676 18.44 -11.02 22.53
N ARG B 677 17.73 -11.91 23.21
CA ARG B 677 18.23 -12.45 24.47
C ARG B 677 19.26 -13.56 24.23
N VAL B 678 18.98 -14.45 23.28
CA VAL B 678 19.87 -15.52 22.89
C VAL B 678 20.06 -15.44 21.37
N PRO B 679 21.21 -15.00 20.87
CA PRO B 679 21.40 -14.94 19.42
C PRO B 679 21.24 -16.31 18.79
N PHE B 680 20.70 -16.34 17.58
CA PHE B 680 20.29 -17.57 16.93
C PHE B 680 21.46 -18.35 16.32
N LYS B 681 22.66 -17.79 16.29
CA LYS B 681 23.83 -18.54 15.83
C LYS B 681 24.23 -19.65 16.79
N GLN B 682 23.80 -19.57 18.05
CA GLN B 682 24.10 -20.63 19.01
C GLN B 682 23.59 -21.97 18.51
N GLY B 683 22.33 -22.00 18.06
CA GLY B 683 21.79 -23.22 17.48
C GLY B 683 22.45 -23.59 16.17
N MET B 684 22.87 -22.59 15.38
CA MET B 684 23.49 -22.89 14.09
C MET B 684 24.81 -23.62 14.27
N GLU B 685 25.60 -23.25 15.27
CA GLU B 685 26.86 -23.95 15.50
C GLU B 685 26.62 -25.42 15.81
N TYR B 686 25.67 -25.70 16.71
CA TYR B 686 25.34 -27.08 17.04
C TYR B 686 24.81 -27.82 15.83
N TYR B 687 23.96 -27.16 15.03
CA TYR B 687 23.42 -27.81 13.84
C TYR B 687 24.52 -28.19 12.87
N ARG B 688 25.47 -27.28 12.63
CA ARG B 688 26.58 -27.58 11.73
C ARG B 688 27.41 -28.73 12.27
N VAL B 689 27.71 -28.69 13.57
CA VAL B 689 28.55 -29.74 14.16
C VAL B 689 27.88 -31.11 14.02
N LEU B 690 26.57 -31.17 14.28
CA LEU B 690 25.87 -32.44 14.18
C LEU B 690 25.76 -32.91 12.74
N LYS B 691 25.43 -31.99 11.82
CA LYS B 691 25.24 -32.38 10.43
C LYS B 691 26.53 -32.84 9.79
N ALA B 692 27.67 -32.28 10.20
CA ALA B 692 28.93 -32.69 9.63
C ALA B 692 29.21 -34.16 9.85
N ARG B 693 28.58 -34.77 10.86
CA ARG B 693 28.79 -36.17 11.20
C ARG B 693 27.63 -37.07 10.76
N ASN B 694 26.71 -36.55 9.95
CA ASN B 694 25.61 -37.35 9.42
C ASN B 694 24.72 -37.90 10.53
N VAL B 695 24.14 -36.98 11.29
CA VAL B 695 23.19 -37.33 12.35
C VAL B 695 21.83 -36.75 11.97
N PRO B 696 20.73 -37.47 12.21
CA PRO B 696 19.42 -36.94 11.83
C PRO B 696 19.06 -35.69 12.62
N VAL B 697 19.01 -34.55 11.93
CA VAL B 697 18.71 -33.27 12.55
C VAL B 697 17.72 -32.52 11.66
N ARG B 698 16.70 -31.93 12.28
CA ARG B 698 15.74 -31.12 11.55
C ARG B 698 15.67 -29.74 12.18
N LEU B 699 15.74 -28.70 11.34
CA LEU B 699 15.84 -27.33 11.80
C LEU B 699 14.71 -26.49 11.21
N LEU B 700 14.14 -25.62 12.04
CA LEU B 700 13.13 -24.67 11.62
C LEU B 700 13.54 -23.28 12.08
N LEU B 701 13.45 -22.30 11.18
CA LEU B 701 13.87 -20.93 11.44
C LEU B 701 12.71 -20.00 11.13
N TYR B 702 12.33 -19.18 12.12
CA TYR B 702 11.24 -18.24 11.95
C TYR B 702 11.80 -16.83 11.78
N PRO B 703 11.66 -16.22 10.61
CA PRO B 703 12.35 -14.93 10.36
C PRO B 703 11.91 -13.80 11.27
N LYS B 704 10.71 -13.86 11.85
CA LYS B 704 10.17 -12.74 12.60
C LYS B 704 10.05 -12.98 14.10
N SER B 705 9.73 -14.20 14.52
CA SER B 705 9.59 -14.47 15.95
C SER B 705 10.87 -14.11 16.68
N THR B 706 10.74 -13.46 17.84
CA THR B 706 11.93 -12.95 18.50
C THR B 706 12.49 -13.92 19.54
N HIS B 707 11.77 -14.17 20.62
CA HIS B 707 12.31 -15.14 21.57
C HIS B 707 11.30 -16.17 22.03
N ALA B 708 10.04 -15.79 22.25
CA ALA B 708 9.05 -16.68 22.82
C ALA B 708 8.19 -17.37 21.77
N LEU B 709 8.33 -17.01 20.51
CA LEU B 709 7.48 -17.57 19.45
C LEU B 709 6.01 -17.45 19.83
N SER B 710 5.65 -16.25 20.30
CA SER B 710 4.32 -16.01 20.84
C SER B 710 3.26 -15.78 19.77
N GLU B 711 3.67 -15.51 18.53
CA GLU B 711 2.70 -15.38 17.46
C GLU B 711 1.89 -16.66 17.33
N VAL B 712 0.59 -16.52 17.08
CA VAL B 712 -0.29 -17.68 17.08
C VAL B 712 0.14 -18.69 16.03
N GLU B 713 0.43 -18.21 14.81
CA GLU B 713 0.85 -19.11 13.75
C GLU B 713 2.15 -19.81 14.11
N VAL B 714 3.14 -19.05 14.60
CA VAL B 714 4.44 -19.62 14.92
C VAL B 714 4.29 -20.65 16.04
N GLU B 715 3.55 -20.30 17.09
CA GLU B 715 3.39 -21.22 18.21
C GLU B 715 2.68 -22.49 17.78
N SER B 716 1.60 -22.35 17.01
CA SER B 716 0.87 -23.54 16.57
C SER B 716 1.74 -24.44 15.70
N ASP B 717 2.48 -23.84 14.75
CA ASP B 717 3.34 -24.64 13.89
C ASP B 717 4.41 -25.36 14.69
N SER B 718 5.04 -24.65 15.64
CA SER B 718 6.10 -25.26 16.43
C SER B 718 5.55 -26.41 17.28
N PHE B 719 4.40 -26.20 17.92
CA PHE B 719 3.83 -27.26 18.75
C PHE B 719 3.44 -28.47 17.92
N MET B 720 2.84 -28.25 16.75
CA MET B 720 2.46 -29.36 15.89
C MET B 720 3.69 -30.13 15.42
N ASN B 721 4.74 -29.41 15.03
CA ASN B 721 5.96 -30.09 14.60
C ASN B 721 6.57 -30.90 15.72
N ALA B 722 6.61 -30.35 16.94
CA ALA B 722 7.18 -31.07 18.07
C ALA B 722 6.38 -32.34 18.36
N VAL B 723 5.05 -32.23 18.38
CA VAL B 723 4.22 -33.39 18.69
C VAL B 723 4.40 -34.46 17.61
N LEU B 724 4.41 -34.05 16.33
CA LEU B 724 4.59 -35.02 15.26
C LEU B 724 5.95 -35.71 15.35
N TRP B 725 7.01 -34.94 15.64
CA TRP B 725 8.34 -35.53 15.76
C TRP B 725 8.37 -36.55 16.89
N LEU B 726 7.85 -36.19 18.06
CA LEU B 726 7.87 -37.11 19.19
C LEU B 726 7.07 -38.36 18.89
N CYS B 727 5.89 -38.22 18.29
CA CYS B 727 5.08 -39.39 17.98
C CYS B 727 5.77 -40.28 16.96
N THR B 728 6.38 -39.68 15.94
CA THR B 728 7.04 -40.47 14.90
C THR B 728 8.22 -41.26 15.47
N HIS B 729 9.03 -40.63 16.30
CA HIS B 729 10.22 -41.31 16.80
C HIS B 729 9.91 -42.23 17.98
N LEU B 730 8.88 -41.92 18.75
CA LEU B 730 8.49 -42.79 19.87
C LEU B 730 7.18 -43.52 19.57
N GLU C 9 33.25 24.23 6.71
CA GLU C 9 31.85 24.62 6.64
C GLU C 9 31.06 23.63 5.78
N PRO C 10 29.92 23.18 6.29
CA PRO C 10 29.16 22.13 5.58
C PRO C 10 28.75 22.50 4.17
N GLU C 11 28.45 23.77 3.92
CA GLU C 11 27.96 24.17 2.59
C GLU C 11 29.03 23.95 1.53
N GLU C 12 30.26 24.38 1.81
CA GLU C 12 31.35 24.21 0.86
C GLU C 12 31.62 22.73 0.61
N ALA C 13 31.60 21.93 1.67
CA ALA C 13 31.82 20.50 1.53
C ALA C 13 30.74 19.87 0.67
N ALA C 14 29.48 20.26 0.88
CA ALA C 14 28.38 19.71 0.08
C ALA C 14 28.53 20.09 -1.39
N ALA C 15 28.87 21.35 -1.65
CA ALA C 15 29.06 21.78 -3.04
C ALA C 15 30.21 21.00 -3.69
N LEU C 16 31.31 20.83 -2.97
CA LEU C 16 32.44 20.07 -3.51
C LEU C 16 32.05 18.63 -3.77
N TYR C 17 31.28 18.02 -2.87
CA TYR C 17 30.84 16.65 -3.07
C TYR C 17 29.96 16.53 -4.30
N ARG C 18 29.03 17.47 -4.49
CA ARG C 18 28.22 17.49 -5.70
C ARG C 18 29.11 17.54 -6.94
N GLY C 19 30.02 18.52 -6.98
CA GLY C 19 30.88 18.68 -8.13
C GLY C 19 31.70 17.43 -8.43
N LEU C 20 32.25 16.80 -7.39
CA LEU C 20 33.08 15.62 -7.59
C LEU C 20 32.26 14.42 -8.02
N SER C 21 31.09 14.21 -7.42
CA SER C 21 30.24 13.07 -7.73
C SER C 21 29.49 13.24 -9.04
N ARG C 22 29.55 14.42 -9.66
CA ARG C 22 28.93 14.61 -10.97
C ARG C 22 29.68 13.89 -12.10
N GLN C 23 30.64 13.04 -11.78
CA GLN C 23 31.43 12.35 -12.81
C GLN C 23 30.87 10.96 -13.06
N PRO C 24 30.57 10.59 -14.30
CA PRO C 24 30.04 9.25 -14.58
C PRO C 24 31.14 8.20 -14.61
N ALA C 25 30.70 6.94 -14.70
CA ALA C 25 31.62 5.80 -14.76
C ALA C 25 31.15 4.82 -15.83
N LEU C 26 32.10 4.22 -16.54
CA LEU C 26 31.80 3.27 -17.60
C LEU C 26 31.73 1.86 -17.03
N SER C 27 30.80 1.05 -17.56
CA SER C 27 30.57 -0.28 -17.02
C SER C 27 30.55 -1.41 -18.05
N ALA C 28 30.38 -1.13 -19.33
CA ALA C 28 30.30 -2.20 -20.33
C ALA C 28 30.42 -1.61 -21.72
N ALA C 29 30.62 -2.48 -22.70
CA ALA C 29 30.74 -2.07 -24.09
C ALA C 29 30.66 -3.30 -24.98
N CYS C 30 30.06 -3.13 -26.16
CA CYS C 30 29.96 -4.19 -27.14
C CYS C 30 30.08 -3.59 -28.54
N LEU C 31 30.46 -4.42 -29.50
CA LEU C 31 30.72 -3.97 -30.86
C LEU C 31 29.66 -4.52 -31.81
N GLY C 32 29.30 -3.72 -32.81
CA GLY C 32 28.32 -4.12 -33.80
C GLY C 32 28.95 -4.74 -35.03
N PRO C 33 28.10 -5.22 -35.94
CA PRO C 33 28.61 -5.86 -37.16
C PRO C 33 29.24 -4.85 -38.12
N GLU C 34 30.12 -5.37 -38.96
CA GLU C 34 30.79 -4.54 -39.95
C GLU C 34 29.82 -4.14 -41.06
N VAL C 35 30.01 -2.93 -41.58
CA VAL C 35 29.17 -2.39 -42.64
C VAL C 35 30.07 -1.82 -43.73
N THR C 36 29.67 -2.04 -44.98
CA THR C 36 30.43 -1.54 -46.14
C THR C 36 29.53 -0.63 -46.96
N THR C 37 30.04 0.54 -47.31
CA THR C 37 29.29 1.50 -48.10
C THR C 37 29.56 1.31 -49.59
N GLN C 38 28.72 1.94 -50.41
CA GLN C 38 28.91 1.86 -51.86
C GLN C 38 30.23 2.49 -52.28
N TYR C 39 30.58 3.62 -51.66
CA TYR C 39 31.84 4.27 -51.99
C TYR C 39 33.04 3.36 -51.69
N GLY C 40 33.01 2.67 -50.56
CA GLY C 40 34.08 1.76 -50.21
C GLY C 40 34.49 1.80 -48.75
N GLY C 41 34.15 2.90 -48.07
CA GLY C 41 34.54 3.02 -46.68
C GLY C 41 33.83 1.99 -45.81
N ARG C 42 34.50 1.60 -44.73
CA ARG C 42 33.98 0.62 -43.79
C ARG C 42 33.94 1.21 -42.38
N TYR C 43 32.84 0.96 -41.68
CA TYR C 43 32.61 1.50 -40.35
C TYR C 43 31.84 0.50 -39.51
N ARG C 44 31.82 0.75 -38.20
CA ARG C 44 31.04 -0.05 -37.28
C ARG C 44 30.74 0.75 -36.03
N THR C 45 29.75 0.31 -35.27
CA THR C 45 29.24 1.02 -34.12
C THR C 45 29.74 0.40 -32.83
N VAL C 46 29.81 1.23 -31.79
CA VAL C 46 30.25 0.82 -30.46
C VAL C 46 29.18 1.24 -29.46
N HIS C 47 28.78 0.32 -28.59
CA HIS C 47 27.76 0.55 -27.58
C HIS C 47 28.41 0.57 -26.20
N THR C 48 28.04 1.57 -25.39
CA THR C 48 28.64 1.73 -24.07
C THR C 48 27.55 1.99 -23.04
N GLU C 49 27.77 1.49 -21.82
CA GLU C 49 26.87 1.69 -20.70
C GLU C 49 27.57 2.50 -19.63
N TRP C 50 26.90 3.55 -19.16
CA TRP C 50 27.44 4.44 -18.14
C TRP C 50 26.50 4.49 -16.94
N THR C 51 27.09 4.75 -15.78
CA THR C 51 26.36 4.86 -14.53
C THR C 51 26.77 6.13 -13.81
N GLN C 52 25.82 6.73 -13.10
CA GLN C 52 26.06 7.99 -12.41
C GLN C 52 25.21 8.04 -11.15
N ARG C 53 25.60 8.93 -10.24
CA ARG C 53 24.89 9.12 -8.98
C ARG C 53 24.06 10.39 -9.08
N ASP C 54 22.76 10.28 -8.80
CA ASP C 54 21.85 11.42 -8.82
C ASP C 54 21.39 11.66 -7.38
N LEU C 55 21.75 12.83 -6.84
CA LEU C 55 21.46 13.14 -5.45
C LEU C 55 20.04 13.68 -5.27
N GLU C 56 19.47 14.30 -6.30
CA GLU C 56 18.11 14.81 -6.18
C GLU C 56 17.12 13.69 -5.92
N ARG C 57 17.21 12.61 -6.70
CA ARG C 57 16.39 11.43 -6.49
C ARG C 57 17.11 10.33 -5.74
N MET C 58 18.38 10.55 -5.39
CA MET C 58 19.15 9.61 -4.56
C MET C 58 19.14 8.21 -5.14
N GLU C 59 19.74 8.07 -6.33
CA GLU C 59 19.77 6.76 -6.96
C GLU C 59 20.92 6.70 -7.97
N ASN C 60 21.29 5.48 -8.33
CA ASN C 60 22.28 5.23 -9.37
C ASN C 60 21.54 5.04 -10.68
N ILE C 61 21.75 5.94 -11.61
CA ILE C 61 21.09 5.90 -12.91
C ILE C 61 22.05 5.36 -13.94
N ARG C 62 21.52 4.60 -14.90
CA ARG C 62 22.29 4.00 -15.96
C ARG C 62 21.75 4.45 -17.31
N PHE C 63 22.66 4.75 -18.25
CA PHE C 63 22.26 5.14 -19.58
C PHE C 63 23.18 4.46 -20.59
N CYS C 64 22.73 4.46 -21.86
CA CYS C 64 23.46 3.83 -22.94
C CYS C 64 23.78 4.87 -24.00
N ARG C 65 25.00 4.82 -24.53
CA ARG C 65 25.44 5.74 -25.55
C ARG C 65 26.13 4.98 -26.66
N GLN C 66 26.16 5.55 -27.86
CA GLN C 66 26.67 4.86 -29.04
C GLN C 66 27.61 5.75 -29.82
N TYR C 67 28.65 5.13 -30.39
CA TYR C 67 29.68 5.84 -31.14
C TYR C 67 29.90 5.13 -32.48
N LEU C 68 30.52 5.86 -33.40
CA LEU C 68 30.75 5.39 -34.76
C LEU C 68 32.25 5.42 -35.06
N VAL C 69 32.75 4.37 -35.69
CA VAL C 69 34.18 4.24 -35.98
C VAL C 69 34.34 3.85 -37.45
N PHE C 70 35.09 4.66 -38.20
CA PHE C 70 35.43 4.37 -39.59
C PHE C 70 36.89 3.91 -39.65
N HIS C 71 37.12 2.73 -40.21
CA HIS C 71 38.45 2.16 -40.25
C HIS C 71 38.78 1.71 -41.68
N ASP C 72 40.01 1.25 -41.86
CA ASP C 72 40.49 0.77 -43.16
C ASP C 72 41.05 -0.65 -43.07
N GLY C 73 40.67 -1.40 -42.04
CA GLY C 73 41.13 -2.78 -41.90
C GLY C 73 42.20 -2.96 -40.85
N ASP C 74 43.16 -2.02 -40.79
CA ASP C 74 44.22 -2.09 -39.78
C ASP C 74 44.53 -0.73 -39.18
N SER C 75 43.69 0.27 -39.41
CA SER C 75 43.92 1.61 -38.88
C SER C 75 42.57 2.29 -38.72
N VAL C 76 42.44 3.07 -37.64
CA VAL C 76 41.22 3.82 -37.38
C VAL C 76 41.32 5.15 -38.11
N VAL C 77 40.39 5.39 -39.04
CA VAL C 77 40.41 6.62 -39.81
C VAL C 77 39.66 7.73 -39.09
N PHE C 78 38.49 7.42 -38.52
CA PHE C 78 37.68 8.44 -37.88
C PHE C 78 36.89 7.81 -36.74
N ALA C 79 36.53 8.65 -35.77
CA ALA C 79 35.73 8.21 -34.62
C ALA C 79 34.88 9.38 -34.16
N GLY C 80 33.58 9.15 -34.00
CA GLY C 80 32.67 10.21 -33.60
C GLY C 80 31.49 9.73 -32.79
N PRO C 81 30.71 10.66 -32.26
CA PRO C 81 29.48 10.30 -31.56
C PRO C 81 28.36 10.00 -32.55
N ALA C 82 27.29 9.37 -32.03
CA ALA C 82 26.18 8.98 -32.88
C ALA C 82 24.81 9.30 -32.27
N GLY C 83 24.74 10.29 -31.39
CA GLY C 83 23.46 10.69 -30.83
C GLY C 83 23.63 11.16 -29.40
N ASN C 84 22.53 11.15 -28.68
CA ASN C 84 22.46 11.57 -27.29
C ASN C 84 22.42 10.35 -26.38
N SER C 85 22.35 10.61 -25.07
CA SER C 85 22.29 9.55 -24.08
C SER C 85 20.85 9.24 -23.73
N VAL C 86 20.57 7.95 -23.56
CA VAL C 86 19.23 7.47 -23.23
C VAL C 86 19.29 6.72 -21.91
N GLU C 87 18.42 7.08 -20.98
CA GLU C 87 18.38 6.45 -19.66
C GLU C 87 17.47 5.24 -19.69
N THR C 88 17.99 4.10 -19.24
CA THR C 88 17.24 2.87 -19.15
C THR C 88 16.78 2.63 -17.71
N ARG C 89 15.99 1.58 -17.53
CA ARG C 89 15.48 1.24 -16.21
C ARG C 89 14.97 -0.19 -16.22
N GLY C 90 15.37 -0.97 -15.22
CA GLY C 90 14.89 -2.33 -15.08
C GLY C 90 15.62 -3.38 -15.90
N GLU C 91 16.77 -3.03 -16.47
CA GLU C 91 17.54 -3.98 -17.27
C GLU C 91 18.47 -4.77 -16.36
N LEU C 92 18.26 -6.09 -16.27
CA LEU C 92 19.11 -6.93 -15.45
C LEU C 92 20.29 -7.48 -16.24
N LEU C 93 19.99 -8.11 -17.39
CA LEU C 93 21.03 -8.67 -18.24
C LEU C 93 20.66 -8.42 -19.70
N SER C 94 21.68 -8.40 -20.55
CA SER C 94 21.50 -8.24 -21.98
C SER C 94 22.66 -8.91 -22.69
N ARG C 95 22.42 -9.29 -23.95
CA ARG C 95 23.45 -9.98 -24.73
C ARG C 95 23.07 -9.92 -26.20
N GLU C 96 23.99 -9.45 -27.03
CA GLU C 96 23.76 -9.40 -28.46
C GLU C 96 24.03 -10.76 -29.09
N SER C 97 23.32 -11.06 -30.17
CA SER C 97 23.48 -12.34 -30.84
C SER C 97 24.83 -12.42 -31.54
N PRO C 98 25.31 -13.63 -31.83
CA PRO C 98 26.62 -13.75 -32.49
C PRO C 98 26.70 -13.00 -33.81
N SER C 99 25.62 -12.98 -34.58
CA SER C 99 25.58 -12.28 -35.86
C SER C 99 25.19 -10.82 -35.71
N GLY C 100 24.88 -10.35 -34.51
CA GLY C 100 24.56 -8.95 -34.31
C GLY C 100 23.29 -8.48 -34.98
N THR C 101 22.27 -9.34 -35.05
CA THR C 101 20.99 -8.96 -35.64
C THR C 101 19.84 -8.95 -34.65
N MET C 102 19.97 -9.63 -33.52
CA MET C 102 18.95 -9.67 -32.48
C MET C 102 19.58 -9.33 -31.14
N LYS C 103 18.76 -8.91 -30.19
CA LYS C 103 19.24 -8.60 -28.86
C LYS C 103 18.31 -9.21 -27.82
N ALA C 104 18.89 -9.91 -26.84
CA ALA C 104 18.12 -10.52 -25.77
C ALA C 104 18.31 -9.73 -24.49
N VAL C 105 17.21 -9.45 -23.81
CA VAL C 105 17.22 -8.61 -22.62
C VAL C 105 16.38 -9.26 -21.53
N LEU C 106 16.82 -9.13 -20.28
CA LEU C 106 16.05 -9.53 -19.12
C LEU C 106 15.60 -8.28 -18.38
N ARG C 107 14.31 -8.17 -18.11
CA ARG C 107 13.76 -6.95 -17.54
C ARG C 107 12.89 -7.28 -16.33
N LYS C 108 13.01 -6.49 -15.28
CA LYS C 108 12.18 -6.64 -14.09
C LYS C 108 11.21 -5.46 -13.97
N ALA C 109 10.07 -5.62 -14.63
CA ALA C 109 9.05 -4.58 -14.64
C ALA C 109 7.68 -5.15 -14.29
N GLU C 117 6.21 -7.22 -8.81
CA GLU C 117 7.09 -7.15 -9.97
C GLU C 117 7.41 -8.53 -10.50
N LYS C 118 7.45 -8.67 -11.83
CA LYS C 118 7.76 -9.93 -12.48
C LYS C 118 8.97 -9.74 -13.39
N GLN C 119 9.47 -10.86 -13.91
CA GLN C 119 10.64 -10.86 -14.79
C GLN C 119 10.23 -11.34 -16.17
N PHE C 120 10.64 -10.58 -17.19
CA PHE C 120 10.33 -10.88 -18.57
C PHE C 120 11.61 -11.05 -19.37
N LEU C 121 11.56 -11.92 -20.38
CA LEU C 121 12.65 -12.12 -21.32
C LEU C 121 12.22 -11.60 -22.68
N GLU C 122 12.99 -10.68 -23.25
CA GLU C 122 12.60 -9.96 -24.44
C GLU C 122 13.62 -10.19 -25.55
N VAL C 123 13.12 -10.37 -26.77
CA VAL C 123 13.95 -10.52 -27.96
C VAL C 123 13.59 -9.40 -28.92
N TRP C 124 14.59 -8.59 -29.27
CA TRP C 124 14.45 -7.42 -30.13
C TRP C 124 15.16 -7.65 -31.45
N GLU C 125 14.63 -7.06 -32.51
CA GLU C 125 15.28 -7.07 -33.81
C GLU C 125 14.84 -5.84 -34.59
N LYS C 126 15.81 -5.06 -35.06
CA LYS C 126 15.56 -3.83 -35.82
C LYS C 126 14.73 -2.90 -34.94
N ASN C 127 13.56 -2.45 -35.36
CA ASN C 127 12.74 -1.50 -34.62
C ASN C 127 11.47 -2.15 -34.07
N ARG C 128 11.59 -3.41 -33.64
CA ARG C 128 10.43 -4.14 -33.13
C ARG C 128 10.88 -5.05 -32.00
N LYS C 129 10.05 -5.18 -30.97
CA LYS C 129 10.24 -6.20 -29.94
C LYS C 129 9.68 -7.50 -30.49
N LEU C 130 10.56 -8.34 -31.04
CA LEU C 130 10.10 -9.54 -31.73
C LEU C 130 9.29 -10.44 -30.81
N LYS C 131 9.79 -10.66 -29.59
CA LYS C 131 9.11 -11.61 -28.72
C LYS C 131 9.31 -11.22 -27.26
N SER C 132 8.41 -11.73 -26.42
CA SER C 132 8.47 -11.49 -24.98
C SER C 132 7.86 -12.67 -24.25
N PHE C 133 8.54 -13.16 -23.22
CA PHE C 133 8.07 -14.28 -22.41
C PHE C 133 8.01 -13.87 -20.95
N ASN C 134 6.91 -14.22 -20.30
CA ASN C 134 6.70 -13.97 -18.88
C ASN C 134 7.14 -15.20 -18.10
N LEU C 135 8.37 -15.16 -17.57
CA LEU C 135 8.93 -16.34 -16.92
C LEU C 135 8.18 -16.69 -15.64
N SER C 136 7.67 -15.69 -14.92
CA SER C 136 6.99 -15.96 -13.67
C SER C 136 5.74 -16.81 -13.89
N ALA C 137 4.97 -16.51 -14.93
CA ALA C 137 3.72 -17.24 -15.18
C ALA C 137 4.00 -18.69 -15.50
N LEU C 138 5.04 -18.98 -16.28
CA LEU C 138 5.33 -20.35 -16.67
C LEU C 138 5.52 -21.25 -15.46
N GLU C 139 6.07 -20.72 -14.38
CA GLU C 139 6.22 -21.46 -13.12
C GLU C 139 7.03 -22.73 -13.31
N LYS C 140 8.29 -22.55 -13.73
CA LYS C 140 9.23 -23.64 -13.86
C LYS C 140 10.47 -23.48 -13.00
N HIS C 141 10.69 -22.32 -12.41
CA HIS C 141 11.85 -22.07 -11.57
C HIS C 141 11.58 -20.81 -10.76
N GLY C 142 12.61 -20.34 -10.05
CA GLY C 142 12.49 -19.16 -9.24
C GLY C 142 13.07 -17.94 -9.92
N PRO C 143 13.44 -16.93 -9.12
CA PRO C 143 14.04 -15.72 -9.70
C PRO C 143 15.34 -16.03 -10.42
N VAL C 144 15.61 -15.24 -11.46
CA VAL C 144 16.80 -15.44 -12.27
C VAL C 144 18.02 -14.85 -11.58
N TYR C 145 19.16 -15.50 -11.76
CA TYR C 145 20.42 -15.03 -11.15
C TYR C 145 21.00 -13.94 -12.05
N GLU C 146 21.10 -12.73 -11.51
CA GLU C 146 21.61 -11.59 -12.25
C GLU C 146 22.97 -11.11 -11.74
N ASP C 147 23.63 -11.88 -10.89
CA ASP C 147 24.91 -11.48 -10.34
C ASP C 147 26.05 -11.87 -11.27
N ASP C 148 27.28 -11.62 -10.83
CA ASP C 148 28.46 -11.89 -11.62
C ASP C 148 29.17 -13.19 -11.22
N CYS C 149 28.64 -13.91 -10.24
CA CYS C 149 29.22 -15.17 -9.82
C CYS C 149 28.59 -16.38 -10.48
N PHE C 150 27.26 -16.40 -10.62
CA PHE C 150 26.56 -17.48 -11.29
C PHE C 150 25.81 -17.03 -12.54
N GLY C 151 25.41 -15.77 -12.63
CA GLY C 151 24.57 -15.34 -13.73
C GLY C 151 25.25 -15.46 -15.07
N CYS C 152 24.45 -15.76 -16.09
CA CYS C 152 24.93 -15.84 -17.47
C CYS C 152 23.72 -15.78 -18.39
N LEU C 153 23.98 -15.47 -19.65
CA LEU C 153 22.93 -15.43 -20.67
C LEU C 153 23.61 -15.67 -22.01
N SER C 154 23.37 -16.84 -22.60
CA SER C 154 24.12 -17.27 -23.77
C SER C 154 23.17 -17.64 -24.91
N TRP C 155 23.62 -17.38 -26.13
CA TRP C 155 22.93 -17.75 -27.36
C TRP C 155 23.48 -19.05 -27.91
N SER C 156 22.66 -19.74 -28.69
CA SER C 156 23.13 -20.89 -29.44
C SER C 156 23.90 -20.43 -30.68
N HIS C 157 24.71 -21.33 -31.22
CA HIS C 157 25.40 -21.01 -32.47
C HIS C 157 24.42 -20.92 -33.64
N SER C 158 23.30 -21.64 -33.56
CA SER C 158 22.25 -21.53 -34.55
C SER C 158 21.30 -20.37 -34.28
N GLU C 159 21.46 -19.69 -33.14
CA GLU C 159 20.62 -18.54 -32.79
C GLU C 159 19.15 -18.94 -32.70
N THR C 160 18.88 -20.11 -32.11
CA THR C 160 17.53 -20.59 -31.92
C THR C 160 17.17 -20.87 -30.47
N HIS C 161 18.15 -20.91 -29.56
CA HIS C 161 17.89 -21.22 -28.16
C HIS C 161 18.65 -20.24 -27.27
N LEU C 162 18.18 -20.11 -26.04
CA LEU C 162 18.83 -19.26 -25.05
C LEU C 162 19.11 -20.08 -23.79
N LEU C 163 20.23 -19.78 -23.13
CA LEU C 163 20.63 -20.50 -21.93
C LEU C 163 20.89 -19.52 -20.80
N TYR C 164 20.36 -19.83 -19.62
CA TYR C 164 20.60 -18.99 -18.45
C TYR C 164 20.51 -19.86 -17.19
N VAL C 165 20.53 -19.23 -16.02
CA VAL C 165 20.54 -19.92 -14.75
C VAL C 165 19.47 -19.29 -13.84
N ALA C 166 18.74 -20.12 -13.11
CA ALA C 166 17.67 -19.64 -12.27
C ALA C 166 17.55 -20.50 -11.02
N ASP C 167 16.94 -19.93 -9.98
CA ASP C 167 16.81 -20.65 -8.72
C ASP C 167 15.93 -21.88 -8.88
N LYS C 168 16.25 -22.92 -8.13
CA LYS C 168 15.50 -24.16 -8.19
C LYS C 168 14.10 -23.98 -7.60
N LYS C 169 13.16 -24.76 -8.10
CA LYS C 169 11.77 -24.66 -7.65
C LYS C 169 11.58 -25.41 -6.35
N ARG C 170 10.81 -24.80 -5.43
CA ARG C 170 10.55 -25.39 -4.13
C ARG C 170 9.14 -25.97 -4.08
N PRO C 171 8.97 -27.13 -3.44
CA PRO C 171 7.62 -27.69 -3.29
C PRO C 171 6.73 -26.77 -2.46
N LYS C 172 5.44 -26.78 -2.78
CA LYS C 172 4.48 -25.95 -2.06
C LYS C 172 4.19 -26.53 -0.68
N ALA C 173 3.94 -25.64 0.27
CA ALA C 173 3.65 -26.03 1.64
C ALA C 173 2.52 -25.16 2.18
N GLU C 174 1.82 -25.69 3.19
CA GLU C 174 0.71 -24.98 3.80
C GLU C 174 0.62 -25.38 5.27
N SER C 175 -0.09 -24.55 6.03
CA SER C 175 -0.24 -24.77 7.46
C SER C 175 -1.27 -25.85 7.73
N PHE C 176 -1.18 -26.45 8.93
CA PHE C 176 -2.15 -27.47 9.32
C PHE C 176 -3.56 -26.90 9.38
N PHE C 177 -3.72 -25.73 9.98
CA PHE C 177 -5.03 -25.13 10.21
C PHE C 177 -5.38 -24.16 9.09
N GLN C 178 -5.40 -24.69 7.87
CA GLN C 178 -5.77 -23.92 6.69
C GLN C 178 -7.08 -24.45 6.13
N THR C 179 -8.07 -23.55 6.02
CA THR C 179 -9.38 -23.94 5.53
C THR C 179 -9.34 -24.16 4.02
N LYS C 180 -10.14 -25.12 3.56
CA LYS C 180 -10.22 -25.46 2.15
C LYS C 180 -11.64 -25.20 1.63
N ALA C 181 -11.73 -24.93 0.34
CA ALA C 181 -13.03 -24.65 -0.27
C ALA C 181 -13.96 -25.85 -0.14
N LEU C 182 -15.22 -25.57 0.13
CA LEU C 182 -16.22 -26.63 0.29
C LEU C 182 -16.92 -26.93 -1.04
N GLN C 199 -0.15 -32.56 -3.11
CA GLN C 199 -0.85 -31.28 -3.16
C GLN C 199 0.01 -30.17 -2.54
N ALA C 200 0.20 -30.23 -1.22
CA ALA C 200 1.01 -29.25 -0.52
C ALA C 200 1.40 -29.82 0.83
N ILE C 201 2.70 -29.91 1.08
CA ILE C 201 3.21 -30.44 2.34
C ILE C 201 2.73 -29.56 3.49
N LYS C 202 2.20 -30.18 4.54
CA LYS C 202 1.67 -29.45 5.68
C LYS C 202 2.74 -29.33 6.77
N GLY C 203 2.97 -28.12 7.25
CA GLY C 203 3.97 -27.90 8.28
C GLY C 203 5.40 -27.83 7.79
N ASP C 204 5.62 -27.46 6.52
CA ASP C 204 6.96 -27.37 5.97
C ASP C 204 7.23 -25.99 5.37
N GLN C 205 6.48 -24.98 5.76
CA GLN C 205 6.64 -23.64 5.20
C GLN C 205 7.68 -22.81 5.93
N PHE C 206 8.31 -23.35 6.98
CA PHE C 206 9.36 -22.65 7.70
C PHE C 206 10.67 -23.43 7.73
N LEU C 207 10.87 -24.32 6.75
CA LEU C 207 12.14 -25.04 6.65
C LEU C 207 13.26 -24.07 6.33
N PHE C 208 14.47 -24.45 6.69
CA PHE C 208 15.64 -23.59 6.53
C PHE C 208 16.39 -23.98 5.26
N TYR C 209 16.57 -23.01 4.37
CA TYR C 209 17.35 -23.18 3.14
C TYR C 209 18.58 -22.30 3.23
N GLU C 210 19.75 -22.92 3.21
CA GLU C 210 21.01 -22.20 3.40
C GLU C 210 21.40 -21.47 2.11
N ASP C 211 21.80 -20.21 2.25
CA ASP C 211 22.18 -19.39 1.12
C ASP C 211 23.71 -19.34 1.00
N TRP C 212 24.20 -18.50 0.09
CA TRP C 212 25.63 -18.47 -0.25
C TRP C 212 26.39 -17.32 0.42
N GLY C 213 25.77 -16.61 1.34
CA GLY C 213 26.50 -15.63 2.14
C GLY C 213 26.19 -14.18 1.85
N GLU C 214 27.22 -13.34 1.93
CA GLU C 214 27.03 -11.90 1.79
C GLU C 214 26.53 -11.54 0.40
N ASN C 215 25.53 -10.66 0.35
CA ASN C 215 24.96 -10.18 -0.90
C ASN C 215 24.37 -11.29 -1.75
N MET C 216 24.09 -12.44 -1.14
CA MET C 216 23.54 -13.60 -1.84
C MET C 216 22.32 -14.13 -1.10
N VAL C 217 21.55 -13.23 -0.47
CA VAL C 217 20.43 -13.66 0.34
C VAL C 217 19.38 -14.33 -0.54
N SER C 218 18.88 -15.48 -0.10
CA SER C 218 17.82 -16.21 -0.78
C SER C 218 18.31 -16.87 -2.07
N LYS C 219 19.61 -17.13 -2.17
CA LYS C 219 20.20 -17.82 -3.33
C LYS C 219 20.83 -19.10 -2.82
N SER C 220 20.12 -20.22 -2.98
CA SER C 220 20.53 -21.50 -2.41
C SER C 220 21.06 -22.46 -3.47
N THR C 221 20.27 -22.76 -4.49
CA THR C 221 20.67 -23.76 -5.48
C THR C 221 20.23 -23.36 -6.88
N PRO C 222 21.16 -22.93 -7.74
CA PRO C 222 20.81 -22.58 -9.11
C PRO C 222 20.67 -23.83 -9.99
N VAL C 223 20.07 -23.61 -11.16
CA VAL C 223 19.86 -24.67 -12.14
C VAL C 223 19.90 -24.04 -13.53
N LEU C 224 20.34 -24.84 -14.50
CA LEU C 224 20.48 -24.40 -15.88
C LEU C 224 19.13 -24.50 -16.59
N CYS C 225 18.74 -23.43 -17.27
CA CYS C 225 17.47 -23.36 -17.99
C CYS C 225 17.73 -23.05 -19.45
N VAL C 226 17.07 -23.80 -20.33
CA VAL C 226 17.18 -23.63 -21.77
C VAL C 226 15.80 -23.27 -22.32
N LEU C 227 15.74 -22.19 -23.08
CA LEU C 227 14.49 -21.68 -23.64
C LEU C 227 14.56 -21.73 -25.16
N ASP C 228 13.45 -22.18 -25.76
CA ASP C 228 13.32 -22.26 -27.21
C ASP C 228 12.53 -21.05 -27.70
N ILE C 229 13.15 -20.26 -28.57
CA ILE C 229 12.51 -19.01 -29.02
C ILE C 229 11.31 -19.30 -29.91
N GLU C 230 11.45 -20.26 -30.83
CA GLU C 230 10.38 -20.54 -31.78
C GLU C 230 9.08 -20.89 -31.08
N SER C 231 9.09 -21.99 -30.33
CA SER C 231 7.87 -22.44 -29.65
C SER C 231 7.62 -21.64 -28.38
N GLY C 232 8.57 -21.66 -27.45
CA GLY C 232 8.41 -20.94 -26.20
C GLY C 232 8.36 -21.85 -25.00
N ASN C 233 9.00 -23.01 -25.09
CA ASN C 233 9.01 -24.00 -24.03
C ASN C 233 10.34 -23.96 -23.30
N ILE C 234 10.29 -23.91 -21.97
CA ILE C 234 11.48 -23.87 -21.13
C ILE C 234 11.74 -25.28 -20.61
N SER C 235 13.01 -25.64 -20.51
CA SER C 235 13.42 -26.94 -20.00
C SER C 235 14.56 -26.79 -19.02
N VAL C 236 14.52 -27.57 -17.95
CA VAL C 236 15.58 -27.59 -16.94
C VAL C 236 16.43 -28.82 -17.21
N LEU C 237 17.73 -28.61 -17.47
CA LEU C 237 18.61 -29.70 -17.83
C LEU C 237 18.75 -30.68 -16.67
N GLU C 238 18.87 -31.96 -17.02
CA GLU C 238 19.04 -33.03 -16.04
C GLU C 238 20.36 -33.74 -16.30
N GLY C 239 21.08 -34.04 -15.22
CA GLY C 239 22.37 -34.70 -15.34
C GLY C 239 23.44 -34.05 -14.48
N VAL C 240 23.13 -32.88 -13.95
CA VAL C 240 24.07 -32.18 -13.08
C VAL C 240 24.24 -32.95 -11.78
N PRO C 241 25.43 -32.99 -11.19
CA PRO C 241 25.60 -33.70 -9.91
C PRO C 241 24.72 -33.09 -8.83
N GLU C 242 24.26 -33.95 -7.92
CA GLU C 242 23.33 -33.52 -6.88
C GLU C 242 23.98 -32.64 -5.82
N SER C 243 25.29 -32.50 -5.82
CA SER C 243 25.99 -31.75 -4.78
C SER C 243 26.85 -30.63 -5.34
N VAL C 244 26.45 -30.03 -6.46
CA VAL C 244 27.20 -28.93 -7.06
C VAL C 244 26.23 -27.87 -7.57
N SER C 245 26.59 -26.60 -7.34
CA SER C 245 25.85 -25.48 -7.90
C SER C 245 26.47 -25.09 -9.22
N PRO C 246 25.73 -25.11 -10.33
CA PRO C 246 26.32 -24.77 -11.62
C PRO C 246 26.24 -23.28 -11.94
N GLY C 247 27.15 -22.85 -12.80
CA GLY C 247 27.17 -21.46 -13.22
C GLY C 247 28.11 -21.27 -14.39
N GLN C 248 28.11 -20.03 -14.89
CA GLN C 248 29.01 -19.60 -15.98
C GLN C 248 29.07 -20.64 -17.09
N ALA C 249 27.92 -20.86 -17.72
CA ALA C 249 27.77 -21.88 -18.74
C ALA C 249 27.70 -21.25 -20.14
N PHE C 250 28.12 -22.04 -21.13
CA PHE C 250 28.02 -21.63 -22.53
C PHE C 250 27.85 -22.88 -23.38
N TRP C 251 27.31 -22.68 -24.57
CA TRP C 251 27.03 -23.80 -25.46
C TRP C 251 28.33 -24.41 -25.98
N ALA C 252 28.36 -25.73 -26.06
CA ALA C 252 29.51 -26.45 -26.58
C ALA C 252 29.55 -26.37 -28.09
N PRO C 253 30.71 -26.62 -28.70
CA PRO C 253 30.79 -26.60 -30.17
C PRO C 253 29.77 -27.54 -30.79
N GLY C 254 29.09 -27.06 -31.83
CA GLY C 254 28.07 -27.84 -32.50
C GLY C 254 26.73 -27.88 -31.80
N ASP C 255 26.58 -27.15 -30.69
CA ASP C 255 25.31 -27.11 -29.96
C ASP C 255 24.88 -28.50 -29.51
N THR C 256 25.86 -29.35 -29.17
CA THR C 256 25.58 -30.69 -28.69
C THR C 256 25.48 -30.79 -27.18
N GLY C 257 25.76 -29.71 -26.45
CA GLY C 257 25.72 -29.77 -25.01
C GLY C 257 26.01 -28.42 -24.40
N VAL C 258 26.28 -28.45 -23.10
CA VAL C 258 26.53 -27.24 -22.31
C VAL C 258 27.74 -27.47 -21.41
N VAL C 259 28.61 -26.46 -21.34
CA VAL C 259 29.78 -26.48 -20.48
C VAL C 259 29.58 -25.46 -19.37
N PHE C 260 29.85 -25.88 -18.13
CA PHE C 260 29.59 -25.03 -16.98
C PHE C 260 30.63 -25.29 -15.90
N VAL C 261 30.59 -24.48 -14.85
CA VAL C 261 31.46 -24.60 -13.70
C VAL C 261 30.60 -24.95 -12.49
N GLY C 262 30.99 -26.00 -11.77
CA GLY C 262 30.25 -26.47 -10.61
C GLY C 262 31.02 -26.20 -9.33
N TRP C 263 30.35 -25.54 -8.39
CA TRP C 263 30.90 -25.25 -7.08
C TRP C 263 30.36 -26.23 -6.07
N TRP C 264 31.24 -26.83 -5.28
CA TRP C 264 30.81 -27.79 -4.26
C TRP C 264 30.14 -27.06 -3.09
N HIS C 265 29.00 -27.57 -2.66
CA HIS C 265 28.26 -27.02 -1.54
C HIS C 265 27.96 -28.08 -0.49
N GLU C 266 28.93 -28.95 -0.25
CA GLU C 266 28.85 -29.96 0.80
C GLU C 266 30.13 -29.93 1.63
N PRO C 267 30.01 -30.10 2.95
CA PRO C 267 28.78 -30.34 3.73
C PRO C 267 27.97 -29.07 3.95
N PHE C 268 28.56 -27.89 3.79
CA PHE C 268 27.82 -26.65 3.92
C PHE C 268 28.50 -25.56 3.12
N ARG C 269 27.76 -24.49 2.85
CA ARG C 269 28.21 -23.44 1.96
C ARG C 269 29.09 -22.43 2.69
N LEU C 270 30.08 -21.90 1.99
CA LEU C 270 30.94 -20.84 2.47
C LEU C 270 30.76 -19.59 1.62
N GLY C 271 31.25 -18.47 2.13
CA GLY C 271 31.12 -17.20 1.42
C GLY C 271 31.74 -17.25 0.04
N ILE C 272 31.08 -16.63 -0.93
CA ILE C 272 31.53 -16.66 -2.32
C ILE C 272 31.98 -15.30 -2.84
N ARG C 273 31.62 -14.21 -2.18
CA ARG C 273 32.01 -12.89 -2.64
C ARG C 273 33.48 -12.62 -2.32
N PHE C 274 34.23 -12.17 -3.32
CA PHE C 274 35.63 -11.79 -3.14
C PHE C 274 36.44 -12.96 -2.55
N CYS C 275 36.15 -14.17 -3.02
CA CYS C 275 36.84 -15.36 -2.51
C CYS C 275 37.02 -16.31 -3.68
N THR C 276 38.28 -16.52 -4.09
CA THR C 276 38.60 -17.39 -5.21
C THR C 276 39.11 -18.76 -4.76
N ASN C 277 39.07 -19.06 -3.46
CA ASN C 277 39.58 -20.31 -2.92
C ASN C 277 38.45 -21.27 -2.58
N ARG C 278 37.40 -21.28 -3.40
CA ARG C 278 36.26 -22.17 -3.20
C ARG C 278 36.36 -23.33 -4.19
N ARG C 279 36.23 -24.56 -3.68
CA ARG C 279 36.38 -25.73 -4.52
C ARG C 279 35.36 -25.72 -5.66
N SER C 280 35.82 -26.08 -6.85
CA SER C 280 34.97 -26.07 -8.02
C SER C 280 35.64 -26.88 -9.13
N ALA C 281 34.87 -27.17 -10.17
CA ALA C 281 35.36 -27.96 -11.29
C ALA C 281 34.62 -27.54 -12.56
N LEU C 282 35.07 -28.09 -13.69
CA LEU C 282 34.53 -27.77 -15.01
C LEU C 282 33.85 -29.01 -15.58
N TYR C 283 32.56 -28.89 -15.90
CA TYR C 283 31.77 -30.02 -16.39
C TYR C 283 31.17 -29.71 -17.75
N TYR C 284 30.83 -30.78 -18.46
CA TYR C 284 30.12 -30.71 -19.74
C TYR C 284 29.02 -31.76 -19.73
N VAL C 285 27.81 -31.37 -20.13
CA VAL C 285 26.65 -32.25 -20.11
C VAL C 285 25.86 -32.10 -21.39
N ASP C 286 25.41 -33.23 -21.94
CA ASP C 286 24.65 -33.21 -23.18
C ASP C 286 23.23 -32.71 -22.94
N LEU C 287 22.61 -32.21 -24.03
CA LEU C 287 21.26 -31.69 -23.91
C LEU C 287 20.28 -32.76 -23.47
N THR C 288 20.33 -33.94 -24.10
CA THR C 288 19.49 -35.05 -23.70
C THR C 288 19.96 -35.62 -22.36
N GLY C 289 19.07 -36.35 -21.70
CA GLY C 289 19.41 -36.94 -20.43
C GLY C 289 20.68 -37.77 -20.50
N GLY C 290 21.63 -37.49 -19.61
CA GLY C 290 22.91 -38.18 -19.66
C GLY C 290 23.72 -37.91 -18.41
N LYS C 291 24.97 -38.34 -18.45
CA LYS C 291 25.87 -38.23 -17.31
C LYS C 291 26.90 -37.14 -17.56
N CYS C 292 27.16 -36.34 -16.52
CA CYS C 292 28.13 -35.27 -16.64
C CYS C 292 29.53 -35.83 -16.86
N GLU C 293 30.33 -35.09 -17.61
CA GLU C 293 31.71 -35.46 -17.91
C GLU C 293 32.65 -34.43 -17.32
N LEU C 294 33.71 -34.90 -16.66
CA LEU C 294 34.66 -34.01 -16.01
C LEU C 294 35.78 -33.63 -16.97
N LEU C 295 36.15 -32.36 -16.98
CA LEU C 295 37.14 -31.84 -17.90
C LEU C 295 38.36 -31.24 -17.20
N SER C 296 38.45 -31.36 -15.88
CA SER C 296 39.56 -30.78 -15.14
C SER C 296 39.80 -31.62 -13.89
N ASP C 297 40.59 -31.09 -12.97
CA ASP C 297 40.90 -31.77 -11.72
C ASP C 297 39.99 -31.26 -10.62
N GLU C 298 39.33 -32.18 -9.91
CA GLU C 298 38.38 -31.83 -8.87
C GLU C 298 39.05 -31.74 -7.49
N SER C 299 40.11 -30.95 -7.40
CA SER C 299 40.78 -30.70 -6.13
C SER C 299 41.17 -29.25 -5.90
N VAL C 300 41.13 -28.40 -6.91
CA VAL C 300 41.55 -27.00 -6.80
C VAL C 300 40.44 -26.11 -7.33
N ALA C 301 40.68 -24.81 -7.37
CA ALA C 301 39.67 -23.86 -7.84
C ALA C 301 39.85 -23.60 -9.32
N VAL C 302 38.73 -23.47 -10.04
CA VAL C 302 38.74 -23.12 -11.45
C VAL C 302 37.66 -22.10 -11.71
N THR C 303 37.83 -21.33 -12.79
CA THR C 303 36.85 -20.30 -13.07
C THR C 303 37.10 -19.69 -14.44
N SER C 304 36.12 -18.91 -14.91
CA SER C 304 36.20 -18.05 -16.08
C SER C 304 36.68 -18.79 -17.32
N PRO C 305 35.91 -19.76 -17.82
CA PRO C 305 36.25 -20.39 -19.09
C PRO C 305 35.76 -19.57 -20.28
N ARG C 306 36.55 -19.64 -21.36
CA ARG C 306 36.24 -18.93 -22.59
C ARG C 306 36.55 -19.81 -23.78
N LEU C 307 35.68 -19.78 -24.79
CA LEU C 307 35.83 -20.62 -25.98
C LEU C 307 36.40 -19.79 -27.12
N SER C 308 37.32 -20.39 -27.88
CA SER C 308 38.01 -19.68 -28.94
C SER C 308 37.05 -19.39 -30.09
N PRO C 309 37.36 -18.38 -30.90
CA PRO C 309 36.46 -18.03 -32.02
C PRO C 309 36.25 -19.16 -33.00
N ASP C 310 37.26 -19.99 -33.25
CA ASP C 310 37.14 -21.08 -34.20
C ASP C 310 36.55 -22.34 -33.59
N GLN C 311 36.23 -22.32 -32.29
CA GLN C 311 35.55 -23.42 -31.63
C GLN C 311 36.41 -24.69 -31.62
N CYS C 312 37.64 -24.54 -31.14
CA CYS C 312 38.55 -25.67 -31.05
C CYS C 312 39.30 -25.78 -29.73
N ARG C 313 39.25 -24.77 -28.85
CA ARG C 313 40.01 -24.83 -27.61
C ARG C 313 39.34 -23.94 -26.59
N ILE C 314 39.68 -24.15 -25.32
CA ILE C 314 39.14 -23.39 -24.20
C ILE C 314 40.28 -22.97 -23.30
N VAL C 315 40.12 -21.84 -22.60
CA VAL C 315 41.11 -21.32 -21.68
C VAL C 315 40.40 -20.87 -20.40
N TYR C 316 41.00 -21.15 -19.26
CA TYR C 316 40.37 -20.81 -17.99
C TYR C 316 41.44 -20.51 -16.94
N LEU C 317 40.98 -20.01 -15.79
CA LEU C 317 41.86 -19.66 -14.68
C LEU C 317 41.79 -20.74 -13.60
N ARG C 318 42.96 -21.16 -13.12
CA ARG C 318 43.04 -22.19 -12.09
C ARG C 318 43.83 -21.69 -10.90
N PHE C 319 43.29 -21.87 -9.71
CA PHE C 319 43.93 -21.51 -8.46
C PHE C 319 44.26 -22.78 -7.69
N PRO C 320 45.54 -23.07 -7.45
CA PRO C 320 45.92 -24.35 -6.86
C PRO C 320 45.50 -24.54 -5.41
N SER C 321 45.82 -23.57 -4.55
CA SER C 321 45.61 -23.72 -3.11
C SER C 321 44.32 -23.01 -2.68
N LEU C 322 43.77 -23.49 -1.57
CA LEU C 322 42.54 -22.95 -1.01
C LEU C 322 42.76 -22.18 0.28
N VAL C 323 44.01 -21.98 0.69
CA VAL C 323 44.32 -21.32 1.95
C VAL C 323 43.92 -19.85 1.88
N PRO C 324 44.55 -19.05 1.03
CA PRO C 324 44.21 -17.63 0.98
C PRO C 324 42.99 -17.35 0.10
N HIS C 325 42.29 -16.26 0.43
CA HIS C 325 41.09 -15.89 -0.32
C HIS C 325 41.41 -15.17 -1.62
N GLN C 326 42.67 -14.85 -1.87
CA GLN C 326 43.09 -14.19 -3.10
C GLN C 326 44.58 -14.44 -3.30
N GLN C 327 44.96 -14.87 -4.50
CA GLN C 327 46.32 -15.27 -4.76
C GLN C 327 46.59 -15.18 -6.25
N CYS C 328 47.81 -15.53 -6.65
CA CYS C 328 48.19 -15.56 -8.05
C CYS C 328 47.70 -16.86 -8.68
N GLY C 329 47.12 -16.75 -9.88
CA GLY C 329 46.53 -17.87 -10.57
C GLY C 329 47.33 -18.32 -11.79
N GLN C 330 46.85 -19.41 -12.38
CA GLN C 330 47.43 -19.99 -13.57
C GLN C 330 46.43 -19.94 -14.72
N LEU C 331 46.95 -19.86 -15.94
CA LEU C 331 46.14 -19.87 -17.15
C LEU C 331 46.27 -21.24 -17.80
N CYS C 332 45.15 -21.96 -17.92
CA CYS C 332 45.16 -23.32 -18.42
C CYS C 332 44.40 -23.40 -19.74
N LEU C 333 44.90 -24.25 -20.63
CA LEU C 333 44.36 -24.46 -21.95
C LEU C 333 43.90 -25.91 -22.11
N TYR C 334 42.75 -26.10 -22.73
CA TYR C 334 42.17 -27.42 -22.97
C TYR C 334 41.78 -27.53 -24.42
N ASP C 335 42.22 -28.62 -25.08
CA ASP C 335 41.94 -28.86 -26.48
C ASP C 335 40.72 -29.76 -26.61
N TRP C 336 39.72 -29.30 -27.35
CA TRP C 336 38.44 -30.00 -27.41
C TRP C 336 38.52 -31.33 -28.15
N TYR C 337 39.46 -31.48 -29.09
CA TYR C 337 39.54 -32.68 -29.90
C TYR C 337 40.62 -33.65 -29.47
N THR C 338 41.78 -33.15 -29.03
CA THR C 338 42.81 -34.03 -28.51
C THR C 338 42.61 -34.34 -27.03
N ARG C 339 41.79 -33.57 -26.32
CA ARG C 339 41.53 -33.79 -24.90
C ARG C 339 42.83 -33.77 -24.10
N VAL C 340 43.62 -32.72 -24.31
CA VAL C 340 44.91 -32.54 -23.66
C VAL C 340 44.92 -31.19 -22.95
N THR C 341 45.39 -31.17 -21.72
CA THR C 341 45.47 -29.95 -20.92
C THR C 341 46.93 -29.54 -20.72
N SER C 342 47.17 -28.24 -20.78
CA SER C 342 48.51 -27.70 -20.60
C SER C 342 48.42 -26.37 -19.85
N VAL C 343 49.56 -25.91 -19.37
CA VAL C 343 49.67 -24.67 -18.61
C VAL C 343 50.34 -23.62 -19.50
N VAL C 344 49.69 -22.48 -19.66
CA VAL C 344 50.22 -21.40 -20.50
C VAL C 344 51.02 -20.44 -19.64
N VAL C 345 50.38 -19.85 -18.63
CA VAL C 345 51.03 -18.92 -17.72
C VAL C 345 50.97 -19.52 -16.32
N ASP C 346 52.13 -19.63 -15.68
CA ASP C 346 52.29 -20.28 -14.39
C ASP C 346 52.40 -19.24 -13.27
N ILE C 347 52.72 -19.70 -12.06
CA ILE C 347 52.83 -18.83 -10.90
C ILE C 347 54.13 -18.04 -10.98
N VAL C 348 54.08 -16.78 -10.57
CA VAL C 348 55.24 -15.91 -10.55
C VAL C 348 55.62 -15.67 -9.09
N PRO C 349 56.73 -16.23 -8.60
CA PRO C 349 57.09 -16.05 -7.18
C PRO C 349 57.26 -14.58 -6.79
N ARG C 350 58.19 -13.88 -7.44
CA ARG C 350 58.42 -12.48 -7.17
C ARG C 350 58.19 -11.60 -8.39
N GLN C 351 58.84 -11.90 -9.51
CA GLN C 351 58.71 -11.07 -10.70
C GLN C 351 59.26 -11.78 -11.93
N LEU C 352 58.49 -11.77 -13.02
CA LEU C 352 58.91 -12.35 -14.29
C LEU C 352 59.29 -11.20 -15.21
N GLY C 353 60.60 -11.02 -15.42
CA GLY C 353 61.06 -9.86 -16.18
C GLY C 353 60.98 -8.61 -15.32
N GLU C 354 60.62 -7.50 -15.96
CA GLU C 354 60.46 -6.22 -15.26
C GLU C 354 59.10 -5.59 -15.55
N ASP C 355 58.16 -6.35 -16.10
CA ASP C 355 56.86 -5.80 -16.44
C ASP C 355 55.68 -6.70 -16.07
N PHE C 356 55.93 -7.89 -15.52
CA PHE C 356 54.88 -8.82 -15.18
C PHE C 356 55.10 -9.36 -13.78
N SER C 357 53.99 -9.60 -13.06
CA SER C 357 54.06 -10.12 -11.71
C SER C 357 53.05 -11.22 -11.42
N GLY C 358 52.25 -11.63 -12.39
CA GLY C 358 51.26 -12.68 -12.19
C GLY C 358 49.86 -12.21 -12.56
N ILE C 359 48.96 -13.19 -12.56
CA ILE C 359 47.55 -12.96 -12.87
C ILE C 359 46.79 -12.88 -11.56
N TYR C 360 46.36 -11.68 -11.19
CA TYR C 360 45.65 -11.45 -9.94
C TYR C 360 44.18 -11.10 -10.14
N CYS C 361 43.68 -11.24 -11.37
CA CYS C 361 42.28 -10.97 -11.65
C CYS C 361 41.44 -12.21 -11.35
N SER C 362 40.12 -12.05 -11.40
CA SER C 362 39.20 -13.16 -11.16
C SER C 362 38.20 -13.39 -12.28
N LEU C 363 38.17 -12.53 -13.30
CA LEU C 363 37.26 -12.71 -14.42
C LEU C 363 37.94 -12.22 -15.69
N LEU C 364 37.97 -13.06 -16.71
CA LEU C 364 38.43 -12.63 -18.02
C LEU C 364 37.30 -11.91 -18.76
N PRO C 365 37.64 -11.02 -19.69
CA PRO C 365 36.58 -10.35 -20.47
C PRO C 365 35.79 -11.35 -21.28
N LEU C 366 34.53 -11.01 -21.55
CA LEU C 366 33.68 -11.89 -22.34
C LEU C 366 34.31 -12.16 -23.71
N GLY C 367 34.87 -11.13 -24.33
CA GLY C 367 35.67 -11.32 -25.53
C GLY C 367 37.14 -11.12 -25.24
N CYS C 368 37.91 -12.20 -25.21
CA CYS C 368 39.33 -12.13 -24.89
C CYS C 368 40.23 -12.79 -25.93
N TRP C 369 39.67 -13.35 -27.00
CA TRP C 369 40.46 -14.05 -28.00
C TRP C 369 40.72 -13.14 -29.19
N SER C 370 41.93 -13.26 -29.75
CA SER C 370 42.23 -12.57 -30.99
C SER C 370 41.59 -13.29 -32.17
N ALA C 371 41.61 -12.63 -33.33
CA ALA C 371 40.92 -13.17 -34.49
C ALA C 371 41.47 -14.53 -34.90
N ASP C 372 42.80 -14.68 -34.91
CA ASP C 372 43.41 -15.91 -35.36
C ASP C 372 43.27 -17.06 -34.38
N SER C 373 42.78 -16.79 -33.16
CA SER C 373 42.62 -17.83 -32.14
C SER C 373 43.97 -18.35 -31.66
N GLN C 374 44.93 -17.44 -31.47
CA GLN C 374 46.25 -17.80 -30.99
C GLN C 374 46.72 -16.98 -29.81
N ARG C 375 46.07 -15.84 -29.56
CA ARG C 375 46.51 -14.93 -28.48
C ARG C 375 45.35 -14.56 -27.57
N VAL C 376 45.64 -14.27 -26.31
CA VAL C 376 44.63 -13.87 -25.33
C VAL C 376 45.06 -12.56 -24.71
N VAL C 377 44.13 -11.61 -24.61
CA VAL C 377 44.41 -10.28 -24.09
C VAL C 377 43.63 -10.11 -22.78
N PHE C 378 44.32 -9.66 -21.74
CA PHE C 378 43.68 -9.43 -20.46
C PHE C 378 44.34 -8.24 -19.78
N ASP C 379 43.95 -7.97 -18.55
CA ASP C 379 44.55 -6.92 -17.74
C ASP C 379 44.78 -7.42 -16.33
N SER C 380 45.78 -6.84 -15.67
CA SER C 380 46.17 -7.30 -14.33
C SER C 380 46.91 -6.19 -13.63
N PRO C 381 46.97 -6.22 -12.30
CA PRO C 381 47.73 -5.22 -11.53
C PRO C 381 49.22 -5.54 -11.55
N GLN C 382 50.02 -4.53 -11.89
CA GLN C 382 51.47 -4.61 -11.82
C GLN C 382 51.95 -3.54 -10.85
N ARG C 383 52.54 -3.96 -9.74
CA ARG C 383 53.01 -3.06 -8.68
C ARG C 383 51.82 -2.23 -8.24
N SER C 384 51.86 -0.90 -8.33
CA SER C 384 50.76 -0.04 -7.91
C SER C 384 49.89 0.43 -9.07
N ARG C 385 50.13 -0.09 -10.27
CA ARG C 385 49.40 0.31 -11.46
C ARG C 385 48.64 -0.90 -12.01
N GLN C 386 47.87 -0.67 -13.07
CA GLN C 386 47.14 -1.74 -13.75
C GLN C 386 47.45 -1.67 -15.23
N ASP C 387 47.80 -2.81 -15.81
CA ASP C 387 48.28 -2.85 -17.20
C ASP C 387 47.54 -3.91 -17.98
N LEU C 388 47.69 -3.84 -19.31
CA LEU C 388 47.11 -4.80 -20.24
C LEU C 388 48.23 -5.68 -20.78
N PHE C 389 47.97 -6.98 -20.83
CA PHE C 389 48.94 -7.95 -21.30
C PHE C 389 48.34 -8.83 -22.39
N ALA C 390 49.21 -9.32 -23.26
CA ALA C 390 48.86 -10.25 -24.32
C ALA C 390 49.72 -11.50 -24.20
N VAL C 391 49.09 -12.66 -24.27
CA VAL C 391 49.76 -13.94 -24.08
C VAL C 391 49.56 -14.78 -25.34
N ASP C 392 50.65 -15.37 -25.82
CA ASP C 392 50.62 -16.26 -26.98
C ASP C 392 50.53 -17.70 -26.48
N THR C 393 49.38 -18.32 -26.72
CA THR C 393 49.14 -19.65 -26.18
C THR C 393 50.06 -20.71 -26.80
N GLN C 394 50.73 -20.38 -27.91
CA GLN C 394 51.62 -21.35 -28.53
C GLN C 394 52.97 -21.40 -27.80
N MET C 395 53.66 -20.27 -27.73
CA MET C 395 54.96 -20.23 -27.06
C MET C 395 54.79 -20.10 -25.54
N GLY C 396 54.12 -19.03 -25.10
CA GLY C 396 53.92 -18.82 -23.68
C GLY C 396 54.43 -17.46 -23.21
N SER C 397 54.93 -16.67 -24.14
CA SER C 397 55.45 -15.35 -23.79
C SER C 397 54.30 -14.40 -23.44
N VAL C 398 54.60 -13.46 -22.54
CA VAL C 398 53.65 -12.44 -22.11
C VAL C 398 54.24 -11.08 -22.45
N THR C 399 53.47 -10.26 -23.16
CA THR C 399 53.92 -8.94 -23.61
C THR C 399 53.02 -7.88 -23.00
N SER C 400 53.64 -6.80 -22.50
CA SER C 400 52.90 -5.70 -21.90
C SER C 400 52.66 -4.62 -22.93
N LEU C 401 51.38 -4.26 -23.12
CA LEU C 401 51.02 -3.26 -24.12
C LEU C 401 51.15 -1.84 -23.61
N THR C 402 50.98 -1.60 -22.32
CA THR C 402 51.00 -0.26 -21.75
C THR C 402 52.20 -0.03 -20.84
N ALA C 403 53.32 -0.69 -21.14
CA ALA C 403 54.52 -0.52 -20.33
C ALA C 403 55.06 0.90 -20.47
N GLY C 404 55.82 1.32 -19.48
CA GLY C 404 56.39 2.64 -19.47
C GLY C 404 55.41 3.71 -19.02
N GLY C 405 55.83 4.96 -19.19
CA GLY C 405 55.02 6.08 -18.79
C GLY C 405 55.08 6.35 -17.30
N SER C 406 54.22 7.28 -16.86
CA SER C 406 54.15 7.66 -15.45
C SER C 406 53.21 6.78 -14.64
N GLY C 407 52.33 6.03 -15.30
CA GLY C 407 51.40 5.15 -14.63
C GLY C 407 49.98 5.43 -15.06
N GLY C 408 49.06 4.68 -14.47
CA GLY C 408 47.66 4.83 -14.76
C GLY C 408 46.91 3.53 -14.55
N SER C 409 45.63 3.56 -14.84
CA SER C 409 44.75 2.40 -14.70
C SER C 409 44.02 2.16 -16.01
N TRP C 410 44.26 0.99 -16.60
CA TRP C 410 43.61 0.55 -17.82
C TRP C 410 42.66 -0.60 -17.51
N LYS C 411 41.55 -0.66 -18.25
CA LYS C 411 40.57 -1.73 -18.09
C LYS C 411 40.05 -2.11 -19.47
N LEU C 412 40.27 -3.36 -19.87
CA LEU C 412 39.79 -3.84 -21.16
C LEU C 412 38.33 -4.25 -21.05
N LEU C 413 37.51 -3.82 -22.01
CA LEU C 413 36.09 -4.13 -21.99
C LEU C 413 35.66 -5.16 -23.01
N THR C 414 36.33 -5.22 -24.17
CA THR C 414 35.99 -6.20 -25.18
C THR C 414 36.95 -6.15 -26.36
N ILE C 415 37.10 -7.26 -27.06
CA ILE C 415 37.90 -7.34 -28.28
C ILE C 415 37.12 -8.16 -29.30
N ASP C 416 37.02 -7.65 -30.53
CA ASP C 416 36.31 -8.35 -31.59
C ASP C 416 36.99 -8.05 -32.91
N ARG C 417 37.48 -9.10 -33.58
CA ARG C 417 38.19 -8.94 -34.85
C ARG C 417 39.36 -7.97 -34.70
N ASP C 418 40.08 -8.08 -33.58
CA ASP C 418 41.30 -7.31 -33.34
C ASP C 418 41.01 -5.84 -33.07
N LEU C 419 39.83 -5.52 -32.55
CA LEU C 419 39.48 -4.16 -32.15
C LEU C 419 39.21 -4.16 -30.65
N MET C 420 40.06 -3.46 -29.90
CA MET C 420 39.98 -3.42 -28.45
C MET C 420 39.36 -2.12 -27.99
N VAL C 421 38.46 -2.21 -27.01
CA VAL C 421 37.87 -1.06 -26.34
C VAL C 421 38.36 -1.06 -24.89
N VAL C 422 38.83 0.09 -24.44
CA VAL C 422 39.45 0.19 -23.11
C VAL C 422 39.00 1.46 -22.40
N GLN C 423 39.15 1.42 -21.08
CA GLN C 423 38.91 2.55 -20.20
C GLN C 423 40.22 2.94 -19.53
N PHE C 424 40.49 4.24 -19.46
CA PHE C 424 41.72 4.74 -18.88
C PHE C 424 41.39 5.77 -17.81
N SER C 425 42.11 5.72 -16.69
CA SER C 425 41.88 6.69 -15.63
C SER C 425 43.13 6.82 -14.79
N THR C 426 43.22 7.94 -14.07
CA THR C 426 44.33 8.20 -13.15
C THR C 426 43.79 8.94 -11.92
N PRO C 427 44.61 9.11 -10.88
CA PRO C 427 44.12 9.77 -9.66
C PRO C 427 43.64 11.18 -9.89
N SER C 428 44.12 11.87 -10.93
CA SER C 428 43.74 13.25 -11.19
C SER C 428 42.99 13.40 -12.52
N VAL C 429 42.43 12.31 -13.04
CA VAL C 429 41.71 12.35 -14.31
C VAL C 429 40.59 11.30 -14.28
N PRO C 430 39.33 11.71 -14.37
CA PRO C 430 38.24 10.74 -14.33
C PRO C 430 38.33 9.78 -15.51
N PRO C 431 37.49 8.75 -15.54
CA PRO C 431 37.58 7.74 -16.60
C PRO C 431 37.34 8.34 -17.98
N SER C 432 38.03 7.77 -18.97
CA SER C 432 37.85 8.12 -20.37
C SER C 432 37.89 6.84 -21.20
N LEU C 433 37.32 6.92 -22.40
CA LEU C 433 37.14 5.75 -23.25
C LEU C 433 38.08 5.83 -24.46
N LYS C 434 38.56 4.67 -24.90
CA LYS C 434 39.47 4.62 -26.03
C LYS C 434 39.27 3.32 -26.80
N VAL C 435 39.69 3.33 -28.06
CA VAL C 435 39.65 2.15 -28.92
C VAL C 435 40.99 2.04 -29.64
N GLY C 436 41.30 0.82 -30.07
CA GLY C 436 42.56 0.57 -30.74
C GLY C 436 42.53 -0.71 -31.51
N PHE C 437 43.56 -0.89 -32.35
CA PHE C 437 43.73 -2.11 -33.12
C PHE C 437 44.94 -2.88 -32.60
N LEU C 438 44.75 -4.17 -32.37
CA LEU C 438 45.84 -5.01 -31.88
C LEU C 438 46.84 -5.26 -33.00
N PRO C 439 48.11 -4.90 -32.83
CA PRO C 439 49.09 -5.09 -33.90
C PRO C 439 49.35 -6.56 -34.15
N PRO C 440 50.05 -6.90 -35.24
CA PRO C 440 50.34 -8.31 -35.52
C PRO C 440 51.23 -8.94 -34.46
N ALA C 441 51.47 -10.24 -34.58
CA ALA C 441 52.28 -10.93 -33.59
C ALA C 441 53.70 -10.37 -33.57
N GLY C 442 54.23 -10.19 -32.37
CA GLY C 442 55.58 -9.67 -32.22
C GLY C 442 55.70 -8.17 -32.32
N LYS C 443 54.59 -7.44 -32.36
CA LYS C 443 54.64 -5.98 -32.45
C LYS C 443 53.60 -5.32 -31.55
N GLU C 444 53.24 -5.94 -30.44
CA GLU C 444 52.16 -5.38 -29.59
C GLU C 444 52.62 -4.10 -28.89
N GLN C 445 53.92 -3.80 -28.88
CA GLN C 445 54.41 -2.61 -28.13
C GLN C 445 54.25 -1.33 -28.97
N ALA C 446 53.45 -1.37 -30.04
CA ALA C 446 53.25 -0.20 -30.89
C ALA C 446 51.77 -0.01 -31.20
N VAL C 447 50.92 -0.13 -30.19
CA VAL C 447 49.49 0.08 -30.36
C VAL C 447 49.19 1.56 -30.33
N SER C 448 48.27 2.00 -31.19
CA SER C 448 47.86 3.39 -31.28
C SER C 448 46.42 3.53 -30.80
N TRP C 449 46.22 4.43 -29.84
CA TRP C 449 44.91 4.64 -29.25
C TRP C 449 44.25 5.88 -29.84
N VAL C 450 42.93 5.83 -29.96
CA VAL C 450 42.12 6.94 -30.45
C VAL C 450 41.05 7.24 -29.41
N SER C 451 40.92 8.51 -29.04
CA SER C 451 39.99 8.90 -28.00
C SER C 451 38.58 8.97 -28.53
N LEU C 452 37.63 8.42 -27.76
CA LEU C 452 36.20 8.55 -28.05
C LEU C 452 35.48 9.46 -27.08
N GLU C 453 35.77 9.39 -25.79
CA GLU C 453 35.24 10.31 -24.80
C GLU C 453 36.33 10.62 -23.80
N GLU C 454 36.66 11.90 -23.67
CA GLU C 454 37.72 12.37 -22.80
C GLU C 454 37.13 13.19 -21.65
N ALA C 455 37.87 13.23 -20.54
CA ALA C 455 37.43 13.92 -19.34
C ALA C 455 38.39 15.06 -19.01
N GLU C 456 37.85 16.09 -18.37
CA GLU C 456 38.66 17.26 -18.01
C GLU C 456 39.49 16.96 -16.77
N PRO C 457 40.81 17.11 -16.83
CA PRO C 457 41.64 16.81 -15.65
C PRO C 457 41.51 17.88 -14.58
N PHE C 458 41.94 17.52 -13.38
CA PHE C 458 42.03 18.45 -12.26
C PHE C 458 43.49 18.78 -12.01
N PRO C 459 43.96 19.98 -12.37
CA PRO C 459 45.39 20.30 -12.16
C PRO C 459 45.76 20.54 -10.71
N ASP C 460 44.80 20.51 -9.78
CA ASP C 460 45.11 20.77 -8.38
C ASP C 460 45.80 19.58 -7.73
N ILE C 461 45.50 18.36 -8.16
CA ILE C 461 45.97 17.15 -7.50
C ILE C 461 47.28 16.72 -8.14
N SER C 462 48.25 16.36 -7.31
CA SER C 462 49.50 15.77 -7.76
C SER C 462 49.71 14.44 -7.03
N TRP C 463 50.16 13.43 -7.77
CA TRP C 463 50.30 12.10 -7.19
C TRP C 463 51.67 11.53 -7.55
N SER C 464 52.19 10.72 -6.64
CA SER C 464 53.48 10.08 -6.84
C SER C 464 53.50 8.75 -6.07
N ILE C 465 54.57 7.99 -6.29
CA ILE C 465 54.71 6.65 -5.73
C ILE C 465 55.99 6.58 -4.92
N ARG C 466 55.91 6.03 -3.72
CA ARG C 466 57.05 5.86 -2.83
C ARG C 466 57.31 4.37 -2.63
N VAL C 467 58.59 3.98 -2.67
CA VAL C 467 59.00 2.60 -2.46
C VAL C 467 59.64 2.49 -1.09
N LEU C 468 59.28 1.46 -0.33
CA LEU C 468 59.71 1.31 1.05
C LEU C 468 60.35 -0.05 1.24
N GLN C 469 61.53 -0.05 1.88
CA GLN C 469 62.30 -1.25 2.19
C GLN C 469 62.26 -1.50 3.69
N PRO C 470 61.68 -2.60 4.16
CA PRO C 470 61.55 -2.79 5.60
C PRO C 470 62.91 -2.87 6.26
N PRO C 471 63.02 -2.44 7.51
CA PRO C 471 64.28 -2.56 8.24
C PRO C 471 64.61 -4.02 8.51
N PRO C 472 65.87 -4.33 8.82
CA PRO C 472 66.27 -5.74 8.98
C PRO C 472 65.47 -6.49 10.03
N GLN C 473 65.11 -5.83 11.13
CA GLN C 473 64.44 -6.53 12.23
C GLN C 473 63.08 -7.08 11.79
N GLN C 474 62.34 -6.31 11.00
CA GLN C 474 60.98 -6.68 10.60
C GLN C 474 61.00 -7.51 9.32
N GLU C 475 61.76 -8.60 9.36
CA GLU C 475 61.86 -9.49 8.22
C GLU C 475 61.99 -10.93 8.71
N HIS C 476 61.27 -11.84 8.06
CA HIS C 476 61.34 -13.26 8.35
C HIS C 476 62.33 -13.94 7.42
N VAL C 477 62.97 -15.00 7.92
CA VAL C 477 64.01 -15.68 7.15
C VAL C 477 63.43 -16.28 5.87
N GLN C 478 62.20 -16.80 5.94
CA GLN C 478 61.62 -17.49 4.79
C GLN C 478 61.53 -16.57 3.58
N TYR C 479 61.06 -15.35 3.77
CA TYR C 479 60.91 -14.37 2.70
C TYR C 479 61.70 -13.12 3.08
N ALA C 480 62.94 -13.03 2.60
CA ALA C 480 63.82 -11.92 2.89
C ALA C 480 64.07 -11.10 1.64
N GLY C 481 64.01 -9.77 1.78
CA GLY C 481 64.26 -8.86 0.68
C GLY C 481 63.02 -8.23 0.08
N LEU C 482 61.83 -8.51 0.63
CA LEU C 482 60.61 -7.92 0.09
C LEU C 482 60.51 -6.44 0.45
N ASP C 483 59.80 -5.69 -0.38
CA ASP C 483 59.53 -4.29 -0.16
C ASP C 483 58.08 -3.99 -0.55
N PHE C 484 57.61 -2.80 -0.21
CA PHE C 484 56.24 -2.42 -0.49
C PHE C 484 56.21 -0.99 -1.01
N GLU C 485 55.01 -0.43 -1.18
CA GLU C 485 54.86 0.87 -1.83
C GLU C 485 53.72 1.65 -1.20
N ALA C 486 53.69 2.93 -1.54
CA ALA C 486 52.62 3.83 -1.11
C ALA C 486 52.35 4.84 -2.22
N ILE C 487 51.12 5.31 -2.28
CA ILE C 487 50.70 6.35 -3.22
C ILE C 487 50.45 7.63 -2.43
N LEU C 488 51.11 8.71 -2.83
CA LEU C 488 51.02 9.98 -2.14
C LEU C 488 50.32 11.01 -3.02
N LEU C 489 49.25 11.60 -2.50
CA LEU C 489 48.49 12.64 -3.18
C LEU C 489 48.61 13.93 -2.39
N GLN C 490 48.99 15.01 -3.07
CA GLN C 490 49.11 16.30 -2.41
C GLN C 490 48.59 17.42 -3.30
N PRO C 491 48.20 18.54 -2.71
CA PRO C 491 47.79 19.71 -3.50
C PRO C 491 48.99 20.36 -4.16
N SER C 492 48.92 20.51 -5.48
CA SER C 492 49.98 21.18 -6.22
C SER C 492 49.91 22.68 -6.00
N ASN C 493 51.07 23.33 -6.10
CA ASN C 493 51.19 24.77 -5.92
C ASN C 493 50.71 25.20 -4.54
N SER C 494 51.42 24.70 -3.52
CA SER C 494 51.09 25.12 -2.16
C SER C 494 52.08 26.19 -1.68
N PRO C 495 51.63 27.13 -0.85
CA PRO C 495 52.48 28.21 -0.34
C PRO C 495 53.73 27.70 0.36
N THR C 498 54.68 26.24 5.08
CA THR C 498 53.50 25.58 4.54
C THR C 498 53.37 24.15 5.07
N GLN C 499 52.94 24.04 6.33
CA GLN C 499 52.72 22.73 6.94
C GLN C 499 51.34 22.22 6.59
N VAL C 500 51.25 20.95 6.22
CA VAL C 500 49.99 20.37 5.74
C VAL C 500 49.62 19.16 6.57
N PRO C 501 48.34 18.98 6.90
CA PRO C 501 47.91 17.76 7.58
C PRO C 501 47.88 16.59 6.61
N MET C 502 47.87 15.37 7.18
CA MET C 502 47.93 14.16 6.37
C MET C 502 46.90 13.15 6.87
N VAL C 503 46.39 12.35 5.94
CA VAL C 503 45.44 11.29 6.21
C VAL C 503 46.01 10.00 5.63
N VAL C 504 46.03 8.93 6.43
CA VAL C 504 46.64 7.67 6.06
C VAL C 504 45.56 6.61 5.90
N MET C 505 45.63 5.87 4.80
CA MET C 505 44.64 4.85 4.48
C MET C 505 45.33 3.53 4.15
N PRO C 506 45.16 2.50 4.98
CA PRO C 506 45.48 1.14 4.54
C PRO C 506 44.23 0.47 3.97
N HIS C 507 44.47 -0.45 3.04
CA HIS C 507 43.37 -1.12 2.35
C HIS C 507 42.90 -2.34 3.12
N GLY C 508 41.68 -2.78 2.81
CA GLY C 508 41.13 -4.00 3.33
C GLY C 508 41.84 -5.21 2.76
N GLY C 509 41.15 -6.34 2.78
CA GLY C 509 41.72 -7.56 2.25
C GLY C 509 41.80 -8.67 3.27
N PRO C 510 43.02 -8.99 3.71
CA PRO C 510 44.26 -8.23 3.48
C PRO C 510 44.91 -8.48 2.12
N HIS C 511 44.28 -9.28 1.25
CA HIS C 511 44.85 -9.55 -0.07
C HIS C 511 44.13 -8.69 -1.11
N SER C 512 44.54 -7.44 -1.20
CA SER C 512 44.05 -6.48 -2.17
C SER C 512 45.13 -5.42 -2.36
N SER C 513 44.79 -4.31 -3.00
CA SER C 513 45.76 -3.24 -3.17
C SER C 513 45.07 -2.02 -3.76
N PHE C 514 45.76 -0.88 -3.66
CA PHE C 514 45.35 0.35 -4.33
C PHE C 514 46.09 0.49 -5.65
N VAL C 515 45.36 0.86 -6.69
CA VAL C 515 45.94 1.13 -7.99
C VAL C 515 45.73 2.59 -8.34
N THR C 516 46.62 3.12 -9.18
CA THR C 516 46.58 4.54 -9.55
C THR C 516 45.42 4.78 -10.52
N ALA C 517 44.21 4.72 -9.96
CA ALA C 517 42.98 4.96 -10.71
C ALA C 517 42.25 6.14 -10.10
N TRP C 518 41.06 6.42 -10.62
CA TRP C 518 40.26 7.54 -10.14
C TRP C 518 39.50 7.12 -8.88
N MET C 519 39.77 7.81 -7.78
CA MET C 519 39.10 7.57 -6.51
C MET C 519 38.49 8.87 -6.00
N LEU C 520 37.23 8.82 -5.60
CA LEU C 520 36.48 10.03 -5.29
C LEU C 520 36.93 10.63 -3.96
N PHE C 521 36.82 9.88 -2.87
CA PHE C 521 37.11 10.43 -1.55
C PHE C 521 38.53 10.94 -1.42
N PRO C 522 39.56 10.21 -1.88
CA PRO C 522 40.90 10.79 -1.86
C PRO C 522 41.00 12.10 -2.61
N ALA C 523 40.31 12.21 -3.75
CA ALA C 523 40.31 13.46 -4.49
C ALA C 523 39.67 14.59 -3.69
N MET C 524 38.55 14.30 -3.03
CA MET C 524 37.91 15.31 -2.19
C MET C 524 38.83 15.76 -1.06
N LEU C 525 39.48 14.81 -0.39
CA LEU C 525 40.38 15.16 0.70
C LEU C 525 41.55 16.00 0.19
N CYS C 526 42.09 15.63 -0.98
CA CYS C 526 43.19 16.42 -1.54
C CYS C 526 42.74 17.83 -1.90
N LYS C 527 41.54 17.96 -2.48
CA LYS C 527 41.04 19.28 -2.85
C LYS C 527 40.63 20.10 -1.64
N MET C 528 40.41 19.47 -0.49
CA MET C 528 40.04 20.24 0.70
C MET C 528 41.25 20.66 1.52
N GLY C 529 42.46 20.33 1.09
CA GLY C 529 43.66 20.82 1.75
C GLY C 529 44.53 19.77 2.40
N PHE C 530 44.11 18.51 2.34
CA PHE C 530 44.83 17.41 2.99
C PHE C 530 45.82 16.76 2.03
N ALA C 531 46.71 15.95 2.60
CA ALA C 531 47.63 15.12 1.86
C ALA C 531 47.32 13.67 2.20
N VAL C 532 47.07 12.86 1.17
CA VAL C 532 46.58 11.50 1.36
C VAL C 532 47.70 10.51 1.10
N LEU C 533 47.83 9.51 1.95
CA LEU C 533 48.83 8.46 1.81
C LEU C 533 48.14 7.11 1.85
N LEU C 534 48.10 6.42 0.70
CA LEU C 534 47.51 5.10 0.61
C LEU C 534 48.63 4.06 0.64
N VAL C 535 48.55 3.11 1.57
CA VAL C 535 49.64 2.17 1.82
C VAL C 535 49.30 0.82 1.22
N ASN C 536 50.29 0.19 0.57
CA ASN C 536 50.17 -1.18 0.08
C ASN C 536 51.21 -2.01 0.83
N TYR C 537 50.83 -2.54 1.99
CA TYR C 537 51.77 -3.26 2.82
C TYR C 537 52.04 -4.65 2.25
N ARG C 538 53.06 -5.31 2.80
CA ARG C 538 53.39 -6.66 2.37
C ARG C 538 52.20 -7.59 2.57
N GLY C 539 51.90 -8.40 1.57
CA GLY C 539 50.73 -9.24 1.55
C GLY C 539 49.66 -8.78 0.58
N SER C 540 49.92 -7.74 -0.21
CA SER C 540 48.97 -7.24 -1.18
C SER C 540 49.14 -7.95 -2.52
N THR C 541 48.10 -7.88 -3.34
CA THR C 541 48.15 -8.47 -4.66
C THR C 541 48.94 -7.59 -5.63
N GLY C 542 49.62 -8.23 -6.57
CA GLY C 542 50.40 -7.55 -7.57
C GLY C 542 51.89 -7.47 -7.30
N PHE C 543 52.38 -8.12 -6.24
CA PHE C 543 53.79 -8.09 -5.90
C PHE C 543 54.42 -9.48 -5.91
N GLY C 544 53.67 -10.50 -6.28
CA GLY C 544 54.18 -11.86 -6.33
C GLY C 544 53.51 -12.76 -5.31
N GLN C 545 53.79 -14.05 -5.45
CA GLN C 545 53.21 -15.04 -4.54
C GLN C 545 53.88 -15.00 -3.17
N ASP C 546 55.17 -14.66 -3.12
CA ASP C 546 55.87 -14.59 -1.84
C ASP C 546 55.24 -13.54 -0.93
N SER C 547 54.92 -12.38 -1.49
CA SER C 547 54.24 -11.36 -0.70
C SER C 547 52.88 -11.84 -0.22
N ILE C 548 52.17 -12.60 -1.05
CA ILE C 548 50.87 -13.12 -0.66
C ILE C 548 51.00 -14.07 0.52
N LEU C 549 51.98 -14.96 0.48
CA LEU C 549 52.14 -15.99 1.51
C LEU C 549 52.89 -15.52 2.74
N SER C 550 53.53 -14.35 2.69
CA SER C 550 54.27 -13.86 3.85
C SER C 550 53.38 -13.39 4.98
N LEU C 551 52.16 -12.95 4.70
CA LEU C 551 51.30 -12.34 5.70
C LEU C 551 50.66 -13.38 6.62
N PRO C 552 49.96 -14.39 6.07
CA PRO C 552 49.17 -15.30 6.91
C PRO C 552 49.93 -15.84 8.11
N GLY C 553 49.34 -15.68 9.29
CA GLY C 553 49.94 -16.10 10.54
C GLY C 553 50.64 -15.00 11.31
N ASN C 554 50.92 -13.87 10.66
CA ASN C 554 51.61 -12.76 11.29
C ASN C 554 50.73 -11.52 11.42
N VAL C 555 49.43 -11.64 11.16
CA VAL C 555 48.55 -10.48 11.24
C VAL C 555 48.57 -9.94 12.66
N GLY C 556 48.70 -8.61 12.77
CA GLY C 556 48.72 -7.93 14.04
C GLY C 556 49.99 -7.17 14.35
N HIS C 557 51.14 -7.61 13.85
CA HIS C 557 52.39 -6.93 14.16
C HIS C 557 53.20 -6.58 12.92
N GLN C 558 53.12 -7.41 11.87
CA GLN C 558 53.89 -7.14 10.67
C GLN C 558 53.32 -5.96 9.88
N ASP C 559 52.04 -6.05 9.51
CA ASP C 559 51.43 -5.00 8.70
C ASP C 559 51.33 -3.69 9.47
N VAL C 560 51.05 -3.76 10.77
CA VAL C 560 50.99 -2.55 11.58
C VAL C 560 52.33 -1.84 11.58
N LYS C 561 53.41 -2.61 11.76
CA LYS C 561 54.75 -2.03 11.74
C LYS C 561 55.09 -1.49 10.37
N ASP C 562 54.62 -2.16 9.31
CA ASP C 562 54.84 -1.65 7.96
C ASP C 562 54.20 -0.28 7.78
N VAL C 563 52.95 -0.14 8.22
CA VAL C 563 52.25 1.14 8.11
C VAL C 563 52.97 2.20 8.94
N GLN C 564 53.38 1.84 10.16
CA GLN C 564 54.08 2.81 11.00
C GLN C 564 55.38 3.26 10.36
N PHE C 565 56.14 2.33 9.78
CA PHE C 565 57.38 2.68 9.09
C PHE C 565 57.12 3.61 7.91
N ALA C 566 56.09 3.30 7.12
CA ALA C 566 55.77 4.15 5.98
C ALA C 566 55.43 5.56 6.44
N VAL C 567 54.61 5.68 7.48
CA VAL C 567 54.23 7.00 7.98
C VAL C 567 55.46 7.74 8.49
N GLU C 568 56.32 7.07 9.24
CA GLU C 568 57.52 7.72 9.76
C GLU C 568 58.40 8.22 8.63
N GLN C 569 58.64 7.39 7.62
CA GLN C 569 59.49 7.79 6.51
C GLN C 569 58.90 8.97 5.76
N VAL C 570 57.60 8.93 5.49
CA VAL C 570 56.97 10.03 4.76
C VAL C 570 57.05 11.33 5.56
N LEU C 571 56.79 11.26 6.87
CA LEU C 571 56.88 12.45 7.69
C LEU C 571 58.30 13.01 7.72
N GLN C 572 59.30 12.12 7.84
CA GLN C 572 60.68 12.59 7.89
C GLN C 572 61.12 13.20 6.58
N GLU C 573 60.65 12.68 5.44
CA GLU C 573 61.11 13.14 4.14
C GLU C 573 60.34 14.37 3.66
N GLU C 574 59.02 14.25 3.52
CA GLU C 574 58.24 15.30 2.88
C GLU C 574 58.16 16.57 3.71
N HIS C 575 58.48 16.50 5.00
CA HIS C 575 58.40 17.66 5.90
C HIS C 575 56.96 18.18 5.98
N PHE C 576 56.07 17.29 6.42
CA PHE C 576 54.66 17.63 6.63
C PHE C 576 54.47 18.13 8.06
N ASP C 577 53.21 18.27 8.47
CA ASP C 577 52.87 18.73 9.82
C ASP C 577 52.68 17.51 10.70
N ALA C 578 53.72 17.18 11.48
CA ALA C 578 53.68 15.99 12.31
C ALA C 578 52.64 16.08 13.42
N GLY C 579 52.12 17.27 13.70
CA GLY C 579 51.14 17.42 14.76
C GLY C 579 49.71 17.12 14.35
N ARG C 580 49.46 16.96 13.05
CA ARG C 580 48.12 16.71 12.53
C ARG C 580 48.19 15.54 11.55
N VAL C 581 47.93 14.33 12.06
CA VAL C 581 47.90 13.13 11.25
C VAL C 581 46.65 12.34 11.62
N ALA C 582 45.93 11.85 10.62
CA ALA C 582 44.69 11.13 10.86
C ALA C 582 44.74 9.78 10.14
N LEU C 583 43.88 8.87 10.58
CA LEU C 583 43.78 7.53 10.01
C LEU C 583 42.38 7.32 9.47
N MET C 584 42.26 6.47 8.45
CA MET C 584 40.95 6.09 7.94
C MET C 584 41.04 4.72 7.29
N GLY C 585 40.11 3.83 7.62
CA GLY C 585 40.08 2.50 7.06
C GLY C 585 38.76 1.79 7.27
N GLY C 586 38.52 0.73 6.50
CA GLY C 586 37.29 -0.05 6.60
C GLY C 586 37.59 -1.53 6.55
N SER C 587 36.79 -2.31 7.28
CA SER C 587 36.97 -3.76 7.32
C SER C 587 38.32 -4.09 7.95
N HIS C 588 39.10 -4.96 7.28
CA HIS C 588 40.41 -5.28 7.80
C HIS C 588 41.25 -4.03 8.03
N GLY C 589 41.18 -3.07 7.12
CA GLY C 589 41.90 -1.83 7.33
C GLY C 589 41.52 -1.17 8.65
N GLY C 590 40.21 -1.08 8.92
CA GLY C 590 39.79 -0.58 10.21
C GLY C 590 40.41 -1.38 11.34
N PHE C 591 40.41 -2.70 11.21
CA PHE C 591 41.19 -3.55 12.10
C PHE C 591 42.56 -2.94 12.34
N LEU C 592 43.36 -2.85 11.28
CA LEU C 592 44.70 -2.27 11.42
C LEU C 592 44.62 -0.92 12.12
N SER C 593 43.70 -0.06 11.69
CA SER C 593 43.60 1.27 12.28
C SER C 593 43.53 1.19 13.79
N CYS C 594 42.61 0.36 14.30
CA CYS C 594 42.48 0.27 15.76
C CYS C 594 43.82 -0.07 16.39
N HIS C 595 44.49 -1.11 15.86
CA HIS C 595 45.76 -1.52 16.42
C HIS C 595 46.69 -0.31 16.57
N LEU C 596 46.80 0.50 15.52
CA LEU C 596 47.70 1.64 15.59
C LEU C 596 47.36 2.53 16.78
N ILE C 597 46.10 2.95 16.88
CA ILE C 597 45.73 3.88 17.94
C ILE C 597 45.82 3.26 19.31
N GLY C 598 46.13 1.97 19.39
CA GLY C 598 46.35 1.32 20.67
C GLY C 598 47.82 1.19 20.98
N GLN C 599 48.65 1.01 19.95
CA GLN C 599 50.07 0.76 20.18
C GLN C 599 50.90 2.02 20.12
N TYR C 600 50.46 3.03 19.37
CA TYR C 600 51.16 4.31 19.25
C TYR C 600 50.15 5.41 19.51
N PRO C 601 49.76 5.61 20.77
CA PRO C 601 48.68 6.55 21.09
C PRO C 601 49.08 8.02 21.09
N GLU C 602 50.31 8.35 20.68
CA GLU C 602 50.77 9.74 20.68
C GLU C 602 51.18 10.17 19.27
N THR C 603 50.57 9.59 18.25
CA THR C 603 50.89 9.89 16.87
C THR C 603 49.71 10.39 16.05
N TYR C 604 48.50 9.91 16.31
CA TYR C 604 47.34 10.26 15.52
C TYR C 604 46.36 11.06 16.37
N SER C 605 45.66 12.00 15.71
CA SER C 605 44.73 12.88 16.39
C SER C 605 43.28 12.65 16.00
N ALA C 606 42.98 11.64 15.19
CA ALA C 606 41.61 11.32 14.84
C ALA C 606 41.59 9.94 14.19
N CYS C 607 40.38 9.37 14.08
CA CYS C 607 40.23 8.06 13.47
C CYS C 607 38.78 7.86 13.08
N VAL C 608 38.56 7.35 11.86
CA VAL C 608 37.24 7.02 11.35
C VAL C 608 37.29 5.59 10.85
N VAL C 609 36.30 4.78 11.22
CA VAL C 609 36.30 3.38 10.86
C VAL C 609 34.91 2.95 10.40
N ARG C 610 34.88 2.01 9.46
CA ARG C 610 33.65 1.44 8.92
C ARG C 610 33.71 -0.07 9.06
N ASN C 611 32.72 -0.65 9.75
CA ASN C 611 32.59 -2.09 9.95
C ASN C 611 33.94 -2.74 10.22
N PRO C 612 34.59 -2.40 11.32
CA PRO C 612 35.91 -2.96 11.62
C PRO C 612 35.82 -4.34 12.26
N VAL C 613 36.97 -5.01 12.32
CA VAL C 613 37.11 -6.28 13.01
C VAL C 613 37.82 -6.04 14.34
N ILE C 614 37.20 -6.49 15.43
CA ILE C 614 37.68 -6.19 16.77
C ILE C 614 38.13 -7.44 17.52
N ASN C 615 37.34 -8.50 17.48
CA ASN C 615 37.64 -9.72 18.23
C ASN C 615 37.47 -10.91 17.31
N ILE C 616 38.58 -11.55 16.96
CA ILE C 616 38.53 -12.68 16.02
C ILE C 616 37.84 -13.88 16.67
N ALA C 617 38.11 -14.13 17.95
CA ALA C 617 37.57 -15.31 18.61
C ALA C 617 36.04 -15.30 18.58
N SER C 618 35.43 -14.17 18.90
CA SER C 618 33.98 -14.07 18.86
C SER C 618 33.46 -13.96 17.44
N MET C 619 34.26 -13.43 16.53
CA MET C 619 33.84 -13.32 15.13
C MET C 619 33.81 -14.66 14.42
N MET C 620 34.59 -15.64 14.89
CA MET C 620 34.69 -16.91 14.19
C MET C 620 33.33 -17.60 14.06
N GLY C 621 32.54 -17.57 15.13
CA GLY C 621 31.31 -18.33 15.16
C GLY C 621 30.08 -17.59 14.67
N SER C 622 30.27 -16.42 14.06
CA SER C 622 29.13 -15.62 13.61
C SER C 622 29.27 -15.08 12.20
N THR C 623 30.37 -15.34 11.50
CA THR C 623 30.56 -14.85 10.14
C THR C 623 30.23 -15.94 9.13
N ASP C 624 30.17 -15.54 7.86
CA ASP C 624 29.88 -16.46 6.76
C ASP C 624 31.14 -17.04 6.14
N ILE C 625 32.32 -16.64 6.59
CA ILE C 625 33.58 -17.19 6.10
C ILE C 625 34.44 -17.57 7.30
N PRO C 626 34.08 -18.60 8.06
CA PRO C 626 34.86 -18.94 9.25
C PRO C 626 36.30 -19.32 8.95
N ASP C 627 36.60 -19.80 7.74
CA ASP C 627 37.96 -20.17 7.42
C ASP C 627 38.91 -18.98 7.40
N TRP C 628 38.38 -17.77 7.21
CA TRP C 628 39.23 -16.59 7.21
C TRP C 628 39.97 -16.45 8.54
N CYS C 629 39.25 -16.57 9.65
CA CYS C 629 39.88 -16.42 10.97
C CYS C 629 40.91 -17.51 11.20
N MET C 630 40.57 -18.76 10.85
CA MET C 630 41.51 -19.86 11.05
C MET C 630 42.79 -19.66 10.24
N VAL C 631 42.65 -19.23 8.99
CA VAL C 631 43.83 -19.04 8.14
C VAL C 631 44.67 -17.87 8.64
N GLU C 632 44.03 -16.75 8.97
CA GLU C 632 44.77 -15.57 9.39
C GLU C 632 45.48 -15.83 10.72
N ALA C 633 44.81 -16.51 11.65
CA ALA C 633 45.42 -16.76 12.95
C ALA C 633 46.67 -17.60 12.82
N GLY C 634 46.68 -18.55 11.88
CA GLY C 634 47.86 -19.36 11.65
C GLY C 634 47.60 -20.85 11.66
N PHE C 635 46.33 -21.25 11.72
CA PHE C 635 45.96 -22.65 11.75
C PHE C 635 45.30 -23.04 10.43
N SER C 636 44.91 -24.29 10.30
CA SER C 636 44.28 -24.82 9.11
C SER C 636 42.81 -25.08 9.36
N TYR C 637 41.97 -24.59 8.44
CA TYR C 637 40.53 -24.76 8.57
C TYR C 637 40.14 -26.21 8.25
N SER C 638 39.25 -26.76 9.07
CA SER C 638 38.74 -28.12 8.85
C SER C 638 37.30 -28.19 9.34
N SER C 639 36.42 -28.74 8.51
CA SER C 639 35.03 -28.91 8.91
C SER C 639 34.94 -29.86 10.10
N ASP C 640 33.97 -29.62 10.96
CA ASP C 640 33.81 -30.38 12.20
C ASP C 640 34.91 -30.04 13.20
N CYS C 641 35.34 -28.78 13.21
CA CYS C 641 36.34 -28.33 14.16
C CYS C 641 35.70 -28.04 15.51
N LEU C 642 36.53 -27.99 16.55
CA LEU C 642 36.04 -27.77 17.90
C LEU C 642 36.88 -26.68 18.55
N PRO C 643 36.33 -25.94 19.52
CA PRO C 643 37.09 -24.88 20.17
C PRO C 643 38.18 -25.41 21.10
N ASP C 644 39.43 -25.15 20.76
CA ASP C 644 40.56 -25.54 21.58
C ASP C 644 41.14 -24.32 22.29
N LEU C 645 41.71 -24.54 23.48
CA LEU C 645 42.24 -23.43 24.27
C LEU C 645 43.35 -22.71 23.54
N SER C 646 44.25 -23.46 22.91
CA SER C 646 45.38 -22.84 22.21
C SER C 646 44.91 -21.92 21.10
N VAL C 647 43.95 -22.39 20.30
CA VAL C 647 43.46 -21.60 19.17
C VAL C 647 42.82 -20.32 19.67
N TRP C 648 41.99 -20.42 20.71
CA TRP C 648 41.31 -19.24 21.23
C TRP C 648 42.31 -18.25 21.83
N ALA C 649 43.32 -18.75 22.54
CA ALA C 649 44.35 -17.87 23.09
C ALA C 649 45.09 -17.15 21.99
N ALA C 650 45.46 -17.88 20.93
CA ALA C 650 46.16 -17.25 19.82
C ALA C 650 45.30 -16.20 19.15
N MET C 651 44.02 -16.50 18.95
CA MET C 651 43.11 -15.55 18.32
C MET C 651 42.95 -14.28 19.17
N LEU C 652 42.81 -14.45 20.49
CA LEU C 652 42.64 -13.29 21.36
C LEU C 652 43.91 -12.46 21.43
N ASP C 653 45.07 -13.11 21.36
CA ASP C 653 46.33 -12.38 21.45
C ASP C 653 46.55 -11.45 20.26
N LYS C 654 45.86 -11.70 19.15
CA LYS C 654 46.06 -10.96 17.91
C LYS C 654 44.98 -9.92 17.66
N SER C 655 44.13 -9.64 18.65
CA SER C 655 43.02 -8.74 18.39
C SER C 655 43.30 -7.35 18.97
N PRO C 656 42.79 -6.30 18.32
CA PRO C 656 43.04 -4.94 18.82
C PRO C 656 42.40 -4.65 20.17
N ILE C 657 41.38 -5.42 20.56
CA ILE C 657 40.69 -5.15 21.82
C ILE C 657 41.67 -5.18 22.98
N LYS C 658 42.73 -5.98 22.87
CA LYS C 658 43.71 -6.08 23.95
C LYS C 658 44.29 -4.72 24.31
N TYR C 659 44.35 -3.80 23.36
CA TYR C 659 44.93 -2.49 23.60
C TYR C 659 43.89 -1.41 23.86
N ALA C 660 42.64 -1.79 24.07
CA ALA C 660 41.59 -0.80 24.33
C ALA C 660 41.90 0.14 25.49
N PRO C 661 42.42 -0.33 26.64
CA PRO C 661 42.59 0.57 27.79
C PRO C 661 43.69 1.61 27.59
N GLN C 662 44.29 1.66 26.40
CA GLN C 662 45.30 2.66 26.09
C GLN C 662 44.85 3.67 25.04
N VAL C 663 43.70 3.45 24.40
CA VAL C 663 43.27 4.35 23.34
C VAL C 663 43.01 5.74 23.90
N LYS C 664 43.42 6.76 23.15
CA LYS C 664 43.27 8.14 23.56
C LYS C 664 42.74 9.06 22.47
N THR C 665 42.73 8.64 21.20
CA THR C 665 42.32 9.48 20.09
C THR C 665 40.79 9.48 19.93
N PRO C 666 40.20 10.61 19.56
CA PRO C 666 38.77 10.61 19.25
C PRO C 666 38.46 9.66 18.10
N LEU C 667 37.30 9.02 18.18
CA LEU C 667 36.94 7.96 17.24
C LEU C 667 35.55 8.17 16.67
N LEU C 668 35.40 7.86 15.39
CA LEU C 668 34.11 7.84 14.71
C LEU C 668 33.89 6.44 14.13
N LEU C 669 32.74 5.86 14.43
CA LEU C 669 32.38 4.51 14.01
C LEU C 669 31.16 4.57 13.11
N MET C 670 31.20 3.86 11.99
CA MET C 670 30.03 3.68 11.14
C MET C 670 29.77 2.19 10.97
N LEU C 671 28.54 1.77 11.27
CA LEU C 671 28.18 0.36 11.27
C LEU C 671 26.94 0.11 10.43
N GLY C 672 26.91 -1.04 9.78
CA GLY C 672 25.74 -1.48 9.05
C GLY C 672 25.07 -2.66 9.75
N GLN C 673 23.81 -2.48 10.14
CA GLN C 673 23.16 -3.48 10.98
C GLN C 673 23.01 -4.81 10.27
N GLU C 674 22.68 -4.79 8.97
CA GLU C 674 22.42 -6.00 8.22
C GLU C 674 23.68 -6.64 7.64
N ASP C 675 24.83 -6.35 8.22
CA ASP C 675 26.08 -6.92 7.71
C ASP C 675 26.14 -8.42 8.01
N ARG C 676 26.59 -9.19 7.03
CA ARG C 676 26.75 -10.63 7.19
C ARG C 676 28.20 -11.08 7.10
N ARG C 677 29.10 -10.26 6.55
CA ARG C 677 30.51 -10.63 6.51
C ARG C 677 31.19 -10.34 7.83
N VAL C 678 30.92 -9.17 8.41
CA VAL C 678 31.44 -8.78 9.71
C VAL C 678 30.25 -8.38 10.58
N PRO C 679 29.87 -9.19 11.57
CA PRO C 679 28.74 -8.81 12.43
C PRO C 679 29.02 -7.48 13.13
N PHE C 680 27.95 -6.71 13.34
CA PHE C 680 28.09 -5.33 13.81
C PHE C 680 28.32 -5.23 15.31
N LYS C 681 28.26 -6.33 16.05
CA LYS C 681 28.59 -6.29 17.47
C LYS C 681 30.08 -6.07 17.71
N GLN C 682 30.91 -6.35 16.72
CA GLN C 682 32.34 -6.11 16.86
C GLN C 682 32.62 -4.65 17.20
N GLY C 683 32.00 -3.73 16.45
CA GLY C 683 32.13 -2.32 16.78
C GLY C 683 31.48 -1.96 18.10
N MET C 684 30.38 -2.63 18.44
CA MET C 684 29.68 -2.30 19.68
C MET C 684 30.55 -2.60 20.90
N GLU C 685 31.30 -3.70 20.88
CA GLU C 685 32.17 -4.01 22.00
C GLU C 685 33.21 -2.91 22.20
N TYR C 686 33.86 -2.50 21.11
CA TYR C 686 34.86 -1.43 21.19
C TYR C 686 34.22 -0.14 21.67
N TYR C 687 33.02 0.19 21.16
CA TYR C 687 32.34 1.40 21.57
C TYR C 687 32.05 1.39 23.07
N ARG C 688 31.55 0.27 23.60
CA ARG C 688 31.28 0.18 25.02
C ARG C 688 32.56 0.32 25.83
N VAL C 689 33.62 -0.35 25.40
CA VAL C 689 34.89 -0.30 26.14
C VAL C 689 35.41 1.13 26.19
N LEU C 690 35.36 1.84 25.06
CA LEU C 690 35.86 3.21 25.03
C LEU C 690 34.98 4.14 25.85
N LYS C 691 33.66 4.01 25.71
CA LYS C 691 32.75 4.91 26.40
C LYS C 691 32.82 4.74 27.91
N ALA C 692 33.08 3.51 28.37
CA ALA C 692 33.15 3.28 29.81
C ALA C 692 34.25 4.12 30.45
N ARG C 693 35.25 4.53 29.68
CA ARG C 693 36.37 5.31 30.20
C ARG C 693 36.29 6.79 29.84
N ASN C 694 35.15 7.26 29.34
CA ASN C 694 34.94 8.68 29.05
C ASN C 694 35.93 9.18 27.99
N VAL C 695 35.85 8.57 26.81
CA VAL C 695 36.66 8.98 25.67
C VAL C 695 35.72 9.49 24.58
N PRO C 696 36.06 10.58 23.88
CA PRO C 696 35.17 11.09 22.85
C PRO C 696 34.97 10.10 21.71
N VAL C 697 33.76 9.55 21.60
CA VAL C 697 33.43 8.57 20.57
C VAL C 697 32.08 8.93 19.97
N ARG C 698 31.98 8.86 18.65
CA ARG C 698 30.73 9.12 17.96
C ARG C 698 30.39 7.92 17.08
N LEU C 699 29.15 7.44 17.18
CA LEU C 699 28.74 6.22 16.52
C LEU C 699 27.53 6.48 15.62
N LEU C 700 27.54 5.88 14.44
CA LEU C 700 26.42 5.93 13.51
C LEU C 700 26.07 4.52 13.08
N LEU C 701 24.78 4.19 13.11
CA LEU C 701 24.28 2.86 12.79
C LEU C 701 23.23 2.97 11.70
N TYR C 702 23.44 2.24 10.60
CA TYR C 702 22.51 2.26 9.49
C TYR C 702 21.68 0.97 9.49
N PRO C 703 20.38 1.04 9.75
CA PRO C 703 19.61 -0.19 9.93
C PRO C 703 19.55 -1.09 8.72
N LYS C 704 19.77 -0.56 7.51
CA LYS C 704 19.57 -1.34 6.29
C LYS C 704 20.85 -1.65 5.53
N SER C 705 21.83 -0.74 5.51
CA SER C 705 23.06 -0.99 4.79
C SER C 705 23.72 -2.27 5.29
N THR C 706 24.21 -3.09 4.37
CA THR C 706 24.71 -4.40 4.78
C THR C 706 26.21 -4.40 5.05
N HIS C 707 27.03 -4.20 4.03
CA HIS C 707 28.46 -4.17 4.32
C HIS C 707 29.19 -3.00 3.69
N ALA C 708 28.85 -2.63 2.46
CA ALA C 708 29.59 -1.62 1.73
C ALA C 708 28.98 -0.23 1.84
N LEU C 709 27.81 -0.10 2.45
CA LEU C 709 27.11 1.18 2.53
C LEU C 709 27.00 1.81 1.14
N SER C 710 26.59 0.98 0.19
CA SER C 710 26.57 1.38 -1.21
C SER C 710 25.36 2.22 -1.59
N GLU C 711 24.33 2.25 -0.74
CA GLU C 711 23.19 3.12 -1.01
C GLU C 711 23.66 4.57 -1.10
N VAL C 712 23.08 5.31 -2.05
CA VAL C 712 23.56 6.66 -2.31
C VAL C 712 23.42 7.53 -1.06
N GLU C 713 22.25 7.46 -0.41
CA GLU C 713 22.05 8.26 0.80
C GLU C 713 23.03 7.88 1.89
N VAL C 714 23.19 6.57 2.13
CA VAL C 714 24.08 6.12 3.19
C VAL C 714 25.52 6.53 2.90
N GLU C 715 25.96 6.32 1.66
CA GLU C 715 27.33 6.67 1.31
C GLU C 715 27.58 8.16 1.43
N SER C 716 26.65 8.98 0.94
CA SER C 716 26.83 10.42 1.03
C SER C 716 26.87 10.89 2.47
N ASP C 717 25.96 10.38 3.31
CA ASP C 717 25.94 10.77 4.71
C ASP C 717 27.23 10.37 5.41
N SER C 718 27.70 9.14 5.17
CA SER C 718 28.92 8.69 5.81
C SER C 718 30.12 9.51 5.38
N PHE C 719 30.24 9.80 4.09
CA PHE C 719 31.38 10.59 3.61
C PHE C 719 31.34 12.00 4.18
N MET C 720 30.16 12.62 4.21
CA MET C 720 30.05 13.96 4.76
C MET C 720 30.42 13.97 6.24
N ASN C 721 29.93 12.99 7.00
CA ASN C 721 30.26 12.92 8.41
C ASN C 721 31.76 12.75 8.62
N ALA C 722 32.39 11.87 7.84
CA ALA C 722 33.83 11.65 7.97
C ALA C 722 34.61 12.93 7.68
N VAL C 723 34.25 13.61 6.59
CA VAL C 723 34.98 14.83 6.22
C VAL C 723 34.80 15.90 7.30
N LEU C 724 33.57 16.06 7.80
CA LEU C 724 33.34 17.06 8.84
C LEU C 724 34.12 16.73 10.10
N TRP C 725 34.14 15.45 10.50
CA TRP C 725 34.88 15.06 11.69
C TRP C 725 36.36 15.36 11.53
N LEU C 726 36.95 14.97 10.40
CA LEU C 726 38.37 15.20 10.19
C LEU C 726 38.68 16.69 10.18
N CYS C 727 37.86 17.49 9.50
CA CYS C 727 38.12 18.93 9.46
C CYS C 727 37.99 19.55 10.85
N THR C 728 36.99 19.13 11.62
CA THR C 728 36.79 19.71 12.94
C THR C 728 37.96 19.39 13.87
N HIS C 729 38.43 18.14 13.84
CA HIS C 729 39.49 17.77 14.77
C HIS C 729 40.87 18.17 14.28
N LEU C 730 41.07 18.27 12.96
CA LEU C 730 42.35 18.71 12.42
C LEU C 730 42.24 20.11 11.82
N GLU D 9 -18.79 34.39 14.22
CA GLU D 9 -17.37 34.03 14.32
C GLU D 9 -17.21 32.51 14.27
N PRO D 10 -16.30 32.03 13.42
CA PRO D 10 -16.15 30.58 13.24
C PRO D 10 -15.84 29.82 14.51
N GLU D 11 -15.07 30.40 15.44
CA GLU D 11 -14.67 29.67 16.64
C GLU D 11 -15.88 29.33 17.50
N GLU D 12 -16.76 30.30 17.73
CA GLU D 12 -17.96 30.06 18.53
C GLU D 12 -18.85 29.01 17.87
N ALA D 13 -19.01 29.10 16.55
CA ALA D 13 -19.82 28.13 15.83
C ALA D 13 -19.23 26.72 15.97
N ALA D 14 -17.91 26.60 15.86
CA ALA D 14 -17.28 25.29 15.99
C ALA D 14 -17.46 24.73 17.39
N ALA D 15 -17.28 25.57 18.42
CA ALA D 15 -17.50 25.10 19.79
C ALA D 15 -18.94 24.66 20.00
N LEU D 16 -19.89 25.43 19.49
CA LEU D 16 -21.30 25.07 19.62
C LEU D 16 -21.59 23.76 18.90
N TYR D 17 -21.00 23.57 17.72
CA TYR D 17 -21.21 22.32 16.99
C TYR D 17 -20.65 21.14 17.76
N ARG D 18 -19.46 21.29 18.34
CA ARG D 18 -18.91 20.22 19.18
C ARG D 18 -19.87 19.89 20.32
N GLY D 19 -20.29 20.92 21.06
CA GLY D 19 -21.17 20.68 22.19
C GLY D 19 -22.46 20.00 21.79
N LEU D 20 -23.06 20.43 20.68
CA LEU D 20 -24.33 19.84 20.26
C LEU D 20 -24.15 18.42 19.73
N SER D 21 -23.09 18.15 18.98
CA SER D 21 -22.86 16.84 18.41
C SER D 21 -22.30 15.86 19.43
N ARG D 22 -21.97 16.30 20.64
CA ARG D 22 -21.52 15.40 21.68
C ARG D 22 -22.66 14.56 22.27
N GLN D 23 -23.83 14.54 21.64
CA GLN D 23 -24.98 13.79 22.14
C GLN D 23 -25.08 12.45 21.42
N PRO D 24 -25.16 11.33 22.13
CA PRO D 24 -25.28 10.03 21.46
C PRO D 24 -26.71 9.75 21.02
N ALA D 25 -26.86 8.66 20.26
CA ALA D 25 -28.16 8.22 19.76
C ALA D 25 -28.30 6.72 19.95
N LEU D 26 -29.51 6.28 20.28
CA LEU D 26 -29.79 4.86 20.50
C LEU D 26 -30.23 4.21 19.20
N SER D 27 -29.82 2.95 18.99
CA SER D 27 -30.08 2.28 17.74
C SER D 27 -30.68 0.88 17.86
N ALA D 28 -30.60 0.23 19.01
CA ALA D 28 -31.13 -1.13 19.13
C ALA D 28 -31.19 -1.51 20.60
N ALA D 29 -31.88 -2.62 20.88
CA ALA D 29 -32.02 -3.12 22.23
C ALA D 29 -32.60 -4.53 22.19
N CYS D 30 -32.16 -5.37 23.12
CA CYS D 30 -32.66 -6.73 23.25
C CYS D 30 -32.72 -7.11 24.72
N LEU D 31 -33.55 -8.09 25.03
CA LEU D 31 -33.80 -8.50 26.41
C LEU D 31 -33.22 -9.88 26.67
N GLY D 32 -32.71 -10.09 27.88
CA GLY D 32 -32.15 -11.36 28.27
C GLY D 32 -33.15 -12.27 28.96
N PRO D 33 -32.73 -13.49 29.27
CA PRO D 33 -33.62 -14.45 29.90
C PRO D 33 -33.91 -14.08 31.35
N GLU D 34 -35.05 -14.57 31.83
CA GLU D 34 -35.45 -14.32 33.22
C GLU D 34 -34.58 -15.11 34.18
N VAL D 35 -34.31 -14.52 35.35
CA VAL D 35 -33.50 -15.15 36.38
C VAL D 35 -34.22 -15.04 37.71
N THR D 36 -34.16 -16.10 38.51
CA THR D 36 -34.79 -16.14 39.82
C THR D 36 -33.72 -16.39 40.88
N THR D 37 -33.75 -15.59 41.94
CA THR D 37 -32.79 -15.72 43.03
C THR D 37 -33.34 -16.63 44.12
N GLN D 38 -32.45 -17.04 45.02
CA GLN D 38 -32.86 -17.90 46.14
C GLN D 38 -33.84 -17.16 47.05
N TYR D 39 -33.61 -15.87 47.28
CA TYR D 39 -34.52 -15.10 48.12
C TYR D 39 -35.92 -15.05 47.52
N GLY D 40 -36.01 -14.84 46.21
CA GLY D 40 -37.30 -14.82 45.54
C GLY D 40 -37.43 -13.75 44.49
N GLY D 41 -36.58 -12.73 44.56
CA GLY D 41 -36.67 -11.64 43.60
C GLY D 41 -36.33 -12.12 42.19
N ARG D 42 -36.94 -11.45 41.21
CA ARG D 42 -36.72 -11.78 39.81
C ARG D 42 -36.24 -10.55 39.04
N TYR D 43 -35.26 -10.76 38.18
CA TYR D 43 -34.63 -9.67 37.44
C TYR D 43 -34.23 -10.18 36.05
N ARG D 44 -33.91 -9.23 35.18
CA ARG D 44 -33.40 -9.55 33.86
C ARG D 44 -32.63 -8.37 33.31
N THR D 45 -31.80 -8.63 32.30
CA THR D 45 -30.88 -7.66 31.75
C THR D 45 -31.40 -7.10 30.44
N VAL D 46 -30.96 -5.89 30.12
CA VAL D 46 -31.32 -5.18 28.89
C VAL D 46 -30.04 -4.74 28.21
N HIS D 47 -29.95 -5.01 26.91
CA HIS D 47 -28.78 -4.67 26.11
C HIS D 47 -29.15 -3.56 25.13
N THR D 48 -28.29 -2.54 25.04
CA THR D 48 -28.56 -1.39 24.19
C THR D 48 -27.32 -1.05 23.38
N GLU D 49 -27.54 -0.56 22.17
CA GLU D 49 -26.49 -0.13 21.26
C GLU D 49 -26.61 1.36 21.02
N TRP D 50 -25.51 2.08 21.17
CA TRP D 50 -25.48 3.52 20.99
C TRP D 50 -24.44 3.89 19.94
N THR D 51 -24.68 5.01 19.27
CA THR D 51 -23.79 5.53 18.24
C THR D 51 -23.53 7.00 18.51
N GLN D 52 -22.33 7.44 18.16
CA GLN D 52 -21.91 8.82 18.42
C GLN D 52 -20.94 9.26 17.33
N ARG D 53 -20.78 10.57 17.20
CA ARG D 53 -19.88 11.17 16.23
C ARG D 53 -18.63 11.63 16.94
N ASP D 54 -17.46 11.18 16.47
CA ASP D 54 -16.18 11.57 17.02
C ASP D 54 -15.45 12.41 15.98
N LEU D 55 -15.21 13.68 16.31
CA LEU D 55 -14.60 14.61 15.37
C LEU D 55 -13.09 14.50 15.33
N GLU D 56 -12.46 14.06 16.43
CA GLU D 56 -11.02 13.92 16.43
C GLU D 56 -10.56 12.90 15.41
N ARG D 57 -11.20 11.73 15.40
CA ARG D 57 -10.93 10.70 14.40
C ARG D 57 -11.92 10.71 13.25
N MET D 58 -12.92 11.59 13.30
CA MET D 58 -13.87 11.78 12.20
C MET D 58 -14.54 10.47 11.81
N GLU D 59 -15.30 9.91 12.75
CA GLU D 59 -15.97 8.65 12.47
C GLU D 59 -17.17 8.47 13.39
N ASN D 60 -18.07 7.58 12.99
CA ASN D 60 -19.22 7.19 13.80
C ASN D 60 -18.82 5.97 14.61
N ILE D 61 -18.77 6.12 15.92
CA ILE D 61 -18.39 5.03 16.81
C ILE D 61 -19.64 4.44 17.44
N ARG D 62 -19.61 3.13 17.65
CA ARG D 62 -20.72 2.40 18.25
C ARG D 62 -20.24 1.67 19.50
N PHE D 63 -21.06 1.69 20.54
CA PHE D 63 -20.75 0.99 21.77
C PHE D 63 -22.01 0.30 22.29
N CYS D 64 -21.80 -0.63 23.22
CA CYS D 64 -22.86 -1.43 23.80
C CYS D 64 -22.88 -1.22 25.31
N ARG D 65 -24.07 -1.07 25.87
CA ARG D 65 -24.24 -0.86 27.29
C ARG D 65 -25.34 -1.77 27.81
N GLN D 66 -25.30 -2.09 29.10
CA GLN D 66 -26.22 -3.06 29.69
C GLN D 66 -26.82 -2.52 30.97
N TYR D 67 -28.09 -2.86 31.20
CA TYR D 67 -28.83 -2.40 32.37
C TYR D 67 -29.52 -3.59 33.03
N LEU D 68 -29.91 -3.40 34.27
CA LEU D 68 -30.52 -4.43 35.10
C LEU D 68 -31.89 -3.97 35.57
N VAL D 69 -32.88 -4.86 35.51
CA VAL D 69 -34.25 -4.53 35.88
C VAL D 69 -34.77 -5.61 36.82
N PHE D 70 -35.22 -5.21 38.01
CA PHE D 70 -35.86 -6.09 38.97
C PHE D 70 -37.36 -5.83 38.96
N HIS D 71 -38.15 -6.88 38.73
CA HIS D 71 -39.59 -6.74 38.61
C HIS D 71 -40.28 -7.77 39.51
N ASP D 72 -41.61 -7.69 39.56
CA ASP D 72 -42.42 -8.59 40.36
C ASP D 72 -43.49 -9.28 39.53
N GLY D 73 -43.33 -9.33 38.21
CA GLY D 73 -44.28 -10.00 37.34
C GLY D 73 -45.16 -9.03 36.56
N ASP D 74 -45.62 -7.96 37.21
CA ASP D 74 -46.45 -6.97 36.55
C ASP D 74 -46.08 -5.55 36.94
N SER D 75 -44.94 -5.35 37.59
CA SER D 75 -44.50 -4.03 38.01
C SER D 75 -42.99 -4.01 38.11
N VAL D 76 -42.39 -2.91 37.71
CA VAL D 76 -40.95 -2.74 37.76
C VAL D 76 -40.58 -2.22 39.15
N VAL D 77 -39.80 -3.00 39.89
CA VAL D 77 -39.42 -2.61 41.24
C VAL D 77 -38.17 -1.75 41.23
N PHE D 78 -37.19 -2.09 40.41
CA PHE D 78 -35.93 -1.35 40.39
C PHE D 78 -35.31 -1.42 39.01
N ALA D 79 -34.50 -0.42 38.71
CA ALA D 79 -33.79 -0.36 37.42
C ALA D 79 -32.48 0.36 37.64
N GLY D 80 -31.37 -0.24 37.18
CA GLY D 80 -30.07 0.34 37.37
C GLY D 80 -29.09 0.02 36.26
N PRO D 81 -27.92 0.64 36.30
CA PRO D 81 -26.85 0.30 35.35
C PRO D 81 -26.12 -0.95 35.77
N ALA D 82 -25.36 -1.51 34.83
CA ALA D 82 -24.64 -2.76 35.11
C ALA D 82 -23.19 -2.73 34.61
N GLY D 83 -22.58 -1.57 34.52
CA GLY D 83 -21.19 -1.47 34.13
C GLY D 83 -20.93 -0.23 33.30
N ASN D 84 -19.84 -0.27 32.55
CA ASN D 84 -19.39 0.83 31.71
C ASN D 84 -19.74 0.53 30.26
N SER D 85 -19.38 1.46 29.38
CA SER D 85 -19.61 1.31 27.95
C SER D 85 -18.40 0.71 27.28
N VAL D 86 -18.65 -0.19 26.32
CA VAL D 86 -17.60 -0.88 25.59
C VAL D 86 -17.78 -0.57 24.11
N GLU D 87 -16.70 -0.14 23.46
CA GLU D 87 -16.73 0.22 22.05
C GLU D 87 -16.42 -1.00 21.19
N THR D 88 -17.30 -1.29 20.25
CA THR D 88 -17.13 -2.39 19.32
C THR D 88 -16.60 -1.88 17.98
N ARG D 89 -16.30 -2.82 17.08
CA ARG D 89 -15.79 -2.46 15.77
C ARG D 89 -15.93 -3.66 14.85
N GLY D 90 -16.46 -3.43 13.66
CA GLY D 90 -16.58 -4.47 12.66
C GLY D 90 -17.79 -5.38 12.79
N GLU D 91 -18.77 -5.00 13.61
CA GLU D 91 -19.97 -5.81 13.78
C GLU D 91 -21.00 -5.42 12.73
N LEU D 92 -21.31 -6.35 11.82
CA LEU D 92 -22.32 -6.08 10.80
C LEU D 92 -23.71 -6.45 11.27
N LEU D 93 -23.88 -7.68 11.76
CA LEU D 93 -25.17 -8.15 12.24
C LEU D 93 -24.95 -9.00 13.48
N SER D 94 -26.00 -9.08 14.31
CA SER D 94 -25.97 -9.92 15.49
C SER D 94 -27.40 -10.31 15.82
N ARG D 95 -27.54 -11.42 16.55
CA ARG D 95 -28.86 -11.94 16.90
C ARG D 95 -28.71 -12.94 18.04
N GLU D 96 -29.46 -12.73 19.11
CA GLU D 96 -29.45 -13.66 20.23
C GLU D 96 -30.36 -14.85 19.94
N SER D 97 -30.00 -16.00 20.51
CA SER D 97 -30.77 -17.21 20.28
C SER D 97 -32.12 -17.12 20.99
N PRO D 98 -33.10 -17.92 20.56
CA PRO D 98 -34.42 -17.86 21.20
C PRO D 98 -34.38 -18.11 22.70
N SER D 99 -33.51 -19.00 23.16
CA SER D 99 -33.38 -19.31 24.57
C SER D 99 -32.40 -18.39 25.28
N GLY D 100 -31.75 -17.48 24.57
CA GLY D 100 -30.85 -16.53 25.21
C GLY D 100 -29.62 -17.14 25.83
N THR D 101 -29.06 -18.20 25.22
CA THR D 101 -27.85 -18.83 25.72
C THR D 101 -26.66 -18.70 24.78
N MET D 102 -26.90 -18.42 23.50
CA MET D 102 -25.84 -18.25 22.51
C MET D 102 -26.07 -16.96 21.75
N LYS D 103 -25.02 -16.44 21.14
CA LYS D 103 -25.13 -15.23 20.34
C LYS D 103 -24.39 -15.41 19.03
N ALA D 104 -25.06 -15.06 17.93
CA ALA D 104 -24.46 -15.14 16.61
C ALA D 104 -24.11 -13.76 16.11
N VAL D 105 -22.90 -13.61 15.57
CA VAL D 105 -22.38 -12.32 15.14
C VAL D 105 -21.75 -12.46 13.77
N LEU D 106 -21.91 -11.44 12.94
CA LEU D 106 -21.20 -11.33 11.67
C LEU D 106 -20.17 -10.22 11.78
N ARG D 107 -18.92 -10.52 11.43
CA ARG D 107 -17.84 -9.58 11.64
C ARG D 107 -17.01 -9.43 10.37
N LYS D 108 -16.64 -8.21 10.03
CA LYS D 108 -15.78 -7.94 8.88
C LYS D 108 -14.41 -7.47 9.36
N ALA D 109 -13.54 -8.45 9.61
CA ALA D 109 -12.19 -8.17 10.09
C ALA D 109 -11.15 -8.91 9.26
N GLU D 117 -9.87 -7.65 3.51
CA GLU D 117 -10.81 -7.93 4.59
C GLU D 117 -11.76 -9.07 4.21
N LYS D 118 -12.05 -9.93 5.18
CA LYS D 118 -12.95 -11.06 4.98
C LYS D 118 -14.08 -10.97 6.00
N GLN D 119 -15.07 -11.84 5.80
CA GLN D 119 -16.25 -11.89 6.66
C GLN D 119 -16.29 -13.21 7.40
N PHE D 120 -16.49 -13.14 8.72
CA PHE D 120 -16.55 -14.30 9.58
C PHE D 120 -17.89 -14.36 10.30
N LEU D 121 -18.35 -15.58 10.55
CA LEU D 121 -19.55 -15.84 11.34
C LEU D 121 -19.15 -16.48 12.65
N GLU D 122 -19.54 -15.87 13.77
CA GLU D 122 -19.07 -16.26 15.08
C GLU D 122 -20.25 -16.65 15.97
N VAL D 123 -20.06 -17.72 16.74
CA VAL D 123 -21.04 -18.19 17.70
C VAL D 123 -20.39 -18.16 19.08
N TRP D 124 -21.00 -17.39 19.99
CA TRP D 124 -20.52 -17.17 21.35
C TRP D 124 -21.45 -17.83 22.35
N GLU D 125 -20.89 -18.29 23.46
CA GLU D 125 -21.67 -18.80 24.57
C GLU D 125 -20.88 -18.61 25.86
N LYS D 126 -21.50 -17.96 26.84
CA LYS D 126 -20.87 -17.69 28.14
C LYS D 126 -19.61 -16.86 27.88
N ASN D 127 -18.44 -17.29 28.32
CA ASN D 127 -17.19 -16.53 28.18
C ASN D 127 -16.25 -17.18 27.16
N ARG D 128 -16.80 -17.73 26.09
CA ARG D 128 -16.00 -18.41 25.08
C ARG D 128 -16.61 -18.16 23.71
N LYS D 129 -15.75 -17.98 22.70
CA LYS D 129 -16.21 -17.98 21.31
C LYS D 129 -16.33 -19.43 20.87
N LEU D 130 -17.55 -19.97 20.94
CA LEU D 130 -17.74 -21.39 20.69
C LEU D 130 -17.25 -21.79 19.30
N LYS D 131 -17.61 -21.00 18.28
CA LYS D 131 -17.26 -21.41 16.93
C LYS D 131 -17.06 -20.18 16.05
N SER D 132 -16.35 -20.39 14.94
CA SER D 132 -16.09 -19.35 13.97
C SER D 132 -15.91 -19.96 12.59
N PHE D 133 -16.58 -19.40 11.59
CA PHE D 133 -16.51 -19.88 10.22
C PHE D 133 -16.06 -18.73 9.31
N ASN D 134 -15.12 -19.04 8.42
CA ASN D 134 -14.62 -18.10 7.42
C ASN D 134 -15.41 -18.30 6.14
N LEU D 135 -16.42 -17.44 5.93
CA LEU D 135 -17.31 -17.62 4.80
C LEU D 135 -16.60 -17.40 3.47
N SER D 136 -15.62 -16.49 3.43
CA SER D 136 -14.92 -16.22 2.17
C SER D 136 -14.19 -17.44 1.66
N ALA D 137 -13.53 -18.19 2.55
CA ALA D 137 -12.75 -19.35 2.12
C ALA D 137 -13.65 -20.42 1.54
N LEU D 138 -14.82 -20.65 2.13
CA LEU D 138 -15.71 -21.70 1.66
C LEU D 138 -16.06 -21.51 0.19
N GLU D 139 -16.20 -20.26 -0.26
CA GLU D 139 -16.44 -19.94 -1.66
C GLU D 139 -17.73 -20.60 -2.16
N LYS D 140 -18.84 -20.21 -1.54
CA LYS D 140 -20.16 -20.65 -1.96
C LYS D 140 -21.09 -19.51 -2.36
N HIS D 141 -20.71 -18.26 -2.08
CA HIS D 141 -21.53 -17.10 -2.41
C HIS D 141 -20.64 -15.86 -2.34
N GLY D 142 -21.26 -14.70 -2.46
CA GLY D 142 -20.54 -13.45 -2.40
C GLY D 142 -20.66 -12.78 -1.05
N PRO D 143 -20.45 -11.46 -1.02
CA PRO D 143 -20.57 -10.72 0.25
C PRO D 143 -21.97 -10.83 0.82
N VAL D 144 -22.04 -10.82 2.15
CA VAL D 144 -23.32 -10.95 2.85
C VAL D 144 -24.06 -9.62 2.84
N TYR D 145 -25.38 -9.69 2.76
CA TYR D 145 -26.23 -8.50 2.75
C TYR D 145 -26.43 -8.04 4.20
N GLU D 146 -25.93 -6.85 4.52
CA GLU D 146 -26.03 -6.30 5.87
C GLU D 146 -26.97 -5.11 5.95
N ASP D 147 -27.76 -4.85 4.92
CA ASP D 147 -28.66 -3.71 4.91
C ASP D 147 -29.98 -4.06 5.59
N ASP D 148 -30.91 -3.11 5.57
CA ASP D 148 -32.21 -3.28 6.20
C ASP D 148 -33.32 -3.64 5.21
N CYS D 149 -33.00 -3.76 3.93
CA CYS D 149 -33.99 -4.13 2.93
C CYS D 149 -34.02 -5.61 2.63
N PHE D 150 -32.86 -6.26 2.53
CA PHE D 150 -32.77 -7.69 2.31
C PHE D 150 -32.10 -8.45 3.44
N GLY D 151 -31.23 -7.81 4.22
CA GLY D 151 -30.46 -8.52 5.20
C GLY D 151 -31.32 -9.12 6.29
N CYS D 152 -30.87 -10.28 6.79
CA CYS D 152 -31.54 -10.96 7.90
C CYS D 152 -30.57 -11.98 8.48
N LEU D 153 -30.86 -12.42 9.70
CA LEU D 153 -30.05 -13.43 10.38
C LEU D 153 -30.96 -14.12 11.37
N SER D 154 -31.32 -15.38 11.10
CA SER D 154 -32.34 -16.07 11.87
C SER D 154 -31.82 -17.40 12.39
N TRP D 155 -32.30 -17.76 13.58
CA TRP D 155 -32.01 -19.04 14.22
C TRP D 155 -33.13 -20.03 13.96
N SER D 156 -32.79 -21.32 14.03
CA SER D 156 -33.81 -22.35 14.00
C SER D 156 -34.47 -22.47 15.36
N HIS D 157 -35.67 -23.07 15.37
CA HIS D 157 -36.34 -23.31 16.64
C HIS D 157 -35.60 -24.36 17.47
N SER D 158 -34.88 -25.27 16.81
CA SER D 158 -34.04 -26.22 17.50
C SER D 158 -32.66 -25.66 17.84
N GLU D 159 -32.35 -24.45 17.37
CA GLU D 159 -31.07 -23.80 17.66
C GLU D 159 -29.90 -24.63 17.14
N THR D 160 -30.07 -25.19 15.93
CA THR D 160 -29.02 -25.97 15.29
C THR D 160 -28.60 -25.43 13.93
N HIS D 161 -29.36 -24.51 13.34
CA HIS D 161 -29.05 -23.98 12.01
C HIS D 161 -29.20 -22.47 12.03
N LEU D 162 -28.53 -21.83 11.06
CA LEU D 162 -28.62 -20.39 10.89
C LEU D 162 -29.02 -20.07 9.45
N LEU D 163 -29.80 -19.01 9.28
CA LEU D 163 -30.28 -18.61 7.96
C LEU D 163 -29.95 -17.15 7.70
N TYR D 164 -29.42 -16.88 6.51
CA TYR D 164 -29.11 -15.50 6.13
C TYR D 164 -29.21 -15.38 4.61
N VAL D 165 -28.79 -14.23 4.07
CA VAL D 165 -28.89 -13.93 2.65
C VAL D 165 -27.55 -13.41 2.18
N ALA D 166 -27.12 -13.84 0.99
CA ALA D 166 -25.83 -13.44 0.45
C ALA D 166 -25.90 -13.33 -1.06
N ASP D 167 -24.97 -12.57 -1.63
CA ASP D 167 -24.96 -12.36 -3.07
C ASP D 167 -24.70 -13.66 -3.81
N LYS D 168 -25.31 -13.79 -4.98
CA LYS D 168 -25.16 -14.99 -5.79
C LYS D 168 -23.74 -15.08 -6.35
N LYS D 169 -23.29 -16.32 -6.56
CA LYS D 169 -21.94 -16.55 -7.06
C LYS D 169 -21.89 -16.36 -8.57
N ARG D 170 -20.83 -15.70 -9.04
CA ARG D 170 -20.63 -15.43 -10.45
C ARG D 170 -19.60 -16.39 -11.05
N PRO D 171 -19.83 -16.87 -12.27
CA PRO D 171 -18.82 -17.72 -12.92
C PRO D 171 -17.53 -16.96 -13.16
N LYS D 172 -16.42 -17.69 -13.10
CA LYS D 172 -15.11 -17.10 -13.31
C LYS D 172 -14.89 -16.78 -14.79
N ALA D 173 -14.15 -15.71 -15.04
CA ALA D 173 -13.85 -15.27 -16.38
C ALA D 173 -12.39 -14.83 -16.46
N GLU D 174 -11.84 -14.87 -17.67
CA GLU D 174 -10.46 -14.49 -17.90
C GLU D 174 -10.31 -13.90 -19.30
N SER D 175 -9.22 -13.17 -19.50
CA SER D 175 -8.96 -12.53 -20.78
C SER D 175 -8.45 -13.54 -21.80
N PHE D 176 -8.60 -13.19 -23.08
CA PHE D 176 -8.10 -14.05 -24.14
C PHE D 176 -6.59 -14.21 -24.07
N PHE D 177 -5.87 -13.11 -23.85
CA PHE D 177 -4.41 -13.12 -23.87
C PHE D 177 -3.86 -13.27 -22.46
N GLN D 178 -4.23 -14.37 -21.81
CA GLN D 178 -3.77 -14.71 -20.48
C GLN D 178 -2.89 -15.95 -20.56
N THR D 179 -1.65 -15.82 -20.08
CA THR D 179 -0.70 -16.92 -20.11
C THR D 179 -1.06 -17.96 -19.06
N LYS D 180 -0.81 -19.22 -19.40
CA LYS D 180 -1.09 -20.35 -18.50
C LYS D 180 0.22 -21.06 -18.16
N ALA D 181 0.22 -21.70 -16.99
CA ALA D 181 1.41 -22.40 -16.54
C ALA D 181 1.76 -23.53 -17.50
N LEU D 182 3.06 -23.71 -17.74
CA LEU D 182 3.54 -24.75 -18.64
C LEU D 182 3.83 -26.04 -17.87
N GLN D 199 -13.85 -24.18 -17.15
CA GLN D 199 -12.70 -23.61 -16.45
C GLN D 199 -12.92 -22.14 -16.14
N ALA D 200 -12.92 -21.31 -17.19
CA ALA D 200 -13.14 -19.87 -17.01
C ALA D 200 -13.53 -19.30 -18.36
N ILE D 201 -14.69 -18.65 -18.42
CA ILE D 201 -15.17 -18.05 -19.66
C ILE D 201 -14.20 -16.96 -20.10
N LYS D 202 -13.84 -16.97 -21.38
CA LYS D 202 -12.89 -16.00 -21.91
C LYS D 202 -13.65 -14.83 -22.54
N GLY D 203 -13.28 -13.61 -22.14
CA GLY D 203 -13.92 -12.43 -22.68
C GLY D 203 -15.25 -12.09 -22.04
N ASP D 204 -15.49 -12.50 -20.79
CA ASP D 204 -16.73 -12.21 -20.10
C ASP D 204 -16.50 -11.52 -18.77
N GLN D 205 -15.33 -10.90 -18.58
CA GLN D 205 -15.01 -10.26 -17.31
C GLN D 205 -15.49 -8.82 -17.23
N PHE D 206 -16.13 -8.30 -18.28
CA PHE D 206 -16.67 -6.95 -18.27
C PHE D 206 -18.17 -6.93 -18.56
N LEU D 207 -18.86 -8.04 -18.31
CA LEU D 207 -20.31 -8.06 -18.47
C LEU D 207 -20.96 -7.12 -17.47
N PHE D 208 -22.16 -6.66 -17.80
CA PHE D 208 -22.88 -5.68 -17.00
C PHE D 208 -23.89 -6.40 -16.11
N TYR D 209 -23.78 -6.20 -14.80
CA TYR D 209 -24.72 -6.74 -13.83
C TYR D 209 -25.46 -5.57 -13.18
N GLU D 210 -26.77 -5.52 -13.37
CA GLU D 210 -27.56 -4.39 -12.89
C GLU D 210 -27.80 -4.51 -11.39
N ASP D 211 -27.63 -3.40 -10.68
CA ASP D 211 -27.80 -3.36 -9.24
C ASP D 211 -29.16 -2.75 -8.89
N TRP D 212 -29.39 -2.53 -7.60
CA TRP D 212 -30.70 -2.12 -7.11
C TRP D 212 -30.82 -0.63 -6.83
N GLY D 213 -29.82 0.17 -7.21
CA GLY D 213 -29.96 1.61 -7.14
C GLY D 213 -29.12 2.31 -6.09
N GLU D 214 -29.68 3.36 -5.49
CA GLU D 214 -28.94 4.18 -4.55
C GLU D 214 -28.55 3.38 -3.32
N ASN D 215 -27.29 3.53 -2.89
CA ASN D 215 -26.76 2.88 -1.71
C ASN D 215 -26.82 1.36 -1.80
N MET D 216 -26.95 0.83 -3.01
CA MET D 216 -27.05 -0.62 -3.24
C MET D 216 -26.05 -1.04 -4.32
N VAL D 217 -24.91 -0.37 -4.38
CA VAL D 217 -23.95 -0.64 -5.44
C VAL D 217 -23.43 -2.06 -5.31
N SER D 218 -23.39 -2.79 -6.43
CA SER D 218 -22.85 -4.14 -6.49
C SER D 218 -23.75 -5.16 -5.80
N LYS D 219 -25.04 -4.87 -5.68
CA LYS D 219 -26.03 -5.78 -5.10
C LYS D 219 -27.05 -6.08 -6.18
N SER D 220 -26.90 -7.24 -6.82
CA SER D 220 -27.71 -7.61 -7.99
C SER D 220 -28.75 -8.68 -7.65
N THR D 221 -28.30 -9.83 -7.14
CA THR D 221 -29.23 -10.93 -6.91
C THR D 221 -28.88 -11.68 -5.63
N PRO D 222 -29.67 -11.52 -4.57
CA PRO D 222 -29.41 -12.25 -3.33
C PRO D 222 -29.93 -13.69 -3.41
N VAL D 223 -29.48 -14.49 -2.45
CA VAL D 223 -29.87 -15.89 -2.35
C VAL D 223 -29.86 -16.28 -0.87
N LEU D 224 -30.73 -17.23 -0.53
CA LEU D 224 -30.87 -17.70 0.85
C LEU D 224 -29.80 -18.76 1.14
N CYS D 225 -29.11 -18.60 2.26
CA CYS D 225 -28.05 -19.51 2.68
C CYS D 225 -28.37 -20.06 4.05
N VAL D 226 -28.22 -21.38 4.20
CA VAL D 226 -28.47 -22.09 5.45
C VAL D 226 -27.16 -22.74 5.89
N LEU D 227 -26.76 -22.49 7.13
CA LEU D 227 -25.53 -22.99 7.69
C LEU D 227 -25.82 -23.91 8.86
N ASP D 228 -25.11 -25.04 8.91
CA ASP D 228 -25.24 -26.02 9.97
C ASP D 228 -24.10 -25.82 10.96
N ILE D 229 -24.45 -25.55 12.22
CA ILE D 229 -23.44 -25.23 13.22
C ILE D 229 -22.61 -26.46 13.57
N GLU D 230 -23.27 -27.61 13.73
CA GLU D 230 -22.57 -28.81 14.17
C GLU D 230 -21.45 -29.18 13.20
N SER D 231 -21.79 -29.46 11.95
CA SER D 231 -20.78 -29.86 10.97
C SER D 231 -20.03 -28.66 10.42
N GLY D 232 -20.76 -27.73 9.81
CA GLY D 232 -20.13 -26.55 9.24
C GLY D 232 -20.28 -26.47 7.73
N ASN D 233 -21.35 -27.06 7.21
CA ASN D 233 -21.62 -27.09 5.78
C ASN D 233 -22.69 -26.08 5.43
N ILE D 234 -22.42 -25.26 4.41
CA ILE D 234 -23.36 -24.24 3.95
C ILE D 234 -24.10 -24.77 2.74
N SER D 235 -25.39 -24.42 2.63
CA SER D 235 -26.20 -24.85 1.51
C SER D 235 -27.02 -23.68 1.00
N VAL D 236 -27.15 -23.58 -0.32
CA VAL D 236 -27.96 -22.55 -0.96
C VAL D 236 -29.28 -23.19 -1.36
N LEU D 237 -30.39 -22.67 -0.84
CA LEU D 237 -31.69 -23.26 -1.09
C LEU D 237 -32.06 -23.18 -2.56
N GLU D 238 -32.73 -24.21 -3.05
CA GLU D 238 -33.19 -24.30 -4.42
C GLU D 238 -34.71 -24.38 -4.45
N GLY D 239 -35.32 -23.65 -5.38
CA GLY D 239 -36.76 -23.63 -5.49
C GLY D 239 -37.32 -22.22 -5.60
N VAL D 240 -36.48 -21.23 -5.39
CA VAL D 240 -36.91 -19.83 -5.49
C VAL D 240 -37.19 -19.51 -6.96
N PRO D 241 -38.19 -18.69 -7.27
CA PRO D 241 -38.44 -18.33 -8.67
C PRO D 241 -37.24 -17.64 -9.28
N GLU D 242 -37.05 -17.86 -10.59
CA GLU D 242 -35.89 -17.33 -11.28
C GLU D 242 -35.94 -15.83 -11.49
N SER D 243 -37.07 -15.18 -11.21
CA SER D 243 -37.23 -13.76 -11.47
C SER D 243 -37.61 -12.98 -10.22
N VAL D 244 -37.17 -13.41 -9.05
CA VAL D 244 -37.47 -12.70 -7.81
C VAL D 244 -36.24 -12.69 -6.92
N SER D 245 -36.00 -11.54 -6.28
CA SER D 245 -34.96 -11.41 -5.28
C SER D 245 -35.55 -11.68 -3.91
N PRO D 246 -35.06 -12.66 -3.16
CA PRO D 246 -35.63 -12.97 -1.85
C PRO D 246 -34.99 -12.18 -0.72
N GLY D 247 -35.76 -12.02 0.35
CA GLY D 247 -35.26 -11.32 1.52
C GLY D 247 -36.19 -11.50 2.70
N GLN D 248 -35.77 -10.95 3.83
CA GLN D 248 -36.55 -10.93 5.07
C GLN D 248 -37.20 -12.29 5.33
N ALA D 249 -36.36 -13.30 5.52
CA ALA D 249 -36.79 -14.67 5.69
C ALA D 249 -36.68 -15.11 7.15
N PHE D 250 -37.52 -16.07 7.52
CA PHE D 250 -37.48 -16.67 8.85
C PHE D 250 -37.96 -18.11 8.74
N TRP D 251 -37.58 -18.91 9.72
CA TRP D 251 -37.93 -20.32 9.70
C TRP D 251 -39.42 -20.52 9.94
N ALA D 252 -40.01 -21.45 9.21
CA ALA D 252 -41.42 -21.77 9.36
C ALA D 252 -41.64 -22.62 10.60
N PRO D 253 -42.87 -22.67 11.10
CA PRO D 253 -43.16 -23.50 12.27
C PRO D 253 -42.74 -24.94 12.04
N GLY D 254 -42.08 -25.53 13.05
CA GLY D 254 -41.59 -26.88 12.95
C GLY D 254 -40.30 -27.05 12.19
N ASP D 255 -39.69 -25.95 11.73
CA ASP D 255 -38.42 -26.00 10.99
C ASP D 255 -38.55 -26.87 9.74
N THR D 256 -39.72 -26.83 9.11
CA THR D 256 -39.96 -27.58 7.88
C THR D 256 -39.68 -26.77 6.62
N GLY D 257 -39.39 -25.49 6.75
CA GLY D 257 -39.15 -24.67 5.57
C GLY D 257 -38.77 -23.26 5.94
N VAL D 258 -38.82 -22.39 4.94
CA VAL D 258 -38.43 -20.99 5.09
C VAL D 258 -39.48 -20.11 4.43
N VAL D 259 -39.83 -19.02 5.10
CA VAL D 259 -40.77 -18.02 4.58
C VAL D 259 -39.99 -16.75 4.29
N PHE D 260 -40.22 -16.17 3.11
CA PHE D 260 -39.47 -15.00 2.68
C PHE D 260 -40.35 -14.10 1.83
N VAL D 261 -39.82 -12.94 1.50
CA VAL D 261 -40.48 -11.96 0.64
C VAL D 261 -39.68 -11.83 -0.65
N GLY D 262 -40.36 -11.96 -1.78
CA GLY D 262 -39.72 -11.89 -3.08
C GLY D 262 -40.11 -10.62 -3.81
N TRP D 263 -39.09 -9.88 -4.26
CA TRP D 263 -39.27 -8.66 -5.03
C TRP D 263 -39.04 -8.95 -6.50
N TRP D 264 -39.97 -8.52 -7.35
CA TRP D 264 -39.83 -8.74 -8.78
C TRP D 264 -38.75 -7.82 -9.36
N HIS D 265 -37.88 -8.38 -10.18
CA HIS D 265 -36.81 -7.64 -10.83
C HIS D 265 -36.83 -7.86 -12.34
N GLU D 266 -38.04 -7.90 -12.92
CA GLU D 266 -38.22 -8.00 -14.35
C GLU D 266 -39.22 -6.95 -14.80
N PRO D 267 -39.00 -6.31 -15.96
CA PRO D 267 -37.88 -6.53 -16.90
C PRO D 267 -36.60 -5.87 -16.42
N PHE D 268 -36.65 -4.91 -15.50
CA PHE D 268 -35.45 -4.28 -14.97
C PHE D 268 -35.74 -3.74 -13.58
N ARG D 269 -34.67 -3.48 -12.84
CA ARG D 269 -34.76 -3.11 -11.43
C ARG D 269 -35.03 -1.62 -11.28
N LEU D 270 -35.81 -1.27 -10.26
CA LEU D 270 -36.06 0.11 -9.87
C LEU D 270 -35.50 0.36 -8.48
N GLY D 271 -35.39 1.64 -8.13
CA GLY D 271 -34.87 2.02 -6.84
C GLY D 271 -35.65 1.42 -5.69
N ILE D 272 -34.94 1.00 -4.65
CA ILE D 272 -35.56 0.32 -3.51
C ILE D 272 -35.48 1.12 -2.22
N ARG D 273 -34.60 2.12 -2.14
CA ARG D 273 -34.48 2.91 -0.92
C ARG D 273 -35.64 3.89 -0.79
N PHE D 274 -36.27 3.91 0.37
CA PHE D 274 -37.35 4.85 0.66
C PHE D 274 -38.46 4.76 -0.38
N CYS D 275 -38.78 3.53 -0.78
CA CYS D 275 -39.81 3.30 -1.79
C CYS D 275 -40.55 2.02 -1.42
N THR D 276 -41.82 2.16 -1.04
CA THR D 276 -42.64 1.03 -0.64
C THR D 276 -43.60 0.58 -1.73
N ASN D 277 -43.49 1.13 -2.94
CA ASN D 277 -44.40 0.81 -4.04
C ASN D 277 -43.73 -0.11 -5.06
N ARG D 278 -42.92 -1.04 -4.58
CA ARG D 278 -42.23 -2.01 -5.44
C ARG D 278 -42.94 -3.36 -5.34
N ARG D 279 -43.26 -3.93 -6.49
CA ARG D 279 -44.01 -5.19 -6.53
C ARG D 279 -43.26 -6.28 -5.78
N SER D 280 -44.00 -7.04 -4.98
CA SER D 280 -43.40 -8.10 -4.18
C SER D 280 -44.51 -9.04 -3.70
N ALA D 281 -44.09 -10.18 -3.17
CA ALA D 281 -45.02 -11.19 -2.69
C ALA D 281 -44.37 -11.98 -1.55
N LEU D 282 -45.17 -12.84 -0.93
CA LEU D 282 -44.75 -13.64 0.22
C LEU D 282 -44.74 -15.11 -0.17
N TYR D 283 -43.58 -15.76 -0.04
CA TYR D 283 -43.42 -17.15 -0.46
C TYR D 283 -42.95 -18.01 0.71
N TYR D 284 -43.19 -19.31 0.57
CA TYR D 284 -42.71 -20.33 1.51
C TYR D 284 -42.16 -21.50 0.71
N VAL D 285 -40.98 -21.98 1.09
CA VAL D 285 -40.30 -23.04 0.36
C VAL D 285 -39.71 -24.04 1.35
N ASP D 286 -39.87 -25.33 1.03
CA ASP D 286 -39.36 -26.37 1.90
C ASP D 286 -37.84 -26.47 1.81
N LEU D 287 -37.24 -27.04 2.86
CA LEU D 287 -35.79 -27.18 2.89
C LEU D 287 -35.29 -28.06 1.76
N THR D 288 -35.91 -29.21 1.55
CA THR D 288 -35.56 -30.08 0.44
C THR D 288 -36.04 -29.47 -0.88
N GLY D 289 -35.44 -29.93 -1.98
CA GLY D 289 -35.81 -29.43 -3.29
C GLY D 289 -37.30 -29.51 -3.52
N GLY D 290 -37.92 -28.40 -3.91
CA GLY D 290 -39.35 -28.36 -4.07
C GLY D 290 -39.77 -27.10 -4.80
N LYS D 291 -41.09 -26.89 -4.84
CA LYS D 291 -41.68 -25.76 -5.54
C LYS D 291 -42.19 -24.73 -4.54
N CYS D 292 -41.90 -23.47 -4.82
CA CYS D 292 -42.35 -22.38 -3.95
C CYS D 292 -43.87 -22.31 -3.92
N GLU D 293 -44.41 -21.96 -2.75
CA GLU D 293 -45.84 -21.83 -2.54
C GLU D 293 -46.17 -20.37 -2.24
N LEU D 294 -47.22 -19.86 -2.88
CA LEU D 294 -47.60 -18.47 -2.73
C LEU D 294 -48.58 -18.32 -1.58
N LEU D 295 -48.40 -17.29 -0.76
CA LEU D 295 -49.22 -17.07 0.43
C LEU D 295 -49.95 -15.74 0.42
N SER D 296 -49.89 -14.99 -0.67
CA SER D 296 -50.54 -13.69 -0.75
C SER D 296 -50.92 -13.41 -2.19
N ASP D 297 -51.27 -12.17 -2.48
CA ASP D 297 -51.65 -11.75 -3.82
C ASP D 297 -50.45 -11.12 -4.52
N GLU D 298 -50.14 -11.59 -5.72
CA GLU D 298 -48.98 -11.12 -6.47
C GLU D 298 -49.34 -9.96 -7.39
N SER D 299 -49.95 -8.92 -6.84
CA SER D 299 -50.27 -7.71 -7.59
C SER D 299 -49.97 -6.42 -6.84
N VAL D 300 -49.74 -6.46 -5.54
CA VAL D 300 -49.52 -5.27 -4.73
C VAL D 300 -48.23 -5.44 -3.93
N ALA D 301 -47.90 -4.47 -3.09
CA ALA D 301 -46.68 -4.52 -2.30
C ALA D 301 -46.95 -5.17 -0.95
N VAL D 302 -46.01 -5.98 -0.48
CA VAL D 302 -46.08 -6.58 0.85
C VAL D 302 -44.72 -6.49 1.50
N THR D 303 -44.71 -6.54 2.83
CA THR D 303 -43.43 -6.42 3.53
C THR D 303 -43.62 -6.71 5.01
N SER D 304 -42.49 -6.87 5.70
CA SER D 304 -42.38 -6.95 7.15
C SER D 304 -43.29 -8.01 7.75
N PRO D 305 -43.08 -9.28 7.45
CA PRO D 305 -43.84 -10.34 8.12
C PRO D 305 -43.24 -10.70 9.47
N ARG D 306 -44.13 -11.07 10.39
CA ARG D 306 -43.73 -11.45 11.74
C ARG D 306 -44.56 -12.64 12.19
N LEU D 307 -43.92 -13.59 12.87
CA LEU D 307 -44.57 -14.81 13.33
C LEU D 307 -44.91 -14.70 14.81
N SER D 308 -46.10 -15.18 15.17
CA SER D 308 -46.58 -15.05 16.53
C SER D 308 -45.78 -15.94 17.47
N PRO D 309 -45.75 -15.60 18.76
CA PRO D 309 -44.96 -16.41 19.72
C PRO D 309 -45.39 -17.86 19.77
N ASP D 310 -46.68 -18.15 19.63
CA ASP D 310 -47.17 -19.52 19.70
C ASP D 310 -47.07 -20.26 18.37
N GLN D 311 -46.58 -19.60 17.32
CA GLN D 311 -46.33 -20.25 16.04
C GLN D 311 -47.62 -20.74 15.40
N CYS D 312 -48.60 -19.84 15.29
CA CYS D 312 -49.87 -20.18 14.67
C CYS D 312 -50.40 -19.15 13.68
N ARG D 313 -49.81 -17.95 13.60
CA ARG D 313 -50.32 -16.93 12.70
C ARG D 313 -49.19 -15.99 12.33
N ILE D 314 -49.40 -15.23 11.27
CA ILE D 314 -48.43 -14.26 10.76
C ILE D 314 -49.15 -12.95 10.47
N VAL D 315 -48.42 -11.84 10.57
CA VAL D 315 -48.96 -10.51 10.31
C VAL D 315 -47.95 -9.73 9.47
N TYR D 316 -48.44 -8.99 8.49
CA TYR D 316 -47.55 -8.25 7.61
C TYR D 316 -48.22 -6.97 7.12
N LEU D 317 -47.44 -6.13 6.45
CA LEU D 317 -47.91 -4.86 5.92
C LEU D 317 -48.14 -4.98 4.42
N ARG D 318 -49.29 -4.49 3.96
CA ARG D 318 -49.64 -4.54 2.54
C ARG D 318 -49.97 -3.15 2.03
N PHE D 319 -49.37 -2.79 0.90
CA PHE D 319 -49.62 -1.52 0.23
C PHE D 319 -50.33 -1.79 -1.09
N PRO D 320 -51.56 -1.31 -1.26
CA PRO D 320 -52.35 -1.68 -2.44
C PRO D 320 -51.83 -1.11 -3.75
N SER D 321 -51.59 0.20 -3.80
CA SER D 321 -51.25 0.88 -5.04
C SER D 321 -49.74 1.08 -5.15
N LEU D 322 -49.28 1.20 -6.39
CA LEU D 322 -47.86 1.39 -6.69
C LEU D 322 -47.55 2.79 -7.21
N VAL D 323 -48.53 3.69 -7.22
CA VAL D 323 -48.34 5.02 -7.77
C VAL D 323 -47.39 5.82 -6.89
N PRO D 324 -47.74 6.11 -5.65
CA PRO D 324 -46.85 6.91 -4.81
C PRO D 324 -45.78 6.07 -4.13
N HIS D 325 -44.65 6.72 -3.84
CA HIS D 325 -43.53 6.03 -3.20
C HIS D 325 -43.70 5.87 -1.70
N GLN D 326 -44.74 6.47 -1.12
CA GLN D 326 -45.03 6.34 0.29
C GLN D 326 -46.50 6.68 0.53
N GLN D 327 -47.19 5.82 1.26
CA GLN D 327 -48.63 5.95 1.43
C GLN D 327 -49.05 5.23 2.70
N CYS D 328 -50.35 5.26 2.98
CA CYS D 328 -50.91 4.55 4.12
C CYS D 328 -51.10 3.08 3.76
N GLY D 329 -50.71 2.20 4.68
CA GLY D 329 -50.75 0.77 4.46
C GLY D 329 -51.84 0.07 5.27
N GLN D 330 -51.94 -1.23 5.01
CA GLN D 330 -52.89 -2.10 5.68
C GLN D 330 -52.13 -3.18 6.47
N LEU D 331 -52.75 -3.64 7.54
CA LEU D 331 -52.22 -4.72 8.36
C LEU D 331 -52.99 -5.99 8.07
N CYS D 332 -52.30 -7.01 7.57
CA CYS D 332 -52.95 -8.25 7.15
C CYS D 332 -52.50 -9.41 8.02
N LEU D 333 -53.44 -10.32 8.28
CA LEU D 333 -53.23 -11.49 9.13
C LEU D 333 -53.45 -12.75 8.31
N TYR D 334 -52.56 -13.73 8.50
CA TYR D 334 -52.64 -15.01 7.80
C TYR D 334 -52.56 -16.13 8.83
N ASP D 335 -53.50 -17.07 8.74
CA ASP D 335 -53.55 -18.20 9.67
C ASP D 335 -52.86 -19.40 9.05
N TRP D 336 -51.87 -19.94 9.76
CA TRP D 336 -51.03 -20.99 9.20
C TRP D 336 -51.76 -22.31 8.99
N TYR D 337 -52.80 -22.59 9.78
CA TYR D 337 -53.49 -23.87 9.71
C TYR D 337 -54.80 -23.82 8.95
N THR D 338 -55.57 -22.74 9.08
CA THR D 338 -56.78 -22.59 8.29
C THR D 338 -56.52 -22.00 6.91
N ARG D 339 -55.35 -21.39 6.70
CA ARG D 339 -55.01 -20.79 5.41
C ARG D 339 -56.04 -19.75 4.99
N VAL D 340 -56.35 -18.84 5.90
CA VAL D 340 -57.33 -17.78 5.68
C VAL D 340 -56.68 -16.44 5.95
N THR D 341 -56.91 -15.48 5.05
CA THR D 341 -56.35 -14.15 5.17
C THR D 341 -57.46 -13.14 5.48
N SER D 342 -57.15 -12.18 6.35
CA SER D 342 -58.10 -11.14 6.73
C SER D 342 -57.36 -9.83 6.90
N VAL D 343 -58.12 -8.75 7.02
CA VAL D 343 -57.58 -7.41 7.18
C VAL D 343 -57.89 -6.93 8.59
N VAL D 344 -56.85 -6.52 9.32
CA VAL D 344 -56.99 -6.07 10.69
C VAL D 344 -57.20 -4.56 10.72
N VAL D 345 -56.23 -3.83 10.18
CA VAL D 345 -56.28 -2.37 10.12
C VAL D 345 -56.27 -1.97 8.65
N ASP D 346 -57.26 -1.17 8.25
CA ASP D 346 -57.48 -0.77 6.87
C ASP D 346 -56.99 0.65 6.63
N ILE D 347 -57.28 1.19 5.46
CA ILE D 347 -56.86 2.53 5.09
C ILE D 347 -57.71 3.57 5.81
N VAL D 348 -57.08 4.65 6.25
CA VAL D 348 -57.75 5.74 6.92
C VAL D 348 -57.78 6.94 5.97
N PRO D 349 -58.94 7.31 5.42
CA PRO D 349 -58.96 8.43 4.47
C PRO D 349 -58.46 9.74 5.06
N ARG D 350 -59.09 10.22 6.12
CA ARG D 350 -58.68 11.43 6.80
C ARG D 350 -58.29 11.21 8.25
N GLN D 351 -59.16 10.60 9.04
CA GLN D 351 -58.88 10.39 10.46
C GLN D 351 -59.85 9.40 11.08
N LEU D 352 -59.31 8.43 11.82
CA LEU D 352 -60.12 7.45 12.54
C LEU D 352 -60.13 7.84 14.01
N GLY D 353 -61.24 8.37 14.48
CA GLY D 353 -61.29 8.90 15.84
C GLY D 353 -60.58 10.24 15.91
N GLU D 354 -59.89 10.47 17.02
CA GLU D 354 -59.11 11.69 17.21
C GLU D 354 -57.68 11.39 17.62
N ASP D 355 -57.22 10.14 17.46
CA ASP D 355 -55.88 9.77 17.86
C ASP D 355 -55.14 8.90 16.85
N PHE D 356 -55.78 8.51 15.74
CA PHE D 356 -55.17 7.64 14.75
C PHE D 356 -55.39 8.20 13.36
N SER D 357 -54.38 8.02 12.50
CA SER D 357 -54.46 8.51 11.13
C SER D 357 -53.97 7.51 10.09
N GLY D 358 -53.55 6.31 10.50
CA GLY D 358 -53.08 5.30 9.56
C GLY D 358 -51.69 4.82 9.92
N ILE D 359 -51.27 3.78 9.19
CA ILE D 359 -49.97 3.15 9.38
C ILE D 359 -49.05 3.66 8.28
N TYR D 360 -48.13 4.56 8.65
CA TYR D 360 -47.22 5.18 7.69
C TYR D 360 -45.78 4.68 7.85
N CYS D 361 -45.58 3.64 8.64
CA CYS D 361 -44.25 3.07 8.82
C CYS D 361 -43.96 2.05 7.72
N SER D 362 -42.71 1.59 7.67
CA SER D 362 -42.31 0.60 6.67
C SER D 362 -41.68 -0.65 7.26
N LEU D 363 -41.44 -0.70 8.58
CA LEU D 363 -40.87 -1.87 9.21
C LEU D 363 -41.45 -2.01 10.61
N LEU D 364 -41.98 -3.18 10.91
CA LEU D 364 -42.42 -3.49 12.26
C LEU D 364 -41.21 -3.92 13.11
N PRO D 365 -41.28 -3.73 14.42
CA PRO D 365 -40.17 -4.17 15.28
C PRO D 365 -39.99 -5.67 15.20
N LEU D 366 -38.76 -6.13 15.43
CA LEU D 366 -38.48 -7.56 15.40
C LEU D 366 -39.37 -8.31 16.40
N GLY D 367 -39.54 -7.74 17.58
CA GLY D 367 -40.50 -8.26 18.54
C GLY D 367 -41.70 -7.34 18.65
N CYS D 368 -42.83 -7.74 18.09
CA CYS D 368 -44.03 -6.91 18.10
C CYS D 368 -45.26 -7.61 18.64
N TRP D 369 -45.16 -8.87 19.06
CA TRP D 369 -46.31 -9.62 19.55
C TRP D 369 -46.34 -9.60 21.07
N SER D 370 -47.55 -9.52 21.62
CA SER D 370 -47.72 -9.67 23.05
C SER D 370 -47.62 -11.13 23.45
N ALA D 371 -47.54 -11.37 24.76
CA ALA D 371 -47.30 -12.73 25.24
C ALA D 371 -48.43 -13.67 24.83
N ASP D 372 -49.68 -13.20 24.93
CA ASP D 372 -50.87 -14.05 24.65
C ASP D 372 -51.11 -14.25 23.15
N SER D 373 -50.29 -13.63 22.30
CA SER D 373 -50.43 -13.80 20.85
C SER D 373 -51.78 -13.30 20.36
N GLN D 374 -52.24 -12.17 20.90
CA GLN D 374 -53.50 -11.57 20.50
C GLN D 374 -53.40 -10.10 20.14
N ARG D 375 -52.31 -9.46 20.53
CA ARG D 375 -52.17 -8.00 20.29
C ARG D 375 -50.84 -7.68 19.63
N VAL D 376 -50.79 -6.60 18.85
CA VAL D 376 -49.58 -6.16 18.17
C VAL D 376 -49.32 -4.71 18.54
N VAL D 377 -48.08 -4.39 18.89
CA VAL D 377 -47.70 -3.05 19.32
C VAL D 377 -46.74 -2.47 18.29
N PHE D 378 -47.02 -1.26 17.84
CA PHE D 378 -46.15 -0.59 16.88
C PHE D 378 -46.16 0.90 17.16
N ASP D 379 -45.51 1.66 16.29
CA ASP D 379 -45.48 3.12 16.38
C ASP D 379 -45.70 3.72 15.00
N SER D 380 -46.25 4.93 14.98
CA SER D 380 -46.59 5.57 13.72
C SER D 380 -46.69 7.07 13.94
N PRO D 381 -46.56 7.87 12.89
CA PRO D 381 -46.72 9.33 13.00
C PRO D 381 -48.19 9.72 13.04
N GLN D 382 -48.54 10.53 14.03
CA GLN D 382 -49.87 11.12 14.15
C GLN D 382 -49.71 12.64 14.10
N ARG D 383 -50.24 13.26 13.06
CA ARG D 383 -50.14 14.71 12.85
C ARG D 383 -48.65 15.05 12.82
N SER D 384 -48.15 15.92 13.70
CA SER D 384 -46.74 16.31 13.72
C SER D 384 -45.95 15.57 14.78
N ARG D 385 -46.55 14.59 15.44
CA ARG D 385 -45.91 13.84 16.51
C ARG D 385 -45.82 12.37 16.11
N GLN D 386 -45.18 11.57 16.96
CA GLN D 386 -45.07 10.13 16.74
C GLN D 386 -45.54 9.41 17.99
N ASP D 387 -46.42 8.43 17.82
CA ASP D 387 -47.06 7.77 18.94
C ASP D 387 -46.96 6.26 18.82
N LEU D 388 -47.26 5.58 19.93
CA LEU D 388 -47.28 4.12 20.00
C LEU D 388 -48.73 3.66 20.06
N PHE D 389 -49.04 2.64 19.28
CA PHE D 389 -50.39 2.10 19.21
C PHE D 389 -50.37 0.59 19.44
N ALA D 390 -51.49 0.09 19.97
CA ALA D 390 -51.72 -1.33 20.19
C ALA D 390 -52.99 -1.75 19.47
N VAL D 391 -52.91 -2.84 18.73
CA VAL D 391 -54.03 -3.32 17.92
C VAL D 391 -54.38 -4.74 18.37
N ASP D 392 -55.67 -4.98 18.55
CA ASP D 392 -56.20 -6.29 18.94
C ASP D 392 -56.63 -7.01 17.66
N THR D 393 -55.89 -8.06 17.30
CA THR D 393 -56.15 -8.74 16.04
C THR D 393 -57.51 -9.45 16.03
N GLN D 394 -58.13 -9.62 17.19
CA GLN D 394 -59.43 -10.28 17.24
C GLN D 394 -60.55 -9.32 16.82
N MET D 395 -60.70 -8.22 17.55
CA MET D 395 -61.74 -7.25 17.25
C MET D 395 -61.32 -6.32 16.11
N GLY D 396 -60.20 -5.60 16.30
CA GLY D 396 -59.73 -4.68 15.29
C GLY D 396 -59.55 -3.27 15.81
N SER D 397 -59.80 -3.07 17.09
CA SER D 397 -59.67 -1.75 17.69
C SER D 397 -58.20 -1.36 17.81
N VAL D 398 -57.94 -0.06 17.71
CA VAL D 398 -56.60 0.50 17.85
C VAL D 398 -56.62 1.47 19.02
N THR D 399 -55.69 1.29 19.95
CA THR D 399 -55.61 2.10 21.16
C THR D 399 -54.27 2.82 21.19
N SER D 400 -54.30 4.11 21.54
CA SER D 400 -53.10 4.92 21.62
C SER D 400 -52.57 4.93 23.05
N LEU D 401 -51.31 4.53 23.22
CA LEU D 401 -50.71 4.47 24.55
C LEU D 401 -50.18 5.80 25.03
N THR D 402 -49.73 6.67 24.12
CA THR D 402 -49.10 7.94 24.49
C THR D 402 -49.96 9.13 24.09
N ALA D 403 -51.28 8.97 24.10
CA ALA D 403 -52.16 10.07 23.74
C ALA D 403 -52.07 11.17 24.79
N GLY D 404 -52.44 12.38 24.37
CA GLY D 404 -52.40 13.53 25.25
C GLY D 404 -51.01 14.12 25.39
N GLY D 405 -50.89 15.05 26.34
CA GLY D 405 -49.64 15.72 26.57
C GLY D 405 -49.36 16.82 25.57
N SER D 406 -48.14 17.36 25.66
CA SER D 406 -47.72 18.43 24.77
C SER D 406 -47.12 17.93 23.47
N GLY D 407 -46.74 16.66 23.40
CA GLY D 407 -46.17 16.07 22.21
C GLY D 407 -44.84 15.41 22.50
N GLY D 408 -44.24 14.88 21.46
CA GLY D 408 -42.96 14.21 21.58
C GLY D 408 -42.81 13.15 20.51
N SER D 409 -41.67 12.45 20.58
CA SER D 409 -41.34 11.40 19.63
C SER D 409 -40.99 10.13 20.40
N TRP D 410 -41.78 9.08 20.20
CA TRP D 410 -41.56 7.77 20.78
C TRP D 410 -41.13 6.79 19.71
N LYS D 411 -40.28 5.84 20.10
CA LYS D 411 -39.81 4.79 19.19
C LYS D 411 -39.70 3.49 19.95
N LEU D 412 -40.49 2.49 19.56
CA LEU D 412 -40.45 1.19 20.21
C LEU D 412 -39.29 0.36 19.66
N LEU D 413 -38.52 -0.26 20.56
CA LEU D 413 -37.36 -1.04 20.14
C LEU D 413 -37.57 -2.54 20.26
N THR D 414 -38.36 -3.00 21.24
CA THR D 414 -38.60 -4.43 21.39
C THR D 414 -39.63 -4.69 22.49
N ILE D 415 -40.33 -5.82 22.39
CA ILE D 415 -41.26 -6.27 23.42
C ILE D 415 -41.06 -7.76 23.61
N ASP D 416 -40.93 -8.20 24.87
CA ASP D 416 -40.74 -9.61 25.17
C ASP D 416 -41.43 -9.91 26.49
N ARG D 417 -42.40 -10.83 26.47
CA ARG D 417 -43.16 -11.19 27.66
C ARG D 417 -43.78 -9.95 28.30
N ASP D 418 -44.31 -9.06 27.46
CA ASP D 418 -45.05 -7.87 27.90
C ASP D 418 -44.14 -6.83 28.54
N LEU D 419 -42.87 -6.79 28.16
CA LEU D 419 -41.93 -5.77 28.61
C LEU D 419 -41.47 -4.97 27.39
N MET D 420 -41.82 -3.70 27.35
CA MET D 420 -41.52 -2.83 26.21
C MET D 420 -40.35 -1.91 26.55
N VAL D 421 -39.44 -1.77 25.58
CA VAL D 421 -38.34 -0.83 25.67
C VAL D 421 -38.56 0.25 24.61
N VAL D 422 -38.43 1.51 25.01
CA VAL D 422 -38.75 2.62 24.12
C VAL D 422 -37.72 3.73 24.25
N GLN D 423 -37.66 4.56 23.22
CA GLN D 423 -36.86 5.76 23.17
C GLN D 423 -37.78 6.97 23.07
N PHE D 424 -37.46 8.02 23.84
CA PHE D 424 -38.28 9.22 23.86
C PHE D 424 -37.39 10.43 23.60
N SER D 425 -37.89 11.36 22.79
CA SER D 425 -37.13 12.57 22.50
C SER D 425 -38.07 13.69 22.11
N THR D 426 -37.58 14.92 22.24
CA THR D 426 -38.32 16.10 21.83
C THR D 426 -37.36 17.13 21.23
N PRO D 427 -37.87 18.21 20.64
CA PRO D 427 -36.96 19.18 20.01
C PRO D 427 -35.98 19.82 20.97
N SER D 428 -36.29 19.86 22.26
CA SER D 428 -35.41 20.49 23.24
C SER D 428 -34.88 19.48 24.26
N VAL D 429 -34.90 18.19 23.93
CA VAL D 429 -34.43 17.15 24.85
C VAL D 429 -33.86 15.99 24.04
N PRO D 430 -32.57 15.70 24.15
CA PRO D 430 -31.99 14.60 23.38
C PRO D 430 -32.64 13.28 23.74
N PRO D 431 -32.32 12.20 23.02
CA PRO D 431 -32.99 10.92 23.26
C PRO D 431 -32.72 10.40 24.67
N SER D 432 -33.72 9.70 25.20
CA SER D 432 -33.62 9.02 26.49
C SER D 432 -34.31 7.67 26.38
N LEU D 433 -33.95 6.76 27.29
CA LEU D 433 -34.40 5.38 27.23
C LEU D 433 -35.38 5.10 28.36
N LYS D 434 -36.36 4.24 28.09
CA LYS D 434 -37.37 3.91 29.08
C LYS D 434 -37.84 2.47 28.87
N VAL D 435 -38.40 1.90 29.93
CA VAL D 435 -38.97 0.56 29.89
C VAL D 435 -40.34 0.60 30.59
N GLY D 436 -41.18 -0.36 30.24
CA GLY D 436 -42.52 -0.40 30.80
C GLY D 436 -43.14 -1.76 30.63
N PHE D 437 -44.26 -1.96 31.34
CA PHE D 437 -45.05 -3.19 31.23
C PHE D 437 -46.36 -2.90 30.54
N LEU D 438 -46.70 -3.72 29.55
CA LEU D 438 -47.96 -3.54 28.83
C LEU D 438 -49.12 -3.97 29.70
N PRO D 439 -50.08 -3.10 29.98
CA PRO D 439 -51.20 -3.46 30.85
C PRO D 439 -52.08 -4.51 30.20
N PRO D 440 -53.01 -5.10 30.96
CA PRO D 440 -53.90 -6.11 30.37
C PRO D 440 -54.80 -5.54 29.29
N ALA D 441 -55.57 -6.40 28.64
CA ALA D 441 -56.44 -5.93 27.57
C ALA D 441 -57.48 -4.95 28.10
N GLY D 442 -57.71 -3.89 27.35
CA GLY D 442 -58.68 -2.88 27.74
C GLY D 442 -58.18 -1.87 28.74
N LYS D 443 -56.88 -1.86 29.04
CA LYS D 443 -56.34 -0.90 30.00
C LYS D 443 -55.00 -0.34 29.55
N GLU D 444 -54.76 -0.25 28.23
CA GLU D 444 -53.47 0.22 27.73
C GLU D 444 -53.23 1.68 28.04
N GLN D 445 -54.27 2.44 28.39
CA GLN D 445 -54.09 3.90 28.59
C GLN D 445 -53.57 4.21 30.00
N ALA D 446 -53.00 3.21 30.70
CA ALA D 446 -52.46 3.41 32.04
C ALA D 446 -51.10 2.75 32.17
N VAL D 447 -50.23 2.92 31.18
CA VAL D 447 -48.89 2.36 31.23
C VAL D 447 -48.00 3.27 32.06
N SER D 448 -47.12 2.66 32.86
CA SER D 448 -46.19 3.40 33.71
C SER D 448 -44.77 3.18 33.20
N TRP D 449 -44.07 4.28 32.96
CA TRP D 449 -42.72 4.24 32.42
C TRP D 449 -41.70 4.46 33.54
N VAL D 450 -40.55 3.80 33.40
CA VAL D 450 -39.44 3.94 34.33
C VAL D 450 -38.20 4.32 33.54
N SER D 451 -37.50 5.36 33.99
CA SER D 451 -36.35 5.86 33.27
C SER D 451 -35.11 5.00 33.52
N LEU D 452 -34.39 4.71 32.44
CA LEU D 452 -33.10 4.02 32.53
C LEU D 452 -31.93 4.93 32.22
N GLU D 453 -32.03 5.77 31.20
CA GLU D 453 -31.02 6.77 30.90
C GLU D 453 -31.72 8.04 30.46
N GLU D 454 -31.46 9.14 31.17
CA GLU D 454 -32.10 10.41 30.93
C GLU D 454 -31.06 11.42 30.44
N ALA D 455 -31.54 12.42 29.70
CA ALA D 455 -30.69 13.44 29.10
C ALA D 455 -31.02 14.80 29.68
N GLU D 456 -30.02 15.67 29.72
CA GLU D 456 -30.21 17.01 30.26
C GLU D 456 -30.88 17.90 29.22
N PRO D 457 -32.02 18.52 29.55
CA PRO D 457 -32.71 19.37 28.57
C PRO D 457 -31.98 20.68 28.35
N PHE D 458 -32.35 21.34 27.25
CA PHE D 458 -31.87 22.68 26.96
C PHE D 458 -33.01 23.67 27.17
N PRO D 459 -32.99 24.46 28.24
CA PRO D 459 -34.10 25.40 28.49
C PRO D 459 -34.12 26.59 27.54
N ASP D 460 -33.14 26.73 26.66
CA ASP D 460 -33.10 27.88 25.76
C ASP D 460 -34.12 27.75 24.63
N ILE D 461 -34.40 26.54 24.19
CA ILE D 461 -35.23 26.30 23.02
C ILE D 461 -36.68 26.18 23.46
N SER D 462 -37.59 26.82 22.72
CA SER D 462 -39.03 26.66 22.90
C SER D 462 -39.65 26.27 21.57
N TRP D 463 -40.58 25.32 21.61
CA TRP D 463 -41.19 24.83 20.38
C TRP D 463 -42.69 24.79 20.51
N SER D 464 -43.37 25.00 19.39
CA SER D 464 -44.84 24.99 19.35
C SER D 464 -45.29 24.55 17.97
N ILE D 465 -46.58 24.34 17.83
CA ILE D 465 -47.19 23.82 16.60
C ILE D 465 -48.25 24.79 16.13
N ARG D 466 -48.23 25.10 14.84
CA ARG D 466 -49.19 25.99 14.21
C ARG D 466 -50.02 25.21 13.19
N VAL D 467 -51.32 25.45 13.18
CA VAL D 467 -52.25 24.81 12.25
C VAL D 467 -52.67 25.83 11.20
N LEU D 468 -52.64 25.42 9.93
CA LEU D 468 -52.90 26.32 8.82
C LEU D 468 -54.01 25.78 7.94
N GLN D 469 -54.97 26.65 7.62
CA GLN D 469 -56.11 26.33 6.77
C GLN D 469 -55.95 27.05 5.44
N PRO D 470 -55.82 26.35 4.33
CA PRO D 470 -55.57 27.02 3.06
C PRO D 470 -56.73 27.93 2.69
N PRO D 471 -56.46 29.02 1.98
CA PRO D 471 -57.54 29.90 1.52
C PRO D 471 -58.39 29.21 0.48
N PRO D 472 -59.61 29.70 0.24
CA PRO D 472 -60.53 28.99 -0.68
C PRO D 472 -59.97 28.79 -2.07
N GLN D 473 -59.21 29.75 -2.59
CA GLN D 473 -58.73 29.66 -3.96
C GLN D 473 -57.81 28.45 -4.15
N GLN D 474 -56.94 28.20 -3.18
CA GLN D 474 -55.94 27.14 -3.30
C GLN D 474 -56.49 25.81 -2.79
N GLU D 475 -57.62 25.39 -3.36
CA GLU D 475 -58.25 24.14 -2.98
C GLU D 475 -58.89 23.52 -4.21
N HIS D 476 -58.71 22.20 -4.34
CA HIS D 476 -59.32 21.44 -5.42
C HIS D 476 -60.63 20.81 -4.95
N VAL D 477 -61.57 20.68 -5.89
CA VAL D 477 -62.90 20.17 -5.54
C VAL D 477 -62.82 18.76 -4.99
N GLN D 478 -61.91 17.94 -5.53
CA GLN D 478 -61.86 16.53 -5.14
C GLN D 478 -61.57 16.39 -3.65
N TYR D 479 -60.61 17.15 -3.13
CA TYR D 479 -60.24 17.11 -1.72
C TYR D 479 -60.36 18.52 -1.16
N ALA D 480 -61.51 18.80 -0.54
CA ALA D 480 -61.79 20.10 0.03
C ALA D 480 -61.87 20.01 1.55
N GLY D 481 -61.25 20.97 2.23
CA GLY D 481 -61.25 21.03 3.67
C GLY D 481 -59.97 20.60 4.33
N LEU D 482 -58.93 20.25 3.57
CA LEU D 482 -57.68 19.82 4.15
C LEU D 482 -56.92 21.00 4.74
N ASP D 483 -56.10 20.71 5.74
CA ASP D 483 -55.23 21.70 6.38
C ASP D 483 -53.88 21.07 6.65
N PHE D 484 -52.91 21.90 7.03
CA PHE D 484 -51.55 21.41 7.27
C PHE D 484 -51.03 22.07 8.54
N GLU D 485 -49.74 21.85 8.83
CA GLU D 485 -49.17 22.29 10.10
C GLU D 485 -47.72 22.72 9.91
N ALA D 486 -47.20 23.37 10.95
CA ALA D 486 -45.81 23.80 10.98
C ALA D 486 -45.31 23.71 12.42
N ILE D 487 -44.01 23.49 12.56
CA ILE D 487 -43.34 23.46 13.86
C ILE D 487 -42.46 24.70 13.96
N LEU D 488 -42.68 25.48 15.02
CA LEU D 488 -41.97 26.73 15.23
C LEU D 488 -41.05 26.61 16.43
N LEU D 489 -39.76 26.87 16.22
CA LEU D 489 -38.75 26.85 17.27
C LEU D 489 -38.21 28.25 17.44
N GLN D 490 -38.19 28.74 18.68
CA GLN D 490 -37.67 30.07 18.96
C GLN D 490 -36.87 30.09 20.25
N PRO D 491 -35.97 31.05 20.40
CA PRO D 491 -35.24 31.19 21.66
C PRO D 491 -36.14 31.74 22.76
N SER D 492 -36.21 31.02 23.87
CA SER D 492 -36.99 31.47 25.01
C SER D 492 -36.26 32.62 25.73
N ASN D 493 -37.04 33.47 26.37
CA ASN D 493 -36.52 34.62 27.12
C ASN D 493 -35.71 35.54 26.21
N SER D 494 -36.39 36.10 25.22
CA SER D 494 -35.74 37.07 24.36
C SER D 494 -36.11 38.49 24.78
N PRO D 495 -35.19 39.45 24.62
CA PRO D 495 -35.43 40.85 25.01
C PRO D 495 -36.67 41.43 24.34
N THR D 498 -37.43 43.68 19.89
CA THR D 498 -36.72 42.41 19.74
C THR D 498 -37.12 41.71 18.45
N GLN D 499 -36.59 42.20 17.34
CA GLN D 499 -36.85 41.60 16.03
C GLN D 499 -35.87 40.45 15.79
N VAL D 500 -36.37 39.33 15.31
CA VAL D 500 -35.56 38.13 15.16
C VAL D 500 -35.61 37.63 13.71
N PRO D 501 -34.48 37.18 13.16
CA PRO D 501 -34.52 36.57 11.83
C PRO D 501 -35.11 35.17 11.88
N MET D 502 -35.53 34.68 10.71
CA MET D 502 -36.20 33.40 10.62
C MET D 502 -35.63 32.59 9.47
N VAL D 503 -35.65 31.27 9.65
CA VAL D 503 -35.20 30.31 8.63
C VAL D 503 -36.32 29.30 8.40
N VAL D 504 -36.66 29.08 7.14
CA VAL D 504 -37.79 28.25 6.76
C VAL D 504 -37.28 26.98 6.09
N MET D 505 -37.82 25.84 6.51
CA MET D 505 -37.40 24.53 6.01
C MET D 505 -38.62 23.71 5.58
N PRO D 506 -38.76 23.43 4.29
CA PRO D 506 -39.67 22.36 3.87
C PRO D 506 -38.93 21.04 3.72
N HIS D 507 -39.66 19.95 3.93
CA HIS D 507 -39.06 18.63 3.90
C HIS D 507 -39.03 18.10 2.47
N GLY D 508 -38.28 17.01 2.27
CA GLY D 508 -38.19 16.37 0.98
C GLY D 508 -39.36 15.43 0.75
N GLY D 509 -39.13 14.30 0.09
CA GLY D 509 -40.18 13.36 -0.15
C GLY D 509 -40.65 13.35 -1.59
N PRO D 510 -41.79 13.99 -1.86
CA PRO D 510 -42.55 14.86 -0.95
C PRO D 510 -43.46 14.11 0.01
N HIS D 511 -43.44 12.78 0.00
CA HIS D 511 -44.28 12.00 0.91
C HIS D 511 -43.47 11.62 2.15
N SER D 512 -43.21 12.64 2.97
CA SER D 512 -42.53 12.47 4.25
C SER D 512 -43.06 13.56 5.17
N SER D 513 -42.38 13.80 6.29
CA SER D 513 -42.83 14.83 7.21
C SER D 513 -41.81 15.00 8.32
N PHE D 514 -41.94 16.10 9.04
CA PHE D 514 -41.19 16.35 10.27
C PHE D 514 -42.01 15.93 11.47
N VAL D 515 -41.33 15.44 12.50
CA VAL D 515 -41.96 15.10 13.76
C VAL D 515 -41.20 15.79 14.89
N THR D 516 -41.89 15.99 16.01
CA THR D 516 -41.32 16.71 17.15
C THR D 516 -40.31 15.83 17.88
N ALA D 517 -39.19 15.56 17.21
CA ALA D 517 -38.10 14.79 17.74
C ALA D 517 -36.86 15.66 17.86
N TRP D 518 -35.75 15.05 18.27
CA TRP D 518 -34.49 15.78 18.42
C TRP D 518 -33.81 15.93 17.08
N MET D 519 -33.61 17.18 16.65
CA MET D 519 -32.89 17.48 15.42
C MET D 519 -31.75 18.41 15.76
N LEU D 520 -30.55 18.08 15.28
CA LEU D 520 -29.35 18.80 15.69
C LEU D 520 -29.29 20.19 15.06
N PHE D 521 -29.34 20.26 13.74
CA PHE D 521 -29.12 21.51 13.03
C PHE D 521 -30.15 22.57 13.42
N PRO D 522 -31.44 22.22 13.49
CA PRO D 522 -32.42 23.18 13.99
C PRO D 522 -32.10 23.70 15.38
N ALA D 523 -31.61 22.83 16.26
CA ALA D 523 -31.22 23.26 17.61
C ALA D 523 -30.05 24.24 17.54
N MET D 524 -29.07 23.96 16.69
CA MET D 524 -27.94 24.86 16.52
C MET D 524 -28.41 26.23 16.01
N LEU D 525 -29.31 26.22 15.03
CA LEU D 525 -29.82 27.48 14.50
C LEU D 525 -30.57 28.25 15.56
N CYS D 526 -31.38 27.56 16.38
CA CYS D 526 -32.11 28.22 17.44
C CYS D 526 -31.17 28.82 18.47
N LYS D 527 -30.12 28.09 18.84
CA LYS D 527 -29.18 28.59 19.83
C LYS D 527 -28.30 29.71 19.27
N MET D 528 -28.15 29.77 17.94
CA MET D 528 -27.39 30.84 17.34
C MET D 528 -28.13 32.17 17.38
N GLY D 529 -29.46 32.12 17.52
CA GLY D 529 -30.26 33.33 17.63
C GLY D 529 -31.36 33.44 16.59
N PHE D 530 -31.59 32.37 15.85
CA PHE D 530 -32.58 32.34 14.79
C PHE D 530 -33.89 31.74 15.28
N ALA D 531 -34.91 31.84 14.43
CA ALA D 531 -36.21 31.23 14.67
C ALA D 531 -36.49 30.28 13.50
N VAL D 532 -36.69 29.01 13.80
CA VAL D 532 -36.82 28.01 12.74
C VAL D 532 -38.28 27.65 12.53
N LEU D 533 -38.67 27.49 11.27
CA LEU D 533 -40.05 27.12 10.92
C LEU D 533 -39.98 25.94 9.95
N LEU D 534 -40.40 24.76 10.44
CA LEU D 534 -40.45 23.56 9.62
C LEU D 534 -41.88 23.33 9.15
N VAL D 535 -42.07 23.22 7.83
CA VAL D 535 -43.40 23.21 7.23
C VAL D 535 -43.76 21.78 6.83
N ASN D 536 -45.00 21.37 7.12
CA ASN D 536 -45.52 20.09 6.65
C ASN D 536 -46.71 20.39 5.72
N TYR D 537 -46.40 20.59 4.44
CA TYR D 537 -47.42 20.97 3.48
C TYR D 537 -48.31 19.78 3.14
N ARG D 538 -49.43 20.07 2.47
CA ARG D 538 -50.34 19.02 2.05
C ARG D 538 -49.61 18.02 1.15
N GLY D 539 -49.82 16.74 1.41
CA GLY D 539 -49.07 15.69 0.75
C GLY D 539 -48.08 14.96 1.64
N SER D 540 -47.99 15.34 2.92
CA SER D 540 -47.08 14.68 3.85
C SER D 540 -47.75 13.46 4.48
N THR D 541 -46.92 12.60 5.07
CA THR D 541 -47.40 11.40 5.74
C THR D 541 -47.88 11.74 7.15
N GLY D 542 -48.90 11.01 7.60
CA GLY D 542 -49.46 11.22 8.91
C GLY D 542 -50.71 12.06 8.97
N PHE D 543 -51.25 12.48 7.82
CA PHE D 543 -52.45 13.31 7.79
C PHE D 543 -53.61 12.63 7.07
N GLY D 544 -53.44 11.38 6.65
CA GLY D 544 -54.48 10.67 5.95
C GLY D 544 -54.09 10.37 4.51
N GLN D 545 -54.92 9.52 3.87
CA GLN D 545 -54.66 9.16 2.49
C GLN D 545 -54.99 10.29 1.53
N ASP D 546 -55.96 11.13 1.88
CA ASP D 546 -56.34 12.24 1.01
C ASP D 546 -55.19 13.21 0.79
N SER D 547 -54.45 13.51 1.87
CA SER D 547 -53.28 14.37 1.71
C SER D 547 -52.24 13.72 0.82
N ILE D 548 -52.06 12.40 0.94
CA ILE D 548 -51.10 11.71 0.09
C ILE D 548 -51.50 11.81 -1.37
N LEU D 549 -52.78 11.64 -1.67
CA LEU D 549 -53.27 11.56 -3.04
C LEU D 549 -53.54 12.93 -3.66
N SER D 550 -53.57 13.99 -2.86
CA SER D 550 -53.85 15.33 -3.36
C SER D 550 -52.68 15.95 -4.10
N LEU D 551 -51.43 15.58 -3.76
CA LEU D 551 -50.28 16.26 -4.35
C LEU D 551 -49.99 15.80 -5.77
N PRO D 552 -49.87 14.49 -6.06
CA PRO D 552 -49.44 14.06 -7.39
C PRO D 552 -50.17 14.75 -8.53
N GLY D 553 -49.41 15.37 -9.43
CA GLY D 553 -49.96 16.08 -10.57
C GLY D 553 -50.01 17.58 -10.40
N ASN D 554 -49.88 18.08 -9.17
CA ASN D 554 -49.93 19.51 -8.89
C ASN D 554 -48.61 20.07 -8.37
N VAL D 555 -47.53 19.28 -8.42
CA VAL D 555 -46.25 19.77 -7.93
C VAL D 555 -45.83 20.99 -8.73
N GLY D 556 -45.48 22.06 -8.02
CA GLY D 556 -45.03 23.30 -8.63
C GLY D 556 -45.79 24.54 -8.18
N HIS D 557 -47.08 24.41 -7.86
CA HIS D 557 -47.85 25.59 -7.47
C HIS D 557 -48.58 25.39 -6.14
N GLN D 558 -49.04 24.16 -5.88
CA GLN D 558 -49.79 23.90 -4.65
C GLN D 558 -48.89 24.03 -3.42
N ASP D 559 -47.86 23.20 -3.35
CA ASP D 559 -46.99 23.18 -2.18
C ASP D 559 -46.22 24.49 -2.01
N VAL D 560 -45.80 25.08 -3.12
CA VAL D 560 -45.12 26.38 -3.04
C VAL D 560 -46.03 27.42 -2.42
N LYS D 561 -47.28 27.47 -2.86
CA LYS D 561 -48.23 28.42 -2.30
C LYS D 561 -48.51 28.11 -0.83
N ASP D 562 -48.54 26.82 -0.47
CA ASP D 562 -48.73 26.45 0.92
C ASP D 562 -47.60 27.02 1.78
N VAL D 563 -46.36 26.85 1.33
CA VAL D 563 -45.21 27.35 2.09
C VAL D 563 -45.28 28.87 2.20
N GLN D 564 -45.61 29.53 1.09
CA GLN D 564 -45.71 30.99 1.10
C GLN D 564 -46.76 31.47 2.08
N PHE D 565 -47.93 30.81 2.07
CA PHE D 565 -49.01 31.18 2.97
C PHE D 565 -48.60 30.98 4.43
N ALA D 566 -47.94 29.87 4.73
CA ALA D 566 -47.48 29.62 6.09
C ALA D 566 -46.51 30.71 6.53
N VAL D 567 -45.57 31.06 5.67
CA VAL D 567 -44.58 32.08 6.00
C VAL D 567 -45.27 33.41 6.26
N GLU D 568 -46.21 33.78 5.40
CA GLU D 568 -46.92 35.04 5.55
C GLU D 568 -47.68 35.10 6.87
N GLN D 569 -48.40 34.01 7.19
CA GLN D 569 -49.15 33.99 8.43
C GLN D 569 -48.23 34.09 9.64
N VAL D 570 -47.12 33.35 9.62
CA VAL D 570 -46.20 33.39 10.76
C VAL D 570 -45.62 34.79 10.93
N LEU D 571 -45.24 35.43 9.82
CA LEU D 571 -44.70 36.78 9.90
C LEU D 571 -45.74 37.75 10.43
N GLN D 572 -46.99 37.63 9.97
CA GLN D 572 -48.02 38.56 10.41
C GLN D 572 -48.36 38.37 11.88
N GLU D 573 -48.28 37.14 12.39
CA GLU D 573 -48.67 36.85 13.76
C GLU D 573 -47.55 37.07 14.76
N GLU D 574 -46.42 36.38 14.59
CA GLU D 574 -45.36 36.40 15.59
C GLU D 574 -44.64 37.74 15.69
N HIS D 575 -44.79 38.61 14.69
CA HIS D 575 -44.10 39.91 14.68
C HIS D 575 -42.59 39.71 14.68
N PHE D 576 -42.11 39.00 13.66
CA PHE D 576 -40.69 38.76 13.48
C PHE D 576 -40.09 39.87 12.60
N ASP D 577 -38.85 39.67 12.16
CA ASP D 577 -38.17 40.65 11.31
C ASP D 577 -38.41 40.26 9.86
N ALA D 578 -39.35 40.96 9.21
CA ALA D 578 -39.69 40.64 7.83
C ALA D 578 -38.56 40.90 6.86
N GLY D 579 -37.55 41.67 7.27
CA GLY D 579 -36.44 41.96 6.38
C GLY D 579 -35.33 40.93 6.37
N ARG D 580 -35.40 39.92 7.25
CA ARG D 580 -34.37 38.89 7.36
C ARG D 580 -35.06 37.53 7.43
N VAL D 581 -35.28 36.91 6.27
CA VAL D 581 -35.88 35.59 6.17
C VAL D 581 -35.04 34.77 5.21
N ALA D 582 -34.72 33.54 5.61
CA ALA D 582 -33.88 32.65 4.81
C ALA D 582 -34.60 31.34 4.55
N LEU D 583 -34.13 30.62 3.54
CA LEU D 583 -34.70 29.33 3.15
C LEU D 583 -33.61 28.28 3.20
N MET D 584 -33.97 27.05 3.55
CA MET D 584 -33.04 25.93 3.50
C MET D 584 -33.80 24.65 3.21
N GLY D 585 -33.24 23.83 2.32
CA GLY D 585 -33.87 22.56 1.96
C GLY D 585 -32.93 21.71 1.13
N GLY D 586 -33.34 20.46 0.93
CA GLY D 586 -32.56 19.53 0.14
C GLY D 586 -33.45 18.58 -0.63
N SER D 587 -32.97 18.15 -1.79
CA SER D 587 -33.74 17.27 -2.67
C SER D 587 -34.99 17.98 -3.16
N HIS D 588 -36.16 17.41 -2.88
CA HIS D 588 -37.40 18.11 -3.19
C HIS D 588 -37.48 19.44 -2.43
N GLY D 589 -36.85 19.51 -1.26
CA GLY D 589 -36.77 20.77 -0.55
C GLY D 589 -36.04 21.84 -1.35
N GLY D 590 -34.96 21.45 -2.03
CA GLY D 590 -34.28 22.39 -2.91
C GLY D 590 -35.14 22.77 -4.10
N PHE D 591 -35.91 21.82 -4.63
CA PHE D 591 -36.89 22.13 -5.67
C PHE D 591 -37.83 23.24 -5.21
N LEU D 592 -38.41 23.08 -4.02
CA LEU D 592 -39.33 24.09 -3.50
C LEU D 592 -38.61 25.41 -3.23
N SER D 593 -37.38 25.36 -2.71
CA SER D 593 -36.65 26.59 -2.42
C SER D 593 -36.36 27.38 -3.69
N CYS D 594 -35.95 26.68 -4.75
CA CYS D 594 -35.72 27.36 -6.02
C CYS D 594 -37.00 27.94 -6.58
N HIS D 595 -38.10 27.17 -6.54
CA HIS D 595 -39.38 27.73 -6.96
C HIS D 595 -39.73 28.99 -6.19
N LEU D 596 -39.52 28.97 -4.87
CA LEU D 596 -39.88 30.11 -4.03
C LEU D 596 -39.02 31.32 -4.36
N ILE D 597 -37.70 31.15 -4.42
CA ILE D 597 -36.81 32.26 -4.70
C ILE D 597 -36.95 32.75 -6.13
N GLY D 598 -37.57 31.98 -7.01
CA GLY D 598 -37.84 32.45 -8.35
C GLY D 598 -39.14 33.21 -8.48
N GLN D 599 -40.22 32.65 -7.93
CA GLN D 599 -41.54 33.26 -8.08
C GLN D 599 -41.73 34.47 -7.18
N TYR D 600 -41.07 34.51 -6.03
CA TYR D 600 -41.20 35.62 -5.08
C TYR D 600 -39.80 36.13 -4.76
N PRO D 601 -39.22 36.94 -5.64
CA PRO D 601 -37.82 37.35 -5.48
C PRO D 601 -37.59 38.51 -4.52
N GLU D 602 -38.61 38.98 -3.80
CA GLU D 602 -38.44 40.10 -2.90
C GLU D 602 -38.87 39.74 -1.47
N THR D 603 -38.64 38.49 -1.07
CA THR D 603 -39.04 38.02 0.24
C THR D 603 -37.91 37.37 1.03
N TYR D 604 -36.95 36.72 0.37
CA TYR D 604 -35.91 35.97 1.04
C TYR D 604 -34.56 36.63 0.79
N SER D 605 -33.68 36.57 1.79
CA SER D 605 -32.37 37.20 1.72
C SER D 605 -31.23 36.22 1.53
N ALA D 606 -31.49 34.92 1.48
CA ALA D 606 -30.44 33.94 1.29
C ALA D 606 -31.08 32.59 0.98
N CYS D 607 -30.26 31.66 0.51
CA CYS D 607 -30.75 30.32 0.17
C CYS D 607 -29.58 29.35 0.19
N VAL D 608 -29.80 28.19 0.80
CA VAL D 608 -28.82 27.10 0.83
C VAL D 608 -29.53 25.83 0.39
N VAL D 609 -28.93 25.10 -0.54
CA VAL D 609 -29.56 23.90 -1.08
C VAL D 609 -28.54 22.78 -1.21
N ARG D 610 -29.04 21.56 -1.07
CA ARG D 610 -28.25 20.34 -1.17
C ARG D 610 -28.89 19.39 -2.16
N ASN D 611 -28.17 19.03 -3.21
CA ASN D 611 -28.62 18.07 -4.21
C ASN D 611 -30.06 18.36 -4.62
N PRO D 612 -30.35 19.52 -5.20
CA PRO D 612 -31.72 19.86 -5.57
C PRO D 612 -32.12 19.26 -6.92
N VAL D 613 -33.42 19.35 -7.21
CA VAL D 613 -33.98 18.94 -8.49
C VAL D 613 -34.31 20.20 -9.28
N ILE D 614 -33.80 20.30 -10.50
CA ILE D 614 -33.90 21.51 -11.30
C ILE D 614 -34.71 21.29 -12.58
N ASN D 615 -34.45 20.21 -13.30
CA ASN D 615 -35.12 19.96 -14.58
C ASN D 615 -35.59 18.52 -14.59
N ILE D 616 -36.91 18.32 -14.54
CA ILE D 616 -37.47 16.97 -14.49
C ILE D 616 -37.26 16.25 -15.82
N ALA D 617 -37.41 16.97 -16.93
CA ALA D 617 -37.31 16.33 -18.24
C ALA D 617 -35.95 15.69 -18.44
N SER D 618 -34.88 16.40 -18.10
CA SER D 618 -33.55 15.85 -18.23
C SER D 618 -33.24 14.83 -17.13
N MET D 619 -33.87 14.99 -15.96
CA MET D 619 -33.66 14.05 -14.87
C MET D 619 -34.29 12.70 -15.12
N MET D 620 -35.33 12.63 -15.97
CA MET D 620 -36.05 11.38 -16.17
C MET D 620 -35.14 10.28 -16.68
N GLY D 621 -34.26 10.61 -17.61
CA GLY D 621 -33.46 9.60 -18.28
C GLY D 621 -32.12 9.29 -17.63
N SER D 622 -31.89 9.81 -16.41
CA SER D 622 -30.62 9.62 -15.75
C SER D 622 -30.72 9.19 -14.30
N THR D 623 -31.92 9.05 -13.74
CA THR D 623 -32.09 8.65 -12.35
C THR D 623 -32.40 7.16 -12.27
N ASP D 624 -32.37 6.64 -11.04
CA ASP D 624 -32.65 5.23 -10.77
C ASP D 624 -34.12 4.99 -10.44
N ILE D 625 -34.94 6.02 -10.38
CA ILE D 625 -36.37 5.87 -10.15
C ILE D 625 -37.13 6.69 -11.18
N PRO D 626 -37.12 6.29 -12.45
CA PRO D 626 -37.78 7.11 -13.48
C PRO D 626 -39.27 7.27 -13.26
N ASP D 627 -39.92 6.33 -12.56
CA ASP D 627 -41.35 6.45 -12.32
C ASP D 627 -41.71 7.65 -11.45
N TRP D 628 -40.76 8.14 -10.65
CA TRP D 628 -41.03 9.30 -9.81
C TRP D 628 -41.44 10.50 -10.66
N CYS D 629 -40.68 10.79 -11.72
CA CYS D 629 -40.98 11.94 -12.57
C CYS D 629 -42.33 11.77 -13.25
N MET D 630 -42.59 10.56 -13.77
CA MET D 630 -43.87 10.32 -14.46
C MET D 630 -45.05 10.50 -13.51
N VAL D 631 -44.93 9.98 -12.29
CA VAL D 631 -46.04 10.09 -11.33
C VAL D 631 -46.24 11.53 -10.91
N GLU D 632 -45.14 12.22 -10.57
CA GLU D 632 -45.26 13.60 -10.10
C GLU D 632 -45.80 14.53 -11.19
N ALA D 633 -45.35 14.34 -12.43
CA ALA D 633 -45.80 15.21 -13.51
C ALA D 633 -47.30 15.07 -13.73
N GLY D 634 -47.84 13.86 -13.57
CA GLY D 634 -49.27 13.67 -13.70
C GLY D 634 -49.65 12.53 -14.63
N PHE D 635 -48.66 11.78 -15.11
CA PHE D 635 -48.91 10.68 -16.03
C PHE D 635 -48.67 9.35 -15.31
N SER D 636 -48.87 8.25 -16.03
CA SER D 636 -48.70 6.91 -15.50
C SER D 636 -47.44 6.27 -16.07
N TYR D 637 -46.62 5.71 -15.19
CA TYR D 637 -45.38 5.07 -15.60
C TYR D 637 -45.69 3.74 -16.28
N SER D 638 -45.00 3.47 -17.39
CA SER D 638 -45.14 2.21 -18.10
C SER D 638 -43.80 1.86 -18.74
N SER D 639 -43.36 0.62 -18.55
CA SER D 639 -42.14 0.15 -19.17
C SER D 639 -42.27 0.18 -20.69
N ASP D 640 -41.16 0.47 -21.37
CA ASP D 640 -41.15 0.63 -22.83
C ASP D 640 -41.86 1.91 -23.24
N CYS D 641 -41.72 2.96 -22.43
CA CYS D 641 -42.28 4.25 -22.74
C CYS D 641 -41.39 4.99 -23.74
N LEU D 642 -41.95 6.00 -24.41
CA LEU D 642 -41.23 6.76 -25.40
C LEU D 642 -41.44 8.24 -25.14
N PRO D 643 -40.49 9.09 -25.53
CA PRO D 643 -40.64 10.53 -25.29
C PRO D 643 -41.69 11.18 -26.18
N ASP D 644 -42.76 11.68 -25.57
CA ASP D 644 -43.81 12.38 -26.28
C ASP D 644 -43.72 13.88 -26.02
N LEU D 645 -44.14 14.67 -27.00
CA LEU D 645 -44.04 16.12 -26.88
C LEU D 645 -44.85 16.64 -25.71
N SER D 646 -46.07 16.12 -25.53
CA SER D 646 -46.93 16.60 -24.44
C SER D 646 -46.28 16.35 -23.09
N VAL D 647 -45.74 15.16 -22.89
CA VAL D 647 -45.14 14.83 -21.59
C VAL D 647 -43.95 15.73 -21.31
N TRP D 648 -43.10 15.93 -22.31
CA TRP D 648 -41.92 16.78 -22.10
C TRP D 648 -42.32 18.22 -21.84
N ALA D 649 -43.33 18.73 -22.55
CA ALA D 649 -43.80 20.08 -22.30
C ALA D 649 -44.33 20.23 -20.89
N ALA D 650 -45.12 19.25 -20.44
CA ALA D 650 -45.66 19.30 -19.08
C ALA D 650 -44.54 19.26 -18.05
N MET D 651 -43.55 18.40 -18.27
CA MET D 651 -42.43 18.30 -17.34
C MET D 651 -41.64 19.60 -17.27
N LEU D 652 -41.39 20.22 -18.43
CA LEU D 652 -40.62 21.46 -18.44
C LEU D 652 -41.41 22.61 -17.81
N ASP D 653 -42.74 22.60 -17.97
CA ASP D 653 -43.55 23.68 -17.41
C ASP D 653 -43.53 23.68 -15.89
N LYS D 654 -43.18 22.56 -15.27
CA LYS D 654 -43.24 22.41 -13.82
C LYS D 654 -41.86 22.51 -13.16
N SER D 655 -40.84 22.96 -13.89
CA SER D 655 -39.50 22.97 -13.32
C SER D 655 -39.10 24.37 -12.89
N PRO D 656 -38.30 24.49 -11.82
CA PRO D 656 -37.88 25.82 -11.36
C PRO D 656 -36.99 26.56 -12.35
N ILE D 657 -36.33 25.85 -13.26
CA ILE D 657 -35.42 26.50 -14.20
C ILE D 657 -36.15 27.58 -14.98
N LYS D 658 -37.45 27.41 -15.22
CA LYS D 658 -38.20 28.39 -15.98
C LYS D 658 -38.10 29.78 -15.36
N TYR D 659 -37.91 29.87 -14.05
CA TYR D 659 -37.86 31.14 -13.36
C TYR D 659 -36.44 31.61 -13.07
N ALA D 660 -35.44 30.96 -13.67
CA ALA D 660 -34.05 31.35 -13.42
C ALA D 660 -33.77 32.81 -13.72
N PRO D 661 -34.25 33.40 -14.83
CA PRO D 661 -33.86 34.78 -15.16
C PRO D 661 -34.45 35.82 -14.22
N GLN D 662 -35.13 35.39 -13.16
CA GLN D 662 -35.68 36.31 -12.17
C GLN D 662 -35.02 36.18 -10.81
N VAL D 663 -34.17 35.17 -10.61
CA VAL D 663 -33.56 34.96 -9.29
C VAL D 663 -32.67 36.14 -8.94
N LYS D 664 -32.73 36.56 -7.68
CA LYS D 664 -31.96 37.69 -7.19
C LYS D 664 -31.27 37.44 -5.85
N THR D 665 -31.62 36.39 -5.12
CA THR D 665 -31.06 36.13 -3.80
C THR D 665 -29.73 35.40 -3.91
N PRO D 666 -28.77 35.70 -3.03
CA PRO D 666 -27.53 34.91 -3.00
C PRO D 666 -27.82 33.44 -2.72
N LEU D 667 -27.03 32.56 -3.33
CA LEU D 667 -27.29 31.14 -3.27
C LEU D 667 -26.03 30.36 -2.91
N LEU D 668 -26.22 29.30 -2.12
CA LEU D 668 -25.17 28.35 -1.79
C LEU D 668 -25.64 26.97 -2.20
N LEU D 669 -24.80 26.27 -2.96
CA LEU D 669 -25.10 24.95 -3.50
C LEU D 669 -24.12 23.94 -2.94
N MET D 670 -24.61 22.80 -2.48
CA MET D 670 -23.78 21.68 -2.08
C MET D 670 -24.18 20.45 -2.89
N LEU D 671 -23.20 19.83 -3.54
CA LEU D 671 -23.48 18.72 -4.45
C LEU D 671 -22.59 17.54 -4.13
N GLY D 672 -23.13 16.34 -4.31
CA GLY D 672 -22.37 15.12 -4.19
C GLY D 672 -22.16 14.46 -5.53
N GLN D 673 -20.89 14.29 -5.92
CA GLN D 673 -20.59 13.84 -7.28
C GLN D 673 -21.13 12.44 -7.54
N GLU D 674 -21.02 11.54 -6.57
CA GLU D 674 -21.39 10.15 -6.74
C GLU D 674 -22.88 9.89 -6.48
N ASP D 675 -23.71 10.92 -6.57
CA ASP D 675 -25.14 10.74 -6.35
C ASP D 675 -25.76 9.93 -7.48
N ARG D 676 -26.64 8.99 -7.10
CA ARG D 676 -27.36 8.18 -8.06
C ARG D 676 -28.86 8.42 -8.06
N ARG D 677 -29.42 9.01 -6.99
CA ARG D 677 -30.84 9.32 -6.97
C ARG D 677 -31.13 10.60 -7.73
N VAL D 678 -30.31 11.63 -7.54
CA VAL D 678 -30.42 12.89 -8.24
C VAL D 678 -29.06 13.19 -8.86
N PRO D 679 -28.90 13.08 -10.19
CA PRO D 679 -27.61 13.40 -10.80
C PRO D 679 -27.20 14.84 -10.51
N PHE D 680 -25.90 15.04 -10.36
CA PHE D 680 -25.38 16.32 -9.88
C PHE D 680 -25.32 17.39 -10.97
N LYS D 681 -25.61 17.06 -12.22
CA LYS D 681 -25.68 18.08 -13.26
C LYS D 681 -26.88 19.00 -13.09
N GLN D 682 -27.90 18.55 -12.36
CA GLN D 682 -29.07 19.39 -12.11
C GLN D 682 -28.66 20.71 -11.46
N GLY D 683 -27.83 20.63 -10.42
CA GLY D 683 -27.32 21.84 -9.80
C GLY D 683 -26.39 22.61 -10.71
N MET D 684 -25.62 21.91 -11.56
CA MET D 684 -24.68 22.59 -12.44
C MET D 684 -25.40 23.48 -13.45
N GLU D 685 -26.53 23.02 -13.98
CA GLU D 685 -27.28 23.85 -14.92
C GLU D 685 -27.73 25.15 -14.26
N TYR D 686 -28.30 25.05 -13.06
CA TYR D 686 -28.73 26.24 -12.34
C TYR D 686 -27.56 27.14 -12.02
N TYR D 687 -26.42 26.55 -11.62
CA TYR D 687 -25.25 27.35 -11.31
C TYR D 687 -24.77 28.13 -12.53
N ARG D 688 -24.70 27.47 -13.68
CA ARG D 688 -24.29 28.15 -14.91
C ARG D 688 -25.26 29.27 -15.26
N VAL D 689 -26.56 28.99 -15.17
CA VAL D 689 -27.56 29.99 -15.54
C VAL D 689 -27.43 31.22 -14.64
N LEU D 690 -27.26 31.00 -13.33
CA LEU D 690 -27.14 32.13 -12.41
C LEU D 690 -25.84 32.89 -12.63
N LYS D 691 -24.72 32.17 -12.79
CA LYS D 691 -23.43 32.83 -12.93
C LYS D 691 -23.35 33.63 -14.21
N ALA D 692 -24.02 33.19 -15.28
CA ALA D 692 -23.97 33.93 -16.52
C ALA D 692 -24.51 35.34 -16.37
N ARG D 693 -25.35 35.57 -15.36
CA ARG D 693 -25.96 36.87 -15.13
C ARG D 693 -25.32 37.65 -13.98
N ASN D 694 -24.18 37.19 -13.47
CA ASN D 694 -23.44 37.90 -12.43
C ASN D 694 -24.29 38.01 -11.15
N VAL D 695 -24.64 36.86 -10.60
CA VAL D 695 -25.36 36.79 -9.33
C VAL D 695 -24.47 36.09 -8.31
N PRO D 696 -24.44 36.56 -7.06
CA PRO D 696 -23.57 35.91 -6.06
C PRO D 696 -23.97 34.47 -5.80
N VAL D 697 -23.12 33.53 -6.20
CA VAL D 697 -23.39 32.10 -6.04
C VAL D 697 -22.12 31.43 -5.56
N ARG D 698 -22.25 30.54 -4.58
CA ARG D 698 -21.11 29.78 -4.07
C ARG D 698 -21.45 28.30 -4.16
N LEU D 699 -20.52 27.51 -4.70
CA LEU D 699 -20.75 26.11 -4.97
C LEU D 699 -19.70 25.25 -4.30
N LEU D 700 -20.13 24.13 -3.72
CA LEU D 700 -19.25 23.14 -3.12
C LEU D 700 -19.58 21.77 -3.70
N LEU D 701 -18.55 21.03 -4.10
CA LEU D 701 -18.71 19.73 -4.73
C LEU D 701 -17.88 18.70 -3.96
N TYR D 702 -18.54 17.63 -3.50
CA TYR D 702 -17.86 16.59 -2.76
C TYR D 702 -17.65 15.37 -3.65
N PRO D 703 -16.41 15.03 -4.01
CA PRO D 703 -16.21 13.98 -5.01
C PRO D 703 -16.71 12.60 -4.61
N LYS D 704 -16.86 12.33 -3.31
CA LYS D 704 -17.19 10.99 -2.84
C LYS D 704 -18.58 10.85 -2.23
N SER D 705 -19.08 11.87 -1.54
CA SER D 705 -20.40 11.78 -0.94
C SER D 705 -21.45 11.48 -2.00
N THR D 706 -22.37 10.57 -1.70
CA THR D 706 -23.29 10.12 -2.73
C THR D 706 -24.60 10.91 -2.72
N HIS D 707 -25.40 10.78 -1.68
CA HIS D 707 -26.63 11.57 -1.69
C HIS D 707 -26.90 12.29 -0.37
N ALA D 708 -26.62 11.66 0.77
CA ALA D 708 -26.97 12.22 2.06
C ALA D 708 -25.83 12.98 2.72
N LEU D 709 -24.64 12.95 2.14
CA LEU D 709 -23.47 13.59 2.75
C LEU D 709 -23.31 13.14 4.20
N SER D 710 -23.43 11.83 4.39
CA SER D 710 -23.46 11.25 5.72
C SER D 710 -22.07 11.10 6.34
N GLU D 711 -21.01 11.20 5.55
CA GLU D 711 -19.67 11.16 6.10
C GLU D 711 -19.50 12.28 7.11
N VAL D 712 -18.82 11.98 8.22
CA VAL D 712 -18.71 12.94 9.31
C VAL D 712 -18.05 14.23 8.83
N GLU D 713 -16.93 14.09 8.10
CA GLU D 713 -16.23 15.27 7.61
C GLU D 713 -17.12 16.08 6.67
N VAL D 714 -17.77 15.40 5.72
CA VAL D 714 -18.59 16.10 4.74
C VAL D 714 -19.76 16.80 5.43
N GLU D 715 -20.43 16.09 6.34
CA GLU D 715 -21.57 16.68 7.03
C GLU D 715 -21.15 17.88 7.86
N SER D 716 -20.05 17.76 8.61
CA SER D 716 -19.59 18.86 9.44
C SER D 716 -19.22 20.07 8.57
N ASP D 717 -18.49 19.85 7.48
CA ASP D 717 -18.11 20.96 6.62
C ASP D 717 -19.34 21.64 6.02
N SER D 718 -20.30 20.84 5.54
CA SER D 718 -21.49 21.43 4.94
C SER D 718 -22.28 22.24 5.96
N PHE D 719 -22.47 21.70 7.16
CA PHE D 719 -23.23 22.42 8.18
C PHE D 719 -22.52 23.71 8.58
N MET D 720 -21.20 23.66 8.75
CA MET D 720 -20.46 24.86 9.11
C MET D 720 -20.56 25.92 8.01
N ASN D 721 -20.43 25.50 6.75
CA ASN D 721 -20.55 26.45 5.65
C ASN D 721 -21.92 27.07 5.61
N ALA D 722 -22.97 26.27 5.79
CA ALA D 722 -24.33 26.80 5.76
C ALA D 722 -24.55 27.81 6.88
N VAL D 723 -24.10 27.48 8.09
CA VAL D 723 -24.30 28.38 9.22
C VAL D 723 -23.55 29.68 9.00
N LEU D 724 -22.30 29.59 8.51
CA LEU D 724 -21.53 30.79 8.26
C LEU D 724 -22.18 31.66 7.19
N TRP D 725 -22.67 31.03 6.12
CA TRP D 725 -23.33 31.79 5.06
C TRP D 725 -24.55 32.53 5.59
N LEU D 726 -25.40 31.80 6.34
CA LEU D 726 -26.60 32.43 6.87
C LEU D 726 -26.27 33.57 7.82
N CYS D 727 -25.29 33.36 8.71
CA CYS D 727 -24.92 34.42 9.64
C CYS D 727 -24.36 35.64 8.90
N THR D 728 -23.52 35.40 7.89
CA THR D 728 -22.91 36.51 7.16
C THR D 728 -23.96 37.33 6.42
N HIS D 729 -24.91 36.67 5.76
CA HIS D 729 -25.87 37.41 4.95
C HIS D 729 -27.02 37.96 5.79
N LEU D 730 -27.35 37.32 6.91
CA LEU D 730 -28.40 37.83 7.78
C LEU D 730 -27.82 38.38 9.08
C3 A1ING E . -16.38 12.45 -29.83
O1 A1ING E . -18.01 12.18 -32.94
C2 A1ING E . -19.33 13.92 -31.15
O2 A1ING E . -19.13 12.61 -30.72
O3 A1ING E . -16.65 11.59 -30.89
P1 A1ING E . -18.14 11.64 -31.60
H33 A1ING E . -15.69 12.08 -29.31
H32 A1ING E . -17.15 12.54 -29.29
H31 A1ING E . -16.12 13.29 -30.15
H22 A1ING E . -19.70 14.43 -30.44
H23 A1ING E . -19.93 13.93 -31.87
H21 A1ING E . -18.51 14.31 -31.41
C3 A1ING F . 15.39 -16.26 28.52
O1 A1ING F . 16.34 -18.91 30.55
C2 A1ING F . 18.50 -17.19 29.96
O2 A1ING F . 17.86 -17.80 28.86
O3 A1ING F . 15.17 -17.64 28.70
P1 A1ING F . 16.44 -18.58 29.14
H33 A1ING F . 14.72 -15.91 27.97
H32 A1ING F . 16.23 -16.14 28.11
H31 A1ING F . 15.39 -15.83 29.35
H22 A1ING F . 19.13 -16.57 29.64
H23 A1ING F . 18.95 -17.85 30.46
H21 A1ING F . 17.87 -16.76 30.49
C3 A1ING G . 35.20 -7.81 3.82
O1 A1ING G . 38.62 -7.08 4.42
C2 A1ING G . 37.68 -9.36 5.82
O2 A1ING G . 37.01 -8.16 6.05
O3 A1ING G . 36.17 -6.79 3.88
P1 A1ING G . 37.32 -6.88 5.05
H33 A1ING G . 34.44 -7.48 3.37
H32 A1ING G . 34.98 -8.09 4.68
H31 A1ING G . 35.55 -8.53 3.33
H22 A1ING G . 37.25 -10.05 6.28
H23 A1ING G . 38.56 -9.29 6.14
H21 A1ING G . 37.70 -9.55 4.90
C3 A1ING H . -34.40 11.54 -2.00
O1 A1ING H . -36.83 13.62 -1.82
C2 A1ING H . -36.86 12.55 -4.43
O2 A1ING H . -35.77 13.35 -4.10
O3 A1ING H . -34.39 12.93 -1.82
P1 A1ING H . -35.58 13.83 -2.53
H33 A1ING H . -33.52 11.21 -1.92
H32 A1ING H . -34.73 11.34 -2.85
H31 A1ING H . -34.94 11.14 -1.35
H22 A1ING H . -36.69 12.11 -5.24
H23 A1ING H . -37.62 13.08 -4.51
H21 A1ING H . -36.99 11.91 -3.75
#